data_7Q9G
#
_entry.id   7Q9G
#
_cell.length_a   1.00
_cell.length_b   1.00
_cell.length_c   1.00
_cell.angle_alpha   90.00
_cell.angle_beta   90.00
_cell.angle_gamma   90.00
#
_symmetry.space_group_name_H-M   'P 1'
#
loop_
_entity.id
_entity.type
_entity.pdbx_description
1 polymer 'Spike glycoprotein'
2 polymer 'COVOX-222 heavy chain'
3 polymer 'COVOX-222 light chain'
4 branched 2-acetamido-2-deoxy-beta-D-glucopyranose-(1-4)-2-acetamido-2-deoxy-beta-D-glucopyranose
5 non-polymer 2-acetamido-2-deoxy-beta-D-glucopyranose
#
loop_
_entity_poly.entity_id
_entity_poly.type
_entity_poly.pdbx_seq_one_letter_code
_entity_poly.pdbx_strand_id
1 'polypeptide(L)'
;MFVFLVLLPLVSSQCVNFTTRTQLPPAYTNSFTRGVYYPDKVFRSSVLHSTQDLFLPFFSNVTWFHAIHVSGTNGTKRFA
NPVLPFNDGVYFASTEKSNIIRGWIFGTTLDSKTQSLLIVNNATNVVIKVCEFQFCNDPFLGVYYHKNNKSWMESEFRVY
SSANNCTFEYVSQPFLMDLEGKQGNFKNLREFVFKNIDGYFKIYSKHTPINLVRGLPQGFSALEPLVDLPIGINITRFQT
LHISYLTPGDSSSGWTAGAAAYYVGYLQPRTFLLKYNENGTITDAVDCALDPLSETKCTLKSFTVEKGIYQTSNFRVQPT
ESIVRFPNITNLCPFGEVFNATRFASVYAWNRKRISNCVADYSVLYNSASFSTFKCYGVSPTKLNDLCFTNVYADSFVIR
GDEVRQIAPGQTGNIADYNYKLPDDFTGCVIAWNSNNLDSKVGGNYNYLYRLFRKSNLKPFERDISTEIYQAGSTPCNGV
KGFNCYFPLQSYGFQPTYGVGYQPYRVVVLSFELLHAPATVCGPKKSTNLVKNKCVNFNFNGLTGTGVLTESNKKFLPFQ
QFGRDIADTTDAVRDPQTLEILDITPCSFGGVSVITPGTNTSNQVAVLYQGVNCTEVPVAIHADQLTPTWRVYSTGSNVF
QTRAGCLIGAEHVNNSYECDIPIGAGICASYQTQTNSPGSASSVASQSIIAYTMSLGVENSVAYSNNSIAIPTNFTISVT
TEILPVSMTKTSVDCTMYICGDSTECSNLLLQYGSFCTQLNRALTGIAVEQDKNTQEVFAQVKQIYKTPPIKDFGGFNFS
QILPDPSKPSKRSFIEDLLFNKVTLADAGFIKQYGDCLGDIAARDLICAQKFNGLTVLPPLLTDEMIAQYTSALLAGTIT
SGWTFGAGAALQIPFAMQMAYRFNGIGVTQNVLYENQKLIANQFNSAIGKIQDSLSSTASALGKLQDVVNQNAQALNTLV
KQLSSNFGAISSVLNDILSRLDPPEAEVQIDRLITGRLQSLQTYVTQQLIRAAEIRASANLAATKMSECVLGQSKRVDFC
GKGYHLMSFPQSAPHGVVFLHVTYVPAQEKNFTTAPAICHDGKAHFPREGVFVSNGTHWFVTQRNFYEPQIITTDNTFVS
GNCDVVIGIVNNTVYDPLQPELDSFKEELDKYFKNHTSPDVDLGDISGINASVVNIQKEIDRLNEVAKNLNESLIDLQEL
GKYEQGSGYIPEAPRDGQAYVRKDGEWVLLSTFLGRSLEVLFQGPGHHHHHHHHGSAWSHPQFEKGGGSGGGSGGSAWSH
PQFEK
;
B,C,A
2 'polypeptide(L)'
;EVQLVESGGGLIQPGGSLRLSCAASGLTVSSNYMSWVRQAPGKGLEWVSVIYSGGSTFYADSVKGRFTISRDNSKNTLYL
QMNSLGAEDTAVYYCARGEGSPGNWFDPWGQGTLVTVSS
;
H,E
3 'polypeptide(L)'
;DVVMTQSPGTLSLSPGERATLSCRASQSVPSSYLAWYQQKPGQAPRLLIYGASTRATGIPDRFSGSGSGTDFTLTISRLE
PEDFAVYYCQHYDTSPRFGGGTKVDIK
;
L,F
#
loop_
_chem_comp.id
_chem_comp.type
_chem_comp.name
_chem_comp.formula
NAG D-saccharide, beta linking 2-acetamido-2-deoxy-beta-D-glucopyranose 'C8 H15 N O6'
#
# COMPACT_ATOMS: atom_id res chain seq x y z
N SER A 13 -23.93 -35.30 -43.40
CA SER A 13 -24.07 -36.54 -44.15
C SER A 13 -24.73 -37.62 -43.31
N GLN A 14 -24.86 -38.82 -43.88
CA GLN A 14 -25.48 -39.94 -43.20
C GLN A 14 -24.40 -40.81 -42.58
N CYS A 15 -24.55 -41.12 -41.30
CA CYS A 15 -23.55 -41.92 -40.59
C CYS A 15 -23.50 -43.34 -41.17
N VAL A 16 -22.30 -43.91 -41.19
CA VAL A 16 -22.12 -45.29 -41.58
C VAL A 16 -22.07 -46.15 -40.32
N ASN A 17 -22.92 -47.16 -40.27
CA ASN A 17 -23.08 -48.00 -39.09
C ASN A 17 -22.26 -49.27 -39.25
N PHE A 18 -21.46 -49.60 -38.23
CA PHE A 18 -20.66 -50.81 -38.20
C PHE A 18 -21.21 -51.73 -37.13
N THR A 19 -21.55 -52.96 -37.51
CA THR A 19 -22.13 -53.90 -36.55
C THR A 19 -21.16 -54.22 -35.43
N THR A 20 -19.88 -54.41 -35.76
CA THR A 20 -18.85 -54.76 -34.79
C THR A 20 -17.99 -53.54 -34.50
N ARG A 21 -17.88 -53.18 -33.23
CA ARG A 21 -17.07 -52.06 -32.79
C ARG A 21 -16.07 -52.54 -31.74
N THR A 22 -14.83 -52.05 -31.85
CA THR A 22 -13.77 -52.45 -30.93
C THR A 22 -12.76 -51.31 -30.83
N GLN A 23 -11.95 -51.37 -29.78
CA GLN A 23 -10.92 -50.36 -29.56
C GLN A 23 -9.73 -51.03 -28.90
N LEU A 24 -8.53 -50.67 -29.35
CA LEU A 24 -7.31 -51.28 -28.82
C LEU A 24 -7.07 -50.78 -27.39
N PRO A 25 -6.46 -51.61 -26.55
CA PRO A 25 -6.18 -51.17 -25.17
C PRO A 25 -5.19 -50.02 -25.17
N PRO A 26 -5.26 -49.13 -24.18
CA PRO A 26 -4.29 -48.04 -24.11
C PRO A 26 -2.92 -48.53 -23.67
N ALA A 27 -1.90 -47.74 -23.99
CA ALA A 27 -0.54 -48.01 -23.54
C ALA A 27 0.05 -46.72 -22.97
N TYR A 28 1.19 -46.83 -22.30
CA TYR A 28 1.81 -45.71 -21.63
C TYR A 28 3.27 -45.58 -22.04
N THR A 29 3.79 -44.36 -21.97
CA THR A 29 5.16 -44.07 -22.37
C THR A 29 5.67 -42.90 -21.54
N ASN A 30 6.99 -42.71 -21.56
CA ASN A 30 7.65 -41.60 -20.89
C ASN A 30 7.80 -40.45 -21.90
N SER A 31 7.24 -39.29 -21.54
CA SER A 31 7.16 -38.17 -22.48
C SER A 31 8.51 -37.59 -22.84
N PHE A 32 9.56 -37.88 -22.06
CA PHE A 32 10.90 -37.30 -22.27
C PHE A 32 10.78 -35.79 -22.07
N THR A 33 11.23 -34.96 -23.01
CA THR A 33 11.32 -33.52 -22.81
C THR A 33 10.64 -32.78 -23.96
N ARG A 34 9.42 -33.20 -24.29
CA ARG A 34 8.63 -32.59 -25.35
C ARG A 34 7.39 -31.92 -24.77
N GLY A 35 6.74 -31.13 -25.62
CA GLY A 35 5.56 -30.38 -25.24
C GLY A 35 5.80 -28.92 -24.96
N VAL A 36 7.00 -28.41 -25.21
CA VAL A 36 7.31 -27.01 -24.96
C VAL A 36 6.89 -26.19 -26.18
N TYR A 37 6.23 -25.06 -25.93
CA TYR A 37 5.74 -24.20 -26.99
C TYR A 37 5.98 -22.75 -26.62
N TYR A 38 5.96 -21.88 -27.62
CA TYR A 38 6.16 -20.46 -27.40
C TYR A 38 4.99 -19.88 -26.63
N PRO A 39 5.12 -19.57 -25.33
CA PRO A 39 3.95 -19.10 -24.58
C PRO A 39 3.36 -17.82 -25.12
N ASP A 40 4.19 -16.92 -25.64
CA ASP A 40 3.74 -15.61 -26.10
C ASP A 40 4.44 -15.28 -27.41
N LYS A 41 3.87 -14.32 -28.14
CA LYS A 41 4.38 -13.92 -29.44
C LYS A 41 5.52 -12.91 -29.36
N VAL A 42 6.19 -12.83 -28.22
CA VAL A 42 7.33 -11.94 -28.07
C VAL A 42 8.57 -12.56 -28.69
N PHE A 43 9.49 -11.72 -29.13
CA PHE A 43 10.77 -12.17 -29.66
C PHE A 43 11.84 -11.87 -28.63
N ARG A 44 12.51 -12.91 -28.15
CA ARG A 44 13.55 -12.77 -27.13
C ARG A 44 14.81 -13.44 -27.65
N SER A 45 15.94 -12.74 -27.50
CA SER A 45 17.20 -13.16 -28.10
C SER A 45 18.20 -13.50 -27.01
N SER A 46 18.78 -14.69 -27.09
CA SER A 46 19.84 -15.14 -26.20
C SER A 46 19.55 -14.74 -24.76
N VAL A 47 18.44 -15.27 -24.25
CA VAL A 47 18.00 -14.92 -22.90
C VAL A 47 17.21 -16.09 -22.32
N LEU A 48 17.25 -16.21 -21.00
CA LEU A 48 16.48 -17.21 -20.28
C LEU A 48 15.27 -16.52 -19.66
N HIS A 49 14.09 -16.99 -20.03
CA HIS A 49 12.83 -16.40 -19.59
C HIS A 49 12.11 -17.42 -18.71
N SER A 50 11.70 -16.99 -17.52
CA SER A 50 11.00 -17.85 -16.58
C SER A 50 9.51 -17.54 -16.68
N THR A 51 8.77 -18.43 -17.34
CA THR A 51 7.35 -18.21 -17.61
C THR A 51 6.51 -19.27 -16.91
N GLN A 52 5.41 -18.84 -16.32
CA GLN A 52 4.47 -19.73 -15.63
C GLN A 52 3.25 -19.88 -16.52
N ASP A 53 3.02 -21.11 -17.00
CA ASP A 53 1.89 -21.35 -17.90
C ASP A 53 1.64 -22.85 -17.96
N LEU A 54 0.65 -23.24 -18.76
CA LEU A 54 0.26 -24.64 -18.87
C LEU A 54 1.22 -25.35 -19.82
N PHE A 55 2.07 -26.22 -19.26
CA PHE A 55 3.04 -26.97 -20.05
C PHE A 55 2.91 -28.45 -19.72
N LEU A 56 3.34 -29.28 -20.66
CA LEU A 56 3.40 -30.71 -20.43
C LEU A 56 4.62 -31.01 -19.56
N PRO A 57 4.43 -31.43 -18.31
CA PRO A 57 5.59 -31.65 -17.44
C PRO A 57 6.53 -32.67 -18.06
N PHE A 58 7.83 -32.42 -17.92
CA PHE A 58 8.82 -33.31 -18.49
C PHE A 58 8.70 -34.70 -17.87
N PHE A 59 8.92 -35.72 -18.70
CA PHE A 59 8.87 -37.11 -18.25
C PHE A 59 7.51 -37.46 -17.66
N SER A 60 6.45 -36.92 -18.26
CA SER A 60 5.11 -37.25 -17.83
C SER A 60 4.68 -38.59 -18.44
N ASN A 61 3.64 -39.17 -17.84
CA ASN A 61 3.08 -40.43 -18.32
C ASN A 61 2.16 -40.13 -19.50
N VAL A 62 2.63 -40.38 -20.72
CA VAL A 62 1.91 -40.05 -21.94
C VAL A 62 1.18 -41.30 -22.40
N THR A 63 -0.14 -41.21 -22.52
CA THR A 63 -0.97 -42.34 -22.91
C THR A 63 -1.06 -42.38 -24.43
N TRP A 64 -0.67 -43.50 -25.02
CA TRP A 64 -0.62 -43.60 -26.47
C TRP A 64 -1.38 -44.83 -26.96
N PHE A 65 -1.82 -44.74 -28.21
CA PHE A 65 -2.61 -45.77 -28.87
C PHE A 65 -2.17 -45.86 -30.33
N HIS A 66 -2.75 -46.82 -31.05
CA HIS A 66 -2.59 -46.97 -32.48
C HIS A 66 -3.88 -46.59 -33.19
N ALA A 67 -3.76 -46.28 -34.48
CA ALA A 67 -4.91 -45.91 -35.30
C ALA A 67 -4.86 -46.72 -36.59
N ILE A 68 -5.79 -47.66 -36.74
CA ILE A 68 -5.84 -48.51 -37.93
C ILE A 68 -6.56 -47.77 -39.04
N HIS A 69 -5.94 -47.72 -40.21
CA HIS A 69 -6.49 -47.03 -41.37
C HIS A 69 -6.91 -47.98 -42.49
N VAL A 70 -6.68 -49.28 -42.34
CA VAL A 70 -7.01 -50.26 -43.36
C VAL A 70 -7.58 -51.50 -42.69
N SER A 71 -8.56 -52.11 -43.35
CA SER A 71 -9.21 -53.32 -42.85
C SER A 71 -8.86 -54.49 -43.76
N GLY A 72 -8.37 -55.57 -43.16
CA GLY A 72 -8.00 -56.75 -43.93
C GLY A 72 -7.56 -57.89 -43.03
N GLY A 75 -11.87 -59.26 -41.87
CA GLY A 75 -11.57 -57.86 -42.05
C GLY A 75 -12.81 -56.97 -42.04
N THR A 76 -13.77 -57.35 -41.20
CA THR A 76 -15.03 -56.62 -41.05
C THR A 76 -15.20 -56.11 -39.63
N LYS A 77 -14.09 -55.73 -39.00
CA LYS A 77 -14.09 -55.21 -37.64
C LYS A 77 -13.73 -53.73 -37.67
N ARG A 78 -14.60 -52.90 -37.07
CA ARG A 78 -14.40 -51.46 -37.03
C ARG A 78 -13.70 -51.09 -35.74
N PHE A 79 -12.45 -50.65 -35.85
CA PHE A 79 -11.67 -50.20 -34.69
C PHE A 79 -11.84 -48.69 -34.56
N ALA A 80 -12.64 -48.27 -33.58
CA ALA A 80 -12.99 -46.87 -33.40
C ALA A 80 -12.12 -46.24 -32.33
N ASN A 81 -11.66 -45.02 -32.60
CA ASN A 81 -10.83 -44.30 -31.64
C ASN A 81 -11.67 -43.92 -30.42
N PRO A 82 -11.04 -43.84 -29.25
CA PRO A 82 -11.81 -43.55 -28.03
C PRO A 82 -11.88 -42.06 -27.71
N VAL A 83 -12.94 -41.70 -27.01
CA VAL A 83 -13.08 -40.35 -26.48
C VAL A 83 -12.14 -40.19 -25.30
N LEU A 84 -11.51 -39.03 -25.20
CA LEU A 84 -10.50 -38.80 -24.17
C LEU A 84 -10.77 -37.52 -23.41
N PRO A 85 -10.37 -37.43 -22.14
CA PRO A 85 -10.53 -36.17 -21.40
C PRO A 85 -9.65 -35.07 -21.97
N PHE A 86 -10.06 -33.83 -21.69
CA PHE A 86 -9.35 -32.65 -22.15
C PHE A 86 -8.66 -31.88 -21.04
N ASN A 87 -9.32 -31.68 -19.91
CA ASN A 87 -8.75 -30.99 -18.76
C ASN A 87 -8.35 -29.58 -19.20
N ASP A 88 -7.10 -29.15 -19.01
CA ASP A 88 -6.67 -27.80 -19.32
C ASP A 88 -6.06 -27.67 -20.71
N GLY A 89 -6.08 -28.75 -21.50
CA GLY A 89 -5.41 -28.75 -22.79
C GLY A 89 -4.61 -30.02 -22.96
N VAL A 90 -4.19 -30.33 -24.18
CA VAL A 90 -3.53 -31.61 -24.44
C VAL A 90 -2.42 -31.42 -25.46
N TYR A 91 -1.32 -32.13 -25.23
CA TYR A 91 -0.25 -32.28 -26.22
C TYR A 91 -0.50 -33.59 -26.94
N PHE A 92 -0.88 -33.51 -28.21
CA PHE A 92 -1.22 -34.66 -29.04
C PHE A 92 -0.16 -34.80 -30.11
N ALA A 93 0.60 -35.89 -30.07
CA ALA A 93 1.61 -36.16 -31.07
C ALA A 93 1.18 -37.36 -31.91
N SER A 94 1.63 -37.40 -33.16
CA SER A 94 1.31 -38.51 -34.04
C SER A 94 2.52 -38.84 -34.90
N THR A 95 2.86 -40.14 -34.95
CA THR A 95 3.93 -40.64 -35.79
C THR A 95 3.32 -41.50 -36.89
N GLU A 96 3.66 -41.18 -38.13
CA GLU A 96 3.13 -41.94 -39.26
C GLU A 96 3.88 -41.57 -40.52
N LYS A 97 3.70 -42.39 -41.56
CA LYS A 97 4.29 -42.10 -42.87
C LYS A 97 3.36 -41.21 -43.70
N SER A 98 2.14 -41.68 -43.95
CA SER A 98 1.12 -40.88 -44.60
C SER A 98 0.26 -40.17 -43.55
N ASN A 99 -0.43 -39.12 -43.98
CA ASN A 99 -1.24 -38.32 -43.06
C ASN A 99 -2.50 -39.08 -42.67
N ILE A 100 -2.34 -40.13 -41.86
CA ILE A 100 -3.47 -40.94 -41.45
C ILE A 100 -4.40 -40.13 -40.55
N ILE A 101 -3.84 -39.46 -39.55
CA ILE A 101 -4.65 -38.65 -38.64
C ILE A 101 -5.08 -37.39 -39.37
N ARG A 102 -6.36 -37.05 -39.26
CA ARG A 102 -6.92 -35.95 -40.02
C ARG A 102 -7.61 -34.88 -39.19
N GLY A 103 -8.26 -35.23 -38.08
CA GLY A 103 -9.04 -34.23 -37.39
C GLY A 103 -9.34 -34.61 -35.96
N TRP A 104 -9.96 -33.65 -35.27
CA TRP A 104 -10.33 -33.79 -33.87
C TRP A 104 -11.73 -33.22 -33.67
N ILE A 105 -12.37 -33.64 -32.59
CA ILE A 105 -13.69 -33.15 -32.20
C ILE A 105 -13.64 -32.82 -30.72
N PHE A 106 -14.14 -31.63 -30.37
CA PHE A 106 -14.09 -31.14 -29.00
C PHE A 106 -15.47 -30.72 -28.55
N GLY A 107 -15.70 -30.82 -27.24
CA GLY A 107 -16.96 -30.39 -26.67
C GLY A 107 -17.11 -30.91 -25.26
N THR A 108 -18.35 -30.84 -24.77
CA THR A 108 -18.71 -31.36 -23.45
C THR A 108 -19.59 -32.59 -23.56
N THR A 109 -20.68 -32.51 -24.33
CA THR A 109 -21.55 -33.66 -24.57
C THR A 109 -21.36 -34.28 -25.93
N LEU A 110 -20.71 -33.58 -26.86
CA LEU A 110 -20.48 -34.08 -28.21
C LEU A 110 -21.79 -34.47 -28.88
N ASP A 111 -22.82 -33.66 -28.66
CA ASP A 111 -24.13 -33.89 -29.24
C ASP A 111 -24.74 -32.54 -29.62
N SER A 112 -25.95 -32.58 -30.18
CA SER A 112 -26.65 -31.37 -30.56
C SER A 112 -27.10 -30.55 -29.36
N LYS A 113 -27.07 -31.11 -28.15
CA LYS A 113 -27.52 -30.38 -26.97
C LYS A 113 -26.62 -29.19 -26.68
N THR A 114 -25.32 -29.33 -26.86
CA THR A 114 -24.35 -28.29 -26.54
C THR A 114 -23.48 -28.00 -27.76
N GLN A 115 -22.93 -26.79 -27.80
CA GLN A 115 -22.05 -26.40 -28.89
C GLN A 115 -20.79 -27.27 -28.88
N SER A 116 -20.39 -27.71 -30.08
CA SER A 116 -19.24 -28.58 -30.24
C SER A 116 -18.38 -28.08 -31.40
N LEU A 117 -17.07 -28.28 -31.28
CA LEU A 117 -16.12 -27.87 -32.29
C LEU A 117 -15.59 -29.08 -33.04
N LEU A 118 -15.33 -28.88 -34.34
CA LEU A 118 -14.80 -29.94 -35.19
C LEU A 118 -13.68 -29.34 -36.04
N ILE A 119 -12.49 -29.92 -35.94
CA ILE A 119 -11.34 -29.51 -36.74
C ILE A 119 -10.96 -30.67 -37.63
N VAL A 120 -10.58 -30.38 -38.87
CA VAL A 120 -10.15 -31.42 -39.79
C VAL A 120 -9.25 -30.80 -40.85
N ASN A 121 -8.33 -31.60 -41.38
CA ASN A 121 -7.46 -31.21 -42.47
C ASN A 121 -7.65 -32.22 -43.60
N ASN A 122 -8.66 -31.97 -44.43
CA ASN A 122 -8.97 -32.88 -45.52
C ASN A 122 -7.97 -32.68 -46.67
N ALA A 123 -8.20 -33.41 -47.77
CA ALA A 123 -7.31 -33.28 -48.92
C ALA A 123 -7.33 -31.86 -49.48
N THR A 124 -8.48 -31.19 -49.41
CA THR A 124 -8.61 -29.86 -50.00
C THR A 124 -8.04 -28.78 -49.08
N ASN A 125 -8.63 -28.62 -47.89
CA ASN A 125 -8.27 -27.51 -47.02
C ASN A 125 -8.59 -27.89 -45.58
N VAL A 126 -8.28 -26.98 -44.66
CA VAL A 126 -8.56 -27.17 -43.24
C VAL A 126 -9.91 -26.56 -42.92
N VAL A 127 -10.75 -27.34 -42.24
CA VAL A 127 -12.10 -26.92 -41.88
C VAL A 127 -12.21 -26.92 -40.36
N ILE A 128 -12.64 -25.78 -39.81
CA ILE A 128 -12.89 -25.62 -38.38
C ILE A 128 -14.30 -25.08 -38.23
N LYS A 129 -15.17 -25.87 -37.62
CA LYS A 129 -16.58 -25.51 -37.50
C LYS A 129 -17.05 -25.69 -36.07
N VAL A 130 -17.63 -24.64 -35.50
CA VAL A 130 -18.23 -24.69 -34.17
C VAL A 130 -19.74 -24.62 -34.36
N CYS A 131 -20.41 -25.75 -34.12
CA CYS A 131 -21.84 -25.86 -34.31
C CYS A 131 -22.37 -26.91 -33.35
N GLU A 132 -23.70 -27.00 -33.27
CA GLU A 132 -24.37 -28.01 -32.46
C GLU A 132 -24.40 -29.33 -33.23
N PHE A 133 -23.20 -29.87 -33.43
CA PHE A 133 -23.06 -31.09 -34.23
C PHE A 133 -23.66 -32.29 -33.51
N GLN A 134 -24.06 -33.28 -34.29
CA GLN A 134 -24.49 -34.59 -33.79
C GLN A 134 -23.51 -35.60 -34.36
N PHE A 135 -22.40 -35.81 -33.66
CA PHE A 135 -21.32 -36.65 -34.19
C PHE A 135 -21.80 -38.10 -34.35
N CYS A 136 -21.30 -38.74 -35.40
CA CYS A 136 -21.60 -40.14 -35.62
C CYS A 136 -20.90 -41.00 -34.59
N ASN A 137 -21.46 -42.19 -34.36
CA ASN A 137 -20.85 -43.13 -33.42
C ASN A 137 -19.44 -43.51 -33.86
N ASP A 138 -19.26 -43.77 -35.15
CA ASP A 138 -17.96 -44.14 -35.71
C ASP A 138 -17.68 -43.21 -36.89
N PRO A 139 -17.15 -42.01 -36.63
CA PRO A 139 -16.83 -41.10 -37.73
C PRO A 139 -15.93 -41.77 -38.74
N PHE A 140 -16.25 -41.57 -40.03
CA PHE A 140 -15.61 -42.29 -41.12
C PHE A 140 -15.12 -41.32 -42.17
N LEU A 141 -13.84 -41.44 -42.53
CA LEU A 141 -13.25 -40.73 -43.66
C LEU A 141 -12.65 -41.78 -44.57
N GLY A 142 -13.22 -41.94 -45.77
CA GLY A 142 -12.82 -43.00 -46.66
C GLY A 142 -12.32 -42.52 -48.01
N VAL A 143 -11.20 -43.09 -48.45
CA VAL A 143 -10.59 -42.74 -49.72
C VAL A 143 -10.42 -44.01 -50.53
N TYR A 144 -10.37 -43.84 -51.86
CA TYR A 144 -10.19 -44.95 -52.78
C TYR A 144 -9.08 -44.61 -53.76
N TYR A 145 -8.38 -45.64 -54.21
CA TYR A 145 -7.28 -45.45 -55.15
C TYR A 145 -7.82 -45.39 -56.57
N HIS A 146 -7.57 -44.27 -57.25
CA HIS A 146 -8.00 -44.09 -58.63
C HIS A 146 -6.93 -44.72 -59.53
N LYS A 147 -7.20 -45.94 -59.99
CA LYS A 147 -6.20 -46.66 -60.77
C LYS A 147 -5.89 -45.92 -62.07
N ASN A 148 -6.91 -45.39 -62.73
CA ASN A 148 -6.68 -44.65 -63.97
C ASN A 148 -5.80 -43.43 -63.73
N ASN A 149 -6.07 -42.69 -62.64
CA ASN A 149 -5.27 -41.53 -62.29
C ASN A 149 -4.06 -41.87 -61.43
N LYS A 150 -3.96 -43.11 -60.96
CA LYS A 150 -2.83 -43.53 -60.12
C LYS A 150 -2.66 -42.61 -58.92
N SER A 151 -3.78 -42.23 -58.31
CA SER A 151 -3.75 -41.35 -57.15
C SER A 151 -4.98 -41.61 -56.29
N TRP A 152 -4.77 -41.59 -54.98
CA TRP A 152 -5.89 -41.74 -54.04
C TRP A 152 -6.74 -40.48 -54.03
N MET A 153 -8.05 -40.66 -53.87
CA MET A 153 -8.99 -39.56 -53.85
C MET A 153 -10.04 -39.84 -52.78
N GLU A 154 -10.18 -38.92 -51.82
CA GLU A 154 -11.16 -39.08 -50.76
C GLU A 154 -12.57 -38.98 -51.35
N SER A 155 -13.45 -39.91 -50.93
CA SER A 155 -14.80 -39.94 -51.47
C SER A 155 -15.86 -40.25 -50.43
N GLU A 156 -15.51 -40.37 -49.16
CA GLU A 156 -16.49 -40.64 -48.11
C GLU A 156 -16.18 -39.79 -46.90
N PHE A 157 -17.19 -39.05 -46.42
CA PHE A 157 -17.07 -38.22 -45.23
C PHE A 157 -18.37 -38.33 -44.45
N ARG A 158 -18.38 -39.18 -43.43
CA ARG A 158 -19.57 -39.42 -42.60
C ARG A 158 -19.14 -39.29 -41.15
N VAL A 159 -19.14 -38.06 -40.64
CA VAL A 159 -18.64 -37.74 -39.31
C VAL A 159 -19.77 -37.34 -38.37
N TYR A 160 -20.65 -36.44 -38.81
CA TYR A 160 -21.74 -35.94 -38.00
C TYR A 160 -23.06 -36.13 -38.75
N SER A 161 -24.08 -36.58 -38.02
CA SER A 161 -25.40 -36.76 -38.64
C SER A 161 -26.05 -35.41 -38.93
N SER A 162 -25.83 -34.40 -38.08
CA SER A 162 -26.48 -33.12 -38.24
C SER A 162 -25.57 -32.02 -37.71
N ALA A 163 -25.82 -30.80 -38.16
CA ALA A 163 -25.07 -29.63 -37.71
C ALA A 163 -26.00 -28.43 -37.81
N ASN A 164 -26.41 -27.90 -36.67
CA ASN A 164 -27.38 -26.81 -36.61
C ASN A 164 -26.86 -25.72 -35.67
N ASN A 165 -27.38 -24.51 -35.88
CA ASN A 165 -27.01 -23.36 -35.06
C ASN A 165 -25.50 -23.17 -35.02
N CYS A 166 -24.89 -23.18 -36.20
CA CYS A 166 -23.45 -22.99 -36.29
C CYS A 166 -23.04 -21.66 -35.68
N THR A 167 -22.01 -21.69 -34.83
CA THR A 167 -21.51 -20.49 -34.18
C THR A 167 -20.21 -19.96 -34.78
N PHE A 168 -19.43 -20.81 -35.44
CA PHE A 168 -18.21 -20.33 -36.09
C PHE A 168 -17.86 -21.23 -37.26
N GLU A 169 -17.23 -20.63 -38.27
CA GLU A 169 -16.74 -21.38 -39.43
C GLU A 169 -15.45 -20.76 -39.92
N TYR A 170 -14.52 -21.61 -40.36
CA TYR A 170 -13.26 -21.18 -40.92
C TYR A 170 -12.75 -22.25 -41.86
N VAL A 171 -12.44 -21.85 -43.09
CA VAL A 171 -11.89 -22.75 -44.11
C VAL A 171 -10.59 -22.15 -44.61
N SER A 172 -9.52 -22.93 -44.51
CA SER A 172 -8.24 -22.49 -45.05
C SER A 172 -8.25 -22.63 -46.57
N GLN A 173 -7.22 -22.07 -47.20
CA GLN A 173 -7.16 -22.07 -48.65
C GLN A 173 -7.03 -23.50 -49.18
N PRO A 174 -7.60 -23.80 -50.34
CA PRO A 174 -7.48 -25.16 -50.89
C PRO A 174 -6.03 -25.54 -51.14
N PHE A 175 -5.74 -26.83 -50.91
CA PHE A 175 -4.44 -27.39 -51.22
C PHE A 175 -4.63 -28.87 -51.53
N LEU A 176 -3.53 -29.53 -51.90
CA LEU A 176 -3.54 -30.95 -52.22
C LEU A 176 -2.67 -31.68 -51.21
N MET A 177 -3.27 -32.58 -50.44
CA MET A 177 -2.55 -33.37 -49.45
C MET A 177 -2.06 -34.67 -50.06
N ASP A 178 -0.80 -35.00 -49.79
CA ASP A 178 -0.23 -36.24 -50.30
C ASP A 178 -0.87 -37.43 -49.60
N LEU A 179 -1.28 -38.43 -50.38
CA LEU A 179 -1.93 -39.62 -49.83
C LEU A 179 -1.07 -40.85 -50.07
N PHE A 186 11.74 -43.42 -42.82
CA PHE A 186 11.42 -42.01 -42.89
C PHE A 186 9.96 -41.77 -42.54
N LYS A 187 9.70 -41.46 -41.27
CA LYS A 187 8.37 -41.14 -40.79
C LYS A 187 8.28 -39.67 -40.44
N ASN A 188 7.06 -39.19 -40.24
CA ASN A 188 6.79 -37.82 -39.84
C ASN A 188 6.17 -37.83 -38.45
N LEU A 189 6.68 -36.96 -37.59
CA LEU A 189 6.12 -36.71 -36.26
C LEU A 189 5.46 -35.34 -36.29
N ARG A 190 4.16 -35.30 -36.05
CA ARG A 190 3.40 -34.07 -35.97
C ARG A 190 2.93 -33.90 -34.54
N GLU A 191 3.45 -32.87 -33.87
CA GLU A 191 3.09 -32.55 -32.50
C GLU A 191 2.14 -31.36 -32.50
N PHE A 192 1.14 -31.42 -31.64
CA PHE A 192 0.15 -30.35 -31.53
C PHE A 192 -0.10 -30.08 -30.05
N VAL A 193 -0.45 -28.83 -29.76
CA VAL A 193 -0.89 -28.44 -28.43
C VAL A 193 -2.22 -27.72 -28.58
N PHE A 194 -3.24 -28.20 -27.89
CA PHE A 194 -4.56 -27.61 -27.90
C PHE A 194 -4.85 -27.07 -26.51
N LYS A 195 -5.03 -25.76 -26.40
CA LYS A 195 -5.23 -25.11 -25.11
C LYS A 195 -6.40 -24.14 -25.19
N ASN A 196 -7.42 -24.36 -24.38
CA ASN A 196 -8.61 -23.51 -24.35
C ASN A 196 -8.56 -22.65 -23.10
N ILE A 197 -8.22 -21.38 -23.27
CA ILE A 197 -8.07 -20.44 -22.16
C ILE A 197 -8.73 -19.12 -22.53
N ASP A 198 -9.52 -18.57 -21.61
CA ASP A 198 -10.13 -17.25 -21.78
C ASP A 198 -10.95 -17.19 -23.07
N GLY A 199 -11.71 -18.24 -23.34
CA GLY A 199 -12.52 -18.27 -24.54
C GLY A 199 -11.76 -18.36 -25.83
N TYR A 200 -10.44 -18.55 -25.77
CA TYR A 200 -9.60 -18.68 -26.95
C TYR A 200 -9.04 -20.10 -27.02
N PHE A 201 -9.26 -20.74 -28.15
CA PHE A 201 -8.71 -22.06 -28.43
C PHE A 201 -7.43 -21.84 -29.24
N LYS A 202 -6.30 -22.12 -28.61
CA LYS A 202 -4.99 -21.91 -29.23
C LYS A 202 -4.43 -23.26 -29.66
N ILE A 203 -4.07 -23.36 -30.93
CA ILE A 203 -3.48 -24.55 -31.51
C ILE A 203 -2.05 -24.20 -31.89
N TYR A 204 -1.09 -24.88 -31.27
CA TYR A 204 0.31 -24.84 -31.65
C TYR A 204 0.63 -26.15 -32.37
N SER A 205 1.59 -26.10 -33.29
CA SER A 205 1.94 -27.28 -34.06
C SER A 205 3.42 -27.28 -34.38
N LYS A 206 3.94 -28.47 -34.67
CA LYS A 206 5.33 -28.66 -35.05
C LYS A 206 5.42 -29.94 -35.86
N HIS A 207 6.18 -29.89 -36.95
CA HIS A 207 6.32 -31.02 -37.86
C HIS A 207 7.79 -31.35 -38.02
N THR A 208 8.15 -32.60 -37.79
CA THR A 208 9.55 -33.01 -37.86
C THR A 208 9.67 -34.34 -38.60
N PRO A 209 10.79 -34.57 -39.29
CA PRO A 209 11.08 -35.89 -39.85
C PRO A 209 11.76 -36.77 -38.80
N ILE A 210 11.08 -37.83 -38.41
CA ILE A 210 11.58 -38.76 -37.40
C ILE A 210 11.85 -40.10 -38.08
N ASN A 211 13.07 -40.61 -37.90
CA ASN A 211 13.46 -41.89 -38.47
C ASN A 211 13.21 -43.06 -37.54
N LEU A 212 12.82 -42.80 -36.29
CA LEU A 212 12.51 -43.88 -35.36
C LEU A 212 11.30 -44.67 -35.86
N VAL A 213 11.35 -45.97 -35.67
CA VAL A 213 10.28 -46.84 -36.18
C VAL A 213 9.13 -46.95 -35.18
N ARG A 214 9.40 -46.85 -33.88
CA ARG A 214 8.37 -46.99 -32.87
C ARG A 214 8.78 -46.23 -31.62
N GLY A 215 7.77 -45.75 -30.90
CA GLY A 215 8.00 -45.02 -29.67
C GLY A 215 8.05 -43.52 -29.87
N LEU A 216 7.81 -42.79 -28.78
CA LEU A 216 7.86 -41.34 -28.81
C LEU A 216 9.31 -40.88 -28.78
N PRO A 217 9.73 -40.02 -29.71
CA PRO A 217 11.15 -39.68 -29.79
C PRO A 217 11.62 -38.90 -28.56
N GLN A 218 12.90 -39.04 -28.26
CA GLN A 218 13.53 -38.34 -27.16
C GLN A 218 14.32 -37.16 -27.71
N GLY A 219 13.93 -35.96 -27.32
CA GLY A 219 14.55 -34.76 -27.85
C GLY A 219 13.67 -33.57 -27.59
N PHE A 220 14.16 -32.41 -28.00
CA PHE A 220 13.47 -31.15 -27.78
C PHE A 220 13.03 -30.54 -29.10
N SER A 221 11.85 -29.91 -29.08
CA SER A 221 11.32 -29.22 -30.24
C SER A 221 10.22 -28.29 -29.77
N ALA A 222 10.34 -27.01 -30.11
CA ALA A 222 9.37 -26.00 -29.70
C ALA A 222 8.22 -25.93 -30.69
N LEU A 223 7.00 -25.85 -30.17
CA LEU A 223 5.80 -25.85 -30.98
C LEU A 223 5.36 -24.42 -31.24
N GLU A 224 5.55 -23.96 -32.47
CA GLU A 224 5.17 -22.59 -32.82
C GLU A 224 3.66 -22.45 -32.83
N PRO A 225 3.14 -21.26 -32.55
CA PRO A 225 1.68 -21.06 -32.67
C PRO A 225 1.22 -21.31 -34.09
N LEU A 226 0.08 -21.99 -34.21
CA LEU A 226 -0.54 -22.23 -35.51
C LEU A 226 -1.76 -21.35 -35.72
N VAL A 227 -2.67 -21.30 -34.74
CA VAL A 227 -3.79 -20.37 -34.84
C VAL A 227 -4.51 -20.24 -33.50
N ASP A 228 -4.98 -19.04 -33.19
CA ASP A 228 -5.81 -18.79 -32.02
C ASP A 228 -7.21 -18.39 -32.49
N LEU A 229 -8.22 -19.09 -31.97
CA LEU A 229 -9.58 -18.92 -32.43
C LEU A 229 -10.48 -18.49 -31.27
N PRO A 230 -11.27 -17.43 -31.42
CA PRO A 230 -12.18 -17.02 -30.33
C PRO A 230 -13.52 -17.77 -30.37
N ILE A 231 -13.45 -19.10 -30.26
CA ILE A 231 -14.66 -19.90 -30.29
C ILE A 231 -15.51 -19.66 -29.04
N GLY A 232 -14.86 -19.51 -27.89
CA GLY A 232 -15.57 -19.21 -26.66
C GLY A 232 -16.53 -20.31 -26.23
N ILE A 233 -16.09 -21.56 -26.25
CA ILE A 233 -16.90 -22.69 -25.84
C ILE A 233 -16.16 -23.47 -24.76
N ASN A 234 -16.92 -24.21 -23.96
CA ASN A 234 -16.36 -25.06 -22.92
C ASN A 234 -16.07 -26.44 -23.50
N ILE A 235 -14.90 -26.98 -23.18
CA ILE A 235 -14.44 -28.27 -23.69
C ILE A 235 -14.05 -29.13 -22.50
N THR A 236 -14.49 -30.39 -22.51
CA THR A 236 -14.11 -31.35 -21.49
C THR A 236 -13.70 -32.70 -22.04
N ARG A 237 -13.88 -32.95 -23.34
CA ARG A 237 -13.48 -34.21 -23.95
C ARG A 237 -13.17 -33.96 -25.42
N PHE A 238 -12.46 -34.91 -26.03
CA PHE A 238 -12.21 -34.84 -27.46
C PHE A 238 -11.83 -36.22 -27.97
N GLN A 239 -11.92 -36.38 -29.29
CA GLN A 239 -11.63 -37.65 -29.93
C GLN A 239 -10.89 -37.38 -31.25
N THR A 240 -10.04 -38.33 -31.63
CA THR A 240 -9.26 -38.20 -32.85
C THR A 240 -10.00 -38.83 -34.03
N LEU A 241 -9.67 -38.35 -35.22
CA LEU A 241 -10.26 -38.84 -36.47
C LEU A 241 -9.16 -39.34 -37.39
N HIS A 242 -9.37 -40.52 -37.97
CA HIS A 242 -8.40 -41.14 -38.86
C HIS A 242 -9.01 -41.34 -40.23
N ILE A 243 -8.14 -41.55 -41.22
CA ILE A 243 -8.55 -41.76 -42.60
C ILE A 243 -8.64 -43.26 -42.86
N SER A 244 -9.60 -43.65 -43.68
CA SER A 244 -9.82 -45.05 -44.04
C SER A 244 -9.47 -45.26 -45.50
N TYR A 245 -8.59 -46.22 -45.76
CA TYR A 245 -8.14 -46.54 -47.11
C TYR A 245 -8.99 -47.71 -47.63
N LEU A 246 -9.91 -47.41 -48.53
CA LEU A 246 -10.74 -48.46 -49.15
C LEU A 246 -9.91 -49.22 -50.17
N THR A 247 -9.91 -50.54 -50.05
CA THR A 247 -9.15 -51.40 -50.95
C THR A 247 -10.03 -52.53 -51.46
N PRO A 248 -9.77 -53.03 -52.67
CA PRO A 248 -10.60 -54.14 -53.18
C PRO A 248 -10.51 -55.39 -52.33
N GLY A 249 -9.35 -55.65 -51.74
CA GLY A 249 -9.16 -56.84 -50.92
C GLY A 249 -9.03 -58.10 -51.74
N ALA A 257 -0.59 -52.36 -42.63
CA ALA A 257 -0.10 -52.85 -41.35
C ALA A 257 0.60 -51.75 -40.57
N GLY A 258 1.23 -50.82 -41.30
CA GLY A 258 1.93 -49.73 -40.67
C GLY A 258 0.99 -48.66 -40.15
N ALA A 259 0.20 -49.00 -39.14
CA ALA A 259 -0.76 -48.07 -38.58
C ALA A 259 -0.05 -46.92 -37.87
N ALA A 260 -0.65 -45.73 -37.96
CA ALA A 260 -0.12 -44.58 -37.26
C ALA A 260 -0.22 -44.77 -35.75
N ALA A 261 0.66 -44.11 -35.02
CA ALA A 261 0.68 -44.21 -33.56
C ALA A 261 0.57 -42.81 -32.97
N TYR A 262 -0.44 -42.59 -32.13
CA TYR A 262 -0.68 -41.26 -31.59
C TYR A 262 -0.65 -41.28 -30.06
N TYR A 263 0.04 -40.29 -29.51
CA TYR A 263 0.26 -40.15 -28.07
C TYR A 263 -0.42 -38.90 -27.57
N VAL A 264 -0.88 -38.95 -26.32
CA VAL A 264 -1.62 -37.86 -25.69
C VAL A 264 -1.05 -37.62 -24.31
N GLY A 265 -0.71 -36.36 -24.02
CA GLY A 265 -0.34 -35.96 -22.69
C GLY A 265 -1.16 -34.75 -22.27
N TYR A 266 -1.26 -34.57 -20.96
CA TYR A 266 -2.10 -33.52 -20.38
C TYR A 266 -1.22 -32.44 -19.77
N LEU A 267 -1.52 -31.20 -20.10
CA LEU A 267 -0.77 -30.05 -19.61
C LEU A 267 -1.11 -29.79 -18.14
N GLN A 268 -0.17 -29.17 -17.44
CA GLN A 268 -0.34 -28.78 -16.06
C GLN A 268 0.23 -27.38 -15.88
N PRO A 269 -0.26 -26.63 -14.89
CA PRO A 269 0.35 -25.32 -14.60
C PRO A 269 1.76 -25.48 -14.05
N ARG A 270 2.76 -25.08 -14.83
CA ARG A 270 4.15 -25.28 -14.46
C ARG A 270 4.93 -24.00 -14.73
N THR A 271 6.04 -23.85 -14.03
CA THR A 271 7.02 -22.82 -14.30
C THR A 271 8.13 -23.41 -15.14
N PHE A 272 8.49 -22.74 -16.22
CA PHE A 272 9.48 -23.22 -17.17
C PHE A 272 10.50 -22.14 -17.45
N LEU A 273 11.78 -22.53 -17.50
CA LEU A 273 12.86 -21.65 -17.90
C LEU A 273 13.18 -21.97 -19.36
N LEU A 274 12.85 -21.06 -20.25
CA LEU A 274 13.05 -21.24 -21.68
C LEU A 274 14.25 -20.44 -22.14
N LYS A 275 15.09 -21.06 -22.96
CA LYS A 275 16.38 -20.49 -23.35
C LYS A 275 16.30 -20.06 -24.82
N TYR A 276 15.85 -18.83 -25.05
CA TYR A 276 15.77 -18.30 -26.40
C TYR A 276 17.17 -18.01 -26.93
N ASN A 277 17.48 -18.52 -28.12
CA ASN A 277 18.79 -18.32 -28.71
C ASN A 277 18.81 -17.00 -29.48
N GLU A 278 19.88 -16.77 -30.25
CA GLU A 278 20.04 -15.49 -30.93
C GLU A 278 18.89 -15.21 -31.87
N ASN A 279 18.49 -16.21 -32.66
CA ASN A 279 17.44 -16.02 -33.66
C ASN A 279 16.05 -15.99 -33.05
N GLY A 280 15.91 -16.24 -31.75
CA GLY A 280 14.61 -16.29 -31.12
C GLY A 280 14.05 -17.68 -30.94
N THR A 281 14.81 -18.72 -31.27
CA THR A 281 14.35 -20.09 -31.12
C THR A 281 14.57 -20.57 -29.70
N ILE A 282 13.59 -21.31 -29.17
CA ILE A 282 13.69 -21.90 -27.85
C ILE A 282 14.60 -23.13 -27.97
N THR A 283 15.87 -22.96 -27.64
CA THR A 283 16.82 -24.06 -27.79
C THR A 283 16.56 -25.16 -26.77
N ASP A 284 16.27 -24.79 -25.52
CA ASP A 284 16.13 -25.76 -24.46
C ASP A 284 15.17 -25.22 -23.41
N ALA A 285 14.68 -26.12 -22.57
CA ALA A 285 13.77 -25.76 -21.50
C ALA A 285 14.13 -26.52 -20.24
N VAL A 286 13.86 -25.90 -19.09
CA VAL A 286 14.08 -26.49 -17.78
C VAL A 286 12.77 -26.44 -17.00
N ASP A 287 12.38 -27.57 -16.45
CA ASP A 287 11.13 -27.72 -15.71
C ASP A 287 11.44 -27.57 -14.22
N CYS A 288 10.97 -26.49 -13.61
CA CYS A 288 11.43 -26.13 -12.26
C CYS A 288 11.08 -27.22 -11.25
N ALA A 289 9.87 -27.76 -11.32
CA ALA A 289 9.40 -28.68 -10.28
C ALA A 289 9.83 -30.11 -10.51
N LEU A 290 10.56 -30.40 -11.59
CA LEU A 290 10.92 -31.79 -11.88
C LEU A 290 11.79 -32.39 -10.79
N ASP A 291 12.80 -31.66 -10.34
CA ASP A 291 13.79 -32.22 -9.43
C ASP A 291 14.54 -31.05 -8.78
N PRO A 292 15.28 -31.32 -7.70
CA PRO A 292 16.03 -30.22 -7.06
C PRO A 292 16.97 -29.50 -7.99
N LEU A 293 17.64 -30.21 -8.90
CA LEU A 293 18.55 -29.54 -9.82
C LEU A 293 17.81 -28.53 -10.69
N SER A 294 16.64 -28.92 -11.19
CA SER A 294 15.86 -27.98 -12.00
C SER A 294 15.36 -26.81 -11.18
N GLU A 295 15.00 -27.07 -9.91
CA GLU A 295 14.61 -25.97 -9.04
C GLU A 295 15.75 -24.97 -8.88
N THR A 296 16.97 -25.46 -8.69
CA THR A 296 18.12 -24.56 -8.60
C THR A 296 18.30 -23.80 -9.92
N LYS A 297 18.19 -24.51 -11.04
CA LYS A 297 18.37 -23.84 -12.34
C LYS A 297 17.35 -22.72 -12.50
N CYS A 298 16.11 -22.93 -12.08
CA CYS A 298 15.09 -21.88 -12.19
C CYS A 298 15.39 -20.74 -11.25
N THR A 299 15.79 -21.04 -10.01
CA THR A 299 16.07 -19.98 -9.05
C THR A 299 17.21 -19.10 -9.51
N LEU A 300 18.27 -19.70 -10.07
CA LEU A 300 19.42 -18.95 -10.53
C LEU A 300 19.18 -18.26 -11.87
N LYS A 301 18.07 -18.54 -12.54
CA LYS A 301 17.83 -18.03 -13.89
C LYS A 301 19.00 -18.37 -14.80
N SER A 302 19.49 -19.60 -14.68
CA SER A 302 20.65 -20.03 -15.45
C SER A 302 20.51 -21.51 -15.78
N PHE A 303 21.19 -21.93 -16.84
CA PHE A 303 21.24 -23.32 -17.22
C PHE A 303 22.49 -24.03 -16.70
N THR A 304 23.49 -23.28 -16.25
CA THR A 304 24.69 -23.83 -15.65
C THR A 304 24.70 -23.45 -14.18
N VAL A 305 24.74 -24.45 -13.31
CA VAL A 305 24.75 -24.24 -11.86
C VAL A 305 26.15 -24.55 -11.36
N GLU A 306 26.78 -23.56 -10.73
CA GLU A 306 28.13 -23.73 -10.22
C GLU A 306 28.08 -24.40 -8.84
N LYS A 307 29.21 -25.01 -8.47
CA LYS A 307 29.27 -25.73 -7.22
C LYS A 307 28.90 -24.84 -6.05
N GLY A 308 28.00 -25.31 -5.20
CA GLY A 308 27.60 -24.56 -4.02
C GLY A 308 26.33 -25.13 -3.43
N ILE A 309 25.78 -24.37 -2.50
CA ILE A 309 24.48 -24.65 -1.90
C ILE A 309 23.57 -23.47 -2.18
N TYR A 310 22.44 -23.73 -2.81
CA TYR A 310 21.53 -22.70 -3.28
C TYR A 310 20.17 -22.87 -2.60
N GLN A 311 19.84 -21.95 -1.70
CA GLN A 311 18.50 -21.93 -1.11
C GLN A 311 17.49 -21.81 -2.24
N THR A 312 16.71 -22.87 -2.47
CA THR A 312 15.75 -22.88 -3.57
C THR A 312 14.32 -22.63 -3.10
N SER A 313 13.82 -23.45 -2.17
CA SER A 313 12.40 -23.44 -1.85
C SER A 313 12.19 -23.32 -0.36
N ASN A 314 10.92 -23.39 0.05
CA ASN A 314 10.54 -23.45 1.45
C ASN A 314 9.62 -24.65 1.63
N PHE A 315 10.03 -25.58 2.50
CA PHE A 315 9.30 -26.81 2.73
C PHE A 315 8.38 -26.65 3.94
N ARG A 316 7.13 -27.04 3.77
CA ARG A 316 6.14 -27.01 4.83
C ARG A 316 5.47 -28.37 4.92
N VAL A 317 4.75 -28.59 6.03
CA VAL A 317 4.24 -29.91 6.38
C VAL A 317 2.73 -29.85 6.51
N GLN A 318 2.06 -29.09 5.63
CA GLN A 318 0.66 -28.74 5.75
C GLN A 318 -0.16 -29.87 6.36
N PRO A 319 -1.08 -29.56 7.29
CA PRO A 319 -1.67 -30.60 8.13
C PRO A 319 -2.44 -31.63 7.33
N THR A 320 -2.47 -32.86 7.86
CA THR A 320 -3.20 -33.93 7.21
C THR A 320 -4.71 -33.82 7.45
N GLU A 321 -5.12 -33.34 8.62
CA GLU A 321 -6.53 -33.32 8.97
C GLU A 321 -6.80 -32.14 9.91
N SER A 322 -8.07 -31.86 10.12
CA SER A 322 -8.52 -30.79 11.00
C SER A 322 -9.21 -31.38 12.22
N ILE A 323 -8.95 -30.79 13.39
CA ILE A 323 -9.48 -31.25 14.66
C ILE A 323 -10.25 -30.11 15.31
N VAL A 324 -11.46 -30.38 15.76
CA VAL A 324 -12.32 -29.41 16.42
C VAL A 324 -12.66 -29.96 17.80
N ARG A 325 -12.42 -29.14 18.84
CA ARG A 325 -12.73 -29.51 20.21
C ARG A 325 -13.47 -28.35 20.86
N PHE A 326 -14.67 -28.61 21.35
CA PHE A 326 -15.52 -27.62 21.98
C PHE A 326 -16.06 -28.19 23.29
N PRO A 327 -16.48 -27.32 24.21
CA PRO A 327 -17.10 -27.82 25.46
C PRO A 327 -18.38 -28.57 25.17
N ASN A 328 -18.39 -29.88 25.42
CA ASN A 328 -19.53 -30.69 25.06
C ASN A 328 -20.79 -30.26 25.82
N ILE A 329 -20.65 -29.96 27.11
CA ILE A 329 -21.80 -29.69 27.97
C ILE A 329 -21.58 -28.37 28.69
N THR A 330 -22.58 -27.50 28.62
CA THR A 330 -22.69 -26.34 29.50
C THR A 330 -23.96 -26.41 30.35
N ASN A 331 -25.09 -26.74 29.71
CA ASN A 331 -26.33 -27.04 30.42
C ASN A 331 -27.32 -27.61 29.41
N LEU A 332 -28.11 -28.60 29.82
CA LEU A 332 -29.05 -29.27 28.93
C LEU A 332 -30.28 -28.41 28.76
N CYS A 333 -30.54 -27.97 27.54
CA CYS A 333 -31.78 -27.26 27.27
C CYS A 333 -32.96 -28.22 27.44
N PRO A 334 -33.94 -27.87 28.27
CA PRO A 334 -35.02 -28.82 28.57
C PRO A 334 -36.12 -28.86 27.50
N PHE A 335 -35.78 -29.45 26.35
CA PHE A 335 -36.79 -29.69 25.32
C PHE A 335 -37.71 -30.84 25.67
N GLY A 336 -37.22 -31.84 26.40
CA GLY A 336 -38.07 -32.95 26.81
C GLY A 336 -39.21 -32.53 27.70
N GLU A 337 -38.97 -31.55 28.59
CA GLU A 337 -40.03 -31.05 29.44
C GLU A 337 -41.19 -30.49 28.64
N VAL A 338 -40.95 -30.03 27.42
CA VAL A 338 -42.00 -29.51 26.56
C VAL A 338 -42.60 -30.60 25.68
N PHE A 339 -41.74 -31.30 24.93
CA PHE A 339 -42.24 -32.32 24.02
C PHE A 339 -42.86 -33.49 24.76
N ASN A 340 -42.25 -33.92 25.87
CA ASN A 340 -42.69 -35.09 26.61
C ASN A 340 -43.64 -34.73 27.75
N ALA A 341 -44.13 -33.49 27.80
CA ALA A 341 -45.13 -33.14 28.79
C ALA A 341 -46.37 -34.01 28.64
N THR A 342 -46.84 -34.55 29.76
CA THR A 342 -47.99 -35.45 29.71
C THR A 342 -49.26 -34.73 29.29
N ARG A 343 -49.38 -33.45 29.63
CA ARG A 343 -50.57 -32.66 29.31
C ARG A 343 -50.15 -31.35 28.65
N PHE A 344 -50.87 -30.98 27.59
CA PHE A 344 -50.62 -29.76 26.84
C PHE A 344 -51.69 -28.72 27.16
N ALA A 345 -51.35 -27.47 26.92
CA ALA A 345 -52.25 -26.36 27.19
C ALA A 345 -53.13 -26.08 25.98
N SER A 346 -54.25 -25.41 26.23
CA SER A 346 -55.16 -25.03 25.15
C SER A 346 -54.49 -24.02 24.23
N VAL A 347 -54.94 -24.00 22.98
CA VAL A 347 -54.33 -23.12 21.99
C VAL A 347 -54.50 -21.66 22.40
N TYR A 348 -55.67 -21.30 22.93
CA TYR A 348 -55.87 -19.94 23.41
C TYR A 348 -54.99 -19.63 24.60
N ALA A 349 -54.62 -20.65 25.37
CA ALA A 349 -53.72 -20.48 26.51
C ALA A 349 -52.42 -21.24 26.25
N TRP A 350 -51.92 -21.13 25.02
CA TRP A 350 -50.71 -21.86 24.64
C TRP A 350 -49.58 -21.56 25.62
N ASN A 351 -48.93 -22.62 26.08
CA ASN A 351 -47.82 -22.47 27.02
C ASN A 351 -46.56 -22.01 26.28
N ARG A 352 -45.73 -21.25 26.98
CA ARG A 352 -44.43 -20.83 26.47
C ARG A 352 -43.36 -21.12 27.49
N LYS A 353 -42.24 -21.67 27.03
CA LYS A 353 -41.08 -21.91 27.87
C LYS A 353 -39.89 -21.16 27.29
N ARG A 354 -39.20 -20.39 28.14
CA ARG A 354 -38.02 -19.66 27.75
C ARG A 354 -36.80 -20.54 28.04
N ILE A 355 -35.94 -20.71 27.04
CA ILE A 355 -34.74 -21.53 27.14
C ILE A 355 -33.55 -20.62 26.94
N SER A 356 -32.65 -20.61 27.92
CA SER A 356 -31.46 -19.76 27.87
C SER A 356 -30.37 -20.39 28.72
N ASN A 357 -29.12 -20.10 28.36
CA ASN A 357 -27.94 -20.57 29.09
C ASN A 357 -27.93 -22.10 29.15
N CYS A 358 -27.85 -22.69 27.97
CA CYS A 358 -27.85 -24.15 27.84
C CYS A 358 -27.43 -24.52 26.42
N VAL A 359 -27.06 -25.79 26.26
CA VAL A 359 -26.71 -26.34 24.95
C VAL A 359 -27.92 -27.11 24.43
N ALA A 360 -28.48 -26.66 23.32
CA ALA A 360 -29.66 -27.28 22.72
C ALA A 360 -29.22 -28.49 21.91
N ASP A 361 -29.98 -29.58 22.01
CA ASP A 361 -29.71 -30.82 21.29
C ASP A 361 -30.78 -30.98 20.22
N TYR A 362 -30.55 -30.38 19.06
CA TYR A 362 -31.52 -30.46 17.98
C TYR A 362 -31.51 -31.81 17.27
N SER A 363 -30.32 -32.40 17.07
CA SER A 363 -30.24 -33.65 16.34
C SER A 363 -31.01 -34.76 17.04
N VAL A 364 -30.74 -34.97 18.33
CA VAL A 364 -31.48 -35.96 19.09
C VAL A 364 -32.94 -35.56 19.23
N LEU A 365 -33.20 -34.26 19.35
CA LEU A 365 -34.57 -33.79 19.53
C LEU A 365 -35.44 -34.16 18.34
N TYR A 366 -34.93 -34.00 17.12
CA TYR A 366 -35.72 -34.23 15.92
C TYR A 366 -35.78 -35.69 15.50
N ASN A 367 -35.02 -36.57 16.15
CA ASN A 367 -35.04 -38.00 15.85
C ASN A 367 -35.61 -38.82 17.00
N SER A 368 -36.25 -38.18 17.97
CA SER A 368 -36.80 -38.90 19.12
C SER A 368 -38.15 -39.51 18.79
N ALA A 369 -39.12 -38.68 18.42
CA ALA A 369 -40.47 -39.14 18.11
C ALA A 369 -40.76 -39.02 16.62
N SER A 370 -41.94 -39.51 16.23
CA SER A 370 -42.41 -39.43 14.86
C SER A 370 -43.34 -38.22 14.75
N PHE A 371 -42.95 -37.26 13.91
CA PHE A 371 -43.69 -36.01 13.75
C PHE A 371 -44.44 -36.04 12.43
N SER A 372 -45.75 -35.76 12.49
CA SER A 372 -46.56 -35.70 11.28
C SER A 372 -46.41 -34.39 10.52
N THR A 373 -45.78 -33.38 11.13
CA THR A 373 -45.54 -32.11 10.46
C THR A 373 -44.26 -31.51 11.03
N PHE A 374 -43.38 -31.06 10.14
CA PHE A 374 -42.09 -30.49 10.55
C PHE A 374 -41.69 -29.50 9.47
N LYS A 375 -41.92 -28.21 9.73
CA LYS A 375 -41.63 -27.16 8.76
C LYS A 375 -40.88 -26.02 9.43
N CYS A 376 -39.73 -25.65 8.86
CA CYS A 376 -38.91 -24.57 9.38
C CYS A 376 -38.88 -23.42 8.38
N TYR A 377 -38.81 -22.20 8.91
CA TYR A 377 -38.81 -20.99 8.11
C TYR A 377 -37.67 -20.10 8.58
N GLY A 378 -36.85 -19.65 7.64
CA GLY A 378 -35.73 -18.79 7.96
C GLY A 378 -34.53 -19.49 8.54
N VAL A 379 -34.57 -20.82 8.66
CA VAL A 379 -33.45 -21.59 9.21
C VAL A 379 -33.70 -23.06 8.91
N SER A 380 -32.63 -23.77 8.59
CA SER A 380 -32.77 -25.20 8.32
C SER A 380 -32.65 -26.01 9.60
N PRO A 381 -33.32 -27.16 9.70
CA PRO A 381 -33.22 -27.96 10.93
C PRO A 381 -31.80 -28.38 11.25
N THR A 382 -30.99 -28.70 10.25
CA THR A 382 -29.64 -29.20 10.47
C THR A 382 -28.63 -28.10 10.79
N LYS A 383 -28.92 -26.85 10.45
CA LYS A 383 -28.00 -25.75 10.71
C LYS A 383 -28.10 -25.23 12.14
N LEU A 384 -29.17 -25.56 12.87
CA LEU A 384 -29.31 -25.07 14.22
C LEU A 384 -28.19 -25.57 15.12
N ASN A 385 -27.57 -26.69 14.76
CA ASN A 385 -26.45 -27.20 15.54
C ASN A 385 -25.26 -26.25 15.54
N ASP A 386 -25.17 -25.37 14.54
CA ASP A 386 -24.05 -24.45 14.43
C ASP A 386 -24.40 -23.03 14.86
N LEU A 387 -25.67 -22.75 15.12
CA LEU A 387 -26.12 -21.39 15.41
C LEU A 387 -26.26 -21.18 16.91
N CYS A 388 -25.97 -19.95 17.35
CA CYS A 388 -26.19 -19.51 18.71
C CYS A 388 -27.23 -18.39 18.71
N PHE A 389 -28.04 -18.35 19.77
CA PHE A 389 -29.12 -17.38 19.87
C PHE A 389 -29.17 -16.83 21.28
N THR A 390 -29.67 -15.60 21.41
CA THR A 390 -29.83 -14.98 22.72
C THR A 390 -30.80 -15.79 23.58
N ASN A 391 -31.93 -16.20 23.01
CA ASN A 391 -32.92 -16.98 23.73
C ASN A 391 -33.65 -17.89 22.76
N VAL A 392 -34.31 -18.90 23.30
CA VAL A 392 -35.19 -19.77 22.52
C VAL A 392 -36.54 -19.82 23.21
N TYR A 393 -37.60 -19.90 22.43
CA TYR A 393 -38.96 -19.98 22.95
C TYR A 393 -39.63 -21.23 22.41
N ALA A 394 -40.14 -22.06 23.33
CA ALA A 394 -40.86 -23.28 22.97
C ALA A 394 -42.32 -23.05 23.31
N ASP A 395 -43.16 -22.86 22.30
CA ASP A 395 -44.58 -22.66 22.48
C ASP A 395 -45.32 -23.95 22.20
N SER A 396 -46.02 -24.46 23.20
CA SER A 396 -46.67 -25.76 23.11
C SER A 396 -48.17 -25.58 23.29
N PHE A 397 -48.94 -26.31 22.48
CA PHE A 397 -50.40 -26.29 22.59
C PHE A 397 -50.97 -27.47 21.81
N VAL A 398 -52.30 -27.54 21.75
CA VAL A 398 -53.02 -28.59 21.05
C VAL A 398 -54.10 -27.95 20.20
N ILE A 399 -54.26 -28.44 18.97
CA ILE A 399 -55.24 -27.91 18.03
C ILE A 399 -55.86 -29.06 17.25
N ARG A 400 -56.74 -28.72 16.32
CA ARG A 400 -57.27 -29.70 15.39
C ARG A 400 -56.23 -30.01 14.31
N GLY A 401 -56.38 -31.17 13.67
CA GLY A 401 -55.50 -31.51 12.58
C GLY A 401 -55.64 -30.55 11.41
N ASP A 402 -56.88 -30.26 11.00
CA ASP A 402 -57.11 -29.34 9.90
C ASP A 402 -56.64 -27.93 10.21
N GLU A 403 -56.48 -27.58 11.49
CA GLU A 403 -55.96 -26.28 11.88
C GLU A 403 -54.43 -26.25 11.93
N VAL A 404 -53.77 -27.39 11.76
CA VAL A 404 -52.31 -27.41 11.79
C VAL A 404 -51.75 -26.52 10.67
N ARG A 405 -52.44 -26.45 9.55
CA ARG A 405 -51.98 -25.60 8.45
C ARG A 405 -51.96 -24.13 8.84
N GLN A 406 -52.75 -23.72 9.83
CA GLN A 406 -52.77 -22.32 10.24
C GLN A 406 -51.52 -21.91 11.02
N ILE A 407 -50.72 -22.86 11.48
CA ILE A 407 -49.50 -22.56 12.21
C ILE A 407 -48.36 -22.40 11.23
N ALA A 408 -48.21 -21.21 10.66
CA ALA A 408 -47.15 -20.93 9.71
C ALA A 408 -47.18 -19.44 9.39
N PRO A 409 -46.10 -18.89 8.84
CA PRO A 409 -46.08 -17.46 8.52
C PRO A 409 -47.15 -17.11 7.50
N GLY A 410 -47.75 -15.93 7.68
CA GLY A 410 -48.71 -15.43 6.71
C GLY A 410 -50.00 -16.21 6.63
N GLN A 411 -50.37 -16.92 7.68
CA GLN A 411 -51.59 -17.72 7.71
C GLN A 411 -52.70 -16.96 8.43
N THR A 412 -53.94 -17.30 8.07
CA THR A 412 -55.11 -16.67 8.65
C THR A 412 -56.14 -17.75 8.96
N GLY A 413 -57.04 -17.42 9.90
CA GLY A 413 -58.04 -18.36 10.36
C GLY A 413 -58.34 -18.18 11.83
N ASN A 414 -59.22 -19.00 12.39
CA ASN A 414 -59.57 -18.84 13.80
C ASN A 414 -58.36 -19.01 14.69
N ILE A 415 -57.58 -20.07 14.49
CA ILE A 415 -56.38 -20.29 15.31
C ILE A 415 -55.35 -19.21 15.06
N ALA A 416 -55.10 -18.88 13.79
CA ALA A 416 -54.11 -17.86 13.47
C ALA A 416 -54.53 -16.49 13.97
N ASP A 417 -55.82 -16.17 13.91
CA ASP A 417 -56.26 -14.81 14.21
C ASP A 417 -56.51 -14.59 15.70
N TYR A 418 -57.13 -15.56 16.37
CA TYR A 418 -57.65 -15.35 17.72
C TYR A 418 -56.99 -16.22 18.78
N ASN A 419 -56.17 -17.20 18.40
CA ASN A 419 -55.58 -18.10 19.40
C ASN A 419 -54.06 -17.99 19.43
N TYR A 420 -53.42 -18.13 18.27
CA TYR A 420 -51.96 -18.11 18.20
C TYR A 420 -51.55 -17.62 16.82
N LYS A 421 -50.77 -16.55 16.78
CA LYS A 421 -50.37 -15.90 15.53
C LYS A 421 -48.86 -15.91 15.42
N LEU A 422 -48.35 -16.25 14.23
CA LEU A 422 -46.93 -16.18 13.95
C LEU A 422 -46.62 -15.00 13.05
N PRO A 423 -45.45 -14.36 13.20
CA PRO A 423 -45.12 -13.24 12.31
C PRO A 423 -44.83 -13.72 10.90
N ASP A 424 -45.03 -12.80 9.94
CA ASP A 424 -44.77 -13.14 8.55
C ASP A 424 -43.30 -13.46 8.32
N ASP A 425 -42.40 -12.83 9.08
CA ASP A 425 -40.97 -13.09 8.99
C ASP A 425 -40.51 -14.03 10.10
N PHE A 426 -41.36 -14.98 10.49
CA PHE A 426 -41.03 -15.89 11.58
C PHE A 426 -39.78 -16.69 11.23
N THR A 427 -38.84 -16.73 12.17
CA THR A 427 -37.59 -17.47 12.04
C THR A 427 -37.60 -18.58 13.10
N GLY A 428 -37.95 -19.79 12.67
CA GLY A 428 -38.03 -20.90 13.59
C GLY A 428 -38.75 -22.07 12.95
N CYS A 429 -39.02 -23.07 13.77
CA CYS A 429 -39.59 -24.34 13.30
C CYS A 429 -40.92 -24.61 13.96
N VAL A 430 -41.79 -25.31 13.23
CA VAL A 430 -43.07 -25.77 13.73
C VAL A 430 -43.10 -27.29 13.60
N ILE A 431 -43.38 -27.98 14.70
CA ILE A 431 -43.47 -29.43 14.72
C ILE A 431 -44.85 -29.79 15.28
N ALA A 432 -45.51 -30.75 14.66
CA ALA A 432 -46.84 -31.17 15.11
C ALA A 432 -46.97 -32.67 14.94
N TRP A 433 -47.62 -33.30 15.91
CA TRP A 433 -47.83 -34.74 15.87
C TRP A 433 -49.20 -35.07 16.45
N ASN A 434 -49.85 -36.08 15.87
CA ASN A 434 -51.15 -36.50 16.34
C ASN A 434 -51.06 -36.97 17.78
N SER A 435 -52.03 -36.55 18.59
CA SER A 435 -52.11 -36.94 20.00
C SER A 435 -53.46 -37.58 20.31
N ASN A 436 -54.01 -38.32 19.35
CA ASN A 436 -55.32 -38.93 19.57
C ASN A 436 -55.28 -39.92 20.74
N ASN A 437 -54.22 -40.72 20.84
CA ASN A 437 -54.08 -41.67 21.94
C ASN A 437 -53.84 -40.98 23.27
N LEU A 438 -53.55 -39.68 23.28
CA LEU A 438 -53.23 -38.94 24.50
C LEU A 438 -54.30 -37.93 24.88
N ASP A 439 -54.86 -37.20 23.91
CA ASP A 439 -55.78 -36.10 24.18
C ASP A 439 -57.21 -36.41 23.76
N SER A 440 -57.55 -37.69 23.60
CA SER A 440 -58.88 -38.11 23.20
C SER A 440 -59.47 -39.04 24.26
N LYS A 441 -60.75 -38.85 24.56
CA LYS A 441 -61.47 -39.67 25.51
C LYS A 441 -62.66 -40.32 24.84
N VAL A 442 -63.10 -41.45 25.41
CA VAL A 442 -64.25 -42.15 24.86
C VAL A 442 -65.48 -41.26 24.87
N GLY A 443 -65.72 -40.59 26.00
CA GLY A 443 -66.82 -39.65 26.13
C GLY A 443 -66.54 -38.27 25.59
N GLY A 444 -65.34 -38.02 25.07
CA GLY A 444 -64.98 -36.72 24.55
C GLY A 444 -64.14 -35.92 25.52
N ASN A 445 -63.01 -35.39 25.05
CA ASN A 445 -62.10 -34.59 25.86
C ASN A 445 -62.38 -33.12 25.57
N TYR A 446 -63.13 -32.48 26.46
CA TYR A 446 -63.54 -31.09 26.30
C TYR A 446 -62.62 -30.13 27.05
N ASN A 447 -61.54 -30.63 27.66
CA ASN A 447 -60.64 -29.75 28.40
C ASN A 447 -59.95 -28.75 27.48
N TYR A 448 -59.57 -29.18 26.28
CA TYR A 448 -58.92 -28.28 25.34
C TYR A 448 -59.94 -27.34 24.71
N LEU A 449 -59.64 -26.05 24.73
CA LEU A 449 -60.54 -25.01 24.24
C LEU A 449 -59.80 -24.13 23.25
N TYR A 450 -60.57 -23.35 22.48
CA TYR A 450 -60.01 -22.39 21.55
C TYR A 450 -60.92 -21.18 21.47
N ARG A 451 -60.32 -20.03 21.20
CA ARG A 451 -61.07 -18.79 21.12
C ARG A 451 -61.80 -18.70 19.79
N LEU A 452 -63.10 -18.42 19.85
CA LEU A 452 -63.96 -18.36 18.67
C LEU A 452 -64.30 -16.94 18.26
N PHE A 453 -64.65 -16.07 19.21
CA PHE A 453 -65.04 -14.70 18.93
C PHE A 453 -64.01 -13.74 19.48
N ARG A 454 -63.66 -12.73 18.68
CA ARG A 454 -62.73 -11.71 19.10
C ARG A 454 -62.87 -10.50 18.19
N LYS A 455 -62.81 -9.30 18.78
CA LYS A 455 -63.02 -8.08 18.01
C LYS A 455 -61.91 -7.89 16.97
N SER A 456 -60.66 -8.17 17.33
CA SER A 456 -59.53 -7.95 16.45
C SER A 456 -58.59 -9.16 16.52
N ASN A 457 -57.79 -9.32 15.48
CA ASN A 457 -56.86 -10.43 15.40
C ASN A 457 -55.70 -10.23 16.36
N LEU A 458 -55.09 -11.34 16.78
CA LEU A 458 -53.96 -11.29 17.69
C LEU A 458 -52.69 -10.83 16.97
N LYS A 459 -51.84 -10.13 17.70
CA LYS A 459 -50.51 -9.83 17.23
C LYS A 459 -49.61 -11.06 17.38
N PRO A 460 -48.50 -11.11 16.65
CA PRO A 460 -47.64 -12.30 16.72
C PRO A 460 -47.20 -12.60 18.14
N PHE A 461 -47.24 -13.88 18.51
CA PHE A 461 -46.82 -14.34 19.83
C PHE A 461 -47.63 -13.71 20.96
N GLU A 462 -48.87 -13.32 20.69
CA GLU A 462 -49.75 -12.76 21.69
C GLU A 462 -50.67 -13.83 22.25
N ARG A 463 -50.82 -13.84 23.58
CA ARG A 463 -51.68 -14.80 24.27
C ARG A 463 -52.84 -14.06 24.90
N ASP A 464 -54.05 -14.52 24.60
CA ASP A 464 -55.28 -13.94 25.15
C ASP A 464 -56.01 -15.04 25.93
N ILE A 465 -56.20 -14.81 27.23
CA ILE A 465 -56.89 -15.76 28.10
C ILE A 465 -58.20 -15.17 28.63
N SER A 466 -58.68 -14.10 28.01
CA SER A 466 -59.91 -13.46 28.48
C SER A 466 -61.11 -14.36 28.23
N THR A 467 -62.01 -14.41 29.21
CA THR A 467 -63.25 -15.16 29.10
C THR A 467 -64.47 -14.23 29.14
N GLU A 468 -64.27 -12.96 28.86
CA GLU A 468 -65.38 -12.01 28.89
C GLU A 468 -66.41 -12.34 27.81
N ILE A 469 -67.68 -12.13 28.14
CA ILE A 469 -68.75 -12.38 27.18
C ILE A 469 -68.55 -11.48 25.97
N TYR A 470 -68.61 -12.06 24.78
CA TYR A 470 -68.38 -11.32 23.55
C TYR A 470 -69.67 -10.61 23.14
N GLN A 471 -69.57 -9.30 22.90
CA GLN A 471 -70.72 -8.48 22.53
C GLN A 471 -70.82 -8.49 21.00
N ALA A 472 -71.79 -9.23 20.49
CA ALA A 472 -72.05 -9.32 19.07
C ALA A 472 -73.11 -8.35 18.59
N GLY A 473 -73.68 -7.54 19.48
CA GLY A 473 -74.70 -6.59 19.10
C GLY A 473 -74.50 -5.22 19.72
N SER A 474 -75.48 -4.33 19.55
CA SER A 474 -75.37 -2.99 20.10
C SER A 474 -75.55 -2.97 21.61
N THR A 475 -76.49 -3.77 22.13
CA THR A 475 -76.77 -3.76 23.55
C THR A 475 -75.60 -4.37 24.33
N PRO A 476 -75.25 -3.81 25.48
CA PRO A 476 -74.19 -4.43 26.29
C PRO A 476 -74.64 -5.75 26.88
N CYS A 477 -73.66 -6.62 27.14
CA CYS A 477 -73.93 -7.94 27.70
C CYS A 477 -73.86 -7.94 29.23
N ASN A 478 -72.97 -7.14 29.80
CA ASN A 478 -72.82 -7.04 31.25
C ASN A 478 -72.53 -8.41 31.87
N GLY A 479 -71.72 -9.21 31.18
CA GLY A 479 -71.34 -10.51 31.70
C GLY A 479 -72.43 -11.55 31.69
N VAL A 480 -73.48 -11.34 30.88
CA VAL A 480 -74.59 -12.28 30.77
C VAL A 480 -74.60 -12.78 29.33
N LYS A 481 -74.43 -14.09 29.15
CA LYS A 481 -74.42 -14.67 27.82
C LYS A 481 -75.85 -14.98 27.37
N GLY A 482 -76.17 -14.60 26.14
CA GLY A 482 -77.50 -14.79 25.59
C GLY A 482 -77.51 -14.49 24.11
N PHE A 483 -78.56 -13.82 23.63
CA PHE A 483 -78.59 -13.41 22.23
C PHE A 483 -77.58 -12.29 22.00
N ASN A 484 -76.76 -12.45 20.96
CA ASN A 484 -75.69 -11.51 20.64
C ASN A 484 -74.69 -11.36 21.80
N CYS A 485 -74.65 -12.35 22.70
CA CYS A 485 -73.71 -12.36 23.82
C CYS A 485 -73.24 -13.80 23.98
N TYR A 486 -72.06 -14.08 23.44
CA TYR A 486 -71.54 -15.45 23.34
C TYR A 486 -70.28 -15.61 24.19
N PHE A 487 -70.14 -16.80 24.77
CA PHE A 487 -68.91 -17.12 25.49
C PHE A 487 -67.76 -17.23 24.49
N PRO A 488 -66.64 -16.55 24.71
CA PRO A 488 -65.62 -16.46 23.66
C PRO A 488 -64.92 -17.78 23.33
N LEU A 489 -65.00 -18.78 24.20
CA LEU A 489 -64.26 -20.02 24.02
C LEU A 489 -65.19 -21.16 23.61
N GLN A 490 -64.66 -22.06 22.80
CA GLN A 490 -65.37 -23.25 22.35
C GLN A 490 -64.50 -24.47 22.58
N SER A 491 -65.14 -25.59 22.91
CA SER A 491 -64.44 -26.82 23.24
C SER A 491 -64.30 -27.72 22.02
N TYR A 492 -63.19 -28.46 21.97
CA TYR A 492 -62.93 -29.39 20.89
C TYR A 492 -63.68 -30.71 21.08
N GLY A 493 -63.66 -31.25 22.29
CA GLY A 493 -64.30 -32.53 22.56
C GLY A 493 -63.74 -33.65 21.71
N PHE A 494 -62.44 -33.92 21.87
CA PHE A 494 -61.77 -34.92 21.05
C PHE A 494 -62.23 -36.32 21.44
N GLN A 495 -62.49 -37.16 20.43
CA GLN A 495 -62.79 -38.56 20.62
C GLN A 495 -61.86 -39.42 19.76
N PRO A 496 -61.53 -40.63 20.20
CA PRO A 496 -60.57 -41.45 19.44
C PRO A 496 -61.06 -41.88 18.08
N THR A 497 -62.37 -41.86 17.81
CA THR A 497 -62.92 -42.35 16.56
C THR A 497 -63.17 -41.24 15.55
N TYR A 498 -62.76 -40.01 15.84
CA TYR A 498 -62.92 -38.93 14.88
C TYR A 498 -61.93 -39.10 13.72
N GLY A 499 -62.21 -38.37 12.63
CA GLY A 499 -61.29 -38.33 11.53
C GLY A 499 -60.03 -37.55 11.86
N VAL A 500 -58.98 -37.79 11.09
CA VAL A 500 -57.69 -37.18 11.38
C VAL A 500 -57.80 -35.66 11.42
N GLY A 501 -58.70 -35.10 10.61
CA GLY A 501 -58.91 -33.66 10.65
C GLY A 501 -59.47 -33.16 11.97
N TYR A 502 -60.30 -33.96 12.63
CA TYR A 502 -60.89 -33.59 13.92
C TYR A 502 -60.14 -34.19 15.11
N GLN A 503 -59.06 -34.95 14.85
CA GLN A 503 -58.31 -35.52 15.96
C GLN A 503 -57.36 -34.50 16.56
N PRO A 504 -57.01 -34.64 17.84
CA PRO A 504 -56.10 -33.66 18.46
C PRO A 504 -54.69 -33.79 17.89
N TYR A 505 -54.01 -32.65 17.81
CA TYR A 505 -52.62 -32.59 17.38
C TYR A 505 -51.85 -31.69 18.32
N ARG A 506 -50.75 -32.20 18.87
CA ARG A 506 -49.88 -31.43 19.73
C ARG A 506 -48.85 -30.72 18.87
N VAL A 507 -48.72 -29.40 19.08
CA VAL A 507 -47.87 -28.54 18.27
C VAL A 507 -46.88 -27.84 19.18
N VAL A 508 -45.61 -27.90 18.79
CA VAL A 508 -44.53 -27.18 19.45
C VAL A 508 -43.85 -26.29 18.41
N VAL A 509 -43.74 -25.00 18.72
CA VAL A 509 -43.11 -24.02 17.86
C VAL A 509 -41.84 -23.54 18.56
N LEU A 510 -40.71 -23.71 17.89
CA LEU A 510 -39.42 -23.25 18.39
C LEU A 510 -39.07 -21.94 17.68
N SER A 511 -39.03 -20.85 18.44
CA SER A 511 -38.60 -19.56 17.94
C SER A 511 -37.24 -19.21 18.53
N PHE A 512 -36.45 -18.49 17.74
CA PHE A 512 -35.07 -18.16 18.11
C PHE A 512 -34.93 -16.64 18.21
N GLU A 513 -34.85 -16.14 19.44
CA GLU A 513 -34.69 -14.71 19.68
C GLU A 513 -33.20 -14.36 19.63
N LEU A 514 -32.82 -13.59 18.60
CA LEU A 514 -31.44 -13.18 18.38
C LEU A 514 -31.39 -11.66 18.53
N LEU A 515 -30.93 -11.19 19.68
CA LEU A 515 -30.82 -9.78 19.98
C LEU A 515 -29.37 -9.32 19.90
N HIS A 516 -29.16 -8.01 20.09
CA HIS A 516 -27.83 -7.44 20.14
C HIS A 516 -27.25 -7.56 21.56
N ALA A 517 -27.25 -8.81 22.04
CA ALA A 517 -26.73 -9.14 23.36
C ALA A 517 -25.98 -10.47 23.25
N PRO A 518 -25.05 -10.72 24.16
CA PRO A 518 -24.32 -12.00 24.11
C PRO A 518 -25.28 -13.19 24.14
N ALA A 519 -25.01 -14.17 23.29
CA ALA A 519 -25.88 -15.33 23.16
C ALA A 519 -25.75 -16.25 24.37
N THR A 520 -26.80 -17.01 24.63
CA THR A 520 -26.82 -17.95 25.76
C THR A 520 -27.17 -19.38 25.35
N VAL A 521 -27.65 -19.59 24.13
CA VAL A 521 -28.05 -20.92 23.66
C VAL A 521 -27.28 -21.20 22.36
N CYS A 522 -26.66 -22.37 22.29
CA CYS A 522 -25.99 -22.83 21.08
C CYS A 522 -26.33 -24.29 20.83
N GLY A 523 -26.26 -24.69 19.56
CA GLY A 523 -26.51 -26.06 19.19
C GLY A 523 -25.37 -26.97 19.58
N PRO A 524 -25.54 -28.28 19.40
CA PRO A 524 -24.48 -29.23 19.79
C PRO A 524 -23.16 -28.90 19.13
N LYS A 525 -22.13 -28.65 19.93
CA LYS A 525 -20.82 -28.33 19.38
C LYS A 525 -20.19 -29.58 18.78
N LYS A 526 -19.86 -29.51 17.49
CA LYS A 526 -19.28 -30.65 16.78
C LYS A 526 -17.80 -30.74 17.16
N SER A 527 -17.46 -31.74 17.97
CA SER A 527 -16.10 -31.95 18.44
C SER A 527 -15.60 -33.30 17.94
N THR A 528 -14.51 -33.28 17.18
CA THR A 528 -13.90 -34.50 16.68
C THR A 528 -12.94 -35.09 17.70
N ASN A 529 -12.50 -36.32 17.44
CA ASN A 529 -11.54 -36.97 18.32
C ASN A 529 -10.20 -36.22 18.28
N LEU A 530 -9.54 -36.18 19.42
CA LEU A 530 -8.28 -35.47 19.54
C LEU A 530 -7.16 -36.25 18.86
N VAL A 531 -6.24 -35.52 18.22
CA VAL A 531 -5.10 -36.10 17.53
C VAL A 531 -3.84 -35.42 18.06
N LYS A 532 -2.82 -36.22 18.33
CA LYS A 532 -1.59 -35.73 18.93
C LYS A 532 -0.38 -36.19 18.12
N ASN A 533 0.70 -35.44 18.23
CA ASN A 533 1.96 -35.76 17.56
C ASN A 533 1.78 -35.82 16.04
N LYS A 534 1.07 -34.84 15.50
CA LYS A 534 0.90 -34.73 14.05
C LYS A 534 0.37 -33.34 13.73
N CYS A 535 0.95 -32.71 12.71
CA CYS A 535 0.54 -31.37 12.30
C CYS A 535 -0.90 -31.42 11.82
N VAL A 536 -1.80 -30.80 12.59
CA VAL A 536 -3.22 -30.78 12.28
C VAL A 536 -3.73 -29.35 12.37
N ASN A 537 -4.88 -29.12 11.74
CA ASN A 537 -5.58 -27.84 11.80
C ASN A 537 -6.57 -27.91 12.96
N PHE A 538 -6.16 -27.39 14.12
CA PHE A 538 -6.93 -27.51 15.34
C PHE A 538 -7.82 -26.29 15.55
N ASN A 539 -8.90 -26.50 16.30
CA ASN A 539 -9.81 -25.44 16.68
C ASN A 539 -10.33 -25.73 18.08
N PHE A 540 -10.02 -24.84 19.03
CA PHE A 540 -10.44 -24.99 20.42
C PHE A 540 -11.31 -23.79 20.80
N ASN A 541 -12.61 -24.02 20.96
CA ASN A 541 -13.53 -23.00 21.43
C ASN A 541 -13.44 -21.74 20.57
N GLY A 542 -13.37 -21.93 19.26
CA GLY A 542 -13.29 -20.83 18.32
C GLY A 542 -11.89 -20.33 18.04
N LEU A 543 -10.92 -20.69 18.87
CA LEU A 543 -9.53 -20.36 18.61
C LEU A 543 -8.99 -21.33 17.58
N THR A 544 -8.82 -20.86 16.35
CA THR A 544 -8.32 -21.68 15.26
C THR A 544 -6.81 -21.56 15.17
N GLY A 545 -6.17 -22.62 14.68
CA GLY A 545 -4.74 -22.61 14.48
C GLY A 545 -4.31 -23.89 13.79
N THR A 546 -3.04 -23.93 13.44
CA THR A 546 -2.44 -25.09 12.81
C THR A 546 -1.14 -25.42 13.53
N GLY A 547 -0.99 -26.67 13.95
CA GLY A 547 0.19 -27.03 14.71
C GLY A 547 0.13 -28.49 15.14
N VAL A 548 1.13 -28.87 15.93
CA VAL A 548 1.24 -30.21 16.49
C VAL A 548 0.81 -30.12 17.95
N LEU A 549 -0.20 -30.89 18.32
CA LEU A 549 -0.70 -30.94 19.69
C LEU A 549 -0.03 -32.11 20.41
N THR A 550 0.59 -31.82 21.55
CA THR A 550 1.32 -32.83 22.30
C THR A 550 0.94 -32.73 23.77
N GLU A 551 1.12 -33.84 24.49
CA GLU A 551 0.88 -33.84 25.93
C GLU A 551 1.88 -32.89 26.61
N SER A 552 1.38 -32.11 27.56
CA SER A 552 2.13 -31.04 28.18
C SER A 552 2.27 -31.29 29.68
N ASN A 553 3.37 -30.78 30.24
CA ASN A 553 3.61 -30.80 31.68
C ASN A 553 3.29 -29.47 32.34
N LYS A 554 2.81 -28.49 31.58
CA LYS A 554 2.55 -27.17 32.14
C LYS A 554 1.44 -27.24 33.17
N LYS A 555 1.56 -26.44 34.24
CA LYS A 555 0.60 -26.42 35.34
C LYS A 555 -0.36 -25.24 35.15
N PHE A 556 -1.29 -25.42 34.23
CA PHE A 556 -2.32 -24.41 33.99
C PHE A 556 -3.15 -24.21 35.25
N LEU A 557 -3.55 -22.96 35.48
CA LEU A 557 -4.47 -22.66 36.56
C LEU A 557 -5.89 -23.07 36.17
N PRO A 558 -6.74 -23.34 37.15
CA PRO A 558 -8.09 -23.85 36.81
C PRO A 558 -8.87 -22.94 35.88
N PHE A 559 -8.74 -21.63 36.04
CA PHE A 559 -9.54 -20.68 35.28
C PHE A 559 -8.96 -20.35 33.92
N GLN A 560 -7.71 -20.74 33.65
CA GLN A 560 -7.03 -20.34 32.41
C GLN A 560 -7.31 -21.34 31.30
N GLN A 561 -7.55 -20.82 30.10
CA GLN A 561 -7.90 -21.65 28.95
C GLN A 561 -6.82 -21.69 27.88
N PHE A 562 -5.90 -20.73 27.85
CA PHE A 562 -4.88 -20.66 26.81
C PHE A 562 -3.55 -20.31 27.44
N GLY A 563 -2.49 -20.56 26.68
CA GLY A 563 -1.15 -20.18 27.09
C GLY A 563 -0.39 -19.51 25.97
N ARG A 564 0.07 -18.29 26.21
CA ARG A 564 0.80 -17.51 25.22
C ARG A 564 2.25 -17.35 25.64
N ASP A 565 3.02 -16.65 24.82
CA ASP A 565 4.44 -16.46 25.04
C ASP A 565 4.79 -15.02 24.66
N ILE A 566 6.09 -14.75 24.52
CA ILE A 566 6.52 -13.40 24.16
C ILE A 566 5.89 -12.97 22.84
N ALA A 567 5.83 -13.87 21.88
CA ALA A 567 5.18 -13.58 20.60
C ALA A 567 3.67 -13.42 20.74
N ASP A 568 3.10 -13.77 21.89
CA ASP A 568 1.66 -13.73 22.12
C ASP A 568 0.93 -14.78 21.27
N THR A 569 1.67 -15.69 20.67
CA THR A 569 1.08 -16.79 19.90
C THR A 569 0.68 -17.91 20.83
N THR A 570 -0.37 -18.64 20.46
CA THR A 570 -0.89 -19.69 21.30
C THR A 570 0.16 -20.80 21.45
N ASP A 571 0.78 -20.88 22.62
CA ASP A 571 1.78 -21.92 22.89
C ASP A 571 1.19 -23.12 23.60
N ALA A 572 0.05 -22.98 24.26
CA ALA A 572 -0.61 -24.09 24.92
C ALA A 572 -2.11 -23.86 24.89
N VAL A 573 -2.86 -24.95 25.08
CA VAL A 573 -4.32 -24.90 25.09
C VAL A 573 -4.82 -25.91 26.10
N ARG A 574 -6.12 -25.81 26.41
CA ARG A 574 -6.79 -26.74 27.31
C ARG A 574 -7.94 -27.39 26.55
N ASP A 575 -7.99 -28.71 26.57
CA ASP A 575 -9.06 -29.40 25.87
C ASP A 575 -10.38 -29.09 26.56
N PRO A 576 -11.36 -28.50 25.88
CA PRO A 576 -12.59 -28.10 26.57
C PRO A 576 -13.35 -29.26 27.18
N GLN A 577 -13.35 -30.43 26.55
CA GLN A 577 -14.10 -31.56 27.07
C GLN A 577 -13.38 -32.20 28.25
N THR A 578 -12.18 -32.72 28.00
CA THR A 578 -11.34 -33.28 29.06
C THR A 578 -10.31 -32.23 29.46
N LEU A 579 -10.32 -31.85 30.73
CA LEU A 579 -9.46 -30.77 31.19
C LEU A 579 -8.01 -31.22 31.29
N GLU A 580 -7.36 -31.38 30.14
CA GLU A 580 -5.95 -31.71 30.05
C GLU A 580 -5.26 -30.70 29.15
N ILE A 581 -4.04 -30.33 29.51
CA ILE A 581 -3.30 -29.28 28.83
C ILE A 581 -2.52 -29.89 27.68
N LEU A 582 -2.47 -29.15 26.56
CA LEU A 582 -1.77 -29.60 25.36
C LEU A 582 -0.83 -28.50 24.89
N ASP A 583 0.42 -28.85 24.65
CA ASP A 583 1.38 -27.93 24.06
C ASP A 583 1.24 -27.91 22.55
N ILE A 584 1.27 -26.71 21.98
CA ILE A 584 1.18 -26.50 20.55
C ILE A 584 2.56 -26.18 20.01
N THR A 585 3.02 -26.97 19.05
CA THR A 585 4.29 -26.73 18.40
C THR A 585 4.06 -26.32 16.95
N PRO A 586 4.82 -25.37 16.42
CA PRO A 586 4.61 -24.98 15.02
C PRO A 586 4.81 -26.17 14.09
N CYS A 587 3.95 -26.24 13.07
CA CYS A 587 4.11 -27.29 12.07
C CYS A 587 5.47 -27.15 11.39
N SER A 588 6.18 -28.26 11.27
CA SER A 588 7.56 -28.23 10.80
C SER A 588 7.65 -27.54 9.45
N PHE A 589 8.60 -26.61 9.34
CA PHE A 589 8.84 -25.90 8.10
C PHE A 589 10.29 -25.43 8.09
N GLY A 590 10.78 -25.10 6.91
CA GLY A 590 12.13 -24.59 6.81
C GLY A 590 12.63 -24.46 5.39
N GLY A 591 13.73 -23.75 5.20
CA GLY A 591 14.28 -23.61 3.86
C GLY A 591 14.71 -24.94 3.28
N VAL A 592 14.68 -25.01 1.96
CA VAL A 592 15.15 -26.18 1.22
C VAL A 592 16.23 -25.68 0.27
N SER A 593 17.46 -26.11 0.53
CA SER A 593 18.62 -25.77 -0.28
C SER A 593 19.10 -27.02 -1.01
N VAL A 594 19.99 -26.82 -1.98
CA VAL A 594 20.44 -27.88 -2.87
C VAL A 594 21.95 -27.83 -2.94
N ILE A 595 22.61 -28.79 -2.30
CA ILE A 595 24.05 -28.96 -2.40
C ILE A 595 24.33 -29.63 -3.75
N THR A 596 24.91 -28.88 -4.68
CA THR A 596 25.16 -29.39 -6.03
C THR A 596 26.60 -29.10 -6.42
N PRO A 597 27.39 -30.10 -6.78
CA PRO A 597 28.63 -29.82 -7.50
C PRO A 597 28.29 -29.28 -8.88
N GLY A 598 29.19 -28.45 -9.42
CA GLY A 598 28.92 -27.79 -10.68
C GLY A 598 28.29 -28.71 -11.70
N THR A 599 27.19 -28.27 -12.33
CA THR A 599 26.55 -29.10 -13.34
C THR A 599 27.53 -29.54 -14.40
N ASN A 600 28.51 -28.68 -14.72
CA ASN A 600 29.59 -29.09 -15.60
C ASN A 600 30.32 -30.31 -15.07
N THR A 601 30.32 -30.49 -13.74
CA THR A 601 30.97 -31.65 -13.13
C THR A 601 30.02 -32.83 -13.00
N SER A 602 28.79 -32.60 -12.54
CA SER A 602 27.83 -33.68 -12.36
C SER A 602 26.45 -33.08 -12.13
N ASN A 603 25.42 -33.86 -12.46
CA ASN A 603 24.04 -33.46 -12.27
C ASN A 603 23.45 -33.99 -10.96
N GLN A 604 24.16 -34.87 -10.26
CA GLN A 604 23.68 -35.40 -9.00
C GLN A 604 23.75 -34.33 -7.92
N VAL A 605 22.67 -34.20 -7.15
CA VAL A 605 22.58 -33.18 -6.11
C VAL A 605 22.01 -33.79 -4.84
N ALA A 606 22.30 -33.13 -3.71
CA ALA A 606 21.70 -33.46 -2.43
C ALA A 606 20.80 -32.30 -2.02
N VAL A 607 19.81 -32.61 -1.19
CA VAL A 607 18.82 -31.63 -0.77
C VAL A 607 18.88 -31.50 0.74
N LEU A 608 19.02 -30.27 1.22
CA LEU A 608 19.08 -29.98 2.65
C LEU A 608 17.78 -29.29 3.06
N TYR A 609 17.10 -29.86 4.03
CA TYR A 609 15.96 -29.22 4.68
C TYR A 609 16.47 -28.65 5.99
N GLN A 610 16.51 -27.33 6.08
CA GLN A 610 17.21 -26.65 7.15
C GLN A 610 16.38 -26.68 8.43
N GLY A 611 16.96 -27.25 9.49
CA GLY A 611 16.34 -27.18 10.80
C GLY A 611 15.11 -28.03 10.97
N VAL A 612 14.94 -29.08 10.17
CA VAL A 612 13.81 -30.00 10.29
C VAL A 612 14.35 -31.38 10.61
N ASN A 613 13.73 -32.04 11.58
CA ASN A 613 14.11 -33.41 11.93
C ASN A 613 13.88 -34.32 10.73
N CYS A 614 14.65 -35.40 10.68
CA CYS A 614 14.51 -36.35 9.57
C CYS A 614 13.33 -37.28 9.82
N THR A 615 12.17 -36.73 10.14
CA THR A 615 10.96 -37.53 10.33
C THR A 615 9.79 -36.91 9.59
N GLU A 616 9.81 -35.60 9.40
CA GLU A 616 8.73 -34.88 8.72
C GLU A 616 8.91 -34.83 7.22
N VAL A 617 10.05 -35.27 6.69
CA VAL A 617 10.29 -35.25 5.26
C VAL A 617 9.54 -36.42 4.62
N PRO A 618 9.03 -36.28 3.39
CA PRO A 618 8.35 -37.44 2.77
C PRO A 618 9.23 -38.67 2.68
N VAL A 619 10.42 -38.55 2.10
CA VAL A 619 11.33 -39.68 1.97
C VAL A 619 12.66 -39.20 1.39
N ASN A 638 20.45 -43.01 2.86
CA ASN A 638 20.82 -41.75 2.23
C ASN A 638 20.12 -40.57 2.90
N VAL A 639 20.02 -40.63 4.23
CA VAL A 639 19.44 -39.56 5.01
C VAL A 639 20.35 -39.31 6.21
N PHE A 640 20.77 -38.06 6.38
CA PHE A 640 21.70 -37.66 7.42
C PHE A 640 21.05 -36.57 8.25
N GLN A 641 21.11 -36.70 9.58
CA GLN A 641 20.49 -35.76 10.49
C GLN A 641 21.59 -34.96 11.18
N THR A 642 21.88 -33.77 10.67
CA THR A 642 22.85 -32.88 11.28
C THR A 642 22.11 -31.71 11.93
N ARG A 643 22.84 -30.97 12.77
CA ARG A 643 22.22 -29.83 13.44
C ARG A 643 21.71 -28.80 12.44
N ALA A 644 22.35 -28.71 11.27
CA ALA A 644 21.85 -27.81 10.25
C ALA A 644 20.49 -28.24 9.73
N GLY A 645 20.24 -29.54 9.65
CA GLY A 645 18.96 -30.04 9.21
C GLY A 645 19.10 -31.47 8.69
N CYS A 646 18.17 -31.84 7.82
CA CYS A 646 18.14 -33.17 7.23
C CYS A 646 18.70 -33.08 5.82
N LEU A 647 19.80 -33.81 5.58
CA LEU A 647 20.49 -33.83 4.30
C LEU A 647 20.21 -35.16 3.62
N ILE A 648 19.61 -35.10 2.42
CA ILE A 648 19.16 -36.28 1.70
C ILE A 648 19.92 -36.34 0.39
N GLY A 649 20.59 -37.45 0.14
CA GLY A 649 21.45 -37.61 -1.01
C GLY A 649 22.92 -37.43 -0.73
N ALA A 650 23.31 -37.33 0.53
CA ALA A 650 24.71 -37.20 0.92
C ALA A 650 25.10 -38.41 1.77
N GLU A 651 26.21 -39.03 1.41
CA GLU A 651 26.71 -40.22 2.12
C GLU A 651 27.64 -39.75 3.23
N HIS A 652 27.21 -39.93 4.47
CA HIS A 652 28.02 -39.51 5.61
C HIS A 652 29.35 -40.24 5.60
N VAL A 653 30.43 -39.49 5.80
CA VAL A 653 31.79 -40.02 5.77
C VAL A 653 32.47 -39.66 7.09
N ASN A 654 33.10 -40.65 7.72
CA ASN A 654 33.85 -40.38 8.95
C ASN A 654 35.12 -39.59 8.66
N ASN A 655 35.75 -39.84 7.52
CA ASN A 655 36.95 -39.10 7.16
C ASN A 655 36.65 -37.62 7.05
N SER A 656 37.60 -36.79 7.47
CA SER A 656 37.43 -35.34 7.48
C SER A 656 38.39 -34.71 6.48
N TYR A 657 37.84 -33.91 5.57
CA TYR A 657 38.61 -33.15 4.59
C TYR A 657 38.31 -31.66 4.79
N GLU A 658 38.96 -30.84 3.97
CA GLU A 658 38.70 -29.40 4.01
C GLU A 658 37.27 -29.13 3.56
N CYS A 659 36.73 -28.01 4.01
CA CYS A 659 35.36 -27.64 3.66
C CYS A 659 35.28 -27.29 2.18
N ASP A 660 34.28 -27.83 1.50
CA ASP A 660 34.07 -27.58 0.07
C ASP A 660 32.78 -26.82 -0.18
N ILE A 661 31.64 -27.31 0.30
CA ILE A 661 30.36 -26.64 0.16
C ILE A 661 29.74 -26.54 1.54
N PRO A 662 29.95 -25.44 2.27
CA PRO A 662 29.57 -25.44 3.69
C PRO A 662 28.06 -25.53 3.91
N ILE A 663 27.62 -26.68 4.41
CA ILE A 663 26.22 -26.85 4.79
C ILE A 663 25.92 -26.11 6.08
N GLY A 664 26.76 -26.29 7.09
CA GLY A 664 26.61 -25.60 8.36
C GLY A 664 26.77 -26.54 9.53
N ALA A 665 26.87 -25.93 10.71
CA ALA A 665 27.08 -26.67 11.96
C ALA A 665 28.38 -27.47 11.92
N GLY A 666 29.36 -27.00 11.15
CA GLY A 666 30.60 -27.72 10.97
C GLY A 666 30.55 -28.81 9.94
N ILE A 667 29.43 -28.97 9.23
CA ILE A 667 29.28 -30.00 8.21
C ILE A 667 29.46 -29.34 6.84
N CYS A 668 30.34 -29.92 6.02
CA CYS A 668 30.54 -29.48 4.65
C CYS A 668 30.45 -30.69 3.73
N ALA A 669 29.90 -30.48 2.55
CA ALA A 669 29.62 -31.54 1.59
C ALA A 669 30.45 -31.32 0.33
N SER A 670 31.11 -32.39 -0.14
CA SER A 670 31.93 -32.33 -1.33
C SER A 670 31.61 -33.51 -2.22
N TYR A 671 31.75 -33.31 -3.53
CA TYR A 671 31.53 -34.36 -4.52
C TYR A 671 32.84 -35.11 -4.73
N GLN A 672 32.88 -36.38 -4.33
CA GLN A 672 34.11 -37.16 -4.40
C GLN A 672 33.75 -38.63 -4.55
N THR A 673 34.77 -39.43 -4.87
CA THR A 673 34.60 -40.87 -4.99
C THR A 673 34.12 -41.48 -3.68
N SER A 686 30.54 -43.57 -10.09
CA SER A 686 30.81 -44.06 -8.73
C SER A 686 30.87 -42.89 -7.75
N GLN A 687 31.33 -41.73 -8.23
CA GLN A 687 31.46 -40.57 -7.37
C GLN A 687 30.08 -40.13 -6.86
N SER A 688 30.05 -39.68 -5.60
CA SER A 688 28.82 -39.23 -4.98
C SER A 688 29.14 -38.03 -4.09
N ILE A 689 28.09 -37.45 -3.53
CA ILE A 689 28.22 -36.30 -2.64
C ILE A 689 28.34 -36.82 -1.22
N ILE A 690 29.43 -36.49 -0.55
CA ILE A 690 29.72 -36.95 0.80
C ILE A 690 29.76 -35.74 1.72
N ALA A 691 29.01 -35.80 2.81
CA ALA A 691 29.01 -34.76 3.83
C ALA A 691 29.84 -35.22 5.01
N TYR A 692 30.66 -34.31 5.54
CA TYR A 692 31.57 -34.67 6.60
C TYR A 692 31.79 -33.47 7.51
N THR A 693 32.19 -33.75 8.75
CA THR A 693 32.62 -32.71 9.68
C THR A 693 33.89 -32.06 9.12
N MET A 694 33.78 -30.82 8.69
CA MET A 694 34.88 -30.19 7.96
C MET A 694 36.13 -30.14 8.83
N SER A 695 37.28 -30.32 8.19
CA SER A 695 38.56 -30.32 8.87
C SER A 695 39.13 -28.90 8.90
N LEU A 696 39.70 -28.53 10.04
CA LEU A 696 40.30 -27.20 10.20
C LEU A 696 41.77 -27.22 9.83
N GLY A 697 42.10 -27.71 8.65
CA GLY A 697 43.49 -27.80 8.25
C GLY A 697 44.19 -28.97 8.90
N VAL A 698 45.51 -29.00 8.69
CA VAL A 698 46.34 -30.12 9.13
C VAL A 698 46.89 -29.83 10.52
N GLU A 699 46.77 -30.81 11.42
CA GLU A 699 47.42 -30.69 12.72
C GLU A 699 48.93 -30.62 12.55
N ASN A 700 49.57 -29.84 13.42
CA ASN A 700 51.02 -29.66 13.35
C ASN A 700 51.52 -29.33 14.75
N SER A 701 52.08 -30.33 15.43
CA SER A 701 52.62 -30.14 16.77
C SER A 701 54.00 -29.51 16.65
N VAL A 702 54.13 -28.28 17.14
CA VAL A 702 55.42 -27.60 17.11
C VAL A 702 56.34 -28.25 18.13
N ALA A 703 57.53 -28.66 17.68
CA ALA A 703 58.46 -29.34 18.56
C ALA A 703 59.09 -28.36 19.53
N TYR A 704 58.28 -27.82 20.45
CA TYR A 704 58.72 -26.78 21.34
C TYR A 704 59.51 -27.35 22.51
N SER A 705 60.59 -26.66 22.88
CA SER A 705 61.36 -26.98 24.06
C SER A 705 62.09 -25.71 24.50
N ASN A 706 62.46 -25.67 25.77
CA ASN A 706 63.01 -24.45 26.32
C ASN A 706 64.37 -24.09 25.75
N ASN A 707 65.02 -24.99 25.01
CA ASN A 707 66.35 -24.73 24.48
C ASN A 707 66.44 -25.17 23.03
N SER A 708 65.43 -24.85 22.23
CA SER A 708 65.43 -25.20 20.82
C SER A 708 64.80 -24.09 20.02
N ILE A 709 65.51 -23.61 19.00
CA ILE A 709 65.01 -22.58 18.10
C ILE A 709 65.18 -23.06 16.67
N ALA A 710 64.15 -22.88 15.86
CA ALA A 710 64.21 -23.23 14.45
C ALA A 710 64.42 -21.95 13.66
N ILE A 711 65.54 -21.88 12.94
CA ILE A 711 65.84 -20.69 12.14
C ILE A 711 65.72 -21.05 10.67
N PRO A 712 65.15 -20.19 9.82
CA PRO A 712 65.04 -20.52 8.40
C PRO A 712 66.35 -20.28 7.67
N THR A 713 66.76 -21.27 6.88
CA THR A 713 68.00 -21.21 6.12
C THR A 713 67.79 -20.68 4.70
N ASN A 714 66.57 -20.36 4.31
CA ASN A 714 66.27 -19.99 2.94
C ASN A 714 64.99 -19.18 2.94
N PHE A 715 64.69 -18.58 1.79
CA PHE A 715 63.50 -17.75 1.68
C PHE A 715 62.88 -17.93 0.31
N THR A 716 61.69 -17.37 0.15
CA THR A 716 61.00 -17.32 -1.12
C THR A 716 60.28 -15.98 -1.22
N ILE A 717 60.35 -15.36 -2.39
CA ILE A 717 59.71 -14.08 -2.64
C ILE A 717 58.36 -14.39 -3.29
N SER A 718 57.30 -14.29 -2.50
CA SER A 718 55.96 -14.66 -2.94
C SER A 718 55.21 -13.41 -3.34
N VAL A 719 54.71 -13.37 -4.57
CA VAL A 719 53.92 -12.27 -5.08
C VAL A 719 52.46 -12.71 -5.05
N THR A 720 51.74 -12.28 -4.03
CA THR A 720 50.31 -12.56 -3.91
C THR A 720 49.51 -11.41 -4.50
N THR A 721 48.20 -11.60 -4.56
CA THR A 721 47.29 -10.62 -5.14
C THR A 721 46.21 -10.26 -4.13
N GLU A 722 45.81 -9.00 -4.13
CA GLU A 722 44.76 -8.51 -3.23
C GLU A 722 43.87 -7.58 -4.01
N ILE A 723 42.62 -7.98 -4.24
CA ILE A 723 41.70 -7.28 -5.12
C ILE A 723 40.66 -6.58 -4.27
N LEU A 724 40.58 -5.26 -4.39
CA LEU A 724 39.71 -4.44 -3.56
C LEU A 724 38.77 -3.62 -4.43
N PRO A 725 37.46 -3.72 -4.25
CA PRO A 725 36.57 -2.74 -4.89
C PRO A 725 36.91 -1.34 -4.39
N VAL A 726 36.87 -0.38 -5.33
CA VAL A 726 37.18 1.01 -5.03
C VAL A 726 35.98 1.92 -5.31
N SER A 727 35.28 1.68 -6.40
CA SER A 727 34.12 2.48 -6.76
C SER A 727 33.10 1.57 -7.41
N MET A 728 31.86 2.04 -7.48
CA MET A 728 30.77 1.32 -8.11
C MET A 728 30.14 2.21 -9.17
N THR A 729 29.21 1.63 -9.92
CA THR A 729 28.57 2.38 -11.00
C THR A 729 27.86 3.61 -10.44
N LYS A 730 28.03 4.73 -11.13
CA LYS A 730 27.38 5.98 -10.75
C LYS A 730 26.03 6.03 -11.46
N THR A 731 24.98 5.64 -10.75
CA THR A 731 23.64 5.57 -11.31
C THR A 731 22.80 6.71 -10.76
N SER A 732 22.12 7.42 -11.66
CA SER A 732 21.11 8.39 -11.29
C SER A 732 19.77 7.92 -11.85
N VAL A 733 18.70 8.25 -11.15
CA VAL A 733 17.36 7.82 -11.53
C VAL A 733 16.47 9.04 -11.61
N ASP A 734 15.86 9.26 -12.76
CA ASP A 734 14.91 10.36 -12.96
C ASP A 734 13.61 9.97 -12.29
N CYS A 735 13.48 10.36 -11.02
CA CYS A 735 12.35 9.92 -10.20
C CYS A 735 11.02 10.17 -10.91
N THR A 736 10.84 11.39 -11.43
CA THR A 736 9.59 11.71 -12.10
C THR A 736 9.35 10.79 -13.29
N MET A 737 10.36 10.64 -14.16
CA MET A 737 10.19 9.83 -15.36
C MET A 737 9.97 8.35 -15.00
N TYR A 738 10.70 7.85 -14.01
CA TYR A 738 10.54 6.46 -13.63
C TYR A 738 9.15 6.19 -13.08
N ILE A 739 8.72 7.00 -12.11
CA ILE A 739 7.43 6.76 -11.47
C ILE A 739 6.29 7.04 -12.43
N CYS A 740 6.40 8.11 -13.21
CA CYS A 740 5.31 8.65 -14.01
C CYS A 740 5.74 8.90 -15.45
N GLY A 741 6.35 7.89 -16.07
CA GLY A 741 6.90 8.07 -17.39
C GLY A 741 5.92 8.65 -18.40
N ASP A 742 6.15 9.90 -18.79
CA ASP A 742 5.34 10.56 -19.83
C ASP A 742 3.85 10.50 -19.52
N SER A 743 3.49 10.88 -18.30
CA SER A 743 2.09 10.94 -17.88
C SER A 743 1.88 12.23 -17.09
N THR A 744 1.03 13.11 -17.58
CA THR A 744 0.78 14.37 -16.89
C THR A 744 -0.06 14.16 -15.64
N GLU A 745 -1.11 13.35 -15.73
CA GLU A 745 -1.95 13.10 -14.55
C GLU A 745 -1.14 12.41 -13.47
N CYS A 746 -0.29 11.45 -13.85
CA CYS A 746 0.56 10.78 -12.87
C CYS A 746 1.50 11.78 -12.22
N SER A 747 2.07 12.70 -13.00
CA SER A 747 2.95 13.71 -12.43
C SER A 747 2.22 14.60 -11.44
N ASN A 748 1.00 15.02 -11.78
CA ASN A 748 0.23 15.85 -10.87
C ASN A 748 -0.08 15.10 -9.58
N LEU A 749 -0.42 13.82 -9.69
CA LEU A 749 -0.65 13.01 -8.49
C LEU A 749 0.62 12.91 -7.67
N LEU A 750 1.77 12.69 -8.32
CA LEU A 750 3.02 12.52 -7.60
C LEU A 750 3.46 13.80 -6.91
N LEU A 751 3.08 14.96 -7.46
CA LEU A 751 3.45 16.22 -6.82
C LEU A 751 2.98 16.28 -5.38
N GLN A 752 1.88 15.59 -5.05
CA GLN A 752 1.33 15.66 -3.70
C GLN A 752 2.25 15.03 -2.67
N TYR A 753 3.19 14.17 -3.08
CA TYR A 753 4.07 13.48 -2.15
C TYR A 753 5.25 14.33 -1.72
N GLY A 754 5.21 15.63 -1.94
CA GLY A 754 6.25 16.49 -1.40
C GLY A 754 7.57 16.32 -2.13
N SER A 755 8.65 16.30 -1.36
CA SER A 755 10.01 16.36 -1.90
C SER A 755 10.67 15.00 -1.93
N PHE A 756 9.91 13.93 -2.18
CA PHE A 756 10.52 12.60 -2.26
C PHE A 756 11.52 12.53 -3.40
N CYS A 757 11.12 12.95 -4.60
CA CYS A 757 12.00 12.82 -5.75
C CYS A 757 13.28 13.60 -5.56
N THR A 758 13.19 14.81 -5.01
CA THR A 758 14.39 15.63 -4.84
C THR A 758 15.36 14.97 -3.86
N GLN A 759 14.85 14.38 -2.78
CA GLN A 759 15.75 13.76 -1.82
C GLN A 759 16.35 12.47 -2.39
N LEU A 760 15.59 11.71 -3.17
CA LEU A 760 16.16 10.54 -3.82
C LEU A 760 17.28 10.94 -4.77
N ASN A 761 17.06 12.00 -5.56
CA ASN A 761 18.09 12.47 -6.46
C ASN A 761 19.31 12.96 -5.69
N ARG A 762 19.08 13.65 -4.57
CA ARG A 762 20.21 14.12 -3.77
C ARG A 762 21.01 12.95 -3.24
N ALA A 763 20.34 11.90 -2.76
CA ALA A 763 21.05 10.74 -2.25
C ALA A 763 21.88 10.07 -3.34
N LEU A 764 21.29 9.88 -4.51
CA LEU A 764 22.03 9.24 -5.60
C LEU A 764 23.22 10.10 -6.05
N THR A 765 23.02 11.41 -6.14
CA THR A 765 24.12 12.29 -6.51
C THR A 765 25.22 12.26 -5.47
N GLY A 766 24.86 12.21 -4.19
CA GLY A 766 25.87 12.07 -3.15
C GLY A 766 26.64 10.78 -3.30
N ILE A 767 25.95 9.70 -3.63
CA ILE A 767 26.65 8.43 -3.84
C ILE A 767 27.64 8.55 -5.01
N ALA A 768 27.20 9.19 -6.10
CA ALA A 768 28.08 9.32 -7.26
C ALA A 768 29.32 10.15 -6.93
N VAL A 769 29.12 11.28 -6.26
CA VAL A 769 30.27 12.11 -5.87
C VAL A 769 31.17 11.33 -4.93
N GLU A 770 30.58 10.51 -4.06
CA GLU A 770 31.37 9.68 -3.18
C GLU A 770 32.23 8.70 -3.97
N GLN A 771 31.67 8.11 -5.02
CA GLN A 771 32.47 7.18 -5.84
C GLN A 771 33.63 7.90 -6.50
N ASP A 772 33.37 9.11 -7.03
CA ASP A 772 34.46 9.88 -7.63
C ASP A 772 35.55 10.15 -6.60
N LYS A 773 35.15 10.55 -5.38
CA LYS A 773 36.13 10.83 -4.34
C LYS A 773 36.88 9.57 -3.93
N ASN A 774 36.19 8.42 -3.93
CA ASN A 774 36.86 7.17 -3.59
C ASN A 774 37.96 6.86 -4.59
N THR A 775 37.66 6.98 -5.88
CA THR A 775 38.69 6.73 -6.89
C THR A 775 39.83 7.73 -6.75
N GLN A 776 39.50 9.00 -6.51
CA GLN A 776 40.53 10.00 -6.32
C GLN A 776 41.45 9.63 -5.17
N GLU A 777 40.87 9.29 -4.02
CA GLU A 777 41.68 8.94 -2.85
C GLU A 777 42.55 7.72 -3.13
N VAL A 778 41.98 6.68 -3.74
CA VAL A 778 42.72 5.45 -3.91
C VAL A 778 43.88 5.63 -4.88
N PHE A 779 43.64 6.31 -6.00
CA PHE A 779 44.65 6.41 -7.04
C PHE A 779 45.38 7.75 -7.02
N ALA A 780 44.65 8.86 -6.95
CA ALA A 780 45.28 10.17 -7.04
C ALA A 780 46.02 10.50 -5.76
N GLN A 781 47.10 9.75 -5.48
CA GLN A 781 47.97 10.01 -4.35
C GLN A 781 49.37 10.40 -4.77
N VAL A 782 49.70 10.31 -6.05
CA VAL A 782 51.02 10.68 -6.56
C VAL A 782 50.92 12.10 -7.10
N LYS A 783 51.72 13.00 -6.54
CA LYS A 783 51.61 14.41 -6.91
C LYS A 783 51.92 14.63 -8.39
N GLN A 784 52.97 14.00 -8.89
CA GLN A 784 53.40 14.12 -10.27
C GLN A 784 53.07 12.83 -11.02
N ILE A 785 53.50 12.77 -12.27
CA ILE A 785 53.32 11.58 -13.10
C ILE A 785 54.72 11.13 -13.51
N TYR A 786 55.30 10.24 -12.72
CA TYR A 786 56.61 9.70 -13.03
C TYR A 786 56.48 8.64 -14.12
N LYS A 787 57.46 8.61 -15.02
CA LYS A 787 57.52 7.59 -16.05
C LYS A 787 58.89 6.92 -16.00
N THR A 788 58.89 5.60 -16.00
CA THR A 788 60.13 4.86 -15.87
C THR A 788 61.01 5.11 -17.11
N PRO A 789 62.33 5.14 -16.94
CA PRO A 789 63.21 5.37 -18.08
C PRO A 789 63.15 4.21 -19.05
N PRO A 790 63.51 4.44 -20.31
CA PRO A 790 63.50 3.33 -21.28
C PRO A 790 64.41 2.17 -20.89
N ILE A 791 65.51 2.46 -20.18
CA ILE A 791 66.47 1.43 -19.80
C ILE A 791 65.91 0.68 -18.60
N LYS A 792 65.71 -0.63 -18.75
CA LYS A 792 65.21 -1.48 -17.66
C LYS A 792 66.36 -2.20 -16.97
N ASP A 793 67.24 -1.41 -16.36
CA ASP A 793 68.37 -1.94 -15.60
C ASP A 793 68.01 -1.93 -14.12
N PHE A 794 67.18 -2.90 -13.74
CA PHE A 794 66.64 -3.00 -12.39
C PHE A 794 67.30 -4.13 -11.60
N GLY A 795 68.58 -4.39 -11.84
CA GLY A 795 69.28 -5.39 -11.07
C GLY A 795 68.81 -6.81 -11.29
N GLY A 796 68.04 -7.06 -12.35
CA GLY A 796 67.54 -8.37 -12.67
C GLY A 796 66.04 -8.52 -12.52
N PHE A 797 65.39 -7.64 -11.77
CA PHE A 797 63.95 -7.69 -11.63
C PHE A 797 63.29 -7.25 -12.94
N ASN A 798 62.29 -8.01 -13.38
CA ASN A 798 61.68 -7.83 -14.69
C ASN A 798 60.25 -7.34 -14.50
N PHE A 799 60.05 -6.05 -14.76
CA PHE A 799 58.74 -5.42 -14.57
C PHE A 799 57.99 -5.23 -15.88
N SER A 800 58.46 -5.82 -16.97
CA SER A 800 57.81 -5.61 -18.26
C SER A 800 56.34 -6.01 -18.23
N GLN A 801 55.95 -6.92 -17.34
CA GLN A 801 54.58 -7.42 -17.29
C GLN A 801 53.67 -6.61 -16.39
N ILE A 802 54.19 -5.61 -15.69
CA ILE A 802 53.36 -4.69 -14.93
C ILE A 802 53.49 -3.25 -15.39
N LEU A 803 54.60 -2.87 -16.03
CA LEU A 803 54.73 -1.53 -16.57
C LEU A 803 53.82 -1.37 -17.78
N PRO A 804 53.44 -0.14 -18.11
CA PRO A 804 52.55 0.07 -19.25
C PRO A 804 53.17 -0.41 -20.55
N ASP A 805 52.31 -0.87 -21.46
CA ASP A 805 52.75 -1.38 -22.75
C ASP A 805 52.56 -0.29 -23.80
N PRO A 806 53.64 0.26 -24.38
CA PRO A 806 53.45 1.27 -25.42
C PRO A 806 52.66 0.77 -26.62
N SER A 807 52.79 -0.52 -26.95
CA SER A 807 52.07 -1.05 -28.11
C SER A 807 50.56 -0.91 -27.93
N LYS A 808 50.05 -1.19 -26.74
CA LYS A 808 48.63 -1.01 -26.47
C LYS A 808 48.28 0.47 -26.63
N PRO A 809 47.19 0.80 -27.32
CA PRO A 809 46.82 2.23 -27.44
C PRO A 809 46.64 2.90 -26.08
N SER A 810 46.08 2.18 -25.11
CA SER A 810 45.98 2.70 -23.76
C SER A 810 47.27 2.45 -23.01
N LYS A 811 47.53 3.28 -21.99
CA LYS A 811 48.71 3.12 -21.17
C LYS A 811 48.46 2.06 -20.11
N ARG A 812 48.01 0.88 -20.55
CA ARG A 812 47.57 -0.19 -19.66
C ARG A 812 48.54 -1.36 -19.76
N SER A 813 49.01 -1.83 -18.62
CA SER A 813 49.97 -2.92 -18.59
C SER A 813 49.32 -4.22 -19.03
N PHE A 814 50.14 -5.26 -19.13
CA PHE A 814 49.63 -6.57 -19.55
C PHE A 814 48.67 -7.14 -18.52
N ILE A 815 49.05 -7.12 -17.25
CA ILE A 815 48.20 -7.69 -16.21
C ILE A 815 46.91 -6.87 -16.09
N GLU A 816 47.01 -5.54 -16.22
CA GLU A 816 45.80 -4.74 -16.24
C GLU A 816 44.91 -5.11 -17.41
N ASP A 817 45.53 -5.43 -18.56
CA ASP A 817 44.75 -5.87 -19.71
C ASP A 817 44.02 -7.16 -19.41
N LEU A 818 44.70 -8.12 -18.78
CA LEU A 818 44.03 -9.36 -18.40
C LEU A 818 42.88 -9.10 -17.44
N LEU A 819 43.10 -8.26 -16.44
CA LEU A 819 42.05 -7.97 -15.46
C LEU A 819 40.85 -7.32 -16.13
N PHE A 820 41.10 -6.39 -17.05
CA PHE A 820 39.98 -5.75 -17.75
C PHE A 820 39.25 -6.74 -18.64
N ASN A 821 39.97 -7.63 -19.31
CA ASN A 821 39.31 -8.63 -20.15
C ASN A 821 38.45 -9.57 -19.32
N LYS A 822 38.94 -9.98 -18.14
CA LYS A 822 38.23 -10.96 -17.34
C LYS A 822 36.92 -10.37 -16.81
N VAL A 823 37.01 -9.32 -16.00
CA VAL A 823 35.82 -8.74 -15.39
C VAL A 823 34.95 -8.14 -16.49
N THR A 824 33.66 -8.48 -16.45
CA THR A 824 32.71 -8.03 -17.47
C THR A 824 31.82 -6.93 -16.92
N PHE A 852 17.11 2.93 -19.04
CA PHE A 852 16.26 3.45 -20.11
C PHE A 852 14.83 3.65 -19.63
N ASN A 853 14.66 3.78 -18.32
CA ASN A 853 13.41 4.16 -17.69
C ASN A 853 13.64 5.31 -16.73
N GLY A 854 14.46 6.27 -17.14
CA GLY A 854 15.00 7.26 -16.24
C GLY A 854 16.25 6.83 -15.52
N LEU A 855 16.77 5.63 -15.83
CA LEU A 855 17.96 5.09 -15.19
C LEU A 855 19.16 5.42 -16.06
N THR A 856 19.94 6.42 -15.66
CA THR A 856 21.13 6.83 -16.39
C THR A 856 22.37 6.45 -15.59
N VAL A 857 23.44 6.11 -16.31
CA VAL A 857 24.70 5.71 -15.71
C VAL A 857 25.71 6.81 -16.00
N LEU A 858 26.02 7.62 -15.00
CA LEU A 858 26.98 8.70 -15.19
C LEU A 858 28.37 8.13 -15.38
N PRO A 859 29.10 8.52 -16.43
CA PRO A 859 30.46 8.02 -16.61
C PRO A 859 31.36 8.48 -15.47
N PRO A 860 32.32 7.66 -15.06
CA PRO A 860 33.22 8.09 -13.97
C PRO A 860 34.05 9.29 -14.41
N LEU A 861 34.39 10.14 -13.44
CA LEU A 861 35.17 11.32 -13.75
C LEU A 861 36.52 10.94 -14.34
N LEU A 862 37.18 9.94 -13.76
CA LEU A 862 38.48 9.49 -14.23
C LEU A 862 38.30 8.35 -15.23
N THR A 863 38.70 8.61 -16.47
CA THR A 863 38.67 7.56 -17.48
C THR A 863 39.64 6.44 -17.13
N ASP A 864 39.34 5.25 -17.64
CA ASP A 864 40.24 4.13 -17.41
C ASP A 864 41.65 4.45 -17.87
N GLU A 865 41.79 5.29 -18.89
CA GLU A 865 43.12 5.73 -19.30
C GLU A 865 43.79 6.52 -18.20
N MET A 866 43.04 7.40 -17.52
CA MET A 866 43.62 8.20 -16.45
C MET A 866 43.96 7.33 -15.24
N ILE A 867 43.12 6.35 -14.92
CA ILE A 867 43.44 5.44 -13.82
C ILE A 867 44.69 4.64 -14.16
N ALA A 868 44.81 4.21 -15.41
CA ALA A 868 46.03 3.52 -15.83
C ALA A 868 47.24 4.43 -15.73
N GLN A 869 47.08 5.71 -16.07
CA GLN A 869 48.17 6.65 -15.92
C GLN A 869 48.58 6.80 -14.46
N TYR A 870 47.60 6.87 -13.57
CA TYR A 870 47.91 6.99 -12.13
C TYR A 870 48.65 5.76 -11.65
N THR A 871 48.18 4.57 -12.01
CA THR A 871 48.84 3.36 -11.56
C THR A 871 50.24 3.26 -12.15
N SER A 872 50.42 3.67 -13.40
CA SER A 872 51.73 3.64 -14.01
C SER A 872 52.68 4.63 -13.33
N ALA A 873 52.17 5.81 -12.97
CA ALA A 873 52.99 6.77 -12.24
C ALA A 873 53.41 6.21 -10.89
N LEU A 874 52.47 5.59 -10.19
CA LEU A 874 52.81 4.98 -8.90
C LEU A 874 53.84 3.87 -9.07
N LEU A 875 53.69 3.04 -10.11
CA LEU A 875 54.63 1.96 -10.33
C LEU A 875 56.02 2.49 -10.66
N ALA A 876 56.11 3.46 -11.56
CA ALA A 876 57.40 4.03 -11.92
C ALA A 876 58.05 4.72 -10.73
N GLY A 877 57.27 5.45 -9.95
CA GLY A 877 57.83 6.09 -8.77
C GLY A 877 58.35 5.09 -7.77
N THR A 878 57.57 4.04 -7.50
CA THR A 878 58.01 3.02 -6.55
C THR A 878 59.27 2.34 -7.04
N ILE A 879 59.34 2.06 -8.35
CA ILE A 879 60.47 1.31 -8.89
C ILE A 879 61.74 2.16 -8.89
N THR A 880 61.62 3.43 -9.29
CA THR A 880 62.79 4.27 -9.50
C THR A 880 63.15 5.14 -8.31
N SER A 881 62.30 5.21 -7.28
CA SER A 881 62.56 6.07 -6.14
C SER A 881 62.24 5.45 -4.80
N GLY A 882 61.71 4.23 -4.75
CA GLY A 882 61.40 3.63 -3.48
C GLY A 882 60.21 4.30 -2.82
N TRP A 883 60.24 4.33 -1.49
CA TRP A 883 59.17 4.97 -0.72
C TRP A 883 59.37 6.47 -0.59
N THR A 884 60.47 7.02 -1.12
CA THR A 884 60.75 8.43 -0.94
C THR A 884 59.67 9.30 -1.58
N PHE A 885 59.20 8.92 -2.77
CA PHE A 885 58.26 9.77 -3.49
C PHE A 885 56.96 9.95 -2.72
N GLY A 886 56.62 9.03 -1.82
CA GLY A 886 55.44 9.21 -0.99
C GLY A 886 55.59 10.35 -0.01
N ALA A 887 56.79 10.52 0.56
CA ALA A 887 57.01 11.55 1.57
C ALA A 887 57.23 12.91 0.92
N GLY A 888 58.27 13.05 0.11
CA GLY A 888 58.58 14.31 -0.53
C GLY A 888 58.95 14.16 -1.99
N ALA A 889 60.03 14.81 -2.40
CA ALA A 889 60.50 14.70 -3.78
C ALA A 889 60.97 13.28 -4.05
N ALA A 890 60.72 12.82 -5.28
CA ALA A 890 61.13 11.47 -5.66
C ALA A 890 62.64 11.42 -5.83
N LEU A 891 63.30 10.63 -5.01
CA LEU A 891 64.76 10.53 -4.99
C LEU A 891 65.16 9.22 -5.66
N GLN A 892 65.81 9.32 -6.81
CA GLN A 892 66.20 8.12 -7.53
C GLN A 892 67.13 7.28 -6.67
N ILE A 893 67.06 5.96 -6.87
CA ILE A 893 67.88 5.02 -6.13
C ILE A 893 67.86 3.70 -6.90
N PRO A 894 68.99 3.02 -7.08
CA PRO A 894 68.97 1.76 -7.81
C PRO A 894 68.03 0.77 -7.16
N PHE A 895 67.29 0.02 -7.97
CA PHE A 895 66.29 -0.87 -7.41
C PHE A 895 66.92 -1.91 -6.49
N ALA A 896 68.15 -2.34 -6.80
CA ALA A 896 68.81 -3.30 -5.92
C ALA A 896 69.00 -2.72 -4.52
N MET A 897 69.41 -1.45 -4.45
CA MET A 897 69.57 -0.81 -3.15
C MET A 897 68.22 -0.59 -2.47
N GLN A 898 67.17 -0.32 -3.25
CA GLN A 898 65.85 -0.21 -2.68
C GLN A 898 65.42 -1.52 -2.04
N MET A 899 65.66 -2.65 -2.71
CA MET A 899 65.34 -3.93 -2.11
C MET A 899 66.24 -4.25 -0.92
N ALA A 900 67.48 -3.76 -0.94
CA ALA A 900 68.32 -3.90 0.24
C ALA A 900 67.71 -3.17 1.43
N TYR A 901 67.20 -1.96 1.20
CA TYR A 901 66.54 -1.23 2.28
C TYR A 901 65.28 -1.96 2.75
N ARG A 902 64.51 -2.51 1.81
CA ARG A 902 63.28 -3.18 2.16
C ARG A 902 63.55 -4.49 2.89
N PHE A 903 64.70 -5.10 2.64
CA PHE A 903 65.15 -6.25 3.44
C PHE A 903 65.55 -5.80 4.83
N ASN A 904 66.29 -4.69 4.92
CA ASN A 904 66.60 -4.12 6.24
C ASN A 904 65.32 -3.87 7.02
N GLY A 905 64.24 -3.52 6.33
CA GLY A 905 62.99 -3.23 7.02
C GLY A 905 62.46 -4.42 7.79
N ILE A 906 62.56 -5.62 7.23
CA ILE A 906 61.93 -6.79 7.80
C ILE A 906 62.91 -7.55 8.68
N GLY A 907 63.98 -6.90 9.08
CA GLY A 907 64.93 -7.51 10.00
C GLY A 907 65.93 -8.44 9.37
N VAL A 908 66.04 -8.46 8.05
CA VAL A 908 67.02 -9.28 7.34
C VAL A 908 68.16 -8.38 6.92
N THR A 909 69.38 -8.74 7.32
CA THR A 909 70.54 -7.92 7.00
C THR A 909 70.66 -7.75 5.50
N GLN A 910 71.03 -6.56 5.06
CA GLN A 910 70.92 -6.22 3.65
C GLN A 910 71.78 -7.10 2.76
N ASN A 911 72.92 -7.58 3.27
CA ASN A 911 73.78 -8.40 2.43
C ASN A 911 73.06 -9.63 1.92
N VAL A 912 72.15 -10.20 2.74
CA VAL A 912 71.35 -11.34 2.31
C VAL A 912 70.78 -11.08 0.92
N LEU A 913 70.32 -9.85 0.68
CA LEU A 913 69.80 -9.51 -0.65
C LEU A 913 70.90 -9.58 -1.69
N TYR A 914 71.96 -8.79 -1.52
CA TYR A 914 72.96 -8.68 -2.57
C TYR A 914 73.54 -10.04 -2.93
N GLU A 915 73.98 -10.79 -1.93
CA GLU A 915 74.63 -12.07 -2.19
C GLU A 915 73.70 -13.10 -2.81
N ASN A 916 72.38 -12.84 -2.80
CA ASN A 916 71.41 -13.73 -3.42
C ASN A 916 70.61 -13.00 -4.50
N GLN A 917 71.08 -11.81 -4.91
CA GLN A 917 70.26 -10.94 -5.73
C GLN A 917 69.71 -11.67 -6.94
N LYS A 918 70.58 -12.30 -7.72
CA LYS A 918 70.12 -13.00 -8.92
C LYS A 918 69.00 -13.96 -8.57
N LEU A 919 69.25 -14.84 -7.58
CA LEU A 919 68.21 -15.78 -7.18
C LEU A 919 66.91 -15.05 -6.89
N ILE A 920 66.97 -14.04 -6.04
CA ILE A 920 65.75 -13.31 -5.69
C ILE A 920 65.08 -12.81 -6.96
N ALA A 921 65.85 -12.18 -7.84
CA ALA A 921 65.26 -11.67 -9.08
C ALA A 921 64.50 -12.79 -9.80
N ASN A 922 65.17 -13.93 -10.01
CA ASN A 922 64.48 -15.03 -10.69
C ASN A 922 63.18 -15.34 -9.97
N GLN A 923 63.24 -15.57 -8.66
CA GLN A 923 62.01 -15.88 -7.93
C GLN A 923 60.96 -14.83 -8.22
N PHE A 924 61.31 -13.56 -8.05
CA PHE A 924 60.32 -12.51 -8.28
C PHE A 924 59.73 -12.66 -9.67
N ASN A 925 60.59 -12.75 -10.69
CA ASN A 925 60.08 -12.91 -12.04
C ASN A 925 59.15 -14.10 -12.12
N SER A 926 59.62 -15.26 -11.64
CA SER A 926 58.76 -16.44 -11.67
C SER A 926 57.44 -16.16 -10.98
N ALA A 927 57.50 -15.58 -9.77
CA ALA A 927 56.27 -15.25 -9.09
C ALA A 927 55.37 -14.41 -9.97
N ILE A 928 55.91 -13.33 -10.54
CA ILE A 928 55.11 -12.49 -11.42
C ILE A 928 54.53 -13.34 -12.53
N GLY A 929 55.37 -14.16 -13.17
CA GLY A 929 54.86 -15.01 -14.22
C GLY A 929 53.68 -15.84 -13.76
N LYS A 930 53.84 -16.51 -12.62
CA LYS A 930 52.74 -17.34 -12.13
C LYS A 930 51.48 -16.52 -11.97
N ILE A 931 51.59 -15.30 -11.44
CA ILE A 931 50.42 -14.44 -11.29
C ILE A 931 49.64 -14.42 -12.60
N GLN A 932 50.33 -14.08 -13.69
CA GLN A 932 49.64 -14.00 -14.98
C GLN A 932 48.89 -15.29 -15.26
N ASP A 933 49.57 -16.43 -15.16
CA ASP A 933 48.91 -17.68 -15.45
C ASP A 933 47.65 -17.83 -14.62
N SER A 934 47.74 -17.57 -13.32
CA SER A 934 46.54 -17.66 -12.48
C SER A 934 45.46 -16.76 -13.03
N LEU A 935 45.77 -15.48 -13.26
CA LEU A 935 44.77 -14.58 -13.82
C LEU A 935 44.31 -15.07 -15.18
N SER A 936 45.24 -15.62 -15.98
CA SER A 936 44.86 -16.15 -17.28
C SER A 936 43.95 -17.36 -17.13
N SER A 937 44.20 -18.20 -16.12
CA SER A 937 43.52 -19.48 -16.04
C SER A 937 42.20 -19.38 -15.28
N THR A 938 42.26 -18.98 -14.01
CA THR A 938 41.10 -18.97 -13.14
C THR A 938 40.60 -17.55 -12.95
N ALA A 939 39.30 -17.35 -13.17
CA ALA A 939 38.67 -16.05 -13.00
C ALA A 939 37.96 -15.91 -11.66
N SER A 940 38.00 -16.94 -10.82
CA SER A 940 37.35 -16.87 -9.52
C SER A 940 38.03 -15.84 -8.61
N ALA A 941 39.30 -15.53 -8.88
CA ALA A 941 40.01 -14.57 -8.04
C ALA A 941 39.37 -13.18 -8.13
N LEU A 942 39.00 -12.75 -9.33
CA LEU A 942 38.44 -11.42 -9.52
C LEU A 942 37.02 -11.29 -9.00
N GLY A 943 36.49 -12.30 -8.33
CA GLY A 943 35.09 -12.26 -7.92
C GLY A 943 34.74 -10.99 -7.19
N LYS A 944 35.61 -10.55 -6.28
CA LYS A 944 35.32 -9.36 -5.48
C LYS A 944 34.86 -8.22 -6.36
N LEU A 945 35.53 -8.01 -7.49
CA LEU A 945 35.08 -7.00 -8.44
C LEU A 945 33.82 -7.48 -9.18
N GLN A 946 33.91 -8.65 -9.82
CA GLN A 946 32.80 -9.14 -10.61
C GLN A 946 31.52 -9.16 -9.78
N ASP A 947 31.58 -9.78 -8.60
CA ASP A 947 30.45 -9.77 -7.67
C ASP A 947 29.84 -8.38 -7.59
N VAL A 948 30.65 -7.39 -7.22
CA VAL A 948 30.15 -6.02 -7.09
C VAL A 948 29.32 -5.67 -8.31
N VAL A 949 29.94 -5.78 -9.50
CA VAL A 949 29.23 -5.44 -10.74
C VAL A 949 27.86 -6.09 -10.73
N ASN A 950 27.82 -7.42 -10.60
CA ASN A 950 26.55 -8.12 -10.67
C ASN A 950 25.55 -7.50 -9.72
N GLN A 951 25.95 -7.32 -8.45
CA GLN A 951 25.04 -6.73 -7.49
C GLN A 951 24.39 -5.48 -8.07
N ASN A 952 25.20 -4.49 -8.44
CA ASN A 952 24.65 -3.26 -8.97
C ASN A 952 23.72 -3.58 -10.13
N ALA A 953 24.21 -4.33 -11.11
CA ALA A 953 23.38 -4.66 -12.26
C ALA A 953 22.08 -5.30 -11.80
N GLN A 954 22.18 -6.30 -10.92
CA GLN A 954 20.99 -6.97 -10.43
C GLN A 954 19.98 -5.95 -9.94
N ALA A 955 20.43 -5.03 -9.07
CA ALA A 955 19.52 -4.04 -8.52
C ALA A 955 18.78 -3.33 -9.64
N LEU A 956 19.53 -2.80 -10.61
CA LEU A 956 18.88 -2.07 -11.69
C LEU A 956 17.82 -2.93 -12.34
N ASN A 957 18.17 -4.17 -12.69
CA ASN A 957 17.19 -5.05 -13.29
C ASN A 957 15.95 -5.13 -12.43
N THR A 958 16.13 -5.45 -11.15
CA THR A 958 14.98 -5.50 -10.24
C THR A 958 14.18 -4.22 -10.34
N LEU A 959 14.86 -3.07 -10.22
CA LEU A 959 14.16 -1.80 -10.30
C LEU A 959 13.33 -1.73 -11.57
N VAL A 960 13.94 -2.06 -12.71
CA VAL A 960 13.20 -1.98 -13.97
C VAL A 960 12.03 -2.96 -13.96
N LYS A 961 12.25 -4.16 -13.42
CA LYS A 961 11.17 -5.13 -13.36
C LYS A 961 10.02 -4.63 -12.50
N GLN A 962 10.32 -3.77 -11.52
CA GLN A 962 9.24 -3.23 -10.69
C GLN A 962 8.31 -2.33 -11.49
N LEU A 963 8.70 -1.92 -12.69
CA LEU A 963 7.77 -1.18 -13.54
C LEU A 963 6.70 -2.07 -14.15
N SER A 964 6.85 -3.39 -14.07
CA SER A 964 5.90 -4.33 -14.65
C SER A 964 5.05 -5.02 -13.59
N SER A 965 4.84 -4.38 -12.44
CA SER A 965 4.06 -4.96 -11.35
C SER A 965 2.79 -4.16 -11.14
N ASN A 966 1.73 -4.86 -10.76
CA ASN A 966 0.43 -4.21 -10.56
C ASN A 966 0.37 -3.42 -9.27
N PHE A 967 0.97 -3.94 -8.20
CA PHE A 967 0.88 -3.34 -6.87
C PHE A 967 -0.56 -3.21 -6.39
N GLY A 968 -1.48 -3.96 -7.00
CA GLY A 968 -2.89 -3.85 -6.71
C GLY A 968 -3.68 -3.08 -7.75
N ALA A 969 -3.00 -2.38 -8.66
CA ALA A 969 -3.69 -1.65 -9.71
C ALA A 969 -4.23 -2.62 -10.75
N ILE A 970 -5.22 -2.14 -11.52
CA ILE A 970 -5.83 -2.99 -12.56
C ILE A 970 -4.80 -3.41 -13.59
N SER A 971 -3.87 -2.53 -13.92
CA SER A 971 -2.84 -2.81 -14.90
C SER A 971 -1.52 -2.19 -14.45
N SER A 972 -0.44 -2.65 -15.07
CA SER A 972 0.89 -2.15 -14.75
C SER A 972 1.34 -1.03 -15.68
N VAL A 973 0.48 -0.57 -16.58
CA VAL A 973 0.82 0.47 -17.55
C VAL A 973 -0.07 1.68 -17.28
N LEU A 974 0.56 2.84 -17.08
CA LEU A 974 -0.21 4.05 -16.84
C LEU A 974 -1.06 4.42 -18.05
N ASN A 975 -0.50 4.29 -19.24
CA ASN A 975 -1.25 4.68 -20.44
C ASN A 975 -2.52 3.87 -20.61
N ASP A 976 -2.44 2.56 -20.33
CA ASP A 976 -3.64 1.72 -20.44
C ASP A 976 -4.72 2.19 -19.48
N ILE A 977 -4.35 2.47 -18.23
CA ILE A 977 -5.32 2.91 -17.24
C ILE A 977 -5.94 4.24 -17.68
N LEU A 978 -5.10 5.17 -18.15
CA LEU A 978 -5.62 6.47 -18.59
C LEU A 978 -6.59 6.30 -19.75
N SER A 979 -6.25 5.44 -20.71
CA SER A 979 -7.09 5.27 -21.89
C SER A 979 -8.36 4.49 -21.60
N ARG A 980 -8.37 3.63 -20.58
CA ARG A 980 -9.52 2.79 -20.30
C ARG A 980 -10.42 3.32 -19.20
N LEU A 981 -9.96 4.31 -18.42
CA LEU A 981 -10.74 4.85 -17.32
C LEU A 981 -10.67 6.38 -17.34
N ASP A 982 -11.74 7.00 -16.83
CA ASP A 982 -11.75 8.44 -16.69
C ASP A 982 -10.87 8.85 -15.52
N PRO A 983 -10.43 10.11 -15.48
CA PRO A 983 -9.50 10.54 -14.42
C PRO A 983 -10.05 10.25 -13.04
N PRO A 984 -11.33 10.54 -12.78
CA PRO A 984 -11.86 10.25 -11.43
C PRO A 984 -11.71 8.80 -11.04
N GLU A 985 -11.88 7.88 -11.99
CA GLU A 985 -11.69 6.46 -11.70
C GLU A 985 -10.22 6.07 -11.78
N ALA A 986 -9.49 6.60 -12.77
CA ALA A 986 -8.12 6.19 -12.98
C ALA A 986 -7.24 6.55 -11.79
N GLU A 987 -7.43 7.75 -11.23
CA GLU A 987 -6.55 8.22 -10.16
C GLU A 987 -6.50 7.23 -9.00
N VAL A 988 -7.60 6.50 -8.75
CA VAL A 988 -7.62 5.58 -7.62
C VAL A 988 -6.54 4.52 -7.78
N GLN A 989 -6.45 3.92 -8.98
CA GLN A 989 -5.42 2.91 -9.24
C GLN A 989 -4.05 3.54 -9.44
N ILE A 990 -4.01 4.72 -10.07
CA ILE A 990 -2.73 5.38 -10.27
C ILE A 990 -2.09 5.71 -8.94
N ASP A 991 -2.88 5.94 -7.90
CA ASP A 991 -2.32 6.17 -6.57
C ASP A 991 -1.56 4.94 -6.10
N ARG A 992 -2.15 3.76 -6.26
CA ARG A 992 -1.46 2.53 -5.88
C ARG A 992 -0.20 2.34 -6.70
N LEU A 993 -0.28 2.57 -8.01
CA LEU A 993 0.91 2.41 -8.85
C LEU A 993 2.02 3.37 -8.41
N ILE A 994 1.67 4.63 -8.16
CA ILE A 994 2.66 5.62 -7.76
C ILE A 994 3.28 5.24 -6.42
N THR A 995 2.45 4.84 -5.46
CA THR A 995 2.97 4.45 -4.16
C THR A 995 3.91 3.26 -4.28
N GLY A 996 3.52 2.26 -5.08
CA GLY A 996 4.38 1.10 -5.25
C GLY A 996 5.71 1.44 -5.89
N ARG A 997 5.67 2.23 -6.96
CA ARG A 997 6.91 2.58 -7.65
C ARG A 997 7.79 3.47 -6.78
N LEU A 998 7.19 4.38 -6.03
CA LEU A 998 7.96 5.22 -5.11
C LEU A 998 8.59 4.37 -4.02
N GLN A 999 7.86 3.39 -3.48
CA GLN A 999 8.41 2.51 -2.47
C GLN A 999 9.56 1.68 -3.05
N SER A 1000 9.41 1.21 -4.29
CA SER A 1000 10.51 0.48 -4.92
C SER A 1000 11.73 1.38 -5.10
N LEU A 1001 11.51 2.64 -5.50
CA LEU A 1001 12.62 3.56 -5.64
C LEU A 1001 13.31 3.79 -4.29
N GLN A 1002 12.53 3.95 -3.23
CA GLN A 1002 13.12 4.15 -1.92
C GLN A 1002 13.91 2.94 -1.47
N THR A 1003 13.40 1.74 -1.72
CA THR A 1003 14.15 0.53 -1.40
C THR A 1003 15.46 0.47 -2.17
N TYR A 1004 15.40 0.78 -3.47
CA TYR A 1004 16.62 0.79 -4.28
C TYR A 1004 17.62 1.79 -3.75
N VAL A 1005 17.16 3.00 -3.40
CA VAL A 1005 18.07 4.03 -2.94
C VAL A 1005 18.67 3.67 -1.59
N THR A 1006 17.87 3.08 -0.70
CA THR A 1006 18.40 2.67 0.60
C THR A 1006 19.46 1.60 0.45
N GLN A 1007 19.17 0.56 -0.34
CA GLN A 1007 20.17 -0.49 -0.53
C GLN A 1007 21.39 0.04 -1.27
N GLN A 1008 21.21 1.01 -2.17
CA GLN A 1008 22.35 1.61 -2.85
C GLN A 1008 23.20 2.40 -1.87
N LEU A 1009 22.57 3.10 -0.92
CA LEU A 1009 23.33 3.81 0.09
C LEU A 1009 24.12 2.84 0.96
N ILE A 1010 23.50 1.72 1.34
CA ILE A 1010 24.21 0.74 2.15
C ILE A 1010 25.39 0.16 1.38
N ARG A 1011 25.16 -0.22 0.12
CA ARG A 1011 26.24 -0.78 -0.68
C ARG A 1011 27.33 0.25 -0.95
N ALA A 1012 26.96 1.52 -1.11
CA ALA A 1012 27.96 2.57 -1.29
C ALA A 1012 28.76 2.79 -0.03
N ALA A 1013 28.14 2.63 1.15
CA ALA A 1013 28.90 2.67 2.38
C ALA A 1013 29.90 1.53 2.45
N GLU A 1014 29.46 0.33 2.03
CA GLU A 1014 30.37 -0.82 1.99
C GLU A 1014 31.54 -0.55 1.04
N ILE A 1015 31.24 0.00 -0.14
CA ILE A 1015 32.29 0.28 -1.11
C ILE A 1015 33.18 1.42 -0.63
N ARG A 1016 32.64 2.36 0.15
CA ARG A 1016 33.47 3.42 0.71
C ARG A 1016 34.42 2.87 1.75
N ALA A 1017 33.96 1.92 2.57
CA ALA A 1017 34.86 1.26 3.50
C ALA A 1017 35.96 0.52 2.75
N SER A 1018 35.60 -0.19 1.69
CA SER A 1018 36.62 -0.89 0.91
C SER A 1018 37.57 0.07 0.20
N ALA A 1019 37.07 1.23 -0.21
CA ALA A 1019 37.91 2.22 -0.89
C ALA A 1019 38.85 2.90 0.10
N ASN A 1020 38.39 3.14 1.32
CA ASN A 1020 39.30 3.63 2.35
C ASN A 1020 40.37 2.60 2.67
N LEU A 1021 40.01 1.33 2.70
CA LEU A 1021 41.01 0.29 2.88
C LEU A 1021 42.01 0.28 1.73
N ALA A 1022 41.52 0.44 0.50
CA ALA A 1022 42.41 0.45 -0.65
C ALA A 1022 43.34 1.65 -0.62
N ALA A 1023 42.83 2.82 -0.22
CA ALA A 1023 43.69 3.99 -0.09
C ALA A 1023 44.72 3.80 1.00
N THR A 1024 44.33 3.15 2.10
CA THR A 1024 45.29 2.85 3.16
C THR A 1024 46.39 1.93 2.66
N LYS A 1025 46.03 0.89 1.90
CA LYS A 1025 47.05 -0.02 1.37
C LYS A 1025 47.92 0.67 0.33
N MET A 1026 47.36 1.57 -0.47
CA MET A 1026 48.16 2.33 -1.41
C MET A 1026 49.15 3.21 -0.67
N SER A 1027 48.71 3.86 0.41
CA SER A 1027 49.60 4.73 1.16
C SER A 1027 50.68 3.94 1.86
N GLU A 1028 50.33 2.80 2.46
CA GLU A 1028 51.22 2.09 3.37
C GLU A 1028 51.92 0.91 2.71
N CYS A 1029 51.24 0.16 1.84
CA CYS A 1029 51.90 -0.94 1.16
C CYS A 1029 52.69 -0.46 -0.05
N VAL A 1030 52.11 0.44 -0.85
CA VAL A 1030 52.75 0.87 -2.09
C VAL A 1030 53.71 2.02 -1.82
N LEU A 1031 53.20 3.13 -1.29
CA LEU A 1031 54.04 4.29 -1.03
C LEU A 1031 55.03 4.08 0.11
N GLY A 1032 55.05 2.90 0.71
CA GLY A 1032 55.99 2.61 1.77
C GLY A 1032 56.06 1.12 2.00
N GLN A 1033 56.66 0.74 3.12
CA GLN A 1033 56.76 -0.66 3.52
C GLN A 1033 56.04 -0.82 4.85
N SER A 1034 54.99 -1.64 4.85
CA SER A 1034 54.12 -1.79 6.01
C SER A 1034 54.69 -2.83 6.96
N LYS A 1035 55.03 -2.40 8.18
CA LYS A 1035 55.43 -3.32 9.22
C LYS A 1035 54.26 -4.06 9.82
N ARG A 1036 53.03 -3.67 9.50
CA ARG A 1036 51.85 -4.35 10.02
C ARG A 1036 51.75 -5.75 9.44
N VAL A 1037 51.33 -6.68 10.27
CA VAL A 1037 51.30 -8.09 9.88
C VAL A 1037 50.03 -8.38 9.09
N ASP A 1038 50.18 -9.10 7.99
CA ASP A 1038 49.09 -9.55 7.13
C ASP A 1038 48.26 -8.41 6.56
N PHE A 1039 48.71 -7.16 6.71
CA PHE A 1039 47.99 -6.06 6.07
C PHE A 1039 48.28 -6.03 4.58
N CYS A 1040 49.51 -6.31 4.19
CA CYS A 1040 49.89 -6.29 2.78
C CYS A 1040 50.33 -7.69 2.35
N GLY A 1041 49.55 -8.70 2.71
CA GLY A 1041 49.81 -10.06 2.28
C GLY A 1041 50.52 -10.88 3.35
N LYS A 1042 50.35 -12.19 3.25
CA LYS A 1042 50.98 -13.10 4.21
C LYS A 1042 52.48 -13.14 3.99
N GLY A 1043 53.23 -13.19 5.08
CA GLY A 1043 54.67 -13.09 5.04
C GLY A 1043 55.14 -11.66 5.20
N TYR A 1044 56.43 -11.52 5.46
CA TYR A 1044 57.00 -10.19 5.64
C TYR A 1044 56.86 -9.40 4.34
N HIS A 1045 56.40 -8.16 4.46
CA HIS A 1045 56.08 -7.35 3.29
C HIS A 1045 57.34 -6.67 2.78
N LEU A 1046 57.65 -6.90 1.50
CA LEU A 1046 58.75 -6.18 0.85
C LEU A 1046 58.22 -4.98 0.09
N MET A 1047 57.26 -5.18 -0.80
CA MET A 1047 56.72 -4.07 -1.58
C MET A 1047 55.36 -4.47 -2.13
N SER A 1048 54.72 -3.52 -2.82
CA SER A 1048 53.45 -3.79 -3.47
C SER A 1048 53.36 -2.93 -4.72
N PHE A 1049 52.62 -3.45 -5.70
CA PHE A 1049 52.44 -2.77 -6.97
C PHE A 1049 50.96 -2.62 -7.27
N PRO A 1050 50.48 -1.42 -7.56
CA PRO A 1050 49.05 -1.26 -7.89
C PRO A 1050 48.77 -1.60 -9.35
N GLN A 1051 47.53 -2.04 -9.59
CA GLN A 1051 47.06 -2.34 -10.94
C GLN A 1051 45.58 -2.02 -10.99
N SER A 1052 45.19 -1.14 -11.89
CA SER A 1052 43.79 -0.81 -12.02
C SER A 1052 42.98 -2.06 -12.39
N ALA A 1053 41.68 -1.97 -12.20
CA ALA A 1053 40.76 -3.00 -12.66
C ALA A 1053 39.36 -2.38 -12.72
N PRO A 1054 38.45 -2.96 -13.49
CA PRO A 1054 37.14 -2.33 -13.63
C PRO A 1054 36.49 -2.07 -12.29
N HIS A 1055 36.37 -0.78 -11.94
CA HIS A 1055 35.75 -0.38 -10.68
C HIS A 1055 36.44 -1.02 -9.48
N GLY A 1056 37.77 -1.05 -9.51
CA GLY A 1056 38.51 -1.61 -8.39
C GLY A 1056 40.00 -1.52 -8.64
N VAL A 1057 40.76 -1.95 -7.63
CA VAL A 1057 42.22 -1.95 -7.68
C VAL A 1057 42.72 -3.32 -7.28
N VAL A 1058 43.96 -3.62 -7.67
CA VAL A 1058 44.56 -4.92 -7.40
C VAL A 1058 46.01 -4.67 -7.00
N PHE A 1059 46.38 -5.09 -5.80
CA PHE A 1059 47.74 -4.92 -5.30
C PHE A 1059 48.48 -6.24 -5.44
N LEU A 1060 49.61 -6.21 -6.13
CA LEU A 1060 50.53 -7.34 -6.17
C LEU A 1060 51.48 -7.16 -5.00
N HIS A 1061 51.31 -7.95 -3.95
CA HIS A 1061 52.10 -7.85 -2.74
C HIS A 1061 53.30 -8.78 -2.87
N VAL A 1062 54.49 -8.21 -3.01
CA VAL A 1062 55.73 -8.97 -2.96
C VAL A 1062 56.14 -9.06 -1.49
N THR A 1063 56.11 -10.28 -0.95
CA THR A 1063 56.43 -10.56 0.43
C THR A 1063 57.57 -11.56 0.50
N TYR A 1064 58.22 -11.59 1.65
CA TYR A 1064 59.36 -12.45 1.91
C TYR A 1064 58.92 -13.53 2.90
N VAL A 1065 59.00 -14.79 2.48
CA VAL A 1065 58.52 -15.91 3.29
C VAL A 1065 59.69 -16.85 3.57
N PRO A 1066 60.13 -17.02 4.82
CA PRO A 1066 61.18 -18.01 5.07
C PRO A 1066 60.69 -19.41 4.74
N ALA A 1067 61.60 -20.25 4.22
CA ALA A 1067 61.21 -21.53 3.65
C ALA A 1067 61.78 -22.72 4.40
N GLN A 1068 63.10 -22.82 4.56
CA GLN A 1068 63.75 -24.03 5.03
C GLN A 1068 64.20 -23.83 6.47
N GLU A 1069 63.53 -24.50 7.40
CA GLU A 1069 63.78 -24.35 8.83
C GLU A 1069 64.76 -25.41 9.28
N LYS A 1070 65.73 -25.01 10.10
CA LYS A 1070 66.68 -25.92 10.72
C LYS A 1070 66.61 -25.76 12.22
N ASN A 1071 66.60 -26.89 12.93
CA ASN A 1071 66.67 -26.89 14.38
C ASN A 1071 68.04 -26.41 14.85
N PHE A 1072 68.05 -25.79 16.03
CA PHE A 1072 69.29 -25.42 16.69
C PHE A 1072 69.04 -25.37 18.19
N THR A 1073 70.12 -25.54 18.95
CA THR A 1073 70.07 -25.32 20.39
C THR A 1073 70.36 -23.86 20.65
N THR A 1074 69.50 -23.22 21.43
CA THR A 1074 69.59 -21.78 21.68
C THR A 1074 69.74 -21.51 23.16
N ALA A 1075 70.47 -20.45 23.49
CA ALA A 1075 70.66 -20.02 24.85
C ALA A 1075 70.39 -18.52 24.96
N PRO A 1076 69.70 -18.07 25.99
CA PRO A 1076 69.41 -16.64 26.09
C PRO A 1076 70.66 -15.78 26.17
N ALA A 1077 71.71 -16.25 26.83
CA ALA A 1077 72.91 -15.44 27.01
C ALA A 1077 74.13 -16.37 26.99
N ILE A 1078 75.29 -15.81 27.30
CA ILE A 1078 76.54 -16.55 27.31
C ILE A 1078 77.45 -15.97 28.37
N CYS A 1079 78.20 -16.83 29.05
CA CYS A 1079 79.12 -16.43 30.10
C CYS A 1079 80.54 -16.65 29.62
N HIS A 1080 81.35 -15.60 29.65
CA HIS A 1080 82.76 -15.68 29.30
C HIS A 1080 83.67 -15.44 30.48
N ASP A 1081 83.49 -14.31 31.19
CA ASP A 1081 84.26 -13.97 32.37
C ASP A 1081 83.33 -13.71 33.54
N GLY A 1082 82.28 -14.50 33.65
CA GLY A 1082 81.25 -14.29 34.66
C GLY A 1082 80.20 -13.28 34.28
N LYS A 1083 80.41 -12.52 33.20
CA LYS A 1083 79.46 -11.54 32.73
C LYS A 1083 78.58 -12.16 31.66
N ALA A 1084 77.27 -12.06 31.83
CA ALA A 1084 76.35 -12.61 30.84
C ALA A 1084 76.36 -11.74 29.59
N HIS A 1085 76.54 -12.37 28.44
CA HIS A 1085 76.55 -11.69 27.15
C HIS A 1085 75.23 -11.96 26.44
N PHE A 1086 74.56 -10.90 26.01
CA PHE A 1086 73.36 -11.02 25.22
C PHE A 1086 73.62 -10.48 23.82
N PRO A 1087 72.97 -11.02 22.79
CA PRO A 1087 73.29 -10.58 21.42
C PRO A 1087 72.69 -9.22 21.14
N ARG A 1088 73.51 -8.32 20.58
CA ARG A 1088 73.00 -7.01 20.18
C ARG A 1088 71.84 -7.16 19.22
N GLU A 1089 72.09 -7.76 18.07
CA GLU A 1089 71.07 -8.02 17.05
C GLU A 1089 71.25 -9.44 16.55
N GLY A 1090 70.37 -10.33 16.98
CA GLY A 1090 70.44 -11.72 16.59
C GLY A 1090 70.11 -12.62 17.75
N VAL A 1091 70.51 -13.88 17.62
CA VAL A 1091 70.21 -14.90 18.61
C VAL A 1091 71.36 -15.89 18.65
N PHE A 1092 71.64 -16.41 19.84
CA PHE A 1092 72.65 -17.43 20.01
C PHE A 1092 72.07 -18.79 19.62
N VAL A 1093 72.75 -19.49 18.72
CA VAL A 1093 72.34 -20.82 18.29
C VAL A 1093 73.57 -21.71 18.29
N SER A 1094 73.33 -23.02 18.24
CA SER A 1094 74.40 -24.00 18.27
C SER A 1094 74.08 -25.14 17.32
N ASN A 1095 75.06 -25.53 16.52
CA ASN A 1095 74.93 -26.71 15.67
C ASN A 1095 75.36 -27.98 16.39
N GLY A 1096 75.52 -27.93 17.71
CA GLY A 1096 75.88 -29.09 18.49
C GLY A 1096 77.10 -28.88 19.35
N THR A 1097 78.10 -28.18 18.83
CA THR A 1097 79.37 -28.00 19.53
C THR A 1097 79.81 -26.56 19.63
N HIS A 1098 79.55 -25.75 18.61
CA HIS A 1098 79.99 -24.36 18.56
C HIS A 1098 78.78 -23.43 18.60
N TRP A 1099 78.98 -22.25 19.19
CA TRP A 1099 77.93 -21.27 19.36
C TRP A 1099 78.13 -20.11 18.41
N PHE A 1100 77.07 -19.73 17.71
CA PHE A 1100 77.08 -18.63 16.76
C PHE A 1100 75.97 -17.66 17.09
N VAL A 1101 76.10 -16.44 16.60
CA VAL A 1101 75.11 -15.38 16.82
C VAL A 1101 74.55 -15.00 15.46
N THR A 1102 73.37 -15.50 15.14
CA THR A 1102 72.78 -15.35 13.82
C THR A 1102 71.52 -14.51 13.90
N GLN A 1103 71.32 -13.66 12.88
CA GLN A 1103 70.07 -12.92 12.79
C GLN A 1103 68.89 -13.88 12.80
N ARG A 1104 67.74 -13.38 13.24
CA ARG A 1104 66.62 -14.24 13.53
C ARG A 1104 65.90 -14.74 12.29
N ASN A 1105 65.81 -13.92 11.25
CA ASN A 1105 64.99 -14.24 10.08
C ASN A 1105 65.75 -14.97 8.98
N PHE A 1106 67.02 -15.27 9.18
CA PHE A 1106 67.81 -15.93 8.13
C PHE A 1106 69.04 -16.52 8.79
N TYR A 1107 69.25 -17.83 8.64
CA TYR A 1107 70.34 -18.50 9.32
C TYR A 1107 71.65 -18.09 8.66
N GLU A 1108 72.37 -17.15 9.27
CA GLU A 1108 73.70 -16.73 8.85
C GLU A 1108 74.59 -16.73 10.08
N PRO A 1109 75.08 -17.90 10.50
CA PRO A 1109 75.87 -17.96 11.74
C PRO A 1109 77.12 -17.12 11.64
N GLN A 1110 77.49 -16.51 12.77
CA GLN A 1110 78.70 -15.73 12.87
C GLN A 1110 79.37 -16.03 14.20
N ILE A 1111 80.70 -15.91 14.23
CA ILE A 1111 81.42 -16.09 15.48
C ILE A 1111 80.86 -15.10 16.51
N ILE A 1112 80.90 -15.51 17.77
CA ILE A 1112 80.38 -14.70 18.86
C ILE A 1112 81.53 -13.83 19.37
N THR A 1113 81.51 -12.56 19.01
CA THR A 1113 82.53 -11.60 19.43
C THR A 1113 81.88 -10.47 20.19
N THR A 1114 82.71 -9.69 20.90
CA THR A 1114 82.19 -8.59 21.70
C THR A 1114 81.44 -7.58 20.85
N ASP A 1115 81.74 -7.50 19.55
CA ASP A 1115 80.96 -6.64 18.67
C ASP A 1115 79.51 -7.11 18.59
N ASN A 1116 79.31 -8.43 18.50
CA ASN A 1116 77.97 -8.98 18.37
C ASN A 1116 77.18 -8.98 19.67
N THR A 1117 77.85 -8.94 20.83
CA THR A 1117 77.20 -9.11 22.11
C THR A 1117 77.52 -7.96 23.05
N PHE A 1118 76.60 -7.71 23.97
CA PHE A 1118 76.79 -6.72 25.02
C PHE A 1118 76.51 -7.37 26.36
N VAL A 1119 77.23 -6.93 27.38
CA VAL A 1119 77.15 -7.54 28.69
C VAL A 1119 76.15 -6.77 29.55
N SER A 1120 75.47 -7.47 30.45
CA SER A 1120 74.59 -6.83 31.42
C SER A 1120 74.43 -7.77 32.61
N GLY A 1121 75.05 -7.44 33.72
CA GLY A 1121 74.95 -8.25 34.91
C GLY A 1121 75.85 -9.47 34.86
N ASN A 1122 75.78 -10.26 35.91
CA ASN A 1122 76.54 -11.49 36.02
C ASN A 1122 75.66 -12.67 35.58
N CYS A 1123 76.18 -13.89 35.75
CA CYS A 1123 75.53 -15.08 35.24
C CYS A 1123 74.78 -15.87 36.31
N ASP A 1124 74.55 -15.28 37.47
CA ASP A 1124 73.81 -15.95 38.54
C ASP A 1124 72.31 -15.65 38.50
N VAL A 1125 71.85 -14.88 37.51
CA VAL A 1125 70.46 -14.44 37.45
C VAL A 1125 69.72 -15.09 36.29
N VAL A 1126 70.35 -15.19 35.13
CA VAL A 1126 69.66 -15.67 33.94
C VAL A 1126 69.37 -17.16 34.06
N ILE A 1127 68.30 -17.59 33.40
CA ILE A 1127 67.90 -18.99 33.35
C ILE A 1127 68.13 -19.49 31.92
N GLY A 1128 68.82 -20.61 31.80
CA GLY A 1128 69.20 -21.13 30.50
C GLY A 1128 70.52 -20.61 29.97
N ILE A 1129 71.17 -19.71 30.69
CA ILE A 1129 72.46 -19.20 30.25
C ILE A 1129 73.47 -20.33 30.20
N VAL A 1130 74.50 -20.16 29.38
CA VAL A 1130 75.49 -21.21 29.12
C VAL A 1130 76.89 -20.60 29.18
N ASN A 1131 77.87 -21.48 29.10
CA ASN A 1131 79.28 -21.09 29.05
C ASN A 1131 79.78 -21.20 27.63
N ASN A 1132 80.62 -20.24 27.22
CA ASN A 1132 81.24 -20.29 25.91
C ASN A 1132 82.25 -19.16 25.80
N THR A 1133 83.26 -19.37 24.97
CA THR A 1133 84.25 -18.33 24.71
C THR A 1133 83.63 -17.24 23.85
N VAL A 1134 83.85 -15.98 24.23
CA VAL A 1134 83.42 -14.83 23.46
C VAL A 1134 84.67 -14.19 22.88
N TYR A 1135 84.92 -14.46 21.60
CA TYR A 1135 86.14 -13.98 20.96
C TYR A 1135 86.23 -12.47 21.03
N ASP A 1136 87.44 -11.97 21.31
CA ASP A 1136 87.68 -10.54 21.40
C ASP A 1136 88.57 -10.10 20.24
N PRO A 1137 88.08 -9.27 19.32
CA PRO A 1137 88.92 -8.87 18.18
C PRO A 1137 90.21 -8.17 18.59
N LEU A 1138 90.18 -7.40 19.68
CA LEU A 1138 91.34 -6.59 20.05
C LEU A 1138 92.48 -7.42 20.62
N GLN A 1139 92.20 -8.61 21.15
CA GLN A 1139 93.25 -9.41 21.77
C GLN A 1139 94.35 -9.80 20.79
N PRO A 1140 94.06 -10.40 19.64
CA PRO A 1140 95.15 -10.72 18.70
C PRO A 1140 95.89 -9.48 18.21
N GLU A 1141 95.18 -8.38 18.00
CA GLU A 1141 95.85 -7.16 17.55
C GLU A 1141 96.84 -6.67 18.60
N LEU A 1142 96.45 -6.71 19.87
CA LEU A 1142 97.38 -6.33 20.93
C LEU A 1142 98.51 -7.34 21.06
N ASP A 1143 98.25 -8.60 20.75
CA ASP A 1143 99.31 -9.61 20.82
C ASP A 1143 100.44 -9.29 19.86
N SER A 1144 100.10 -8.89 18.64
CA SER A 1144 101.12 -8.55 17.64
C SER A 1144 101.42 -7.06 17.65
N SER B 13 -40.88 -10.73 48.60
CA SER B 13 -41.40 -10.73 49.96
C SER B 13 -41.88 -9.33 50.34
N GLN B 14 -42.43 -9.22 51.55
CA GLN B 14 -42.93 -7.96 52.07
C GLN B 14 -41.82 -7.23 52.81
N CYS B 15 -41.60 -5.96 52.46
CA CYS B 15 -40.54 -5.19 53.08
C CYS B 15 -40.82 -4.98 54.57
N VAL B 16 -39.76 -4.97 55.36
CA VAL B 16 -39.83 -4.67 56.78
C VAL B 16 -39.47 -3.20 56.98
N ASN B 17 -40.37 -2.44 57.58
CA ASN B 17 -40.18 -1.00 57.74
C ASN B 17 -39.54 -0.70 59.09
N PHE B 18 -38.59 0.22 59.08
CA PHE B 18 -37.91 0.68 60.29
C PHE B 18 -38.20 2.17 60.47
N THR B 19 -38.76 2.52 61.62
CA THR B 19 -39.11 3.91 61.88
C THR B 19 -37.87 4.80 61.89
N THR B 20 -36.79 4.32 62.50
CA THR B 20 -35.54 5.08 62.61
C THR B 20 -34.53 4.51 61.63
N ARG B 21 -33.98 5.39 60.77
CA ARG B 21 -32.97 5.02 59.81
C ARG B 21 -31.74 5.89 60.00
N THR B 22 -30.56 5.28 59.91
CA THR B 22 -29.31 6.00 60.10
C THR B 22 -28.21 5.30 59.33
N GLN B 23 -27.12 6.02 59.10
CA GLN B 23 -25.95 5.47 58.42
C GLN B 23 -24.70 6.10 59.00
N LEU B 24 -23.70 5.28 59.27
CA LEU B 24 -22.46 5.79 59.87
C LEU B 24 -21.68 6.61 58.84
N PRO B 25 -20.91 7.59 59.30
CA PRO B 25 -20.14 8.40 58.35
C PRO B 25 -19.06 7.57 57.69
N PRO B 26 -18.67 7.90 56.46
CA PRO B 26 -17.59 7.17 55.80
C PRO B 26 -16.23 7.59 56.32
N ALA B 27 -15.25 6.73 56.05
CA ALA B 27 -13.86 7.02 56.38
C ALA B 27 -12.99 6.70 55.16
N TYR B 28 -11.76 7.18 55.17
CA TYR B 28 -10.85 7.03 54.04
C TYR B 28 -9.60 6.27 54.46
N THR B 29 -9.02 5.53 53.51
CA THR B 29 -7.81 4.78 53.76
C THR B 29 -7.00 4.71 52.46
N ASN B 30 -5.77 4.24 52.58
CA ASN B 30 -4.86 4.09 51.45
C ASN B 30 -4.94 2.67 50.93
N SER B 31 -5.15 2.52 49.62
CA SER B 31 -5.36 1.21 49.02
C SER B 31 -4.09 0.37 48.96
N PHE B 32 -2.93 0.95 49.19
CA PHE B 32 -1.65 0.25 49.10
C PHE B 32 -1.51 -0.30 47.68
N THR B 33 -1.36 -1.60 47.49
CA THR B 33 -1.11 -2.18 46.17
C THR B 33 -2.04 -3.37 45.95
N ARG B 34 -3.31 -3.21 46.26
CA ARG B 34 -4.31 -4.25 46.09
C ARG B 34 -5.21 -3.94 44.90
N GLY B 35 -6.04 -4.92 44.56
CA GLY B 35 -7.00 -4.77 43.49
C GLY B 35 -6.56 -5.30 42.14
N VAL B 36 -5.48 -6.05 42.08
CA VAL B 36 -5.02 -6.62 40.82
C VAL B 36 -5.74 -7.92 40.54
N TYR B 37 -6.29 -8.04 39.35
CA TYR B 37 -7.03 -9.22 38.91
C TYR B 37 -6.51 -9.67 37.57
N TYR B 38 -6.61 -10.97 37.30
CA TYR B 38 -6.15 -11.51 36.03
C TYR B 38 -6.96 -10.90 34.91
N PRO B 39 -6.34 -10.18 33.96
CA PRO B 39 -7.15 -9.51 32.93
C PRO B 39 -7.76 -10.47 31.93
N ASP B 40 -7.06 -11.55 31.61
CA ASP B 40 -7.53 -12.53 30.63
C ASP B 40 -7.27 -13.93 31.16
N LYS B 41 -7.90 -14.92 30.53
CA LYS B 41 -7.77 -16.32 30.92
C LYS B 41 -6.53 -16.97 30.32
N VAL B 42 -5.57 -16.19 29.87
CA VAL B 42 -4.34 -16.70 29.27
C VAL B 42 -3.41 -17.17 30.38
N PHE B 43 -2.52 -18.10 30.03
CA PHE B 43 -1.49 -18.59 30.94
C PHE B 43 -0.13 -18.09 30.47
N ARG B 44 0.56 -17.37 31.33
CA ARG B 44 1.87 -16.83 31.03
C ARG B 44 2.82 -17.21 32.16
N SER B 45 4.04 -17.63 31.80
CA SER B 45 4.98 -18.19 32.76
C SER B 45 6.26 -17.37 32.78
N SER B 46 6.70 -17.01 33.99
CA SER B 46 7.98 -16.34 34.23
C SER B 46 8.23 -15.25 33.19
N VAL B 47 7.29 -14.31 33.13
CA VAL B 47 7.32 -13.25 32.12
C VAL B 47 6.77 -11.97 32.76
N LEU B 48 6.95 -10.85 32.06
CA LEU B 48 6.32 -9.58 32.40
C LEU B 48 5.46 -9.15 31.23
N HIS B 49 4.22 -8.76 31.53
CA HIS B 49 3.26 -8.39 30.50
C HIS B 49 2.59 -7.08 30.88
N SER B 50 2.48 -6.18 29.91
CA SER B 50 1.86 -4.88 30.12
C SER B 50 0.44 -4.90 29.60
N THR B 51 -0.52 -4.57 30.46
CA THR B 51 -1.93 -4.60 30.12
C THR B 51 -2.57 -3.26 30.44
N GLN B 52 -3.37 -2.76 29.50
CA GLN B 52 -4.14 -1.54 29.70
C GLN B 52 -5.59 -1.96 29.98
N ASP B 53 -6.02 -1.80 31.22
CA ASP B 53 -7.34 -2.26 31.62
C ASP B 53 -7.82 -1.44 32.81
N LEU B 54 -9.05 -1.70 33.24
CA LEU B 54 -9.64 -1.00 34.38
C LEU B 54 -9.09 -1.63 35.66
N PHE B 55 -8.11 -0.98 36.25
CA PHE B 55 -7.48 -1.45 37.47
C PHE B 55 -7.72 -0.46 38.60
N LEU B 56 -7.41 -0.88 39.82
CA LEU B 56 -7.45 0.01 40.96
C LEU B 56 -6.08 0.64 41.12
N PRO B 57 -5.90 1.93 40.83
CA PRO B 57 -4.56 2.52 40.91
C PRO B 57 -3.98 2.34 42.30
N PHE B 58 -2.69 2.03 42.35
CA PHE B 58 -2.02 1.84 43.62
C PHE B 58 -2.10 3.11 44.46
N PHE B 59 -2.33 2.95 45.75
CA PHE B 59 -2.37 4.07 46.69
C PHE B 59 -3.47 5.05 46.32
N SER B 60 -4.67 4.52 46.11
CA SER B 60 -5.84 5.32 45.80
C SER B 60 -6.70 5.48 47.05
N ASN B 61 -7.29 6.66 47.20
CA ASN B 61 -8.20 6.90 48.32
C ASN B 61 -9.36 5.92 48.25
N VAL B 62 -9.50 5.10 49.29
CA VAL B 62 -10.53 4.07 49.35
C VAL B 62 -11.49 4.41 50.48
N THR B 63 -12.78 4.42 50.16
CA THR B 63 -13.82 4.80 51.11
C THR B 63 -14.33 3.56 51.81
N TRP B 64 -14.15 3.51 53.13
CA TRP B 64 -14.51 2.33 53.90
C TRP B 64 -15.44 2.70 55.04
N PHE B 65 -16.30 1.75 55.39
CA PHE B 65 -17.30 1.92 56.44
C PHE B 65 -17.47 0.59 57.16
N HIS B 66 -18.39 0.58 58.13
CA HIS B 66 -18.70 -0.59 58.93
C HIS B 66 -20.16 -0.99 58.73
N ALA B 67 -20.41 -2.29 58.75
CA ALA B 67 -21.76 -2.84 58.59
C ALA B 67 -22.14 -3.54 59.90
N ILE B 68 -23.17 -3.02 60.56
CA ILE B 68 -23.62 -3.57 61.84
C ILE B 68 -24.57 -4.73 61.58
N HIS B 69 -24.28 -5.88 62.18
CA HIS B 69 -25.10 -7.08 62.01
C HIS B 69 -25.91 -7.43 63.24
N VAL B 70 -25.88 -6.59 64.27
CA VAL B 70 -26.61 -6.87 65.51
C VAL B 70 -27.07 -5.56 66.12
N SER B 71 -28.25 -5.58 66.73
CA SER B 71 -28.84 -4.41 67.37
C SER B 71 -28.91 -4.63 68.87
N GLY B 72 -28.38 -3.68 69.62
CA GLY B 72 -28.37 -3.77 71.08
C GLY B 72 -27.82 -2.53 71.74
N GLY B 75 -31.53 0.00 71.40
CA GLY B 75 -31.18 -0.97 70.39
C GLY B 75 -32.25 -1.13 69.32
N THR B 76 -32.93 -0.03 69.02
CA THR B 76 -33.99 0.00 68.01
C THR B 76 -33.65 0.95 66.87
N LYS B 77 -32.37 1.08 66.54
CA LYS B 77 -31.90 1.95 65.48
C LYS B 77 -31.41 1.09 64.32
N ARG B 78 -31.95 1.33 63.14
CA ARG B 78 -31.56 0.60 61.93
C ARG B 78 -30.47 1.37 61.22
N PHE B 79 -29.27 0.80 61.19
CA PHE B 79 -28.13 1.42 60.52
C PHE B 79 -28.05 0.85 59.10
N ALA B 80 -28.42 1.65 58.11
CA ALA B 80 -28.52 1.21 56.73
C ALA B 80 -27.26 1.59 55.96
N ASN B 81 -26.87 0.72 55.03
CA ASN B 81 -25.71 0.98 54.20
C ASN B 81 -26.04 2.06 53.16
N PRO B 82 -25.02 2.73 52.61
CA PRO B 82 -25.27 3.79 51.64
C PRO B 82 -25.36 3.25 50.21
N VAL B 83 -25.88 4.10 49.33
CA VAL B 83 -25.96 3.81 47.90
C VAL B 83 -24.80 4.52 47.22
N LEU B 84 -23.89 3.75 46.64
CA LEU B 84 -22.67 4.28 46.06
C LEU B 84 -22.71 4.21 44.54
N PRO B 85 -22.06 5.14 43.84
CA PRO B 85 -22.00 5.03 42.38
C PRO B 85 -21.20 3.81 41.96
N PHE B 86 -21.39 3.43 40.70
CA PHE B 86 -20.68 2.29 40.11
C PHE B 86 -19.57 2.70 39.17
N ASN B 87 -19.74 3.80 38.43
CA ASN B 87 -18.72 4.29 37.51
C ASN B 87 -18.44 3.17 36.51
N ASP B 88 -17.18 2.83 36.25
CA ASP B 88 -16.82 1.80 35.29
C ASP B 88 -16.47 0.47 35.94
N GLY B 89 -16.72 0.33 37.23
CA GLY B 89 -16.37 -0.86 37.98
C GLY B 89 -15.98 -0.49 39.39
N VAL B 90 -16.08 -1.46 40.30
CA VAL B 90 -15.85 -1.20 41.72
C VAL B 90 -15.07 -2.36 42.32
N TYR B 91 -14.09 -2.03 43.15
CA TYR B 91 -13.36 -2.98 43.96
C TYR B 91 -13.94 -2.91 45.37
N PHE B 92 -14.37 -4.06 45.90
CA PHE B 92 -15.10 -4.14 47.16
C PHE B 92 -14.39 -5.16 48.05
N ALA B 93 -13.80 -4.70 49.13
CA ALA B 93 -13.14 -5.57 50.09
C ALA B 93 -13.98 -5.67 51.34
N SER B 94 -14.01 -6.86 51.95
CA SER B 94 -14.75 -7.07 53.19
C SER B 94 -13.86 -7.79 54.18
N THR B 95 -13.67 -7.19 55.36
CA THR B 95 -12.93 -7.80 56.45
C THR B 95 -13.93 -8.18 57.53
N GLU B 96 -13.99 -9.47 57.87
CA GLU B 96 -14.99 -9.94 58.81
C GLU B 96 -14.57 -11.29 59.38
N LYS B 97 -15.19 -11.65 60.50
CA LYS B 97 -15.00 -12.99 61.06
C LYS B 97 -16.01 -13.97 60.46
N SER B 98 -17.30 -13.67 60.59
CA SER B 98 -18.35 -14.43 59.94
C SER B 98 -18.79 -13.71 58.67
N ASN B 99 -19.45 -14.46 57.78
CA ASN B 99 -19.87 -13.92 56.49
C ASN B 99 -21.04 -12.97 56.70
N ILE B 100 -20.70 -11.73 57.08
CA ILE B 100 -21.72 -10.72 57.35
C ILE B 100 -22.22 -10.11 56.04
N ILE B 101 -21.30 -9.71 55.17
CA ILE B 101 -21.69 -9.17 53.87
C ILE B 101 -22.13 -10.33 52.98
N ARG B 102 -23.36 -10.27 52.49
CA ARG B 102 -23.96 -11.38 51.76
C ARG B 102 -24.28 -11.08 50.31
N GLY B 103 -24.53 -9.83 49.95
CA GLY B 103 -24.99 -9.58 48.60
C GLY B 103 -24.87 -8.13 48.21
N TRP B 104 -25.20 -7.88 46.94
CA TRP B 104 -25.11 -6.56 46.33
C TRP B 104 -26.28 -6.39 45.37
N ILE B 105 -26.69 -5.14 45.18
CA ILE B 105 -27.74 -4.77 44.25
C ILE B 105 -27.19 -3.70 43.33
N PHE B 106 -27.42 -3.85 42.03
CA PHE B 106 -26.85 -2.96 41.02
C PHE B 106 -27.95 -2.46 40.11
N GLY B 107 -27.78 -1.24 39.64
CA GLY B 107 -28.73 -0.63 38.73
C GLY B 107 -28.54 0.87 38.69
N THR B 108 -29.42 1.52 37.92
CA THR B 108 -29.43 2.97 37.80
C THR B 108 -30.49 3.61 38.69
N THR B 109 -31.74 3.18 38.57
CA THR B 109 -32.82 3.69 39.41
C THR B 109 -33.12 2.79 40.59
N LEU B 110 -32.70 1.53 40.55
CA LEU B 110 -32.94 0.58 41.64
C LEU B 110 -34.42 0.49 41.97
N ASP B 111 -35.25 0.50 40.92
CA ASP B 111 -36.70 0.41 41.08
C ASP B 111 -37.27 -0.42 39.94
N SER B 112 -38.59 -0.60 39.96
CA SER B 112 -39.24 -1.38 38.91
C SER B 112 -39.19 -0.68 37.56
N LYS B 113 -38.84 0.60 37.52
CA LYS B 113 -38.81 1.32 36.25
C LYS B 113 -37.75 0.74 35.32
N THR B 114 -36.58 0.36 35.85
CA THR B 114 -35.49 -0.14 35.04
C THR B 114 -35.00 -1.46 35.61
N GLN B 115 -34.40 -2.28 34.74
CA GLN B 115 -33.88 -3.56 35.16
C GLN B 115 -32.80 -3.38 36.23
N SER B 116 -32.81 -4.26 37.23
CA SER B 116 -31.86 -4.23 38.32
C SER B 116 -31.36 -5.64 38.60
N LEU B 117 -30.10 -5.72 39.06
CA LEU B 117 -29.43 -6.97 39.31
C LEU B 117 -29.24 -7.18 40.81
N LEU B 118 -29.41 -8.42 41.25
CA LEU B 118 -29.25 -8.79 42.64
C LEU B 118 -28.36 -10.03 42.71
N ILE B 119 -27.22 -9.91 43.39
CA ILE B 119 -26.26 -11.00 43.54
C ILE B 119 -26.14 -11.27 45.03
N VAL B 120 -26.64 -12.40 45.49
CA VAL B 120 -26.66 -12.73 46.91
C VAL B 120 -26.06 -14.10 47.11
N ASN B 121 -25.52 -14.34 48.31
CA ASN B 121 -24.96 -15.64 48.70
C ASN B 121 -25.63 -16.02 50.01
N ASN B 122 -26.80 -16.67 49.90
CA ASN B 122 -27.55 -17.08 51.07
C ASN B 122 -26.93 -18.34 51.68
N ALA B 123 -27.54 -18.82 52.76
CA ALA B 123 -27.04 -20.02 53.42
C ALA B 123 -27.07 -21.22 52.50
N THR B 124 -28.01 -21.25 51.56
CA THR B 124 -28.14 -22.40 50.67
C THR B 124 -27.16 -22.31 49.49
N ASN B 125 -27.31 -21.29 48.66
CA ASN B 125 -26.51 -21.18 47.45
C ASN B 125 -26.42 -19.71 47.04
N VAL B 126 -25.73 -19.46 45.94
CA VAL B 126 -25.57 -18.13 45.39
C VAL B 126 -26.65 -17.91 44.33
N VAL B 127 -27.42 -16.83 44.50
CA VAL B 127 -28.54 -16.51 43.62
C VAL B 127 -28.22 -15.20 42.92
N ILE B 128 -28.32 -15.20 41.58
CA ILE B 128 -28.10 -14.03 40.76
C ILE B 128 -29.33 -13.83 39.90
N LYS B 129 -30.02 -12.71 40.10
CA LYS B 129 -31.27 -12.45 39.40
C LYS B 129 -31.25 -11.05 38.83
N VAL B 130 -31.49 -10.94 37.52
CA VAL B 130 -31.64 -9.66 36.84
C VAL B 130 -33.12 -9.52 36.49
N CYS B 131 -33.80 -8.63 37.20
CA CYS B 131 -35.24 -8.43 37.06
C CYS B 131 -35.55 -6.99 37.40
N GLU B 132 -36.76 -6.55 37.04
CA GLU B 132 -37.23 -5.21 37.38
C GLU B 132 -37.63 -5.19 38.85
N PHE B 133 -36.63 -5.30 39.71
CA PHE B 133 -36.85 -5.36 41.14
C PHE B 133 -37.33 -4.01 41.68
N GLN B 134 -38.15 -4.07 42.72
CA GLN B 134 -38.53 -2.90 43.49
C GLN B 134 -37.93 -3.09 44.89
N PHE B 135 -36.68 -2.65 45.04
CA PHE B 135 -35.94 -2.92 46.26
C PHE B 135 -36.58 -2.24 47.46
N CYS B 136 -36.49 -2.91 48.61
CA CYS B 136 -36.99 -2.34 49.85
C CYS B 136 -36.10 -1.18 50.29
N ASN B 137 -36.68 -0.28 51.09
CA ASN B 137 -35.92 0.84 51.61
C ASN B 137 -34.76 0.37 52.47
N ASP B 138 -35.00 -0.63 53.31
CA ASP B 138 -33.99 -1.22 54.19
C ASP B 138 -33.98 -2.72 53.97
N PRO B 139 -33.28 -3.20 52.94
CA PRO B 139 -33.21 -4.65 52.72
C PRO B 139 -32.71 -5.37 53.96
N PHE B 140 -33.37 -6.48 54.29
CA PHE B 140 -33.13 -7.17 55.56
C PHE B 140 -32.95 -8.66 55.31
N LEU B 141 -31.92 -9.23 55.92
CA LEU B 141 -31.73 -10.67 56.02
C LEU B 141 -31.59 -11.00 57.50
N GLY B 142 -32.41 -11.92 57.99
CA GLY B 142 -32.44 -12.22 59.41
C GLY B 142 -32.23 -13.69 59.72
N VAL B 143 -31.30 -13.97 60.63
CA VAL B 143 -30.97 -15.34 61.04
C VAL B 143 -31.10 -15.43 62.55
N TYR B 144 -31.75 -16.49 63.01
CA TYR B 144 -31.98 -16.73 64.43
C TYR B 144 -31.21 -17.97 64.85
N TYR B 145 -30.75 -17.96 66.09
CA TYR B 145 -29.99 -19.08 66.63
C TYR B 145 -30.94 -20.18 67.08
N HIS B 146 -30.76 -21.38 66.53
CA HIS B 146 -31.58 -22.52 66.89
C HIS B 146 -30.93 -23.19 68.10
N LYS B 147 -31.47 -22.89 69.29
CA LYS B 147 -30.86 -23.40 70.52
C LYS B 147 -30.88 -24.93 70.56
N ASN B 148 -32.00 -25.53 70.14
CA ASN B 148 -32.09 -26.99 70.13
C ASN B 148 -31.04 -27.59 69.20
N ASN B 149 -30.88 -27.02 68.01
CA ASN B 149 -29.89 -27.48 67.05
C ASN B 149 -28.52 -26.85 67.25
N LYS B 150 -28.41 -25.86 68.13
CA LYS B 150 -27.13 -25.19 68.40
C LYS B 150 -26.49 -24.68 67.11
N SER B 151 -27.32 -24.11 66.23
CA SER B 151 -26.83 -23.59 64.97
C SER B 151 -27.77 -22.48 64.49
N TRP B 152 -27.18 -21.44 63.90
CA TRP B 152 -27.96 -20.36 63.32
C TRP B 152 -28.63 -20.84 62.04
N MET B 153 -29.83 -20.33 61.78
CA MET B 153 -30.59 -20.67 60.59
C MET B 153 -31.28 -19.41 60.08
N GLU B 154 -31.00 -19.05 58.83
CA GLU B 154 -31.64 -17.88 58.24
C GLU B 154 -33.14 -18.11 58.12
N SER B 155 -33.92 -17.10 58.53
CA SER B 155 -35.37 -17.23 58.51
C SER B 155 -36.08 -15.97 58.02
N GLU B 156 -35.37 -14.93 57.61
CA GLU B 156 -36.00 -13.71 57.11
C GLU B 156 -35.25 -13.22 55.89
N PHE B 157 -35.99 -12.90 54.82
CA PHE B 157 -35.41 -12.36 53.59
C PHE B 157 -36.42 -11.36 53.02
N ARG B 158 -36.20 -10.07 53.27
CA ARG B 158 -37.07 -9.00 52.79
C ARG B 158 -36.19 -7.96 52.13
N VAL B 159 -35.91 -8.17 50.85
CA VAL B 159 -35.01 -7.31 50.09
C VAL B 159 -35.77 -6.46 49.07
N TYR B 160 -36.63 -7.07 48.27
CA TYR B 160 -37.38 -6.38 47.24
C TYR B 160 -38.86 -6.64 47.41
N SER B 161 -39.67 -5.60 47.23
CA SER B 161 -41.11 -5.75 47.33
C SER B 161 -41.67 -6.53 46.14
N SER B 162 -41.09 -6.36 44.96
CA SER B 162 -41.59 -7.00 43.76
C SER B 162 -40.45 -7.27 42.81
N ALA B 163 -40.67 -8.21 41.88
CA ALA B 163 -39.69 -8.55 40.86
C ALA B 163 -40.46 -9.06 39.64
N ASN B 164 -40.46 -8.28 38.56
CA ASN B 164 -41.23 -8.59 37.37
C ASN B 164 -40.35 -8.47 36.13
N ASN B 165 -40.78 -9.14 35.07
CA ASN B 165 -40.06 -9.12 33.79
C ASN B 165 -38.60 -9.50 33.98
N CYS B 166 -38.38 -10.61 34.69
CA CYS B 166 -37.03 -11.08 34.94
C CYS B 166 -36.29 -11.32 33.63
N THR B 167 -35.05 -10.84 33.56
CA THR B 167 -34.22 -10.99 32.38
C THR B 167 -33.13 -12.05 32.53
N PHE B 168 -32.72 -12.38 33.76
CA PHE B 168 -31.72 -13.42 33.93
C PHE B 168 -31.87 -14.06 35.30
N GLU B 169 -31.54 -15.35 35.38
CA GLU B 169 -31.57 -16.09 36.64
C GLU B 169 -30.46 -17.13 36.63
N TYR B 170 -29.80 -17.27 37.78
CA TYR B 170 -28.73 -18.26 37.93
C TYR B 170 -28.60 -18.61 39.40
N VAL B 171 -28.82 -19.88 39.74
CA VAL B 171 -28.71 -20.36 41.11
C VAL B 171 -27.60 -21.40 41.14
N SER B 172 -26.60 -21.17 42.00
CA SER B 172 -25.52 -22.12 42.16
C SER B 172 -25.98 -23.32 42.99
N GLN B 173 -25.14 -24.35 43.05
CA GLN B 173 -25.50 -25.57 43.74
C GLN B 173 -25.67 -25.30 45.24
N PRO B 174 -26.61 -25.99 45.90
CA PRO B 174 -26.79 -25.77 47.34
C PRO B 174 -25.52 -26.10 48.13
N PHE B 175 -25.30 -25.33 49.18
CA PHE B 175 -24.22 -25.57 50.13
C PHE B 175 -24.65 -25.02 51.49
N LEU B 176 -23.83 -25.27 52.50
CA LEU B 176 -24.08 -24.82 53.85
C LEU B 176 -23.01 -23.81 54.25
N MET B 177 -23.41 -22.55 54.41
CA MET B 177 -22.49 -21.52 54.84
C MET B 177 -22.36 -21.53 56.35
N ASP B 178 -21.13 -21.36 56.83
CA ASP B 178 -20.85 -21.35 58.26
C ASP B 178 -21.33 -20.04 58.87
N LEU B 179 -22.26 -20.12 59.82
CA LEU B 179 -22.80 -18.94 60.48
C LEU B 179 -22.19 -18.76 61.85
N PHE B 186 -8.08 -14.04 64.08
CA PHE B 186 -8.23 -14.73 62.80
C PHE B 186 -9.45 -14.24 62.05
N LYS B 187 -9.25 -13.28 61.15
CA LYS B 187 -10.31 -12.74 60.31
C LYS B 187 -10.12 -13.18 58.88
N ASN B 188 -11.15 -12.96 58.06
CA ASN B 188 -11.14 -13.27 56.65
C ASN B 188 -11.30 -11.98 55.86
N LEU B 189 -10.46 -11.82 54.84
CA LEU B 189 -10.55 -10.72 53.89
C LEU B 189 -11.01 -11.28 52.56
N ARG B 190 -12.18 -10.85 52.11
CA ARG B 190 -12.75 -11.25 50.83
C ARG B 190 -12.74 -10.04 49.91
N GLU B 191 -11.90 -10.09 48.89
CA GLU B 191 -11.81 -9.04 47.89
C GLU B 191 -12.62 -9.44 46.66
N PHE B 192 -13.38 -8.49 46.14
CA PHE B 192 -14.17 -8.70 44.93
C PHE B 192 -13.95 -7.53 43.99
N VAL B 193 -14.05 -7.81 42.70
CA VAL B 193 -13.93 -6.81 41.66
C VAL B 193 -15.10 -7.00 40.71
N PHE B 194 -15.91 -5.97 40.53
CA PHE B 194 -17.06 -6.00 39.64
C PHE B 194 -16.81 -5.05 38.48
N LYS B 195 -16.89 -5.55 37.25
CA LYS B 195 -16.62 -4.75 36.07
C LYS B 195 -17.69 -5.01 35.02
N ASN B 196 -18.38 -3.97 34.60
CA ASN B 196 -19.42 -4.06 33.58
C ASN B 196 -18.86 -3.47 32.29
N ILE B 197 -18.55 -4.35 31.32
CA ILE B 197 -17.98 -3.93 30.06
C ILE B 197 -18.63 -4.72 28.93
N ASP B 198 -19.04 -4.03 27.87
CA ASP B 198 -19.59 -4.66 26.67
C ASP B 198 -20.76 -5.58 27.02
N GLY B 199 -21.65 -5.10 27.91
CA GLY B 199 -22.79 -5.88 28.29
C GLY B 199 -22.48 -7.12 29.10
N TYR B 200 -21.24 -7.28 29.56
CA TYR B 200 -20.82 -8.41 30.36
C TYR B 200 -20.45 -7.94 31.75
N PHE B 201 -20.98 -8.61 32.77
CA PHE B 201 -20.69 -8.30 34.16
C PHE B 201 -19.72 -9.34 34.68
N LYS B 202 -18.49 -8.92 34.96
CA LYS B 202 -17.43 -9.81 35.37
C LYS B 202 -17.16 -9.63 36.87
N ILE B 203 -17.07 -10.75 37.58
CA ILE B 203 -16.84 -10.76 39.02
C ILE B 203 -15.58 -11.57 39.26
N TYR B 204 -14.57 -10.94 39.85
CA TYR B 204 -13.37 -11.61 40.31
C TYR B 204 -13.39 -11.62 41.83
N SER B 205 -12.89 -12.70 42.43
CA SER B 205 -12.94 -12.85 43.88
C SER B 205 -11.67 -13.50 44.40
N LYS B 206 -11.31 -13.12 45.62
CA LYS B 206 -10.15 -13.69 46.30
C LYS B 206 -10.46 -13.73 47.80
N HIS B 207 -10.02 -14.79 48.46
CA HIS B 207 -10.27 -14.99 49.88
C HIS B 207 -8.94 -15.26 50.57
N THR B 208 -8.65 -14.49 51.62
CA THR B 208 -7.40 -14.66 52.34
C THR B 208 -7.65 -14.65 53.85
N PRO B 209 -6.86 -15.43 54.60
CA PRO B 209 -6.90 -15.33 56.07
C PRO B 209 -6.01 -14.19 56.55
N ILE B 210 -6.64 -13.15 57.06
CA ILE B 210 -5.93 -11.95 57.52
C ILE B 210 -6.06 -11.86 59.03
N ASN B 211 -4.93 -11.68 59.70
CA ASN B 211 -4.89 -11.59 61.16
C ASN B 211 -4.99 -10.16 61.66
N LEU B 212 -4.98 -9.17 60.77
CA LEU B 212 -5.12 -7.78 61.19
C LEU B 212 -6.50 -7.55 61.80
N VAL B 213 -6.56 -6.63 62.76
CA VAL B 213 -7.78 -6.40 63.51
C VAL B 213 -8.58 -5.26 62.88
N ARG B 214 -7.88 -4.27 62.33
CA ARG B 214 -8.55 -3.11 61.75
C ARG B 214 -7.71 -2.56 60.61
N GLY B 215 -8.40 -1.96 59.64
CA GLY B 215 -7.73 -1.36 58.49
C GLY B 215 -7.53 -2.35 57.35
N LEU B 216 -7.40 -1.80 56.15
CA LEU B 216 -7.16 -2.61 54.97
C LEU B 216 -5.72 -3.11 54.98
N PRO B 217 -5.48 -4.41 54.98
CA PRO B 217 -4.10 -4.90 55.08
C PRO B 217 -3.28 -4.50 53.88
N GLN B 218 -1.98 -4.32 54.10
CA GLN B 218 -1.04 -3.94 53.06
C GLN B 218 -0.38 -5.20 52.50
N GLY B 219 -0.54 -5.41 51.20
CA GLY B 219 0.02 -6.57 50.55
C GLY B 219 -0.50 -6.69 49.14
N PHE B 220 -0.03 -7.72 48.45
CA PHE B 220 -0.38 -7.97 47.07
C PHE B 220 -0.94 -9.38 46.92
N SER B 221 -2.01 -9.50 46.15
CA SER B 221 -2.63 -10.80 45.90
C SER B 221 -3.53 -10.68 44.69
N ALA B 222 -3.28 -11.48 43.67
CA ALA B 222 -4.12 -11.47 42.48
C ALA B 222 -5.48 -12.07 42.78
N LEU B 223 -6.47 -11.66 41.99
CA LEU B 223 -7.85 -12.13 42.15
C LEU B 223 -8.20 -13.04 40.99
N GLU B 224 -8.53 -14.29 41.30
CA GLU B 224 -8.95 -15.23 40.27
C GLU B 224 -10.34 -14.87 39.77
N PRO B 225 -10.63 -15.10 38.48
CA PRO B 225 -11.98 -14.81 37.98
C PRO B 225 -13.00 -15.74 38.61
N LEU B 226 -14.08 -15.15 39.11
CA LEU B 226 -15.15 -15.93 39.73
C LEU B 226 -16.23 -16.29 38.71
N VAL B 227 -16.79 -15.30 38.03
CA VAL B 227 -17.79 -15.59 37.01
C VAL B 227 -18.08 -14.36 36.15
N ASP B 228 -18.32 -14.58 34.86
CA ASP B 228 -18.75 -13.53 33.95
C ASP B 228 -20.15 -13.87 33.45
N LEU B 229 -21.03 -12.87 33.44
CA LEU B 229 -22.43 -13.08 33.12
C LEU B 229 -22.85 -12.16 31.97
N PRO B 230 -23.67 -12.64 31.03
CA PRO B 230 -24.15 -11.80 29.93
C PRO B 230 -25.46 -11.09 30.27
N ILE B 231 -25.45 -10.29 31.33
CA ILE B 231 -26.66 -9.59 31.74
C ILE B 231 -27.02 -8.50 30.75
N GLY B 232 -26.03 -7.74 30.28
CA GLY B 232 -26.28 -6.71 29.29
C GLY B 232 -27.20 -5.60 29.76
N ILE B 233 -26.96 -5.07 30.95
CA ILE B 233 -27.76 -3.99 31.52
C ILE B 233 -26.85 -2.81 31.85
N ASN B 234 -27.47 -1.67 32.11
CA ASN B 234 -26.76 -0.46 32.48
C ASN B 234 -26.76 -0.31 34.00
N ILE B 235 -25.57 -0.08 34.56
CA ILE B 235 -25.40 0.05 36.00
C ILE B 235 -24.66 1.34 36.29
N THR B 236 -25.16 2.11 37.26
CA THR B 236 -24.49 3.33 37.70
C THR B 236 -24.38 3.44 39.22
N ARG B 237 -25.17 2.69 39.99
CA ARG B 237 -25.08 2.70 41.44
C ARG B 237 -25.24 1.29 41.95
N PHE B 238 -24.86 1.09 43.22
CA PHE B 238 -25.03 -0.20 43.86
C PHE B 238 -25.03 -0.01 45.37
N GLN B 239 -25.34 -1.09 46.09
CA GLN B 239 -25.43 -1.06 47.54
C GLN B 239 -25.01 -2.41 48.09
N THR B 240 -24.62 -2.42 49.36
CA THR B 240 -24.18 -3.62 50.04
C THR B 240 -25.30 -4.14 50.93
N LEU B 241 -25.34 -5.47 51.09
CA LEU B 241 -26.34 -6.14 51.92
C LEU B 241 -25.62 -6.92 53.01
N HIS B 242 -26.06 -6.72 54.26
CA HIS B 242 -25.47 -7.35 55.42
C HIS B 242 -26.48 -8.32 56.04
N ILE B 243 -25.97 -9.21 56.89
CA ILE B 243 -26.77 -10.19 57.60
C ILE B 243 -27.05 -9.67 58.99
N SER B 244 -28.25 -9.97 59.51
CA SER B 244 -28.67 -9.56 60.84
C SER B 244 -28.88 -10.81 61.69
N TYR B 245 -28.37 -10.76 62.93
CA TYR B 245 -28.50 -11.85 63.88
C TYR B 245 -29.57 -11.48 64.91
N LEU B 246 -30.76 -12.06 64.76
CA LEU B 246 -31.81 -11.82 65.73
C LEU B 246 -31.48 -12.50 67.05
N THR B 247 -31.56 -11.74 68.15
CA THR B 247 -31.22 -12.24 69.46
C THR B 247 -32.31 -11.91 70.45
N PRO B 248 -32.50 -12.74 71.49
CA PRO B 248 -33.54 -12.43 72.48
C PRO B 248 -33.32 -11.10 73.18
N GLY B 249 -32.08 -10.71 73.40
CA GLY B 249 -31.77 -9.45 74.07
C GLY B 249 -31.98 -9.52 75.56
N ALA B 257 -20.55 -6.81 68.76
CA ALA B 257 -19.81 -5.56 68.72
C ALA B 257 -18.78 -5.58 67.60
N GLY B 258 -18.27 -6.77 67.29
CA GLY B 258 -17.29 -6.92 66.23
C GLY B 258 -17.91 -6.85 64.86
N ALA B 259 -18.44 -5.68 64.50
CA ALA B 259 -19.08 -5.50 63.21
C ALA B 259 -18.06 -5.61 62.09
N ALA B 260 -18.46 -6.21 60.98
CA ALA B 260 -17.60 -6.33 59.82
C ALA B 260 -17.37 -4.96 59.18
N ALA B 261 -16.26 -4.85 58.45
CA ALA B 261 -15.93 -3.60 57.77
C ALA B 261 -15.80 -3.88 56.27
N TYR B 262 -16.11 -2.87 55.46
CA TYR B 262 -15.96 -3.03 54.02
C TYR B 262 -15.46 -1.74 53.39
N TYR B 263 -14.55 -1.90 52.43
CA TYR B 263 -13.89 -0.82 51.72
C TYR B 263 -14.30 -0.86 50.26
N VAL B 264 -14.37 0.32 49.64
CA VAL B 264 -14.77 0.45 48.25
C VAL B 264 -13.81 1.39 47.54
N GLY B 265 -13.34 0.98 46.38
CA GLY B 265 -12.60 1.85 45.50
C GLY B 265 -13.15 1.73 44.09
N TYR B 266 -12.82 2.73 43.27
CA TYR B 266 -13.35 2.82 41.92
C TYR B 266 -12.23 2.57 40.90
N LEU B 267 -12.47 1.64 39.98
CA LEU B 267 -11.47 1.30 38.98
C LEU B 267 -11.33 2.43 37.97
N GLN B 268 -10.14 2.53 37.40
CA GLN B 268 -9.83 3.53 36.39
C GLN B 268 -9.04 2.85 35.28
N PRO B 269 -9.09 3.40 34.06
CA PRO B 269 -8.26 2.84 32.97
C PRO B 269 -6.78 3.11 33.22
N ARG B 270 -6.02 2.07 33.52
CA ARG B 270 -4.62 2.20 33.87
C ARG B 270 -3.80 1.16 33.11
N THR B 271 -2.52 1.47 32.94
CA THR B 271 -1.55 0.57 32.36
C THR B 271 -0.77 -0.07 33.49
N PHE B 272 -0.76 -1.40 33.54
CA PHE B 272 -0.09 -2.15 34.57
C PHE B 272 0.95 -3.06 33.95
N LEU B 273 2.01 -3.32 34.69
CA LEU B 273 3.05 -4.28 34.32
C LEU B 273 2.97 -5.43 35.31
N LEU B 274 2.45 -6.57 34.87
CA LEU B 274 2.22 -7.72 35.72
C LEU B 274 3.33 -8.74 35.53
N LYS B 275 3.73 -9.39 36.62
CA LYS B 275 4.83 -10.34 36.62
C LYS B 275 4.25 -11.73 36.92
N TYR B 276 4.25 -12.59 35.91
CA TYR B 276 3.77 -13.96 36.05
C TYR B 276 4.96 -14.84 36.39
N ASN B 277 4.86 -15.59 37.49
CA ASN B 277 5.92 -16.48 37.89
C ASN B 277 5.81 -17.79 37.10
N GLU B 278 6.67 -18.76 37.45
CA GLU B 278 6.75 -19.99 36.68
C GLU B 278 5.42 -20.73 36.65
N ASN B 279 4.64 -20.64 37.71
CA ASN B 279 3.37 -21.36 37.81
C ASN B 279 2.20 -20.58 37.23
N GLY B 280 2.45 -19.46 36.56
CA GLY B 280 1.38 -18.67 36.00
C GLY B 280 0.68 -17.76 36.96
N THR B 281 1.24 -17.54 38.15
CA THR B 281 0.63 -16.68 39.14
C THR B 281 1.22 -15.28 39.06
N ILE B 282 0.35 -14.27 39.18
CA ILE B 282 0.79 -12.88 39.14
C ILE B 282 1.42 -12.56 40.50
N THR B 283 2.74 -12.65 40.57
CA THR B 283 3.43 -12.42 41.84
C THR B 283 3.44 -10.95 42.21
N ASP B 284 3.65 -10.06 41.23
CA ASP B 284 3.75 -8.64 41.52
C ASP B 284 3.16 -7.85 40.35
N ALA B 285 2.82 -6.60 40.62
CA ALA B 285 2.32 -5.69 39.60
C ALA B 285 2.89 -4.31 39.86
N VAL B 286 3.06 -3.55 38.78
CA VAL B 286 3.60 -2.19 38.84
C VAL B 286 2.63 -1.27 38.11
N ASP B 287 2.27 -0.16 38.76
CA ASP B 287 1.37 0.83 38.16
C ASP B 287 2.22 1.86 37.45
N CYS B 288 2.09 1.92 36.12
CA CYS B 288 2.98 2.76 35.32
C CYS B 288 2.82 4.24 35.68
N ALA B 289 1.59 4.70 35.86
CA ALA B 289 1.34 6.12 36.07
C ALA B 289 1.50 6.55 37.53
N LEU B 290 1.86 5.62 38.42
CA LEU B 290 1.98 5.97 39.83
C LEU B 290 3.06 7.02 40.05
N ASP B 291 4.27 6.77 39.53
CA ASP B 291 5.41 7.64 39.78
C ASP B 291 6.42 7.44 38.66
N PRO B 292 7.34 8.38 38.47
CA PRO B 292 8.30 8.23 37.37
C PRO B 292 9.09 6.93 37.41
N LEU B 293 9.42 6.44 38.60
CA LEU B 293 10.14 5.17 38.68
C LEU B 293 9.33 4.04 38.05
N SER B 294 8.03 4.01 38.32
CA SER B 294 7.19 2.98 37.71
C SER B 294 7.06 3.19 36.21
N GLU B 295 7.07 4.45 35.75
CA GLU B 295 7.07 4.69 34.31
C GLU B 295 8.33 4.12 33.67
N THR B 296 9.48 4.30 34.31
CA THR B 296 10.70 3.67 33.80
C THR B 296 10.57 2.16 33.80
N LYS B 297 10.01 1.59 34.87
CA LYS B 297 9.86 0.15 34.93
C LYS B 297 9.00 -0.36 33.79
N CYS B 298 7.90 0.34 33.49
CA CYS B 298 7.02 -0.09 32.42
C CYS B 298 7.69 0.09 31.05
N THR B 299 8.46 1.16 30.88
CA THR B 299 9.17 1.36 29.62
C THR B 299 10.20 0.26 29.40
N LEU B 300 10.90 -0.14 30.46
CA LEU B 300 11.94 -1.16 30.37
C LEU B 300 11.40 -2.58 30.39
N LYS B 301 10.12 -2.77 30.71
CA LYS B 301 9.54 -4.11 30.81
C LYS B 301 10.35 -4.97 31.76
N SER B 302 10.76 -4.37 32.88
CA SER B 302 11.59 -5.06 33.86
C SER B 302 11.38 -4.44 35.23
N PHE B 303 11.30 -5.28 36.25
CA PHE B 303 11.12 -4.81 37.62
C PHE B 303 12.41 -4.36 38.27
N THR B 304 13.56 -4.71 37.71
CA THR B 304 14.85 -4.24 38.19
C THR B 304 15.43 -3.30 37.14
N VAL B 305 15.50 -2.02 37.48
CA VAL B 305 15.98 -0.99 36.57
C VAL B 305 17.42 -0.66 36.96
N GLU B 306 18.32 -0.77 35.99
CA GLU B 306 19.73 -0.52 36.25
C GLU B 306 20.01 0.99 36.30
N LYS B 307 21.15 1.32 36.88
CA LYS B 307 21.57 2.72 36.95
C LYS B 307 21.69 3.31 35.56
N GLY B 308 21.14 4.51 35.38
CA GLY B 308 21.21 5.18 34.10
C GLY B 308 20.11 6.21 33.99
N ILE B 309 19.89 6.65 32.75
CA ILE B 309 18.84 7.60 32.42
C ILE B 309 17.99 7.00 31.30
N TYR B 310 16.69 6.98 31.49
CA TYR B 310 15.75 6.34 30.57
C TYR B 310 14.68 7.34 30.20
N GLN B 311 14.59 7.66 28.91
CA GLN B 311 13.58 8.59 28.42
C GLN B 311 12.20 7.93 28.58
N THR B 312 11.47 8.34 29.60
CA THR B 312 10.22 7.66 29.93
C THR B 312 9.07 8.14 29.05
N SER B 313 8.88 9.45 28.93
CA SER B 313 7.68 9.95 28.26
C SER B 313 7.99 11.27 27.58
N ASN B 314 6.95 11.99 27.18
CA ASN B 314 7.07 13.30 26.57
C ASN B 314 6.13 14.25 27.30
N PHE B 315 6.68 15.13 28.12
CA PHE B 315 5.89 16.10 28.85
C PHE B 315 5.44 17.20 27.91
N ARG B 316 4.12 17.42 27.85
CA ARG B 316 3.51 18.46 27.04
C ARG B 316 2.57 19.28 27.91
N VAL B 317 2.70 20.60 27.85
CA VAL B 317 1.85 21.49 28.62
C VAL B 317 0.49 21.57 27.94
N GLN B 318 -0.54 21.06 28.61
CA GLN B 318 -1.87 21.06 28.02
C GLN B 318 -2.39 22.49 27.90
N PRO B 319 -3.26 22.75 26.93
CA PRO B 319 -3.81 24.10 26.77
C PRO B 319 -4.57 24.55 28.01
N THR B 320 -4.37 25.82 28.38
CA THR B 320 -5.06 26.37 29.54
C THR B 320 -6.53 26.68 29.21
N GLU B 321 -6.80 27.13 28.00
CA GLU B 321 -8.15 27.53 27.60
C GLU B 321 -8.16 27.70 26.10
N SER B 322 -9.33 28.06 25.56
CA SER B 322 -9.54 28.26 24.14
C SER B 322 -9.80 29.73 23.86
N ILE B 323 -9.21 30.24 22.79
CA ILE B 323 -9.33 31.64 22.39
C ILE B 323 -9.93 31.70 21.00
N VAL B 324 -10.95 32.54 20.83
CA VAL B 324 -11.61 32.74 19.55
C VAL B 324 -11.51 34.22 19.20
N ARG B 325 -11.02 34.50 17.99
CA ARG B 325 -10.85 35.87 17.51
C ARG B 325 -11.43 35.95 16.10
N PHE B 326 -12.52 36.68 15.95
CA PHE B 326 -13.19 36.87 14.67
C PHE B 326 -13.34 38.35 14.36
N PRO B 327 -13.52 38.70 13.09
CA PRO B 327 -13.73 40.12 12.75
C PRO B 327 -15.03 40.63 13.34
N ASN B 328 -15.07 41.94 13.59
CA ASN B 328 -16.25 42.60 14.16
C ASN B 328 -17.30 42.70 13.06
N ILE B 329 -18.14 41.67 12.95
CA ILE B 329 -19.18 41.59 11.94
C ILE B 329 -20.50 41.24 12.61
N THR B 330 -21.57 41.94 12.24
CA THR B 330 -22.89 41.74 12.82
C THR B 330 -23.94 41.74 11.72
N ASN B 331 -23.68 41.02 10.62
CA ASN B 331 -24.59 40.95 9.49
C ASN B 331 -25.07 39.52 9.30
N LEU B 332 -26.36 39.36 9.00
CA LEU B 332 -26.94 38.05 8.75
C LEU B 332 -26.87 37.72 7.27
N CYS B 333 -26.49 36.48 6.97
CA CYS B 333 -26.36 36.07 5.57
C CYS B 333 -27.73 35.92 4.94
N PRO B 334 -27.99 36.55 3.78
CA PRO B 334 -29.33 36.46 3.17
C PRO B 334 -29.54 35.17 2.39
N PHE B 335 -29.56 34.05 3.12
CA PHE B 335 -29.87 32.76 2.51
C PHE B 335 -31.35 32.57 2.25
N GLY B 336 -32.20 33.44 2.76
CA GLY B 336 -33.63 33.29 2.53
C GLY B 336 -34.00 33.40 1.07
N GLU B 337 -33.38 34.32 0.35
CA GLU B 337 -33.66 34.52 -1.07
C GLU B 337 -33.04 33.47 -1.96
N VAL B 338 -32.43 32.43 -1.39
CA VAL B 338 -31.86 31.32 -2.14
C VAL B 338 -32.71 30.06 -2.00
N PHE B 339 -32.94 29.60 -0.77
CA PHE B 339 -33.73 28.40 -0.56
C PHE B 339 -35.22 28.66 -0.78
N ASN B 340 -35.70 29.85 -0.41
CA ASN B 340 -37.10 30.20 -0.57
C ASN B 340 -37.36 31.05 -1.81
N ALA B 341 -36.41 31.10 -2.75
CA ALA B 341 -36.60 31.85 -3.97
C ALA B 341 -37.85 31.34 -4.70
N THR B 342 -38.65 32.29 -5.20
CA THR B 342 -39.91 31.91 -5.85
C THR B 342 -39.67 31.03 -7.08
N ARG B 343 -38.68 31.40 -7.89
CA ARG B 343 -38.36 30.67 -9.11
C ARG B 343 -36.86 30.44 -9.19
N PHE B 344 -36.47 29.22 -9.51
CA PHE B 344 -35.06 28.87 -9.65
C PHE B 344 -34.64 28.94 -11.11
N ALA B 345 -33.33 29.02 -11.33
CA ALA B 345 -32.78 29.12 -12.68
C ALA B 345 -32.64 27.72 -13.29
N SER B 346 -32.42 27.71 -14.60
CA SER B 346 -32.24 26.45 -15.32
C SER B 346 -30.88 25.84 -14.98
N VAL B 347 -30.79 24.52 -15.15
CA VAL B 347 -29.56 23.81 -14.83
C VAL B 347 -28.42 24.28 -15.73
N TYR B 348 -28.69 24.44 -17.03
CA TYR B 348 -27.67 24.93 -17.95
C TYR B 348 -27.27 26.36 -17.61
N ALA B 349 -28.20 27.15 -17.06
CA ALA B 349 -27.95 28.52 -16.64
C ALA B 349 -28.09 28.66 -15.13
N TRP B 350 -27.56 27.67 -14.40
CA TRP B 350 -27.63 27.67 -12.94
C TRP B 350 -27.23 29.02 -12.38
N ASN B 351 -28.11 29.58 -11.54
CA ASN B 351 -27.85 30.88 -10.95
C ASN B 351 -26.80 30.76 -9.85
N ARG B 352 -26.00 31.81 -9.68
CA ARG B 352 -24.95 31.85 -8.67
C ARG B 352 -25.10 33.10 -7.84
N LYS B 353 -25.03 32.93 -6.51
CA LYS B 353 -25.08 34.04 -5.58
C LYS B 353 -23.86 33.96 -4.65
N ARG B 354 -23.41 35.12 -4.20
CA ARG B 354 -22.26 35.23 -3.31
C ARG B 354 -22.73 35.64 -1.92
N ILE B 355 -22.24 34.93 -0.91
CA ILE B 355 -22.49 35.25 0.49
C ILE B 355 -21.16 35.60 1.14
N SER B 356 -21.08 36.81 1.69
CA SER B 356 -19.84 37.30 2.29
C SER B 356 -20.18 38.32 3.36
N ASN B 357 -19.26 38.49 4.30
CA ASN B 357 -19.37 39.50 5.35
C ASN B 357 -20.72 39.39 6.07
N CYS B 358 -20.93 38.24 6.71
CA CYS B 358 -22.18 37.97 7.41
C CYS B 358 -22.00 36.71 8.24
N VAL B 359 -23.00 36.43 9.08
CA VAL B 359 -23.03 35.24 9.92
C VAL B 359 -24.30 34.46 9.59
N ALA B 360 -24.14 33.16 9.33
CA ALA B 360 -25.24 32.29 8.97
C ALA B 360 -25.40 31.20 10.01
N ASP B 361 -26.63 31.02 10.48
CA ASP B 361 -26.96 29.95 11.43
C ASP B 361 -27.40 28.74 10.63
N TYR B 362 -26.50 27.77 10.46
CA TYR B 362 -26.80 26.57 9.68
C TYR B 362 -27.60 25.54 10.47
N SER B 363 -27.86 25.79 11.76
CA SER B 363 -28.63 24.84 12.55
C SER B 363 -30.02 24.64 11.93
N VAL B 364 -30.67 25.73 11.54
CA VAL B 364 -31.97 25.62 10.88
C VAL B 364 -31.85 24.94 9.52
N LEU B 365 -30.66 24.95 8.92
CA LEU B 365 -30.51 24.41 7.58
C LEU B 365 -30.59 22.89 7.58
N TYR B 366 -29.67 22.22 8.26
CA TYR B 366 -29.65 20.77 8.27
C TYR B 366 -30.71 20.15 9.18
N ASN B 367 -31.30 20.94 10.08
CA ASN B 367 -32.38 20.44 10.93
C ASN B 367 -33.74 20.47 10.22
N SER B 368 -33.81 21.03 9.02
CA SER B 368 -35.05 21.08 8.28
C SER B 368 -35.31 19.74 7.59
N ALA B 369 -36.55 19.26 7.68
CA ALA B 369 -36.94 18.00 7.07
C ALA B 369 -37.45 18.16 5.65
N SER B 370 -37.42 19.36 5.10
CA SER B 370 -37.91 19.62 3.74
C SER B 370 -36.87 19.26 2.68
N PHE B 371 -35.66 18.89 3.07
CA PHE B 371 -34.60 18.56 2.13
C PHE B 371 -34.53 17.05 1.95
N SER B 372 -34.76 16.58 0.72
CA SER B 372 -34.72 15.15 0.46
C SER B 372 -33.28 14.63 0.50
N THR B 373 -32.36 15.33 -0.14
CA THR B 373 -30.95 14.94 -0.17
C THR B 373 -30.12 16.06 0.43
N PHE B 374 -29.19 15.70 1.32
CA PHE B 374 -28.34 16.68 2.01
C PHE B 374 -26.99 16.02 2.23
N LYS B 375 -26.05 16.28 1.31
CA LYS B 375 -24.75 15.60 1.34
C LYS B 375 -23.63 16.63 1.32
N CYS B 376 -22.75 16.56 2.31
CA CYS B 376 -21.62 17.47 2.42
C CYS B 376 -20.32 16.72 2.12
N TYR B 377 -19.47 17.32 1.30
CA TYR B 377 -18.18 16.77 0.93
C TYR B 377 -17.08 17.71 1.39
N GLY B 378 -16.11 17.17 2.12
CA GLY B 378 -15.02 17.95 2.66
C GLY B 378 -15.36 18.71 3.92
N VAL B 379 -16.57 18.58 4.44
CA VAL B 379 -17.00 19.29 5.64
C VAL B 379 -18.23 18.60 6.18
N SER B 380 -18.51 18.79 7.47
CA SER B 380 -19.66 18.19 8.11
C SER B 380 -20.77 19.21 8.31
N PRO B 381 -22.04 18.81 8.20
CA PRO B 381 -23.13 19.78 8.37
C PRO B 381 -23.10 20.47 9.74
N THR B 382 -22.77 19.73 10.79
CA THR B 382 -22.82 20.28 12.14
C THR B 382 -21.69 21.26 12.40
N LYS B 383 -20.52 21.06 11.79
CA LYS B 383 -19.38 21.92 12.03
C LYS B 383 -19.52 23.30 11.42
N LEU B 384 -20.52 23.52 10.56
CA LEU B 384 -20.64 24.80 9.88
C LEU B 384 -20.79 25.95 10.86
N ASN B 385 -21.60 25.76 11.90
CA ASN B 385 -21.77 26.81 12.89
C ASN B 385 -20.48 27.14 13.61
N ASP B 386 -19.51 26.22 13.64
CA ASP B 386 -18.25 26.42 14.32
C ASP B 386 -17.10 26.66 13.35
N LEU B 387 -17.40 27.18 12.16
CA LEU B 387 -16.38 27.43 11.14
C LEU B 387 -16.60 28.80 10.52
N CYS B 388 -15.49 29.39 10.04
CA CYS B 388 -15.51 30.65 9.33
C CYS B 388 -14.94 30.45 7.94
N PHE B 389 -15.54 31.09 6.95
CA PHE B 389 -15.12 30.96 5.56
C PHE B 389 -15.02 32.35 4.93
N THR B 390 -14.06 32.49 4.02
CA THR B 390 -13.88 33.79 3.35
C THR B 390 -15.10 34.16 2.52
N ASN B 391 -15.66 33.20 1.79
CA ASN B 391 -16.82 33.46 0.95
C ASN B 391 -17.59 32.16 0.78
N VAL B 392 -18.84 32.29 0.35
CA VAL B 392 -19.67 31.15 0.00
C VAL B 392 -20.34 31.41 -1.33
N TYR B 393 -20.35 30.42 -2.20
CA TYR B 393 -21.03 30.50 -3.49
C TYR B 393 -22.21 29.54 -3.48
N ALA B 394 -23.41 30.08 -3.66
CA ALA B 394 -24.63 29.29 -3.71
C ALA B 394 -25.04 29.15 -5.17
N ASP B 395 -24.93 27.93 -5.71
CA ASP B 395 -25.32 27.62 -7.08
C ASP B 395 -26.68 26.93 -7.02
N SER B 396 -27.71 27.61 -7.51
CA SER B 396 -29.08 27.12 -7.46
C SER B 396 -29.57 26.78 -8.86
N PHE B 397 -30.31 25.68 -8.98
CA PHE B 397 -30.87 25.27 -10.25
C PHE B 397 -31.95 24.23 -9.99
N VAL B 398 -32.53 23.70 -11.06
CA VAL B 398 -33.59 22.70 -10.99
C VAL B 398 -33.27 21.57 -11.94
N ILE B 399 -33.42 20.34 -11.46
CA ILE B 399 -33.18 19.14 -12.27
C ILE B 399 -34.30 18.16 -12.02
N ARG B 400 -34.19 16.95 -12.58
CA ARG B 400 -35.11 15.87 -12.25
C ARG B 400 -34.50 14.98 -11.18
N GLY B 401 -35.35 14.13 -10.59
CA GLY B 401 -34.89 13.30 -9.49
C GLY B 401 -33.74 12.39 -9.90
N ASP B 402 -33.87 11.73 -11.05
CA ASP B 402 -32.84 10.80 -11.49
C ASP B 402 -31.49 11.47 -11.67
N GLU B 403 -31.46 12.76 -11.96
CA GLU B 403 -30.22 13.49 -12.15
C GLU B 403 -29.62 13.99 -10.84
N VAL B 404 -30.30 13.79 -9.71
CA VAL B 404 -29.77 14.27 -8.44
C VAL B 404 -28.41 13.66 -8.15
N ARG B 405 -28.25 12.37 -8.46
CA ARG B 405 -26.96 11.71 -8.25
C ARG B 405 -25.86 12.37 -9.06
N GLN B 406 -26.19 12.95 -10.22
CA GLN B 406 -25.16 13.54 -11.07
C GLN B 406 -24.51 14.76 -10.43
N ILE B 407 -25.18 15.41 -9.49
CA ILE B 407 -24.63 16.62 -8.84
C ILE B 407 -23.81 16.13 -7.66
N ALA B 408 -22.55 15.78 -7.93
CA ALA B 408 -21.63 15.32 -6.91
C ALA B 408 -20.23 15.16 -7.53
N PRO B 409 -19.17 15.25 -6.72
CA PRO B 409 -17.82 15.11 -7.28
C PRO B 409 -17.63 13.73 -7.90
N GLY B 410 -16.85 13.69 -8.97
CA GLY B 410 -16.56 12.45 -9.66
C GLY B 410 -17.79 11.80 -10.26
N GLN B 411 -18.63 12.62 -10.91
CA GLN B 411 -19.85 12.15 -11.56
C GLN B 411 -19.80 12.48 -13.04
N THR B 412 -20.45 11.64 -13.84
CA THR B 412 -20.53 11.81 -15.28
C THR B 412 -21.99 11.68 -15.72
N GLY B 413 -22.33 12.43 -16.76
CA GLY B 413 -23.68 12.42 -17.27
C GLY B 413 -23.96 13.71 -18.02
N ASN B 414 -25.19 13.81 -18.55
CA ASN B 414 -25.57 14.99 -19.31
C ASN B 414 -25.44 16.25 -18.47
N ILE B 415 -26.01 16.23 -17.26
CA ILE B 415 -25.95 17.42 -16.40
C ILE B 415 -24.51 17.72 -16.02
N ALA B 416 -23.78 16.69 -15.61
CA ALA B 416 -22.39 16.88 -15.18
C ALA B 416 -21.53 17.37 -16.34
N ASP B 417 -21.68 16.76 -17.52
CA ASP B 417 -20.79 17.07 -18.64
C ASP B 417 -21.11 18.42 -19.27
N TYR B 418 -22.39 18.75 -19.44
CA TYR B 418 -22.78 19.87 -20.28
C TYR B 418 -23.44 21.03 -19.54
N ASN B 419 -23.92 20.82 -18.32
CA ASN B 419 -24.66 21.85 -17.59
C ASN B 419 -23.92 22.35 -16.36
N TYR B 420 -23.56 21.47 -15.43
CA TYR B 420 -22.94 21.88 -14.19
C TYR B 420 -22.03 20.77 -13.69
N LYS B 421 -20.74 21.09 -13.54
CA LYS B 421 -19.74 20.12 -13.12
C LYS B 421 -19.10 20.59 -11.82
N LEU B 422 -18.91 19.65 -10.89
CA LEU B 422 -18.24 19.95 -9.63
C LEU B 422 -16.80 19.46 -9.67
N PRO B 423 -15.87 20.16 -9.03
CA PRO B 423 -14.47 19.70 -9.03
C PRO B 423 -14.29 18.46 -8.17
N ASP B 424 -13.23 17.72 -8.47
CA ASP B 424 -12.94 16.51 -7.71
C ASP B 424 -12.65 16.85 -6.25
N ASP B 425 -11.94 17.95 -6.00
CA ASP B 425 -11.64 18.41 -4.65
C ASP B 425 -12.71 19.34 -4.09
N PHE B 426 -13.95 19.22 -4.58
CA PHE B 426 -15.02 20.10 -4.13
C PHE B 426 -15.20 20.03 -2.62
N THR B 427 -15.37 21.19 -2.01
CA THR B 427 -15.65 21.31 -0.58
C THR B 427 -16.92 22.13 -0.43
N GLY B 428 -17.96 21.53 0.15
CA GLY B 428 -19.22 22.22 0.31
C GLY B 428 -20.32 21.23 0.65
N CYS B 429 -21.56 21.65 0.34
CA CYS B 429 -22.73 20.83 0.61
C CYS B 429 -23.75 20.99 -0.50
N VAL B 430 -24.35 19.87 -0.91
CA VAL B 430 -25.40 19.84 -1.92
C VAL B 430 -26.71 19.50 -1.22
N ILE B 431 -27.72 20.33 -1.45
CA ILE B 431 -29.05 20.13 -0.86
C ILE B 431 -30.07 20.12 -1.99
N ALA B 432 -30.79 19.01 -2.14
CA ALA B 432 -31.80 18.86 -3.17
C ALA B 432 -33.13 18.54 -2.52
N TRP B 433 -34.17 19.29 -2.89
CA TRP B 433 -35.51 19.08 -2.35
C TRP B 433 -36.53 19.12 -3.47
N ASN B 434 -37.51 18.22 -3.37
CA ASN B 434 -38.55 18.15 -4.40
C ASN B 434 -39.29 19.48 -4.50
N SER B 435 -39.58 19.89 -5.74
CA SER B 435 -40.31 21.11 -6.03
C SER B 435 -41.47 20.82 -6.97
N ASN B 436 -42.12 19.68 -6.78
CA ASN B 436 -43.23 19.31 -7.66
C ASN B 436 -44.38 20.31 -7.55
N ASN B 437 -44.71 20.73 -6.33
CA ASN B 437 -45.80 21.67 -6.15
C ASN B 437 -45.48 23.06 -6.70
N LEU B 438 -44.21 23.34 -7.00
CA LEU B 438 -43.78 24.65 -7.47
C LEU B 438 -43.39 24.67 -8.94
N ASP B 439 -42.70 23.65 -9.43
CA ASP B 439 -42.15 23.65 -10.78
C ASP B 439 -42.86 22.65 -11.70
N SER B 440 -44.07 22.24 -11.35
CA SER B 440 -44.86 21.32 -12.18
C SER B 440 -46.17 21.99 -12.59
N LYS B 441 -46.51 21.85 -13.86
CA LYS B 441 -47.74 22.41 -14.41
C LYS B 441 -48.50 21.31 -15.14
N VAL B 442 -49.83 21.45 -15.17
CA VAL B 442 -50.66 20.44 -15.80
C VAL B 442 -50.32 20.31 -17.27
N GLY B 443 -50.16 21.44 -17.97
CA GLY B 443 -49.79 21.43 -19.37
C GLY B 443 -48.32 21.25 -19.65
N GLY B 444 -47.50 21.12 -18.62
CA GLY B 444 -46.07 20.95 -18.79
C GLY B 444 -45.29 22.24 -18.56
N ASN B 445 -44.40 22.22 -17.57
CA ASN B 445 -43.57 23.39 -17.25
C ASN B 445 -42.30 23.30 -18.06
N TYR B 446 -42.21 24.12 -19.11
CA TYR B 446 -41.06 24.14 -20.01
C TYR B 446 -40.09 25.26 -19.69
N ASN B 447 -40.29 25.98 -18.57
CA ASN B 447 -39.42 27.10 -18.25
C ASN B 447 -37.98 26.64 -17.99
N TYR B 448 -37.82 25.43 -17.47
CA TYR B 448 -36.49 24.90 -17.14
C TYR B 448 -35.95 24.11 -18.31
N LEU B 449 -34.70 24.40 -18.69
CA LEU B 449 -34.04 23.75 -19.82
C LEU B 449 -32.70 23.21 -19.36
N TYR B 450 -32.21 22.20 -20.09
CA TYR B 450 -30.92 21.59 -19.81
C TYR B 450 -30.18 21.37 -21.11
N ARG B 451 -28.87 21.63 -21.11
CA ARG B 451 -28.06 21.46 -22.31
C ARG B 451 -27.94 19.98 -22.63
N LEU B 452 -28.73 19.52 -23.61
CA LEU B 452 -28.71 18.11 -23.97
C LEU B 452 -27.47 17.73 -24.78
N PHE B 453 -26.91 18.67 -25.53
CA PHE B 453 -25.73 18.40 -26.34
C PHE B 453 -24.73 19.54 -26.16
N ARG B 454 -23.44 19.19 -26.17
CA ARG B 454 -22.37 20.17 -26.15
C ARG B 454 -21.15 19.59 -26.84
N LYS B 455 -20.29 20.47 -27.34
CA LYS B 455 -19.11 20.05 -28.07
C LYS B 455 -18.02 19.49 -27.18
N SER B 456 -18.10 19.70 -25.87
CA SER B 456 -17.11 19.18 -24.93
C SER B 456 -17.72 19.17 -23.54
N ASN B 457 -16.90 18.83 -22.55
CA ASN B 457 -17.34 18.76 -21.16
C ASN B 457 -16.94 20.01 -20.41
N LEU B 458 -17.88 20.56 -19.64
CA LEU B 458 -17.62 21.78 -18.89
C LEU B 458 -16.61 21.54 -17.78
N LYS B 459 -15.74 22.52 -17.55
CA LYS B 459 -14.85 22.49 -16.41
C LYS B 459 -15.63 22.77 -15.14
N PRO B 460 -15.07 22.44 -13.98
CA PRO B 460 -15.80 22.65 -12.72
C PRO B 460 -16.21 24.10 -12.55
N PHE B 461 -17.43 24.30 -12.05
CA PHE B 461 -17.97 25.64 -11.82
C PHE B 461 -17.93 26.48 -13.09
N GLU B 462 -18.27 25.86 -14.22
CA GLU B 462 -18.34 26.54 -15.50
C GLU B 462 -19.78 26.56 -15.99
N ARG B 463 -20.25 27.73 -16.41
CA ARG B 463 -21.60 27.91 -16.92
C ARG B 463 -21.53 28.24 -18.41
N ASP B 464 -22.30 27.51 -19.21
CA ASP B 464 -22.38 27.73 -20.64
C ASP B 464 -23.84 28.05 -21.00
N ILE B 465 -24.09 29.27 -21.43
CA ILE B 465 -25.42 29.71 -21.84
C ILE B 465 -25.55 29.86 -23.34
N SER B 466 -24.53 29.47 -24.10
CA SER B 466 -24.59 29.59 -25.56
C SER B 466 -25.71 28.72 -26.11
N THR B 467 -26.50 29.28 -27.02
CA THR B 467 -27.60 28.58 -27.65
C THR B 467 -27.30 28.22 -29.11
N GLU B 468 -26.03 28.25 -29.50
CA GLU B 468 -25.65 27.92 -30.87
C GLU B 468 -26.09 26.50 -31.21
N ILE B 469 -26.60 26.33 -32.42
CA ILE B 469 -27.06 25.01 -32.86
C ILE B 469 -25.89 24.05 -32.83
N TYR B 470 -26.10 22.90 -32.18
CA TYR B 470 -25.03 21.92 -32.07
C TYR B 470 -24.79 21.22 -33.41
N GLN B 471 -23.53 21.14 -33.81
CA GLN B 471 -23.15 20.49 -35.06
C GLN B 471 -22.80 19.03 -34.75
N ALA B 472 -23.73 18.13 -35.07
CA ALA B 472 -23.53 16.71 -34.78
C ALA B 472 -22.67 15.99 -35.82
N GLY B 473 -22.35 16.65 -36.93
CA GLY B 473 -21.55 16.02 -37.96
C GLY B 473 -20.57 16.97 -38.61
N SER B 474 -20.25 16.74 -39.89
CA SER B 474 -19.34 17.59 -40.63
C SER B 474 -20.05 18.65 -41.47
N THR B 475 -21.38 18.72 -41.39
CA THR B 475 -22.15 19.68 -42.17
C THR B 475 -22.47 20.89 -41.31
N PRO B 476 -21.97 22.08 -41.63
CA PRO B 476 -22.30 23.25 -40.80
C PRO B 476 -23.80 23.52 -40.79
N CYS B 477 -24.30 23.95 -39.64
CA CYS B 477 -25.72 24.22 -39.47
C CYS B 477 -26.10 25.65 -39.82
N ASN B 478 -25.17 26.60 -39.64
CA ASN B 478 -25.43 28.01 -39.94
C ASN B 478 -26.64 28.52 -39.17
N GLY B 479 -26.80 28.05 -37.94
CA GLY B 479 -27.91 28.49 -37.11
C GLY B 479 -29.26 27.98 -37.57
N VAL B 480 -29.30 26.90 -38.34
CA VAL B 480 -30.54 26.33 -38.85
C VAL B 480 -30.56 24.85 -38.52
N LYS B 481 -31.66 24.37 -37.96
CA LYS B 481 -31.79 22.97 -37.60
C LYS B 481 -31.98 22.12 -38.85
N GLY B 482 -31.93 20.81 -38.67
CA GLY B 482 -32.08 19.88 -39.77
C GLY B 482 -31.38 18.56 -39.53
N PHE B 483 -30.55 18.13 -40.48
CA PHE B 483 -29.81 16.88 -40.35
C PHE B 483 -28.48 17.14 -39.65
N ASN B 484 -28.17 16.33 -38.64
CA ASN B 484 -26.96 16.50 -37.84
C ASN B 484 -26.91 17.90 -37.21
N CYS B 485 -28.06 18.44 -36.86
CA CYS B 485 -28.14 19.76 -36.25
C CYS B 485 -29.29 19.75 -35.24
N TYR B 486 -28.97 20.02 -33.97
CA TYR B 486 -29.96 19.97 -32.91
C TYR B 486 -29.79 21.18 -32.01
N PHE B 487 -30.89 21.59 -31.39
CA PHE B 487 -30.84 22.70 -30.44
C PHE B 487 -30.19 22.23 -29.15
N PRO B 488 -29.16 22.93 -28.65
CA PRO B 488 -28.44 22.41 -27.48
C PRO B 488 -29.30 22.24 -26.25
N LEU B 489 -30.34 23.04 -26.07
CA LEU B 489 -31.15 23.01 -24.87
C LEU B 489 -32.43 22.21 -25.11
N GLN B 490 -32.74 21.31 -24.18
CA GLN B 490 -33.97 20.53 -24.20
C GLN B 490 -34.78 20.88 -22.95
N SER B 491 -36.09 20.96 -23.11
CA SER B 491 -36.98 21.37 -22.04
C SER B 491 -37.44 20.16 -21.24
N TYR B 492 -37.39 20.27 -19.91
CA TYR B 492 -37.88 19.19 -19.05
C TYR B 492 -39.38 18.95 -19.25
N GLY B 493 -40.15 20.03 -19.33
CA GLY B 493 -41.59 19.90 -19.45
C GLY B 493 -42.22 19.23 -18.25
N PHE B 494 -41.83 19.65 -17.04
CA PHE B 494 -42.31 19.01 -15.83
C PHE B 494 -43.83 19.03 -15.76
N GLN B 495 -44.41 17.91 -15.34
CA GLN B 495 -45.85 17.77 -15.15
C GLN B 495 -46.12 17.09 -13.82
N PRO B 496 -47.26 17.38 -13.20
CA PRO B 496 -47.58 16.72 -11.92
C PRO B 496 -47.75 15.21 -12.06
N THR B 497 -48.03 14.70 -13.24
CA THR B 497 -48.25 13.28 -13.44
C THR B 497 -46.95 12.49 -13.60
N TYR B 498 -45.81 13.16 -13.70
CA TYR B 498 -44.55 12.46 -13.84
C TYR B 498 -44.19 11.73 -12.55
N GLY B 499 -43.35 10.70 -12.69
CA GLY B 499 -42.92 9.92 -11.55
C GLY B 499 -41.90 10.65 -10.70
N VAL B 500 -41.55 10.01 -9.58
CA VAL B 500 -40.62 10.62 -8.63
C VAL B 500 -39.29 10.90 -9.31
N GLY B 501 -38.83 9.98 -10.16
CA GLY B 501 -37.57 10.16 -10.86
C GLY B 501 -37.58 11.31 -11.85
N TYR B 502 -38.76 11.78 -12.25
CA TYR B 502 -38.88 12.87 -13.19
C TYR B 502 -39.47 14.14 -12.59
N GLN B 503 -39.89 14.11 -11.33
CA GLN B 503 -40.43 15.30 -10.70
C GLN B 503 -39.33 16.36 -10.54
N PRO B 504 -39.68 17.65 -10.55
CA PRO B 504 -38.66 18.69 -10.44
C PRO B 504 -38.10 18.78 -9.03
N TYR B 505 -36.78 18.79 -8.92
CA TYR B 505 -36.07 18.97 -7.67
C TYR B 505 -35.21 20.22 -7.76
N ARG B 506 -35.37 21.11 -6.79
CA ARG B 506 -34.51 22.27 -6.67
C ARG B 506 -33.23 21.88 -5.94
N VAL B 507 -32.08 22.18 -6.54
CA VAL B 507 -30.78 21.80 -6.02
C VAL B 507 -29.96 23.06 -5.78
N VAL B 508 -29.43 23.20 -4.57
CA VAL B 508 -28.56 24.30 -4.19
C VAL B 508 -27.25 23.71 -3.69
N VAL B 509 -26.15 24.17 -4.27
CA VAL B 509 -24.81 23.74 -3.87
C VAL B 509 -24.12 24.94 -3.22
N LEU B 510 -23.80 24.80 -1.95
CA LEU B 510 -23.08 25.82 -1.19
C LEU B 510 -21.61 25.40 -1.14
N SER B 511 -20.77 26.17 -1.85
CA SER B 511 -19.33 25.94 -1.85
C SER B 511 -18.66 26.98 -0.98
N PHE B 512 -17.98 26.52 0.07
CA PHE B 512 -17.30 27.41 1.02
C PHE B 512 -15.84 27.53 0.60
N GLU B 513 -15.37 28.77 0.44
CA GLU B 513 -13.99 29.03 0.08
C GLU B 513 -13.15 29.20 1.33
N LEU B 514 -12.12 28.37 1.47
CA LEU B 514 -11.21 28.41 2.61
C LEU B 514 -9.85 28.86 2.07
N LEU B 515 -9.65 30.17 2.01
CA LEU B 515 -8.43 30.76 1.48
C LEU B 515 -7.64 31.43 2.60
N HIS B 516 -6.52 32.03 2.24
CA HIS B 516 -5.67 32.71 3.20
C HIS B 516 -6.17 34.11 3.54
N ALA B 517 -7.11 34.65 2.77
CA ALA B 517 -7.64 35.97 3.05
C ALA B 517 -8.48 35.94 4.33
N PRO B 518 -8.67 37.08 4.98
CA PRO B 518 -9.47 37.10 6.21
C PRO B 518 -10.86 36.54 5.98
N ALA B 519 -11.35 35.78 6.95
CA ALA B 519 -12.67 35.17 6.83
C ALA B 519 -13.75 36.24 6.92
N THR B 520 -14.82 36.02 6.17
CA THR B 520 -15.96 36.94 6.16
C THR B 520 -17.30 36.28 6.45
N VAL B 521 -17.43 34.97 6.23
CA VAL B 521 -18.64 34.22 6.54
C VAL B 521 -18.34 33.32 7.72
N CYS B 522 -19.09 33.49 8.80
CA CYS B 522 -18.92 32.71 10.02
C CYS B 522 -20.27 32.17 10.46
N GLY B 523 -20.25 31.37 11.52
CA GLY B 523 -21.46 30.86 12.13
C GLY B 523 -21.79 31.62 13.40
N PRO B 524 -22.81 31.18 14.12
CA PRO B 524 -23.18 31.86 15.36
C PRO B 524 -22.20 31.57 16.50
N LYS B 525 -20.93 31.93 16.29
CA LYS B 525 -19.86 31.70 17.25
C LYS B 525 -19.24 33.03 17.63
N LYS B 526 -19.16 33.29 18.94
CA LYS B 526 -18.62 34.54 19.45
C LYS B 526 -17.10 34.41 19.63
N SER B 527 -16.45 35.57 19.72
CA SER B 527 -15.00 35.64 19.90
C SER B 527 -14.71 36.04 21.34
N THR B 528 -13.88 35.24 22.00
CA THR B 528 -13.51 35.51 23.39
C THR B 528 -12.38 36.54 23.45
N ASN B 529 -12.06 36.99 24.65
CA ASN B 529 -11.01 37.99 24.83
C ASN B 529 -9.64 37.37 24.55
N LEU B 530 -8.67 38.26 24.31
CA LEU B 530 -7.31 37.83 24.01
C LEU B 530 -6.56 37.50 25.29
N VAL B 531 -5.83 36.39 25.28
CA VAL B 531 -5.03 35.94 26.42
C VAL B 531 -3.60 35.77 25.94
N LYS B 532 -2.65 36.23 26.76
CA LYS B 532 -1.25 36.27 26.38
C LYS B 532 -0.39 35.60 27.45
N ASN B 533 0.79 35.15 27.03
CA ASN B 533 1.78 34.56 27.92
C ASN B 533 1.27 33.28 28.58
N LYS B 534 0.39 32.56 27.90
CA LYS B 534 -0.16 31.31 28.42
C LYS B 534 -0.45 30.38 27.26
N CYS B 535 -0.36 29.08 27.52
CA CYS B 535 -0.74 28.08 26.54
C CYS B 535 -2.26 28.14 26.33
N VAL B 536 -2.68 28.17 25.07
CA VAL B 536 -4.09 28.37 24.74
C VAL B 536 -4.37 27.76 23.37
N ASN B 537 -5.61 27.32 23.19
CA ASN B 537 -6.11 26.87 21.90
C ASN B 537 -6.71 28.09 21.20
N PHE B 538 -5.98 28.62 20.22
CA PHE B 538 -6.36 29.84 19.54
C PHE B 538 -7.04 29.53 18.20
N ASN B 539 -7.91 30.44 17.79
CA ASN B 539 -8.60 30.35 16.51
C ASN B 539 -8.71 31.76 15.94
N PHE B 540 -7.88 32.07 14.96
CA PHE B 540 -7.86 33.38 14.31
C PHE B 540 -8.45 33.25 12.92
N ASN B 541 -9.61 33.87 12.70
CA ASN B 541 -10.25 33.89 11.39
C ASN B 541 -10.50 32.48 10.86
N GLY B 542 -10.83 31.56 11.78
CA GLY B 542 -11.08 30.19 11.43
C GLY B 542 -9.83 29.31 11.40
N LEU B 543 -8.65 29.90 11.39
CA LEU B 543 -7.40 29.15 11.44
C LEU B 543 -7.17 28.74 12.90
N THR B 544 -7.18 27.44 13.16
CA THR B 544 -7.09 26.91 14.50
C THR B 544 -5.66 26.44 14.80
N GLY B 545 -5.32 26.47 16.08
CA GLY B 545 -4.01 25.99 16.50
C GLY B 545 -3.90 26.07 18.01
N THR B 546 -2.76 25.65 18.51
CA THR B 546 -2.46 25.69 19.94
C THR B 546 -1.08 26.27 20.14
N GLY B 547 -0.94 27.13 21.14
CA GLY B 547 0.36 27.72 21.41
C GLY B 547 0.25 28.84 22.44
N VAL B 548 1.37 29.54 22.59
CA VAL B 548 1.47 30.70 23.48
C VAL B 548 1.56 31.95 22.62
N LEU B 549 0.69 32.91 22.92
CA LEU B 549 0.60 34.16 22.16
C LEU B 549 1.30 35.27 22.94
N THR B 550 2.22 35.95 22.28
CA THR B 550 2.98 37.02 22.91
C THR B 550 3.06 38.23 21.99
N GLU B 551 3.29 39.39 22.58
CA GLU B 551 3.48 40.60 21.80
C GLU B 551 4.70 40.47 20.92
N SER B 552 4.59 40.91 19.66
CA SER B 552 5.64 40.77 18.67
C SER B 552 6.05 42.13 18.15
N ASN B 553 7.34 42.26 17.85
CA ASN B 553 7.90 43.48 17.28
C ASN B 553 7.99 43.44 15.75
N LYS B 554 7.52 42.38 15.12
CA LYS B 554 7.61 42.27 13.67
C LYS B 554 6.83 43.39 13.00
N LYS B 555 7.38 43.91 11.92
CA LYS B 555 6.78 45.04 11.20
C LYS B 555 5.92 44.49 10.07
N PHE B 556 4.76 43.98 10.43
CA PHE B 556 3.80 43.50 9.44
C PHE B 556 3.37 44.64 8.53
N LEU B 557 3.25 44.34 7.24
CA LEU B 557 2.74 45.30 6.30
C LEU B 557 1.21 45.34 6.37
N PRO B 558 0.59 46.45 5.94
CA PRO B 558 -0.87 46.57 6.09
C PRO B 558 -1.63 45.44 5.42
N PHE B 559 -1.13 44.92 4.31
CA PHE B 559 -1.81 43.86 3.58
C PHE B 559 -1.47 42.46 4.08
N GLN B 560 -0.58 42.35 5.06
CA GLN B 560 -0.16 41.04 5.58
C GLN B 560 -0.97 40.70 6.83
N GLN B 561 -1.55 39.50 6.84
CA GLN B 561 -2.38 39.04 7.94
C GLN B 561 -1.61 38.17 8.93
N PHE B 562 -0.76 37.27 8.44
CA PHE B 562 -0.02 36.38 9.32
C PHE B 562 1.29 36.00 8.64
N GLY B 563 2.23 35.50 9.44
CA GLY B 563 3.54 35.15 8.96
C GLY B 563 3.80 33.66 9.10
N ARG B 564 4.66 33.14 8.23
CA ARG B 564 5.04 31.75 8.26
C ARG B 564 6.57 31.63 8.31
N ASP B 565 7.03 30.58 8.97
CA ASP B 565 8.45 30.29 9.07
C ASP B 565 8.86 29.36 7.93
N ILE B 566 10.06 28.78 8.02
CA ILE B 566 10.52 27.87 6.97
C ILE B 566 9.57 26.69 6.83
N ALA B 567 8.90 26.31 7.91
CA ALA B 567 8.00 25.16 7.91
C ALA B 567 6.62 25.49 7.34
N ASP B 568 6.39 26.73 6.90
CA ASP B 568 5.08 27.16 6.42
C ASP B 568 4.03 27.14 7.52
N THR B 569 4.46 27.10 8.77
CA THR B 569 3.56 27.08 9.92
C THR B 569 3.35 28.48 10.44
N THR B 570 2.17 28.72 11.02
CA THR B 570 1.79 30.04 11.49
C THR B 570 2.71 30.46 12.63
N ASP B 571 3.61 31.40 12.37
CA ASP B 571 4.50 31.92 13.39
C ASP B 571 3.98 33.19 14.04
N ALA B 572 3.25 34.02 13.29
CA ALA B 572 2.67 35.24 13.84
C ALA B 572 1.34 35.49 13.14
N VAL B 573 0.42 36.13 13.85
CA VAL B 573 -0.91 36.42 13.33
C VAL B 573 -1.29 37.86 13.63
N ARG B 574 -2.28 38.36 12.90
CA ARG B 574 -2.87 39.66 13.14
C ARG B 574 -4.25 39.45 13.73
N ASP B 575 -4.46 39.91 14.95
CA ASP B 575 -5.73 39.74 15.61
C ASP B 575 -6.82 40.45 14.82
N PRO B 576 -7.88 39.76 14.39
CA PRO B 576 -8.88 40.42 13.53
C PRO B 576 -9.53 41.63 14.18
N GLN B 577 -9.75 41.61 15.48
CA GLN B 577 -10.41 42.73 16.14
C GLN B 577 -9.44 43.90 16.33
N THR B 578 -8.35 43.67 17.06
CA THR B 578 -7.32 44.68 17.26
C THR B 578 -6.17 44.40 16.30
N LEU B 579 -5.84 45.39 15.47
CA LEU B 579 -4.82 45.22 14.44
C LEU B 579 -3.45 45.27 15.11
N GLU B 580 -3.06 44.13 15.69
CA GLU B 580 -1.76 43.98 16.33
C GLU B 580 -1.19 42.62 15.95
N ILE B 581 0.14 42.51 16.02
CA ILE B 581 0.86 41.31 15.62
C ILE B 581 1.18 40.51 16.87
N LEU B 582 0.78 39.24 16.87
CA LEU B 582 1.01 38.33 17.99
C LEU B 582 1.84 37.16 17.50
N ASP B 583 2.99 36.94 18.14
CA ASP B 583 3.79 35.76 17.87
C ASP B 583 3.20 34.55 18.59
N ILE B 584 3.09 33.44 17.87
CA ILE B 584 2.61 32.18 18.41
C ILE B 584 3.81 31.24 18.50
N THR B 585 4.04 30.70 19.68
CA THR B 585 5.14 29.77 19.89
C THR B 585 4.61 28.45 20.44
N PRO B 586 5.31 27.34 20.22
CA PRO B 586 4.87 26.08 20.82
C PRO B 586 4.76 26.23 22.32
N CYS B 587 3.67 25.68 22.89
CA CYS B 587 3.42 25.86 24.31
C CYS B 587 4.61 25.37 25.11
N SER B 588 4.85 24.06 25.06
CA SER B 588 6.04 23.46 25.62
C SER B 588 5.99 21.96 25.36
N PHE B 589 7.13 21.34 25.12
CA PHE B 589 7.17 19.91 24.95
C PHE B 589 8.61 19.44 25.10
N GLY B 590 8.78 18.32 25.79
CA GLY B 590 10.13 17.83 26.01
C GLY B 590 10.16 16.43 26.61
N GLY B 591 11.15 15.64 26.23
CA GLY B 591 11.28 14.32 26.78
C GLY B 591 11.44 14.33 28.28
N VAL B 592 10.63 13.54 28.97
CA VAL B 592 10.78 13.30 30.39
C VAL B 592 11.63 12.04 30.53
N SER B 593 12.85 12.22 31.01
CA SER B 593 13.77 11.14 31.32
C SER B 593 13.87 11.01 32.83
N VAL B 594 14.33 9.86 33.30
CA VAL B 594 14.43 9.58 34.73
C VAL B 594 15.85 9.15 35.05
N ILE B 595 16.54 9.96 35.86
CA ILE B 595 17.85 9.60 36.39
C ILE B 595 17.62 8.73 37.62
N THR B 596 17.92 7.44 37.50
CA THR B 596 17.67 6.50 38.57
C THR B 596 18.93 5.70 38.85
N PRO B 597 19.42 5.68 40.08
CA PRO B 597 20.40 4.64 40.45
C PRO B 597 19.70 3.29 40.48
N GLY B 598 20.49 2.24 40.23
CA GLY B 598 19.93 0.91 40.15
C GLY B 598 18.90 0.65 41.23
N THR B 599 17.73 0.14 40.84
CA THR B 599 16.67 -0.08 41.81
C THR B 599 17.15 -0.95 42.96
N ASN B 600 18.10 -1.85 42.70
CA ASN B 600 18.73 -2.60 43.78
C ASN B 600 19.38 -1.67 44.80
N THR B 601 19.87 -0.52 44.35
CA THR B 601 20.52 0.43 45.26
C THR B 601 19.50 1.28 46.00
N SER B 602 18.69 2.04 45.26
CA SER B 602 17.73 2.93 45.88
C SER B 602 16.53 3.09 44.96
N ASN B 603 15.40 3.50 45.55
CA ASN B 603 14.18 3.73 44.81
C ASN B 603 13.95 5.19 44.45
N GLN B 604 14.75 6.10 45.00
CA GLN B 604 14.59 7.52 44.71
C GLN B 604 15.18 7.84 43.35
N VAL B 605 14.46 8.65 42.58
CA VAL B 605 14.88 9.03 41.22
C VAL B 605 14.70 10.52 41.05
N ALA B 606 15.48 11.08 40.13
CA ALA B 606 15.30 12.45 39.66
C ALA B 606 14.69 12.43 38.27
N VAL B 607 14.07 13.54 37.90
CA VAL B 607 13.39 13.65 36.62
C VAL B 607 14.03 14.79 35.83
N LEU B 608 14.28 14.54 34.55
CA LEU B 608 14.87 15.53 33.66
C LEU B 608 13.83 15.83 32.57
N TYR B 609 13.27 17.04 32.61
CA TYR B 609 12.44 17.54 31.53
C TYR B 609 13.36 18.23 30.54
N GLN B 610 13.61 17.58 29.40
CA GLN B 610 14.63 18.03 28.47
C GLN B 610 14.14 19.25 27.70
N GLY B 611 14.96 20.30 27.69
CA GLY B 611 14.65 21.48 26.90
C GLY B 611 13.39 22.21 27.33
N VAL B 612 13.18 22.35 28.63
CA VAL B 612 12.08 23.15 29.15
C VAL B 612 12.60 24.00 30.30
N ASN B 613 12.21 25.27 30.32
CA ASN B 613 12.58 26.16 31.41
C ASN B 613 11.95 25.67 32.71
N CYS B 614 12.58 26.01 33.82
CA CYS B 614 12.06 25.58 35.12
C CYS B 614 10.94 26.51 35.59
N THR B 615 9.97 26.76 34.71
CA THR B 615 8.75 27.48 35.08
C THR B 615 7.50 26.84 34.53
N GLU B 616 7.57 26.04 33.47
CA GLU B 616 6.40 25.40 32.90
C GLU B 616 6.06 24.08 33.59
N VAL B 617 6.94 23.59 34.45
CA VAL B 617 6.69 22.33 35.15
C VAL B 617 5.69 22.55 36.27
N SER B 637 10.64 20.98 46.53
CA SER B 637 11.82 20.15 46.39
C SER B 637 12.95 20.92 45.71
N ASN B 638 13.87 20.20 45.09
CA ASN B 638 15.03 20.81 44.43
C ASN B 638 14.75 20.94 42.94
N VAL B 639 15.02 22.12 42.40
CA VAL B 639 14.88 22.40 40.97
C VAL B 639 16.19 23.00 40.47
N PHE B 640 16.74 22.42 39.43
CA PHE B 640 18.03 22.83 38.87
C PHE B 640 17.86 23.06 37.38
N GLN B 641 18.25 24.24 36.92
CA GLN B 641 18.07 24.63 35.53
C GLN B 641 19.40 24.46 34.79
N THR B 642 19.51 23.38 34.03
CA THR B 642 20.68 23.11 33.22
C THR B 642 20.35 23.33 31.75
N ARG B 643 21.40 23.42 30.93
CA ARG B 643 21.18 23.56 29.50
C ARG B 643 20.43 22.36 28.93
N ALA B 644 20.50 21.21 29.58
CA ALA B 644 19.72 20.06 29.13
C ALA B 644 18.23 20.25 29.40
N GLY B 645 17.89 20.96 30.45
CA GLY B 645 16.50 21.20 30.79
C GLY B 645 16.35 21.41 32.29
N CYS B 646 15.17 21.06 32.78
CA CYS B 646 14.84 21.22 34.20
C CYS B 646 15.01 19.89 34.90
N LEU B 647 15.86 19.85 35.93
CA LEU B 647 16.14 18.65 36.69
C LEU B 647 15.49 18.81 38.06
N ILE B 648 14.65 17.83 38.44
CA ILE B 648 13.87 17.88 39.66
C ILE B 648 14.20 16.66 40.50
N GLY B 649 14.52 16.88 41.77
CA GLY B 649 14.90 15.82 42.67
C GLY B 649 16.39 15.60 42.80
N ALA B 650 17.21 16.42 42.15
CA ALA B 650 18.66 16.30 42.22
C ALA B 650 19.22 17.51 42.93
N GLU B 651 20.00 17.26 43.98
CA GLU B 651 20.62 18.32 44.77
C GLU B 651 21.90 18.77 44.08
N HIS B 652 21.92 20.02 43.60
CA HIS B 652 23.11 20.53 42.94
C HIS B 652 24.28 20.56 43.91
N VAL B 653 25.47 20.28 43.40
CA VAL B 653 26.69 20.23 44.19
C VAL B 653 27.77 21.06 43.51
N ASN B 654 28.42 21.93 44.29
CA ASN B 654 29.51 22.73 43.73
C ASN B 654 30.72 21.86 43.35
N ASN B 655 30.94 20.78 44.08
CA ASN B 655 32.08 19.91 43.80
C ASN B 655 31.93 19.26 42.43
N SER B 656 32.94 18.51 42.01
CA SER B 656 32.93 17.82 40.72
C SER B 656 33.36 16.38 40.93
N TYR B 657 32.70 15.47 40.22
CA TYR B 657 32.99 14.05 40.31
C TYR B 657 32.95 13.44 38.93
N GLU B 658 33.61 12.29 38.79
CA GLU B 658 33.59 11.57 37.52
C GLU B 658 32.15 11.21 37.16
N CYS B 659 31.83 11.34 35.88
CA CYS B 659 30.45 11.18 35.44
C CYS B 659 29.94 9.79 35.76
N ASP B 660 28.85 9.73 36.54
CA ASP B 660 28.19 8.47 36.88
C ASP B 660 27.00 8.21 35.97
N ILE B 661 26.05 9.12 35.93
CA ILE B 661 24.92 9.09 35.03
C ILE B 661 24.95 10.35 34.18
N PRO B 662 25.35 10.25 32.91
CA PRO B 662 25.49 11.46 32.10
C PRO B 662 24.17 12.10 31.74
N ILE B 663 23.83 13.20 32.41
CA ILE B 663 22.59 13.92 32.09
C ILE B 663 22.74 14.68 30.78
N GLY B 664 23.86 15.37 30.60
CA GLY B 664 24.11 16.09 29.37
C GLY B 664 24.54 17.52 29.58
N ALA B 665 25.12 18.12 28.55
CA ALA B 665 25.63 19.49 28.64
C ALA B 665 26.65 19.64 29.75
N GLY B 666 27.43 18.60 29.99
CA GLY B 666 28.41 18.60 31.05
C GLY B 666 27.86 18.31 32.42
N ILE B 667 26.57 18.08 32.56
CA ILE B 667 25.94 17.80 33.84
C ILE B 667 25.85 16.29 34.01
N CYS B 668 26.29 15.80 35.16
CA CYS B 668 26.22 14.38 35.50
C CYS B 668 25.64 14.24 36.90
N ALA B 669 24.88 13.17 37.10
CA ALA B 669 24.19 12.93 38.36
C ALA B 669 24.59 11.59 38.94
N SER B 670 24.62 11.52 40.27
CA SER B 670 25.00 10.29 40.97
C SER B 670 24.29 10.24 42.31
N TYR B 671 24.15 9.02 42.83
CA TYR B 671 23.48 8.78 44.10
C TYR B 671 24.53 8.70 45.19
N GLN B 672 24.57 9.71 46.06
CA GLN B 672 25.60 9.80 47.08
C GLN B 672 25.02 10.45 48.33
N THR B 673 25.77 10.32 49.43
CA THR B 673 25.38 10.94 50.70
C THR B 673 25.22 12.45 50.54
N SER B 686 19.78 8.96 54.11
CA SER B 686 20.34 10.30 53.89
C SER B 686 20.81 10.45 52.45
N GLN B 687 21.29 9.35 51.86
CA GLN B 687 21.81 9.40 50.51
C GLN B 687 20.73 9.82 49.52
N SER B 688 21.07 10.77 48.65
CA SER B 688 20.15 11.30 47.66
C SER B 688 20.90 11.49 46.36
N ILE B 689 20.17 11.90 45.32
CA ILE B 689 20.73 12.11 44.00
C ILE B 689 21.25 13.54 43.90
N ILE B 690 22.48 13.69 43.44
CA ILE B 690 23.14 14.98 43.31
C ILE B 690 23.58 15.15 41.86
N ALA B 691 23.28 16.29 41.28
CA ALA B 691 23.73 16.65 39.94
C ALA B 691 24.82 17.71 40.04
N TYR B 692 25.77 17.66 39.12
CA TYR B 692 26.95 18.50 39.21
C TYR B 692 27.57 18.63 37.83
N THR B 693 28.60 19.46 37.73
CA THR B 693 29.41 19.56 36.53
C THR B 693 30.56 18.57 36.63
N MET B 694 30.58 17.59 35.75
CA MET B 694 31.52 16.49 35.88
C MET B 694 32.95 16.98 35.72
N SER B 695 33.86 16.34 36.46
CA SER B 695 35.28 16.58 36.30
C SER B 695 35.83 15.64 35.23
N LEU B 696 36.79 16.15 34.46
CA LEU B 696 37.39 15.40 33.38
C LEU B 696 38.56 14.54 33.83
N GLY B 697 39.00 14.69 35.08
CA GLY B 697 40.15 13.95 35.57
C GLY B 697 40.96 14.79 36.54
N VAL B 698 41.85 14.13 37.29
CA VAL B 698 42.65 14.84 38.29
C VAL B 698 43.65 15.74 37.58
N GLU B 699 43.63 17.02 37.92
CA GLU B 699 44.64 17.93 37.41
C GLU B 699 46.02 17.41 37.79
N ASN B 700 46.93 17.40 36.82
CA ASN B 700 48.26 16.83 37.04
C ASN B 700 49.26 17.64 36.20
N SER B 701 49.86 18.65 36.83
CA SER B 701 50.89 19.43 36.17
C SER B 701 52.14 18.58 36.02
N VAL B 702 52.64 18.45 34.79
CA VAL B 702 53.87 17.72 34.55
C VAL B 702 55.04 18.61 34.93
N ALA B 703 55.92 18.10 35.80
CA ALA B 703 57.02 18.90 36.32
C ALA B 703 58.06 19.12 35.22
N TYR B 704 57.68 19.88 34.19
CA TYR B 704 58.53 20.06 33.03
C TYR B 704 59.53 21.19 33.27
N SER B 705 60.80 20.88 33.05
CA SER B 705 61.85 21.88 32.95
C SER B 705 62.78 21.46 31.82
N ASN B 706 63.44 22.45 31.21
CA ASN B 706 64.15 22.21 29.97
C ASN B 706 65.32 21.23 30.14
N ASN B 707 65.61 20.82 31.37
CA ASN B 707 66.70 19.88 31.60
C ASN B 707 66.33 18.82 32.65
N SER B 708 65.07 18.43 32.72
CA SER B 708 64.62 17.42 33.67
C SER B 708 63.85 16.35 32.92
N ILE B 709 64.32 15.10 33.03
CA ILE B 709 63.70 13.96 32.38
C ILE B 709 63.38 12.92 33.45
N ALA B 710 62.16 12.39 33.41
CA ALA B 710 61.74 11.34 34.33
C ALA B 710 61.85 10.00 33.62
N ILE B 711 62.66 9.10 34.18
CA ILE B 711 62.85 7.77 33.59
C ILE B 711 62.22 6.73 34.51
N PRO B 712 61.50 5.74 33.98
CA PRO B 712 60.91 4.72 34.85
C PRO B 712 61.94 3.72 35.33
N THR B 713 61.81 3.33 36.60
CA THR B 713 62.73 2.42 37.24
C THR B 713 62.13 1.03 37.45
N ASN B 714 60.96 0.77 36.90
CA ASN B 714 60.28 -0.51 37.09
C ASN B 714 59.19 -0.61 36.04
N PHE B 715 58.44 -1.71 36.08
CA PHE B 715 57.40 -1.92 35.08
C PHE B 715 56.36 -2.88 35.65
N THR B 716 55.23 -2.92 34.96
CA THR B 716 54.17 -3.88 35.24
C THR B 716 53.72 -4.49 33.93
N ILE B 717 53.44 -5.79 33.97
CA ILE B 717 52.96 -6.52 32.80
C ILE B 717 51.45 -6.59 32.98
N SER B 718 50.75 -5.62 32.41
CA SER B 718 49.32 -5.51 32.57
C SER B 718 48.61 -6.30 31.49
N VAL B 719 47.70 -7.18 31.88
CA VAL B 719 46.86 -7.91 30.96
C VAL B 719 45.49 -7.24 30.96
N THR B 720 45.17 -6.57 29.86
CA THR B 720 43.87 -5.93 29.68
C THR B 720 43.03 -6.79 28.75
N THR B 721 41.73 -6.51 28.72
CA THR B 721 40.79 -7.29 27.94
C THR B 721 40.05 -6.39 26.96
N GLU B 722 39.87 -6.87 25.74
CA GLU B 722 39.14 -6.15 24.71
C GLU B 722 38.20 -7.11 24.02
N ILE B 723 36.89 -6.90 24.19
CA ILE B 723 35.87 -7.77 23.61
C ILE B 723 35.36 -7.13 22.33
N LEU B 724 35.29 -7.91 21.26
CA LEU B 724 34.87 -7.41 19.95
C LEU B 724 33.79 -8.34 19.41
N PRO B 725 32.60 -7.82 19.09
CA PRO B 725 31.65 -8.61 18.30
C PRO B 725 32.26 -8.95 16.95
N VAL B 726 32.01 -10.18 16.49
CA VAL B 726 32.50 -10.66 15.21
C VAL B 726 31.38 -11.01 14.26
N SER B 727 30.33 -11.67 14.76
CA SER B 727 29.24 -12.12 13.93
C SER B 727 27.93 -11.94 14.68
N MET B 728 26.85 -11.80 13.92
CA MET B 728 25.50 -11.73 14.46
C MET B 728 24.72 -12.96 14.01
N THR B 729 23.69 -13.30 14.78
CA THR B 729 22.95 -14.52 14.53
C THR B 729 22.41 -14.54 13.11
N LYS B 730 22.61 -15.66 12.43
CA LYS B 730 22.15 -15.81 11.05
C LYS B 730 20.66 -16.12 11.06
N THR B 731 19.86 -15.17 10.61
CA THR B 731 18.42 -15.33 10.56
C THR B 731 17.93 -15.17 9.12
N SER B 732 17.04 -16.07 8.71
CA SER B 732 16.40 -16.00 7.41
C SER B 732 14.90 -15.96 7.62
N VAL B 733 14.22 -15.07 6.90
CA VAL B 733 12.80 -14.83 7.07
C VAL B 733 12.09 -15.24 5.80
N ASP B 734 11.09 -16.11 5.94
CA ASP B 734 10.29 -16.55 4.80
C ASP B 734 9.23 -15.48 4.53
N CYS B 735 9.36 -14.79 3.41
CA CYS B 735 8.46 -13.68 3.10
C CYS B 735 7.00 -14.15 3.08
N THR B 736 6.72 -15.20 2.32
CA THR B 736 5.34 -15.61 2.12
C THR B 736 4.72 -16.09 3.43
N MET B 737 5.45 -16.91 4.18
CA MET B 737 4.91 -17.44 5.42
C MET B 737 4.66 -16.32 6.43
N TYR B 738 5.58 -15.36 6.51
CA TYR B 738 5.41 -14.27 7.47
C TYR B 738 4.24 -13.37 7.08
N ILE B 739 4.20 -12.92 5.83
CA ILE B 739 3.19 -11.96 5.41
C ILE B 739 1.84 -12.64 5.23
N CYS B 740 1.81 -13.79 4.58
CA CYS B 740 0.58 -14.47 4.18
C CYS B 740 0.59 -15.91 4.68
N GLY B 741 0.89 -16.09 5.97
CA GLY B 741 0.96 -17.42 6.54
C GLY B 741 -0.25 -18.27 6.25
N ASP B 742 -0.07 -19.31 5.43
CA ASP B 742 -1.10 -20.29 5.14
C ASP B 742 -2.40 -19.61 4.71
N SER B 743 -2.33 -18.92 3.57
CA SER B 743 -3.50 -18.26 3.00
C SER B 743 -3.31 -18.15 1.50
N THR B 744 -4.05 -18.96 0.74
CA THR B 744 -3.93 -18.92 -0.72
C THR B 744 -4.34 -17.57 -1.27
N GLU B 745 -5.44 -17.00 -0.76
CA GLU B 745 -5.89 -15.70 -1.25
C GLU B 745 -4.86 -14.62 -0.94
N CYS B 746 -4.33 -14.63 0.27
CA CYS B 746 -3.30 -13.66 0.63
C CYS B 746 -2.05 -13.83 -0.23
N SER B 747 -1.66 -15.08 -0.48
CA SER B 747 -0.50 -15.31 -1.34
C SER B 747 -0.74 -14.78 -2.74
N ASN B 748 -1.94 -15.00 -3.29
CA ASN B 748 -2.26 -14.46 -4.60
C ASN B 748 -2.19 -12.94 -4.62
N LEU B 749 -2.74 -12.31 -3.59
CA LEU B 749 -2.68 -10.85 -3.50
C LEU B 749 -1.24 -10.37 -3.39
N LEU B 750 -0.41 -11.12 -2.66
CA LEU B 750 0.98 -10.73 -2.47
C LEU B 750 1.79 -10.92 -3.74
N LEU B 751 1.38 -11.84 -4.61
CA LEU B 751 2.10 -12.07 -5.85
C LEU B 751 2.19 -10.81 -6.72
N GLN B 752 1.29 -9.85 -6.52
CA GLN B 752 1.26 -8.66 -7.37
C GLN B 752 2.32 -7.64 -7.02
N TYR B 753 3.03 -7.82 -5.90
CA TYR B 753 4.03 -6.85 -5.45
C TYR B 753 5.40 -7.07 -6.09
N GLY B 754 5.46 -7.81 -7.19
CA GLY B 754 6.72 -7.97 -7.89
C GLY B 754 7.74 -8.73 -7.07
N SER B 755 9.01 -8.36 -7.27
CA SER B 755 10.13 -9.08 -6.67
C SER B 755 10.55 -8.47 -5.33
N PHE B 756 9.59 -8.33 -4.41
CA PHE B 756 9.93 -7.95 -3.05
C PHE B 756 10.53 -9.12 -2.29
N CYS B 757 9.92 -10.31 -2.45
CA CYS B 757 10.34 -11.47 -1.68
C CYS B 757 11.77 -11.88 -2.03
N THR B 758 12.08 -11.90 -3.31
CA THR B 758 13.42 -12.31 -3.72
C THR B 758 14.46 -11.35 -3.17
N GLN B 759 14.19 -10.05 -3.19
CA GLN B 759 15.19 -9.10 -2.72
C GLN B 759 15.34 -9.16 -1.20
N LEU B 760 14.25 -9.31 -0.46
CA LEU B 760 14.38 -9.44 0.99
C LEU B 760 15.15 -10.71 1.35
N ASN B 761 14.81 -11.83 0.71
CA ASN B 761 15.51 -13.07 0.99
C ASN B 761 16.98 -12.97 0.61
N ARG B 762 17.28 -12.32 -0.52
CA ARG B 762 18.67 -12.15 -0.92
C ARG B 762 19.42 -11.29 0.08
N ALA B 763 18.78 -10.25 0.60
CA ALA B 763 19.43 -9.41 1.60
C ALA B 763 19.78 -10.23 2.84
N LEU B 764 18.80 -10.99 3.35
CA LEU B 764 19.07 -11.78 4.55
C LEU B 764 20.12 -12.87 4.29
N THR B 765 20.07 -13.49 3.12
CA THR B 765 21.08 -14.51 2.79
C THR B 765 22.47 -13.89 2.69
N GLY B 766 22.56 -12.70 2.10
CA GLY B 766 23.83 -12.01 2.06
C GLY B 766 24.34 -11.69 3.45
N ILE B 767 23.45 -11.28 4.35
CA ILE B 767 23.86 -11.00 5.72
C ILE B 767 24.39 -12.27 6.38
N ALA B 768 23.73 -13.40 6.17
CA ALA B 768 24.17 -14.65 6.78
C ALA B 768 25.53 -15.08 6.23
N VAL B 769 25.70 -15.02 4.92
CA VAL B 769 27.00 -15.33 4.33
C VAL B 769 28.06 -14.38 4.87
N GLU B 770 27.67 -13.12 5.08
CA GLU B 770 28.60 -12.15 5.66
C GLU B 770 29.02 -12.57 7.06
N GLN B 771 28.09 -13.09 7.85
CA GLN B 771 28.46 -13.55 9.19
C GLN B 771 29.46 -14.69 9.11
N ASP B 772 29.21 -15.65 8.22
CA ASP B 772 30.16 -16.75 8.04
C ASP B 772 31.53 -16.23 7.62
N LYS B 773 31.55 -15.27 6.70
CA LYS B 773 32.81 -14.71 6.24
C LYS B 773 33.51 -13.96 7.36
N ASN B 774 32.76 -13.24 8.19
CA ASN B 774 33.36 -12.52 9.31
C ASN B 774 34.06 -13.50 10.25
N THR B 775 33.36 -14.56 10.64
CA THR B 775 33.98 -15.52 11.56
C THR B 775 35.21 -16.16 10.91
N GLN B 776 35.10 -16.55 9.64
CA GLN B 776 36.23 -17.19 8.97
C GLN B 776 37.43 -16.25 8.92
N GLU B 777 37.20 -14.99 8.56
CA GLU B 777 38.30 -14.03 8.49
C GLU B 777 38.94 -13.82 9.86
N VAL B 778 38.13 -13.66 10.89
CA VAL B 778 38.67 -13.33 12.20
C VAL B 778 39.48 -14.49 12.76
N PHE B 779 38.93 -15.71 12.72
CA PHE B 779 39.53 -16.82 13.42
C PHE B 779 40.43 -17.69 12.55
N ALA B 780 40.03 -17.97 11.31
CA ALA B 780 40.78 -18.88 10.44
C ALA B 780 41.95 -18.16 9.78
N GLN B 781 42.83 -17.63 10.62
CA GLN B 781 44.07 -17.01 10.16
C GLN B 781 45.27 -17.93 10.31
N VAL B 782 45.07 -19.16 10.81
CA VAL B 782 46.13 -20.12 11.03
C VAL B 782 45.96 -21.25 10.02
N LYS B 783 47.01 -21.53 9.26
CA LYS B 783 46.91 -22.56 8.22
C LYS B 783 46.83 -23.95 8.83
N GLN B 784 47.68 -24.25 9.80
CA GLN B 784 47.75 -25.55 10.44
C GLN B 784 47.41 -25.42 11.92
N ILE B 785 46.68 -26.40 12.43
CA ILE B 785 46.21 -26.34 13.82
C ILE B 785 47.32 -26.77 14.74
N TYR B 786 48.10 -25.80 15.22
CA TYR B 786 49.17 -26.09 16.16
C TYR B 786 48.60 -26.49 17.52
N LYS B 787 49.33 -27.35 18.23
CA LYS B 787 48.97 -27.76 19.56
C LYS B 787 50.19 -27.68 20.47
N THR B 788 49.99 -27.16 21.67
CA THR B 788 51.09 -27.04 22.61
C THR B 788 51.56 -28.43 23.04
N PRO B 789 52.84 -28.57 23.35
CA PRO B 789 53.35 -29.88 23.76
C PRO B 789 52.86 -30.25 25.14
N PRO B 790 52.88 -31.54 25.49
CA PRO B 790 52.45 -31.94 26.84
C PRO B 790 53.28 -31.30 27.94
N ILE B 791 54.56 -31.07 27.70
CA ILE B 791 55.44 -30.48 28.72
C ILE B 791 55.25 -28.96 28.68
N LYS B 792 54.67 -28.43 29.75
CA LYS B 792 54.38 -26.99 29.85
C LYS B 792 55.52 -26.32 30.61
N ASP B 793 56.54 -25.92 29.87
CA ASP B 793 57.69 -25.21 30.42
C ASP B 793 57.88 -23.95 29.58
N PHE B 794 57.21 -22.87 29.96
CA PHE B 794 57.20 -21.62 29.23
C PHE B 794 57.94 -20.52 29.97
N GLY B 795 59.04 -20.87 30.62
CA GLY B 795 59.83 -19.88 31.32
C GLY B 795 59.20 -19.35 32.58
N GLY B 796 58.26 -20.09 33.17
CA GLY B 796 57.57 -19.67 34.37
C GLY B 796 56.19 -19.08 34.11
N PHE B 797 55.91 -18.65 32.88
CA PHE B 797 54.59 -18.16 32.55
C PHE B 797 53.59 -19.31 32.60
N ASN B 798 52.39 -19.01 33.08
CA ASN B 798 51.37 -20.03 33.35
C ASN B 798 50.16 -19.74 32.48
N PHE B 799 50.00 -20.52 31.41
CA PHE B 799 48.88 -20.38 30.48
C PHE B 799 47.79 -21.40 30.71
N SER B 800 47.80 -22.08 31.86
CA SER B 800 46.79 -23.10 32.12
C SER B 800 45.38 -22.52 32.09
N GLN B 801 45.22 -21.23 32.33
CA GLN B 801 43.91 -20.60 32.36
C GLN B 801 43.39 -20.22 30.99
N ILE B 802 44.21 -20.33 29.95
CA ILE B 802 43.77 -20.01 28.58
C ILE B 802 44.05 -21.13 27.59
N LEU B 803 44.93 -22.08 27.88
CA LEU B 803 45.14 -23.20 27.01
C LEU B 803 43.92 -24.13 27.06
N PRO B 804 43.69 -24.91 26.01
CA PRO B 804 42.48 -25.75 25.98
C PRO B 804 42.46 -26.72 27.14
N ASP B 805 41.25 -27.00 27.63
CA ASP B 805 41.04 -27.88 28.77
C ASP B 805 40.57 -29.25 28.27
N PRO B 806 41.41 -30.28 28.30
CA PRO B 806 40.94 -31.61 27.88
C PRO B 806 39.79 -32.14 28.72
N SER B 807 39.71 -31.75 29.99
CA SER B 807 38.71 -32.33 30.89
C SER B 807 37.30 -32.07 30.38
N LYS B 808 37.01 -30.84 29.98
CA LYS B 808 35.69 -30.52 29.47
C LYS B 808 35.45 -31.28 28.18
N PRO B 809 34.21 -31.74 27.92
CA PRO B 809 33.97 -32.43 26.64
C PRO B 809 34.35 -31.60 25.42
N SER B 810 34.12 -30.28 25.49
CA SER B 810 34.59 -29.37 24.46
C SER B 810 35.97 -28.84 24.85
N LYS B 811 36.91 -28.91 23.93
CA LYS B 811 38.28 -28.49 24.21
C LYS B 811 38.32 -26.97 24.30
N ARG B 812 37.77 -26.43 25.39
CA ARG B 812 37.61 -25.00 25.59
C ARG B 812 38.34 -24.57 26.84
N SER B 813 39.02 -23.43 26.76
CA SER B 813 39.85 -22.98 27.88
C SER B 813 38.97 -22.52 29.04
N PHE B 814 39.61 -22.36 30.20
CA PHE B 814 38.89 -21.95 31.41
C PHE B 814 38.24 -20.59 31.23
N ILE B 815 39.02 -19.59 30.81
CA ILE B 815 38.47 -18.26 30.62
C ILE B 815 37.43 -18.27 29.51
N GLU B 816 37.61 -19.13 28.51
CA GLU B 816 36.57 -19.27 27.49
C GLU B 816 35.29 -19.81 28.11
N ASP B 817 35.40 -20.75 29.05
CA ASP B 817 34.22 -21.22 29.75
C ASP B 817 33.55 -20.10 30.51
N LEU B 818 34.34 -19.26 31.20
CA LEU B 818 33.76 -18.13 31.92
C LEU B 818 33.03 -17.20 30.97
N LEU B 819 33.65 -16.88 29.83
CA LEU B 819 33.03 -15.98 28.87
C LEU B 819 31.73 -16.57 28.34
N PHE B 820 31.72 -17.86 28.02
CA PHE B 820 30.50 -18.48 27.52
C PHE B 820 29.41 -18.46 28.57
N ASN B 821 29.76 -18.72 29.83
CA ASN B 821 28.75 -18.73 30.88
C ASN B 821 28.16 -17.34 31.11
N LYS B 822 29.01 -16.31 31.10
CA LYS B 822 28.52 -14.97 31.40
C LYS B 822 27.54 -14.49 30.34
N VAL B 823 27.85 -14.71 29.07
CA VAL B 823 26.99 -14.25 27.98
C VAL B 823 25.83 -15.23 27.82
N THR B 824 24.62 -14.70 27.75
CA THR B 824 23.43 -15.53 27.60
C THR B 824 23.29 -16.03 26.18
N PHE B 852 9.54 -18.43 15.06
CA PHE B 852 8.81 -19.61 14.61
C PHE B 852 7.49 -19.22 13.98
N ASN B 853 7.51 -18.13 13.21
CA ASN B 853 6.35 -17.66 12.47
C ASN B 853 6.78 -17.28 11.05
N GLY B 854 7.57 -18.15 10.44
CA GLY B 854 8.25 -17.84 9.21
C GLY B 854 9.66 -17.32 9.39
N LEU B 855 10.08 -17.10 10.62
CA LEU B 855 11.45 -16.68 10.94
C LEU B 855 12.24 -17.88 11.41
N THR B 856 13.36 -18.15 10.76
CA THR B 856 14.22 -19.27 11.11
C THR B 856 15.61 -18.75 11.45
N VAL B 857 16.25 -19.37 12.43
CA VAL B 857 17.56 -18.96 12.90
C VAL B 857 18.55 -20.00 12.40
N LEU B 858 19.23 -19.68 11.29
CA LEU B 858 20.19 -20.62 10.74
C LEU B 858 21.37 -20.78 11.69
N PRO B 859 22.01 -21.95 11.71
CA PRO B 859 23.13 -22.16 12.61
C PRO B 859 24.43 -21.73 11.97
N PRO B 860 25.41 -21.29 12.75
CA PRO B 860 26.70 -20.89 12.18
C PRO B 860 27.43 -22.06 11.58
N LEU B 861 28.23 -21.76 10.54
CA LEU B 861 29.02 -22.81 9.91
C LEU B 861 30.08 -23.35 10.86
N LEU B 862 30.77 -22.48 11.58
CA LEU B 862 31.80 -22.88 12.53
C LEU B 862 31.18 -23.01 13.90
N THR B 863 31.09 -24.24 14.41
CA THR B 863 30.53 -24.46 15.72
C THR B 863 31.44 -23.85 16.79
N ASP B 864 30.93 -23.77 18.01
CA ASP B 864 31.74 -23.29 19.12
C ASP B 864 32.99 -24.15 19.28
N GLU B 865 32.88 -25.45 19.02
CA GLU B 865 34.04 -26.33 19.12
C GLU B 865 35.10 -25.95 18.11
N MET B 866 34.70 -25.65 16.88
CA MET B 866 35.69 -25.32 15.85
C MET B 866 36.35 -23.98 16.13
N ILE B 867 35.58 -23.00 16.60
CA ILE B 867 36.18 -21.72 16.97
C ILE B 867 37.13 -21.90 18.14
N ALA B 868 36.77 -22.77 19.09
CA ALA B 868 37.68 -23.08 20.18
C ALA B 868 38.95 -23.72 19.67
N GLN B 869 38.84 -24.62 18.70
CA GLN B 869 40.03 -25.23 18.11
C GLN B 869 40.90 -24.18 17.44
N TYR B 870 40.29 -23.24 16.72
CA TYR B 870 41.05 -22.20 16.06
C TYR B 870 41.78 -21.32 17.06
N THR B 871 41.09 -20.92 18.13
CA THR B 871 41.74 -20.09 19.14
C THR B 871 42.84 -20.85 19.85
N SER B 872 42.64 -22.15 20.10
CA SER B 872 43.69 -22.96 20.72
C SER B 872 44.89 -23.07 19.79
N ALA B 873 44.66 -23.23 18.49
CA ALA B 873 45.75 -23.26 17.53
C ALA B 873 46.51 -21.94 17.53
N LEU B 874 45.78 -20.82 17.56
CA LEU B 874 46.43 -19.52 17.60
C LEU B 874 47.27 -19.37 18.85
N LEU B 875 46.73 -19.77 20.00
CA LEU B 875 47.49 -19.64 21.25
C LEU B 875 48.72 -20.53 21.25
N ALA B 876 48.58 -21.77 20.78
CA ALA B 876 49.73 -22.68 20.75
C ALA B 876 50.80 -22.16 19.80
N GLY B 877 50.40 -21.70 18.62
CA GLY B 877 51.37 -21.13 17.70
C GLY B 877 52.08 -19.94 18.29
N THR B 878 51.31 -19.01 18.88
CA THR B 878 51.93 -17.85 19.49
C THR B 878 52.92 -18.27 20.56
N ILE B 879 52.49 -19.09 21.51
CA ILE B 879 53.34 -19.44 22.65
C ILE B 879 54.60 -20.14 22.17
N THR B 880 54.47 -21.10 21.26
CA THR B 880 55.61 -21.93 20.91
C THR B 880 56.45 -21.38 19.77
N SER B 881 56.01 -20.32 19.08
CA SER B 881 56.75 -19.85 17.92
C SER B 881 56.81 -18.34 17.76
N GLY B 882 56.39 -17.55 18.74
CA GLY B 882 56.45 -16.13 18.53
C GLY B 882 55.53 -15.70 17.40
N TRP B 883 55.91 -14.60 16.75
CA TRP B 883 55.18 -14.09 15.60
C TRP B 883 55.46 -14.88 14.33
N THR B 884 56.39 -15.84 14.36
CA THR B 884 56.85 -16.48 13.14
C THR B 884 55.71 -17.19 12.43
N PHE B 885 54.82 -17.84 13.17
CA PHE B 885 53.78 -18.64 12.53
C PHE B 885 52.83 -17.78 11.71
N GLY B 886 52.82 -16.46 11.92
CA GLY B 886 52.01 -15.59 11.09
C GLY B 886 52.64 -15.27 9.74
N ALA B 887 53.95 -15.48 9.60
CA ALA B 887 54.64 -15.20 8.36
C ALA B 887 54.78 -16.40 7.45
N GLY B 888 54.71 -17.62 8.01
CA GLY B 888 54.88 -18.82 7.22
C GLY B 888 55.00 -20.04 8.10
N ALA B 889 56.00 -20.89 7.84
CA ALA B 889 56.19 -22.07 8.65
C ALA B 889 56.48 -21.67 10.09
N ALA B 890 55.77 -22.29 11.03
CA ALA B 890 55.96 -21.97 12.44
C ALA B 890 57.30 -22.48 12.93
N LEU B 891 58.06 -21.60 13.56
CA LEU B 891 59.40 -21.91 14.05
C LEU B 891 59.36 -21.96 15.57
N GLN B 892 59.76 -23.09 16.14
CA GLN B 892 59.79 -23.18 17.59
C GLN B 892 60.83 -22.22 18.16
N ILE B 893 60.57 -21.75 19.37
CA ILE B 893 61.47 -20.82 20.04
C ILE B 893 61.08 -20.77 21.51
N PRO B 894 62.03 -20.80 22.45
CA PRO B 894 61.65 -20.74 23.86
C PRO B 894 60.85 -19.49 24.16
N PHE B 895 59.81 -19.65 24.97
CA PHE B 895 58.96 -18.51 25.28
C PHE B 895 59.73 -17.41 25.99
N ALA B 896 60.79 -17.76 26.73
CA ALA B 896 61.62 -16.74 27.35
C ALA B 896 62.30 -15.89 26.29
N MET B 897 62.85 -16.52 25.26
CA MET B 897 63.46 -15.76 24.18
C MET B 897 62.42 -15.02 23.37
N GLN B 898 61.23 -15.61 23.21
CA GLN B 898 60.14 -14.90 22.55
C GLN B 898 59.82 -13.60 23.28
N MET B 899 59.71 -13.68 24.61
CA MET B 899 59.43 -12.47 25.38
C MET B 899 60.61 -11.50 25.34
N ALA B 900 61.83 -12.00 25.27
CA ALA B 900 62.97 -11.11 25.08
C ALA B 900 62.83 -10.33 23.78
N TYR B 901 62.41 -11.00 22.71
CA TYR B 901 62.21 -10.31 21.44
C TYR B 901 61.06 -9.31 21.54
N ARG B 902 59.98 -9.69 22.23
CA ARG B 902 58.89 -8.74 22.45
C ARG B 902 59.38 -7.50 23.16
N PHE B 903 60.27 -7.67 24.15
CA PHE B 903 60.84 -6.53 24.85
C PHE B 903 61.71 -5.68 23.93
N ASN B 904 62.53 -6.32 23.10
CA ASN B 904 63.30 -5.56 22.12
C ASN B 904 62.38 -4.78 21.19
N GLY B 905 61.18 -5.29 20.94
CA GLY B 905 60.26 -4.60 20.06
C GLY B 905 59.79 -3.27 20.63
N ILE B 906 59.56 -3.21 21.93
CA ILE B 906 59.04 -1.98 22.55
C ILE B 906 60.13 -1.01 22.95
N GLY B 907 61.39 -1.27 22.58
CA GLY B 907 62.48 -0.37 22.88
C GLY B 907 63.16 -0.60 24.20
N VAL B 908 62.92 -1.73 24.87
CA VAL B 908 63.56 -2.07 26.13
C VAL B 908 64.48 -3.25 25.85
N THR B 909 65.75 -3.10 26.20
CA THR B 909 66.75 -4.12 25.92
C THR B 909 66.29 -5.48 26.44
N GLN B 910 66.83 -6.55 25.86
CA GLN B 910 66.39 -7.89 26.23
C GLN B 910 66.96 -8.34 27.58
N ASN B 911 68.11 -7.82 27.98
CA ASN B 911 68.68 -8.24 29.26
C ASN B 911 67.72 -7.97 30.41
N VAL B 912 66.81 -6.99 30.24
CA VAL B 912 65.81 -6.73 31.26
C VAL B 912 64.94 -7.96 31.48
N LEU B 913 64.47 -8.56 30.40
CA LEU B 913 63.60 -9.73 30.53
C LEU B 913 64.33 -10.90 31.18
N TYR B 914 65.55 -11.17 30.74
CA TYR B 914 66.28 -12.29 31.33
C TYR B 914 66.57 -12.05 32.79
N GLU B 915 66.92 -10.82 33.16
CA GLU B 915 67.24 -10.51 34.54
C GLU B 915 66.02 -10.41 35.45
N ASN B 916 64.83 -10.22 34.90
CA ASN B 916 63.61 -10.11 35.70
C ASN B 916 62.57 -11.11 35.23
N GLN B 917 63.01 -12.27 34.73
CA GLN B 917 62.09 -13.28 34.23
C GLN B 917 61.13 -13.76 35.30
N LYS B 918 61.62 -14.05 36.52
CA LYS B 918 60.72 -14.55 37.56
C LYS B 918 59.70 -13.48 37.94
N LEU B 919 60.15 -12.24 38.10
CA LEU B 919 59.24 -11.15 38.43
C LEU B 919 58.18 -10.98 37.34
N ILE B 920 58.61 -11.03 36.08
CA ILE B 920 57.68 -10.84 34.97
C ILE B 920 56.68 -11.98 34.92
N ALA B 921 57.15 -13.21 35.16
CA ALA B 921 56.24 -14.35 35.18
C ALA B 921 55.21 -14.22 36.29
N ASN B 922 55.65 -13.81 37.48
CA ASN B 922 54.70 -13.64 38.57
C ASN B 922 53.68 -12.55 38.25
N GLN B 923 54.14 -11.44 37.68
CA GLN B 923 53.21 -10.37 37.32
C GLN B 923 52.22 -10.84 36.27
N PHE B 924 52.69 -11.59 35.26
CA PHE B 924 51.78 -12.10 34.23
C PHE B 924 50.76 -13.04 34.82
N ASN B 925 51.18 -13.94 35.70
CA ASN B 925 50.24 -14.88 36.32
C ASN B 925 49.21 -14.14 37.17
N SER B 926 49.66 -13.15 37.94
CA SER B 926 48.73 -12.37 38.75
C SER B 926 47.74 -11.62 37.86
N ALA B 927 48.21 -11.08 36.75
CA ALA B 927 47.31 -10.38 35.83
C ALA B 927 46.29 -11.33 35.25
N ILE B 928 46.71 -12.55 34.90
CA ILE B 928 45.76 -13.54 34.40
C ILE B 928 44.72 -13.87 35.46
N GLY B 929 45.16 -14.02 36.72
CA GLY B 929 44.20 -14.26 37.79
C GLY B 929 43.22 -13.11 37.96
N LYS B 930 43.72 -11.88 37.87
CA LYS B 930 42.83 -10.72 37.96
C LYS B 930 41.83 -10.71 36.82
N ILE B 931 42.26 -11.09 35.62
CA ILE B 931 41.33 -11.17 34.49
C ILE B 931 40.26 -12.21 34.78
N GLN B 932 40.67 -13.37 35.30
CA GLN B 932 39.69 -14.39 35.67
C GLN B 932 38.67 -13.84 36.65
N ASP B 933 39.14 -13.18 37.70
CA ASP B 933 38.24 -12.65 38.72
C ASP B 933 37.31 -11.60 38.14
N SER B 934 37.84 -10.70 37.32
CA SER B 934 37.01 -9.64 36.74
C SER B 934 35.92 -10.23 35.85
N LEU B 935 36.28 -11.21 35.01
CA LEU B 935 35.28 -11.84 34.17
C LEU B 935 34.24 -12.57 34.99
N SER B 936 34.68 -13.26 36.06
CA SER B 936 33.75 -14.04 36.87
C SER B 936 32.78 -13.16 37.64
N SER B 937 33.26 -12.03 38.17
CA SER B 937 32.44 -11.21 39.05
C SER B 937 31.56 -10.23 38.28
N THR B 938 32.16 -9.35 37.50
CA THR B 938 31.43 -8.29 36.80
C THR B 938 31.07 -8.77 35.41
N ALA B 939 29.77 -8.77 35.11
CA ALA B 939 29.27 -9.18 33.80
C ALA B 939 29.08 -8.00 32.85
N SER B 940 29.39 -6.78 33.28
CA SER B 940 29.24 -5.62 32.41
C SER B 940 30.33 -5.55 31.35
N ALA B 941 31.45 -6.26 31.55
CA ALA B 941 32.51 -6.24 30.56
C ALA B 941 32.04 -6.78 29.22
N LEU B 942 31.27 -7.87 29.23
CA LEU B 942 30.76 -8.49 28.01
C LEU B 942 29.65 -7.71 27.36
N GLY B 943 29.33 -6.51 27.86
CA GLY B 943 28.21 -5.77 27.31
C GLY B 943 28.26 -5.66 25.80
N LYS B 944 29.45 -5.39 25.26
CA LYS B 944 29.59 -5.25 23.81
C LYS B 944 28.95 -6.42 23.09
N LEU B 945 29.25 -7.65 23.51
CA LEU B 945 28.59 -8.80 22.93
C LEU B 945 27.12 -8.85 23.34
N GLN B 946 26.85 -8.71 24.63
CA GLN B 946 25.48 -8.89 25.11
C GLN B 946 24.53 -7.97 24.35
N ASP B 947 24.85 -6.67 24.30
CA ASP B 947 24.01 -5.74 23.58
C ASP B 947 23.72 -6.24 22.18
N VAL B 948 24.77 -6.65 21.46
CA VAL B 948 24.59 -7.19 20.12
C VAL B 948 23.47 -8.22 20.14
N VAL B 949 23.65 -9.28 20.93
CA VAL B 949 22.62 -10.31 21.04
C VAL B 949 21.26 -9.65 21.28
N ASN B 950 21.18 -8.87 22.35
CA ASN B 950 19.90 -8.25 22.69
C ASN B 950 19.33 -7.53 21.48
N GLN B 951 20.14 -6.70 20.84
CA GLN B 951 19.63 -5.92 19.72
C GLN B 951 18.97 -6.83 18.70
N ASN B 952 19.69 -7.87 18.27
CA ASN B 952 19.10 -8.79 17.30
C ASN B 952 17.78 -9.32 17.83
N ALA B 953 17.80 -9.88 19.04
CA ALA B 953 16.57 -10.40 19.62
C ALA B 953 15.50 -9.34 19.59
N GLN B 954 15.82 -8.12 20.03
CA GLN B 954 14.84 -7.06 20.06
C GLN B 954 14.16 -6.93 18.71
N ALA B 955 14.97 -6.82 17.64
CA ALA B 955 14.39 -6.69 16.31
C ALA B 955 13.40 -7.80 16.05
N LEU B 956 13.83 -9.05 16.26
CA LEU B 956 12.94 -10.18 16.03
C LEU B 956 11.64 -9.98 16.77
N ASN B 957 11.72 -9.67 18.07
CA ASN B 957 10.50 -9.48 18.83
C ASN B 957 9.61 -8.45 18.14
N THR B 958 10.17 -7.29 17.84
CA THR B 958 9.39 -6.26 17.16
C THR B 958 8.74 -6.85 15.91
N LEU B 959 9.56 -7.50 15.08
CA LEU B 959 9.02 -8.11 13.87
C LEU B 959 7.84 -9.00 14.20
N VAL B 960 8.01 -9.90 15.16
CA VAL B 960 6.93 -10.81 15.51
C VAL B 960 5.72 -10.02 16.00
N LYS B 961 5.94 -9.01 16.84
CA LYS B 961 4.82 -8.24 17.35
C LYS B 961 4.11 -7.49 16.24
N GLN B 962 4.80 -7.21 15.13
CA GLN B 962 4.12 -6.54 14.03
C GLN B 962 3.04 -7.41 13.41
N LEU B 963 3.00 -8.70 13.72
CA LEU B 963 1.91 -9.55 13.27
C LEU B 963 0.63 -9.35 14.05
N SER B 964 0.67 -8.60 15.15
CA SER B 964 -0.51 -8.35 15.98
C SER B 964 -1.04 -6.93 15.82
N SER B 965 -0.71 -6.26 14.72
CA SER B 965 -1.14 -4.90 14.45
C SER B 965 -2.19 -4.90 13.35
N ASN B 966 -3.28 -4.16 13.56
CA ASN B 966 -4.36 -4.16 12.58
C ASN B 966 -4.00 -3.40 11.32
N PHE B 967 -3.19 -2.34 11.45
CA PHE B 967 -2.82 -1.46 10.34
C PHE B 967 -4.03 -0.80 9.69
N GLY B 968 -5.18 -0.81 10.35
CA GLY B 968 -6.41 -0.26 9.80
C GLY B 968 -7.43 -1.31 9.40
N ALA B 969 -7.02 -2.55 9.24
CA ALA B 969 -7.96 -3.61 8.92
C ALA B 969 -8.88 -3.88 10.11
N ILE B 970 -9.93 -4.66 9.87
CA ILE B 970 -10.87 -4.98 10.94
C ILE B 970 -10.17 -5.73 12.05
N SER B 971 -9.24 -6.62 11.69
CA SER B 971 -8.47 -7.37 12.68
C SER B 971 -7.14 -7.75 12.07
N SER B 972 -6.18 -8.04 12.94
CA SER B 972 -4.86 -8.48 12.51
C SER B 972 -4.82 -9.96 12.16
N VAL B 973 -5.82 -10.73 12.55
CA VAL B 973 -5.86 -12.16 12.28
C VAL B 973 -6.42 -12.36 10.88
N LEU B 974 -5.62 -12.96 10.00
CA LEU B 974 -6.04 -13.16 8.62
C LEU B 974 -7.13 -14.22 8.54
N ASN B 975 -7.01 -15.29 9.33
CA ASN B 975 -8.01 -16.36 9.29
C ASN B 975 -9.38 -15.84 9.71
N ASP B 976 -9.42 -14.95 10.70
CA ASP B 976 -10.69 -14.38 11.13
C ASP B 976 -11.35 -13.61 10.00
N ILE B 977 -10.57 -12.79 9.28
CA ILE B 977 -11.14 -12.03 8.16
C ILE B 977 -11.64 -12.99 7.09
N LEU B 978 -10.85 -14.01 6.76
CA LEU B 978 -11.25 -14.95 5.72
C LEU B 978 -12.54 -15.67 6.09
N SER B 979 -12.65 -16.11 7.35
CA SER B 979 -13.79 -16.93 7.76
C SER B 979 -15.02 -16.10 8.12
N ARG B 980 -14.87 -14.78 8.34
CA ARG B 980 -15.99 -13.94 8.72
C ARG B 980 -16.52 -13.07 7.59
N LEU B 981 -15.69 -12.78 6.58
CA LEU B 981 -16.10 -11.94 5.47
C LEU B 981 -15.80 -12.65 4.16
N ASP B 982 -16.62 -12.35 3.14
CA ASP B 982 -16.44 -12.93 1.83
C ASP B 982 -15.19 -12.38 1.17
N PRO B 983 -14.64 -13.09 0.18
CA PRO B 983 -13.38 -12.66 -0.45
C PRO B 983 -13.47 -11.24 -0.98
N PRO B 984 -14.59 -10.87 -1.62
CA PRO B 984 -14.71 -9.47 -2.09
C PRO B 984 -14.53 -8.46 -0.96
N GLU B 985 -15.07 -8.77 0.22
CA GLU B 985 -14.86 -7.90 1.37
C GLU B 985 -13.46 -8.10 1.96
N ALA B 986 -12.97 -9.34 1.97
CA ALA B 986 -11.70 -9.62 2.62
C ALA B 986 -10.54 -8.90 1.93
N GLU B 987 -10.55 -8.88 0.60
CA GLU B 987 -9.39 -8.36 -0.13
C GLU B 987 -9.05 -6.93 0.27
N VAL B 988 -10.07 -6.12 0.57
CA VAL B 988 -9.82 -4.73 0.92
C VAL B 988 -8.97 -4.65 2.19
N GLN B 989 -9.31 -5.45 3.21
CA GLN B 989 -8.54 -5.44 4.44
C GLN B 989 -7.19 -6.12 4.24
N ILE B 990 -7.15 -7.17 3.42
CA ILE B 990 -5.89 -7.88 3.19
C ILE B 990 -4.90 -6.97 2.50
N ASP B 991 -5.37 -6.04 1.68
CA ASP B 991 -4.46 -5.07 1.07
C ASP B 991 -3.72 -4.28 2.15
N ARG B 992 -4.45 -3.73 3.12
CA ARG B 992 -3.81 -2.97 4.18
C ARG B 992 -2.88 -3.86 5.01
N LEU B 993 -3.33 -5.08 5.32
CA LEU B 993 -2.49 -5.96 6.13
C LEU B 993 -1.19 -6.29 5.41
N ILE B 994 -1.27 -6.62 4.12
CA ILE B 994 -0.07 -6.94 3.36
C ILE B 994 0.84 -5.73 3.28
N THR B 995 0.29 -4.55 3.02
CA THR B 995 1.12 -3.36 2.95
C THR B 995 1.85 -3.13 4.27
N GLY B 996 1.12 -3.20 5.38
CA GLY B 996 1.75 -2.97 6.66
C GLY B 996 2.81 -3.99 7.00
N ARG B 997 2.53 -5.27 6.73
CA ARG B 997 3.50 -6.31 7.07
C ARG B 997 4.71 -6.27 6.15
N LEU B 998 4.53 -5.93 4.88
CA LEU B 998 5.67 -5.75 4.00
C LEU B 998 6.52 -4.56 4.44
N GLN B 999 5.87 -3.47 4.89
CA GLN B 999 6.62 -2.35 5.43
C GLN B 999 7.42 -2.78 6.65
N SER B 1000 6.81 -3.58 7.52
CA SER B 1000 7.52 -4.07 8.70
C SER B 1000 8.71 -4.92 8.31
N LEU B 1001 8.53 -5.82 7.35
CA LEU B 1001 9.64 -6.67 6.91
C LEU B 1001 10.76 -5.83 6.30
N GLN B 1002 10.41 -4.84 5.49
CA GLN B 1002 11.43 -3.98 4.90
C GLN B 1002 12.19 -3.21 5.97
N THR B 1003 11.47 -2.68 6.96
CA THR B 1003 12.15 -1.99 8.05
C THR B 1003 13.09 -2.92 8.78
N TYR B 1004 12.63 -4.14 9.07
CA TYR B 1004 13.49 -5.10 9.76
C TYR B 1004 14.74 -5.40 8.94
N VAL B 1005 14.58 -5.62 7.64
CA VAL B 1005 15.72 -5.99 6.81
C VAL B 1005 16.69 -4.83 6.68
N THR B 1006 16.18 -3.60 6.61
CA THR B 1006 17.08 -2.45 6.53
C THR B 1006 17.85 -2.26 7.83
N GLN B 1007 17.17 -2.36 8.97
CA GLN B 1007 17.86 -2.29 10.23
C GLN B 1007 18.91 -3.39 10.34
N GLN B 1008 18.57 -4.59 9.86
CA GLN B 1008 19.51 -5.69 9.89
C GLN B 1008 20.72 -5.41 9.00
N LEU B 1009 20.50 -4.82 7.83
CA LEU B 1009 21.62 -4.51 6.95
C LEU B 1009 22.55 -3.50 7.59
N ILE B 1010 22.00 -2.46 8.22
CA ILE B 1010 22.85 -1.46 8.86
C ILE B 1010 23.59 -2.07 10.04
N ARG B 1011 22.89 -2.85 10.86
CA ARG B 1011 23.54 -3.49 12.01
C ARG B 1011 24.61 -4.47 11.55
N ALA B 1012 24.38 -5.17 10.44
CA ALA B 1012 25.36 -6.09 9.90
C ALA B 1012 26.56 -5.35 9.34
N ALA B 1013 26.35 -4.17 8.76
CA ALA B 1013 27.49 -3.36 8.34
C ALA B 1013 28.34 -2.95 9.54
N GLU B 1014 27.69 -2.56 10.63
CA GLU B 1014 28.43 -2.23 11.84
C GLU B 1014 29.19 -3.44 12.38
N ILE B 1015 28.54 -4.60 12.39
CA ILE B 1015 29.17 -5.81 12.87
C ILE B 1015 30.32 -6.23 11.96
N ARG B 1016 30.20 -5.97 10.65
CA ARG B 1016 31.30 -6.31 9.75
C ARG B 1016 32.46 -5.35 9.93
N ALA B 1017 32.19 -4.09 10.23
CA ALA B 1017 33.27 -3.18 10.60
C ALA B 1017 33.99 -3.69 11.84
N SER B 1018 33.22 -4.13 12.84
CA SER B 1018 33.84 -4.69 14.05
C SER B 1018 34.60 -5.97 13.75
N ALA B 1019 34.09 -6.79 12.83
CA ALA B 1019 34.76 -8.03 12.47
C ALA B 1019 36.06 -7.76 11.73
N ASN B 1020 36.07 -6.76 10.85
CA ASN B 1020 37.32 -6.36 10.20
C ASN B 1020 38.31 -5.84 11.21
N LEU B 1021 37.84 -5.06 12.19
CA LEU B 1021 38.74 -4.59 13.24
C LEU B 1021 39.29 -5.77 14.04
N ALA B 1022 38.45 -6.76 14.34
CA ALA B 1022 38.92 -7.91 15.11
C ALA B 1022 39.90 -8.76 14.30
N ALA B 1023 39.66 -8.90 12.99
CA ALA B 1023 40.62 -9.60 12.15
C ALA B 1023 41.94 -8.87 12.10
N THR B 1024 41.90 -7.54 12.02
CA THR B 1024 43.13 -6.75 12.06
C THR B 1024 43.86 -6.94 13.38
N LYS B 1025 43.13 -6.94 14.49
CA LYS B 1025 43.76 -7.13 15.78
C LYS B 1025 44.34 -8.54 15.90
N MET B 1026 43.67 -9.54 15.37
CA MET B 1026 44.22 -10.88 15.36
C MET B 1026 45.50 -10.94 14.54
N SER B 1027 45.50 -10.29 13.37
CA SER B 1027 46.66 -10.31 12.50
C SER B 1027 47.85 -9.61 13.14
N GLU B 1028 47.61 -8.46 13.77
CA GLU B 1028 48.71 -7.57 14.13
C GLU B 1028 49.08 -7.59 15.61
N CYS B 1029 48.14 -7.91 16.49
CA CYS B 1029 48.42 -8.09 17.91
C CYS B 1029 48.75 -9.52 18.27
N VAL B 1030 47.97 -10.49 17.75
CA VAL B 1030 48.19 -11.89 18.08
C VAL B 1030 49.29 -12.49 17.22
N LEU B 1031 49.15 -12.39 15.90
CA LEU B 1031 50.13 -12.94 14.98
C LEU B 1031 51.41 -12.12 14.94
N GLY B 1032 51.46 -10.97 15.58
CA GLY B 1032 52.67 -10.18 15.63
C GLY B 1032 52.63 -9.21 16.78
N GLN B 1033 53.68 -8.40 16.88
CA GLN B 1033 53.76 -7.35 17.89
C GLN B 1033 53.51 -6.01 17.22
N SER B 1034 52.60 -5.23 17.78
CA SER B 1034 52.13 -4.02 17.14
C SER B 1034 52.86 -2.80 17.69
N LYS B 1035 53.28 -1.91 16.78
CA LYS B 1035 53.81 -0.62 17.17
C LYS B 1035 52.73 0.44 17.30
N ARG B 1036 51.57 0.22 16.70
CA ARG B 1036 50.48 1.18 16.78
C ARG B 1036 50.07 1.39 18.22
N VAL B 1037 49.93 2.65 18.62
CA VAL B 1037 49.69 2.99 20.01
C VAL B 1037 48.23 2.76 20.36
N ASP B 1038 48.00 2.16 21.53
CA ASP B 1038 46.67 1.88 22.08
C ASP B 1038 45.83 0.99 21.17
N PHE B 1039 46.41 0.44 20.11
CA PHE B 1039 45.67 -0.48 19.26
C PHE B 1039 45.51 -1.83 19.95
N CYS B 1040 46.57 -2.31 20.59
CA CYS B 1040 46.56 -3.60 21.27
C CYS B 1040 46.72 -3.41 22.77
N GLY B 1041 46.00 -2.45 23.34
CA GLY B 1041 46.01 -2.25 24.76
C GLY B 1041 46.81 -1.02 25.16
N LYS B 1042 46.43 -0.42 26.29
CA LYS B 1042 47.08 0.79 26.78
C LYS B 1042 48.42 0.40 27.41
N GLY B 1043 49.50 0.85 26.80
CA GLY B 1043 50.85 0.50 27.17
C GLY B 1043 51.65 0.11 25.95
N TYR B 1044 52.81 -0.49 26.18
CA TYR B 1044 53.61 -1.03 25.10
C TYR B 1044 53.25 -2.50 24.91
N HIS B 1045 52.72 -2.82 23.75
CA HIS B 1045 52.16 -4.15 23.51
C HIS B 1045 53.27 -5.20 23.53
N LEU B 1046 53.12 -6.19 24.40
CA LEU B 1046 54.01 -7.34 24.41
C LEU B 1046 53.44 -8.50 23.60
N MET B 1047 52.18 -8.84 23.84
CA MET B 1047 51.56 -9.93 23.08
C MET B 1047 50.04 -9.86 23.28
N SER B 1048 49.34 -10.76 22.62
CA SER B 1048 47.89 -10.87 22.77
C SER B 1048 47.49 -12.34 22.68
N PHE B 1049 46.38 -12.66 23.32
CA PHE B 1049 45.85 -14.01 23.31
C PHE B 1049 44.37 -13.98 22.96
N PRO B 1050 43.93 -14.69 21.94
CA PRO B 1050 42.50 -14.71 21.62
C PRO B 1050 41.74 -15.70 22.48
N GLN B 1051 40.45 -15.41 22.66
CA GLN B 1051 39.55 -16.31 23.37
C GLN B 1051 38.17 -16.18 22.78
N SER B 1052 37.63 -17.28 22.27
CA SER B 1052 36.30 -17.23 21.67
C SER B 1052 35.26 -16.90 22.73
N ALA B 1053 34.26 -16.12 22.35
CA ALA B 1053 33.09 -15.86 23.17
C ALA B 1053 31.88 -15.87 22.25
N PRO B 1054 30.70 -16.11 22.80
CA PRO B 1054 29.51 -16.17 21.93
C PRO B 1054 29.41 -14.97 21.00
N HIS B 1055 29.55 -15.24 19.70
CA HIS B 1055 29.46 -14.19 18.68
C HIS B 1055 30.48 -13.09 18.92
N GLY B 1056 31.72 -13.46 19.18
CA GLY B 1056 32.76 -12.46 19.33
C GLY B 1056 34.05 -13.07 19.80
N VAL B 1057 35.06 -12.22 19.88
CA VAL B 1057 36.41 -12.61 20.28
C VAL B 1057 36.88 -11.67 21.36
N VAL B 1058 37.54 -12.23 22.38
CA VAL B 1058 38.09 -11.46 23.49
C VAL B 1058 39.59 -11.56 23.41
N PHE B 1059 40.26 -10.42 23.25
CA PHE B 1059 41.71 -10.37 23.21
C PHE B 1059 42.24 -10.00 24.60
N LEU B 1060 43.12 -10.84 25.12
CA LEU B 1060 43.89 -10.51 26.32
C LEU B 1060 45.19 -9.87 25.84
N HIS B 1061 45.28 -8.56 25.98
CA HIS B 1061 46.46 -7.81 25.57
C HIS B 1061 47.42 -7.71 26.75
N VAL B 1062 48.58 -8.35 26.62
CA VAL B 1062 49.63 -8.25 27.62
C VAL B 1062 50.55 -7.13 27.18
N THR B 1063 50.68 -6.10 28.02
CA THR B 1063 51.38 -4.88 27.70
C THR B 1063 52.34 -4.51 28.82
N TYR B 1064 53.35 -3.73 28.45
CA TYR B 1064 54.41 -3.30 29.36
C TYR B 1064 54.15 -1.85 29.74
N VAL B 1065 53.83 -1.60 31.00
CA VAL B 1065 53.51 -0.26 31.49
C VAL B 1065 54.60 0.15 32.47
N PRO B 1066 55.39 1.19 32.19
CA PRO B 1066 56.38 1.64 33.17
C PRO B 1066 55.70 2.07 34.46
N ALA B 1067 56.37 1.81 35.58
CA ALA B 1067 55.73 1.87 36.89
C ALA B 1067 56.24 3.00 37.77
N GLN B 1068 57.54 3.06 38.05
CA GLN B 1068 58.08 3.96 39.06
C GLN B 1068 59.12 4.85 38.39
N GLU B 1069 58.84 6.14 38.31
CA GLU B 1069 59.68 7.09 37.58
C GLU B 1069 60.46 7.97 38.54
N LYS B 1070 61.73 8.16 38.23
CA LYS B 1070 62.62 9.04 38.98
C LYS B 1070 63.06 10.19 38.10
N ASN B 1071 63.15 11.38 38.69
CA ASN B 1071 63.67 12.54 37.98
C ASN B 1071 65.18 12.40 37.77
N PHE B 1072 65.67 13.04 36.72
CA PHE B 1072 67.09 13.13 36.46
C PHE B 1072 67.35 14.39 35.65
N THR B 1073 68.60 14.85 35.69
CA THR B 1073 69.02 15.98 34.88
C THR B 1073 69.61 15.45 33.58
N THR B 1074 69.13 15.95 32.46
CA THR B 1074 69.46 15.42 31.15
C THR B 1074 70.16 16.48 30.31
N ALA B 1075 71.19 16.05 29.59
CA ALA B 1075 71.92 16.90 28.66
C ALA B 1075 71.82 16.31 27.27
N PRO B 1076 71.42 17.10 26.27
CA PRO B 1076 71.26 16.52 24.93
C PRO B 1076 72.52 15.89 24.38
N ALA B 1077 73.68 16.45 24.70
CA ALA B 1077 74.95 15.90 24.23
C ALA B 1077 75.96 16.04 25.37
N ILE B 1078 77.23 15.77 25.05
CA ILE B 1078 78.30 15.86 26.04
C ILE B 1078 79.59 16.18 25.30
N CYS B 1079 80.42 17.04 25.90
CA CYS B 1079 81.69 17.47 25.32
C CYS B 1079 82.83 16.89 26.13
N HIS B 1080 83.67 16.10 25.48
CA HIS B 1080 84.85 15.50 26.10
C HIS B 1080 86.14 16.10 25.56
N ASP B 1081 86.25 16.26 24.25
CA ASP B 1081 87.43 16.82 23.60
C ASP B 1081 87.01 17.91 22.62
N GLY B 1082 86.00 18.69 22.98
CA GLY B 1082 85.47 19.71 22.11
C GLY B 1082 84.49 19.21 21.06
N LYS B 1083 84.25 17.91 21.00
CA LYS B 1083 83.30 17.31 20.05
C LYS B 1083 82.08 16.85 20.82
N ALA B 1084 80.90 17.28 20.37
CA ALA B 1084 79.67 16.88 21.03
C ALA B 1084 79.45 15.39 20.84
N HIS B 1085 78.95 14.73 21.89
CA HIS B 1085 78.62 13.32 21.86
C HIS B 1085 77.13 13.14 22.11
N PHE B 1086 76.50 12.31 21.30
CA PHE B 1086 75.08 12.03 21.42
C PHE B 1086 74.87 10.54 21.66
N PRO B 1087 73.83 10.16 22.40
CA PRO B 1087 73.66 8.73 22.70
C PRO B 1087 73.13 7.98 21.49
N ARG B 1088 73.84 6.91 21.12
CA ARG B 1088 73.40 6.12 19.98
C ARG B 1088 71.97 5.64 20.16
N GLU B 1089 71.67 5.02 21.29
CA GLU B 1089 70.33 4.53 21.61
C GLU B 1089 70.14 4.72 23.11
N GLY B 1090 69.49 5.79 23.49
CA GLY B 1090 69.26 6.05 24.90
C GLY B 1090 69.19 7.55 25.16
N VAL B 1091 69.50 7.91 26.41
CA VAL B 1091 69.39 9.28 26.87
C VAL B 1091 70.40 9.50 27.98
N PHE B 1092 70.94 10.71 28.04
CA PHE B 1092 71.87 11.07 29.10
C PHE B 1092 71.09 11.53 30.33
N VAL B 1093 71.44 10.98 31.49
CA VAL B 1093 70.83 11.34 32.76
C VAL B 1093 71.93 11.57 33.78
N SER B 1094 71.57 12.24 34.87
CA SER B 1094 72.50 12.52 35.94
C SER B 1094 71.83 12.29 37.28
N ASN B 1095 72.50 11.55 38.16
CA ASN B 1095 72.02 11.35 39.52
C ASN B 1095 72.57 12.40 40.47
N GLY B 1096 72.93 13.57 39.95
CA GLY B 1096 73.40 14.67 40.78
C GLY B 1096 74.83 15.05 40.52
N THR B 1097 75.71 14.07 40.36
CA THR B 1097 77.12 14.32 40.12
C THR B 1097 77.67 13.58 38.91
N HIS B 1098 77.28 12.33 38.71
CA HIS B 1098 77.79 11.52 37.61
C HIS B 1098 76.77 11.49 36.48
N TRP B 1099 77.28 11.27 35.27
CA TRP B 1099 76.44 11.19 34.07
C TRP B 1099 76.42 9.77 33.53
N PHE B 1100 75.23 9.27 33.25
CA PHE B 1100 75.04 7.95 32.69
C PHE B 1100 74.24 8.05 31.41
N VAL B 1101 74.32 7.01 30.59
CA VAL B 1101 73.56 6.89 29.36
C VAL B 1101 72.67 5.66 29.50
N THR B 1102 71.37 5.88 29.57
CA THR B 1102 70.42 4.83 29.89
C THR B 1102 69.38 4.69 28.79
N GLN B 1103 68.94 3.47 28.54
CA GLN B 1103 67.82 3.25 27.63
C GLN B 1103 66.63 4.09 28.08
N ARG B 1104 65.78 4.45 27.12
CA ARG B 1104 64.81 5.51 27.35
C ARG B 1104 63.63 5.06 28.22
N ASN B 1105 63.19 3.81 28.09
CA ASN B 1105 61.97 3.35 28.73
C ASN B 1105 62.24 2.49 29.96
N PHE B 1106 63.45 2.55 30.50
CA PHE B 1106 63.79 1.77 31.69
C PHE B 1106 65.14 2.27 32.20
N TYR B 1107 65.30 2.33 33.51
CA TYR B 1107 66.50 2.91 34.10
C TYR B 1107 67.55 1.81 34.25
N GLU B 1108 68.49 1.76 33.32
CA GLU B 1108 69.65 0.88 33.40
C GLU B 1108 70.88 1.73 33.10
N PRO B 1109 71.30 2.56 34.05
CA PRO B 1109 72.39 3.50 33.77
C PRO B 1109 73.69 2.77 33.45
N GLN B 1110 74.50 3.41 32.61
CA GLN B 1110 75.78 2.86 32.20
C GLN B 1110 76.81 3.98 32.11
N ILE B 1111 78.06 3.62 32.35
CA ILE B 1111 79.15 4.58 32.23
C ILE B 1111 79.28 5.00 30.77
N ILE B 1112 79.35 6.30 30.53
CA ILE B 1112 79.41 6.81 29.16
C ILE B 1112 80.75 6.41 28.55
N THR B 1113 80.70 5.76 27.39
CA THR B 1113 81.89 5.40 26.65
C THR B 1113 81.64 5.69 25.17
N THR B 1114 82.72 5.65 24.39
CA THR B 1114 82.60 5.92 22.96
C THR B 1114 81.71 4.90 22.27
N ASP B 1115 81.51 3.73 22.87
CA ASP B 1115 80.57 2.76 22.28
C ASP B 1115 79.13 3.17 22.50
N ASN B 1116 78.84 3.84 23.62
CA ASN B 1116 77.48 4.27 23.91
C ASN B 1116 77.10 5.54 23.17
N THR B 1117 78.07 6.29 22.65
CA THR B 1117 77.82 7.59 22.07
C THR B 1117 78.53 7.72 20.73
N PHE B 1118 78.00 8.60 19.89
CA PHE B 1118 78.60 8.94 18.61
C PHE B 1118 78.79 10.45 18.54
N VAL B 1119 79.87 10.87 17.90
CA VAL B 1119 80.24 12.28 17.85
C VAL B 1119 79.67 12.92 16.59
N SER B 1120 79.35 14.20 16.67
CA SER B 1120 78.84 14.94 15.52
C SER B 1120 79.15 16.42 15.72
N GLY B 1121 80.16 16.91 15.01
CA GLY B 1121 80.46 18.33 15.03
C GLY B 1121 81.17 18.77 16.29
N ASN B 1122 81.31 20.09 16.41
CA ASN B 1122 82.03 20.71 17.52
C ASN B 1122 81.04 21.00 18.65
N CYS B 1123 81.49 21.76 19.65
CA CYS B 1123 80.73 22.01 20.87
C CYS B 1123 80.31 23.47 21.00
N ASP B 1124 79.86 24.09 19.90
CA ASP B 1124 79.40 25.47 19.90
C ASP B 1124 78.06 25.63 19.21
N VAL B 1125 77.29 24.55 19.04
CA VAL B 1125 76.02 24.57 18.34
C VAL B 1125 74.89 24.02 19.21
N VAL B 1126 75.11 22.83 19.78
CA VAL B 1126 74.05 22.18 20.56
C VAL B 1126 73.64 23.06 21.73
N ILE B 1127 72.35 23.15 21.97
CA ILE B 1127 71.79 23.96 23.05
C ILE B 1127 71.50 23.06 24.24
N GLY B 1128 72.03 23.43 25.40
CA GLY B 1128 71.90 22.60 26.59
C GLY B 1128 73.03 21.62 26.79
N ILE B 1129 73.98 21.54 25.85
CA ILE B 1129 75.08 20.60 25.98
C ILE B 1129 75.83 20.86 27.28
N VAL B 1130 76.42 19.80 27.84
CA VAL B 1130 77.14 19.87 29.10
C VAL B 1130 78.56 19.36 28.89
N ASN B 1131 79.37 19.52 29.93
CA ASN B 1131 80.74 19.04 29.95
C ASN B 1131 80.82 17.75 30.76
N ASN B 1132 81.56 16.78 30.23
CA ASN B 1132 81.80 15.53 30.94
C ASN B 1132 82.84 14.74 30.16
N THR B 1133 83.31 13.66 30.77
CA THR B 1133 84.32 12.80 30.17
C THR B 1133 83.68 11.53 29.63
N VAL B 1134 84.07 11.14 28.42
CA VAL B 1134 83.59 9.93 27.78
C VAL B 1134 84.68 8.88 27.90
N TYR B 1135 84.42 7.85 28.70
CA TYR B 1135 85.42 6.82 28.95
C TYR B 1135 85.81 6.13 27.65
N ASP B 1136 87.10 5.94 27.44
CA ASP B 1136 87.60 5.28 26.24
C ASP B 1136 88.13 3.90 26.61
N PRO B 1137 87.49 2.82 26.18
CA PRO B 1137 87.99 1.48 26.54
C PRO B 1137 89.40 1.21 26.03
N LEU B 1138 89.78 1.80 24.90
CA LEU B 1138 91.05 1.44 24.28
C LEU B 1138 92.25 1.95 25.06
N GLN B 1139 92.12 3.10 25.73
CA GLN B 1139 93.26 3.69 26.42
C GLN B 1139 93.79 2.79 27.53
N PRO B 1140 92.98 2.31 28.48
CA PRO B 1140 93.55 1.42 29.52
C PRO B 1140 94.17 0.16 28.95
N GLU B 1141 93.57 -0.42 27.91
CA GLU B 1141 94.16 -1.60 27.30
C GLU B 1141 95.52 -1.28 26.69
N LEU B 1142 95.65 -0.14 26.02
CA LEU B 1142 96.93 0.25 25.46
C LEU B 1142 97.96 0.49 26.56
N ASP B 1143 97.53 1.08 27.68
CA ASP B 1143 98.46 1.35 28.77
C ASP B 1143 99.07 0.06 29.31
N SER B 1144 98.25 -0.97 29.47
CA SER B 1144 98.74 -2.26 29.97
C SER B 1144 99.33 -3.09 28.84
N SER C 13 -23.94 58.54 -19.74
CA SER C 13 -24.05 59.84 -20.38
C SER C 13 -24.16 59.68 -21.89
N GLN C 14 -24.03 60.80 -22.60
CA GLN C 14 -24.12 60.82 -24.06
C GLN C 14 -22.71 60.86 -24.64
N CYS C 15 -22.41 59.95 -25.56
CA CYS C 15 -21.09 59.88 -26.16
C CYS C 15 -20.82 61.11 -27.00
N VAL C 16 -19.55 61.52 -27.02
CA VAL C 16 -19.08 62.61 -27.86
C VAL C 16 -18.42 62.01 -29.09
N ASN C 17 -18.88 62.42 -30.28
CA ASN C 17 -18.41 61.83 -31.53
C ASN C 17 -17.30 62.68 -32.13
N PHE C 18 -16.24 62.01 -32.56
CA PHE C 18 -15.11 62.65 -33.22
C PHE C 18 -15.05 62.16 -34.66
N THR C 19 -15.09 63.11 -35.60
CA THR C 19 -15.08 62.74 -37.02
C THR C 19 -13.80 62.02 -37.40
N THR C 20 -12.66 62.51 -36.90
CA THR C 20 -11.36 61.94 -37.22
C THR C 20 -10.85 61.14 -36.03
N ARG C 21 -10.50 59.88 -36.26
CA ARG C 21 -9.96 59.01 -35.23
C ARG C 21 -8.64 58.43 -35.70
N THR C 22 -7.67 58.37 -34.78
CA THR C 22 -6.34 57.88 -35.11
C THR C 22 -5.71 57.28 -33.86
N GLN C 23 -4.69 56.45 -34.07
CA GLN C 23 -3.96 55.84 -32.97
C GLN C 23 -2.49 55.76 -33.35
N LEU C 24 -1.62 56.13 -32.42
CA LEU C 24 -0.20 56.16 -32.69
C LEU C 24 0.34 54.74 -32.81
N PRO C 25 1.41 54.54 -33.59
CA PRO C 25 1.96 53.20 -33.74
C PRO C 25 2.49 52.68 -32.42
N PRO C 26 2.44 51.38 -32.20
CA PRO C 26 3.00 50.82 -30.96
C PRO C 26 4.52 50.86 -30.97
N ALA C 27 5.08 50.81 -29.76
CA ALA C 27 6.53 50.74 -29.59
C ALA C 27 6.87 49.59 -28.66
N TYR C 28 8.12 49.14 -28.72
CA TYR C 28 8.56 47.99 -27.95
C TYR C 28 9.77 48.34 -27.10
N THR C 29 9.85 47.76 -25.91
CA THR C 29 10.97 47.97 -25.00
C THR C 29 11.17 46.69 -24.19
N ASN C 30 12.12 46.72 -23.27
CA ASN C 30 12.45 45.57 -22.43
C ASN C 30 11.93 45.78 -21.01
N SER C 31 11.32 44.73 -20.45
CA SER C 31 10.78 44.80 -19.10
C SER C 31 11.86 44.84 -18.03
N PHE C 32 13.10 44.49 -18.37
CA PHE C 32 14.18 44.45 -17.39
C PHE C 32 13.85 43.48 -16.26
N THR C 33 13.64 43.98 -15.05
CA THR C 33 13.43 43.14 -13.88
C THR C 33 12.31 43.67 -13.01
N ARG C 34 11.23 44.13 -13.63
CA ARG C 34 10.07 44.64 -12.91
C ARG C 34 8.92 43.66 -12.99
N GLY C 35 7.77 44.04 -12.44
CA GLY C 35 6.60 43.19 -12.44
C GLY C 35 6.52 42.20 -11.29
N VAL C 36 7.41 42.30 -10.31
CA VAL C 36 7.39 41.41 -9.16
C VAL C 36 6.42 41.96 -8.13
N TYR C 37 5.56 41.09 -7.60
CA TYR C 37 4.57 41.49 -6.60
C TYR C 37 4.41 40.35 -5.61
N TYR C 38 3.86 40.70 -4.44
CA TYR C 38 3.67 39.71 -3.38
C TYR C 38 2.59 38.74 -3.80
N PRO C 39 2.87 37.42 -3.90
CA PRO C 39 1.82 36.51 -4.37
C PRO C 39 0.66 36.38 -3.39
N ASP C 40 0.95 36.33 -2.09
CA ASP C 40 -0.09 36.22 -1.09
C ASP C 40 0.10 37.27 0.00
N LYS C 41 -0.68 37.18 1.08
CA LYS C 41 -0.61 38.12 2.19
C LYS C 41 0.07 37.52 3.42
N VAL C 42 0.97 36.57 3.20
CA VAL C 42 1.68 35.91 4.29
C VAL C 42 3.01 36.62 4.51
N PHE C 43 3.21 37.13 5.72
CA PHE C 43 4.46 37.80 6.04
C PHE C 43 5.61 36.80 6.09
N ARG C 44 6.82 37.29 5.82
CA ARG C 44 8.03 36.49 5.88
C ARG C 44 9.20 37.41 6.17
N SER C 45 10.33 36.83 6.56
CA SER C 45 11.50 37.62 6.90
C SER C 45 12.77 36.84 6.60
N SER C 46 13.74 37.53 6.02
CA SER C 46 15.09 37.00 5.77
C SER C 46 15.02 35.55 5.28
N VAL C 47 14.23 35.34 4.22
CA VAL C 47 13.99 34.01 3.70
C VAL C 47 13.86 34.07 2.19
N LEU C 48 14.37 33.03 1.53
CA LEU C 48 14.22 32.87 0.08
C LEU C 48 13.12 31.85 -0.17
N HIS C 49 12.03 32.30 -0.77
CA HIS C 49 10.83 31.48 -0.95
C HIS C 49 10.51 31.34 -2.42
N SER C 50 10.20 30.13 -2.85
CA SER C 50 9.86 29.83 -4.23
C SER C 50 8.34 29.80 -4.37
N THR C 51 7.82 30.50 -5.37
CA THR C 51 6.39 30.59 -5.60
C THR C 51 6.11 30.45 -7.09
N GLN C 52 5.15 29.60 -7.44
CA GLN C 52 4.74 29.40 -8.83
C GLN C 52 3.38 30.06 -9.04
N ASP C 53 3.36 31.13 -9.83
CA ASP C 53 2.12 31.86 -10.09
C ASP C 53 2.32 32.69 -11.36
N LEU C 54 1.33 33.51 -11.69
CA LEU C 54 1.42 34.37 -12.86
C LEU C 54 2.27 35.58 -12.51
N PHE C 55 3.43 35.68 -13.17
CA PHE C 55 4.36 36.77 -12.95
C PHE C 55 4.83 37.32 -14.29
N LEU C 56 5.45 38.50 -14.25
CA LEU C 56 6.01 39.10 -15.45
C LEU C 56 7.42 38.57 -15.66
N PRO C 57 7.66 37.71 -16.63
CA PRO C 57 9.03 37.22 -16.84
C PRO C 57 9.98 38.37 -17.09
N PHE C 58 11.16 38.29 -16.47
CA PHE C 58 12.12 39.38 -16.58
C PHE C 58 12.63 39.49 -18.01
N PHE C 59 12.89 40.72 -18.44
CA PHE C 59 13.44 40.99 -19.77
C PHE C 59 12.49 40.54 -20.86
N SER C 60 11.19 40.65 -20.62
CA SER C 60 10.18 40.35 -21.62
C SER C 60 9.91 41.58 -22.49
N ASN C 61 9.41 41.32 -23.69
CA ASN C 61 9.01 42.40 -24.57
C ASN C 61 7.82 43.14 -23.98
N VAL C 62 7.90 44.47 -23.95
CA VAL C 62 6.87 45.32 -23.38
C VAL C 62 6.36 46.23 -24.48
N THR C 63 5.05 46.22 -24.70
CA THR C 63 4.42 47.03 -25.74
C THR C 63 3.91 48.31 -25.10
N TRP C 64 4.42 49.45 -25.56
CA TRP C 64 4.13 50.73 -24.92
C TRP C 64 3.75 51.77 -25.95
N PHE C 65 2.98 52.75 -25.49
CA PHE C 65 2.45 53.81 -26.32
C PHE C 65 2.43 55.11 -25.52
N HIS C 66 1.95 56.18 -26.15
CA HIS C 66 1.82 57.49 -25.53
C HIS C 66 0.35 57.88 -25.49
N ALA C 67 -0.03 58.62 -24.45
CA ALA C 67 -1.40 59.08 -24.25
C ALA C 67 -1.41 60.59 -24.37
N ILE C 68 -2.06 61.10 -25.42
CA ILE C 68 -2.15 62.54 -25.64
C ILE C 68 -3.34 63.08 -24.86
N HIS C 69 -3.07 64.05 -23.98
CA HIS C 69 -4.09 64.66 -23.14
C HIS C 69 -4.45 66.07 -23.57
N VAL C 70 -3.89 66.55 -24.68
CA VAL C 70 -4.16 67.91 -25.15
C VAL C 70 -4.11 67.90 -26.67
N SER C 71 -4.98 68.71 -27.28
CA SER C 71 -5.07 68.85 -28.73
C SER C 71 -4.63 70.24 -29.14
N GLY C 72 -3.70 70.33 -30.07
CA GLY C 72 -3.21 71.60 -30.54
C GLY C 72 -2.25 71.46 -31.72
N GLY C 75 -5.43 70.81 -35.00
CA GLY C 75 -5.62 70.31 -33.66
C GLY C 75 -7.01 69.74 -33.43
N THR C 76 -7.60 69.20 -34.50
CA THR C 76 -8.93 68.61 -34.45
C THR C 76 -8.88 67.10 -34.72
N LYS C 77 -7.81 66.44 -34.27
CA LYS C 77 -7.64 65.01 -34.45
C LYS C 77 -7.77 64.31 -33.10
N ARG C 78 -8.64 63.30 -33.05
CA ARG C 78 -8.88 62.54 -31.83
C ARG C 78 -7.98 61.30 -31.86
N PHE C 79 -6.97 61.29 -31.00
CA PHE C 79 -6.07 60.14 -30.87
C PHE C 79 -6.66 59.19 -29.83
N ALA C 80 -7.32 58.13 -30.29
CA ALA C 80 -8.02 57.19 -29.43
C ALA C 80 -7.09 56.05 -29.04
N ASN C 81 -7.16 55.65 -27.77
CA ASN C 81 -6.35 54.54 -27.29
C ASN C 81 -6.84 53.24 -27.91
N PRO C 82 -5.96 52.25 -28.04
CA PRO C 82 -6.37 50.97 -28.64
C PRO C 82 -6.89 49.98 -27.60
N VAL C 83 -7.67 49.03 -28.09
CA VAL C 83 -8.18 47.94 -27.27
C VAL C 83 -7.14 46.82 -27.27
N LEU C 84 -6.63 46.49 -26.09
CA LEU C 84 -5.57 45.51 -25.97
C LEU C 84 -6.10 44.22 -25.33
N PRO C 85 -5.61 43.05 -25.75
CA PRO C 85 -6.03 41.81 -25.09
C PRO C 85 -5.58 41.76 -23.65
N PHE C 86 -6.26 40.92 -22.87
CA PHE C 86 -5.98 40.77 -21.45
C PHE C 86 -5.20 39.50 -21.13
N ASN C 87 -5.45 38.42 -21.85
CA ASN C 87 -4.75 37.14 -21.64
C ASN C 87 -5.01 36.72 -20.18
N ASP C 88 -3.99 36.30 -19.43
CA ASP C 88 -4.16 35.86 -18.06
C ASP C 88 -3.89 36.96 -17.04
N GLY C 89 -3.64 38.17 -17.49
CA GLY C 89 -3.31 39.27 -16.61
C GLY C 89 -2.38 40.23 -17.31
N VAL C 90 -2.39 41.48 -16.85
CA VAL C 90 -1.64 42.54 -17.51
C VAL C 90 -0.88 43.35 -16.47
N TYR C 91 0.38 43.65 -16.77
CA TYR C 91 1.19 44.57 -16.00
C TYR C 91 1.23 45.89 -16.75
N PHE C 92 0.59 46.91 -16.18
CA PHE C 92 0.43 48.22 -16.81
C PHE C 92 1.20 49.25 -16.01
N ALA C 93 2.12 49.95 -16.67
CA ALA C 93 2.88 51.02 -16.04
C ALA C 93 2.56 52.33 -16.73
N SER C 94 2.53 53.41 -15.95
CA SER C 94 2.29 54.75 -16.46
C SER C 94 3.37 55.69 -15.94
N THR C 95 4.06 56.36 -16.85
CA THR C 95 5.04 57.38 -16.52
C THR C 95 4.47 58.72 -16.92
N GLU C 96 4.27 59.61 -15.94
CA GLU C 96 3.60 60.87 -16.22
C GLU C 96 3.95 61.88 -15.14
N LYS C 97 3.70 63.16 -15.45
CA LYS C 97 3.84 64.22 -14.46
C LYS C 97 2.54 64.42 -13.68
N SER C 98 1.45 64.71 -14.40
CA SER C 98 0.12 64.76 -13.82
C SER C 98 -0.61 63.45 -14.12
N ASN C 99 -1.65 63.19 -13.34
CA ASN C 99 -2.39 61.94 -13.43
C ASN C 99 -3.23 61.95 -14.70
N ILE C 100 -2.58 61.60 -15.81
CA ILE C 100 -3.26 61.54 -17.10
C ILE C 100 -4.09 60.27 -17.22
N ILE C 101 -3.47 59.12 -16.95
CA ILE C 101 -4.20 57.86 -16.99
C ILE C 101 -5.08 57.76 -15.76
N ARG C 102 -6.38 57.55 -15.98
CA ARG C 102 -7.35 57.55 -14.88
C ARG C 102 -8.05 56.22 -14.65
N GLY C 103 -8.12 55.34 -15.66
CA GLY C 103 -8.85 54.11 -15.47
C GLY C 103 -8.76 53.22 -16.68
N TRP C 104 -9.49 52.11 -16.60
CA TRP C 104 -9.47 51.08 -17.62
C TRP C 104 -10.86 50.46 -17.73
N ILE C 105 -11.07 49.77 -18.85
CA ILE C 105 -12.28 49.00 -19.10
C ILE C 105 -11.88 47.59 -19.49
N PHE C 106 -12.57 46.60 -18.91
CA PHE C 106 -12.23 45.20 -19.11
C PHE C 106 -13.47 44.43 -19.55
N GLY C 107 -13.23 43.41 -20.36
CA GLY C 107 -14.31 42.58 -20.84
C GLY C 107 -13.87 41.78 -22.05
N THR C 108 -14.86 41.16 -22.71
CA THR C 108 -14.65 40.39 -23.92
C THR C 108 -15.24 41.08 -25.15
N THR C 109 -16.53 41.42 -25.10
CA THR C 109 -17.17 42.14 -26.19
C THR C 109 -17.18 43.64 -25.97
N LEU C 110 -17.03 44.10 -24.72
CA LEU C 110 -17.02 45.52 -24.41
C LEU C 110 -18.30 46.20 -24.90
N ASP C 111 -19.43 45.52 -24.73
CA ASP C 111 -20.72 46.05 -25.15
C ASP C 111 -21.77 45.61 -24.12
N SER C 112 -23.03 45.94 -24.40
CA SER C 112 -24.12 45.56 -23.51
C SER C 112 -24.44 44.09 -23.57
N LYS C 113 -23.94 43.36 -24.58
CA LYS C 113 -24.25 41.94 -24.69
C LYS C 113 -23.70 41.16 -23.49
N THR C 114 -22.49 41.49 -23.06
CA THR C 114 -21.82 40.76 -21.98
C THR C 114 -21.42 41.74 -20.89
N GLN C 115 -21.31 41.22 -19.67
CA GLN C 115 -20.91 42.04 -18.53
C GLN C 115 -19.50 42.60 -18.75
N SER C 116 -19.33 43.87 -18.43
CA SER C 116 -18.06 44.56 -18.60
C SER C 116 -17.72 45.34 -17.34
N LEU C 117 -16.44 45.37 -17.01
CA LEU C 117 -15.94 46.07 -15.83
C LEU C 117 -15.34 47.41 -16.24
N LEU C 118 -15.50 48.40 -15.36
CA LEU C 118 -14.94 49.74 -15.59
C LEU C 118 -14.38 50.24 -14.27
N ILE C 119 -13.07 50.54 -14.27
CA ILE C 119 -12.39 51.12 -13.13
C ILE C 119 -11.97 52.53 -13.50
N VAL C 120 -12.17 53.48 -12.59
CA VAL C 120 -11.79 54.86 -12.84
C VAL C 120 -11.43 55.51 -11.51
N ASN C 121 -10.55 56.51 -11.56
CA ASN C 121 -10.16 57.29 -10.40
C ASN C 121 -10.35 58.76 -10.79
N ASN C 122 -11.57 59.26 -10.61
CA ASN C 122 -11.89 60.64 -10.96
C ASN C 122 -11.36 61.59 -9.89
N ALA C 123 -11.62 62.88 -10.07
CA ALA C 123 -11.15 63.87 -9.11
C ALA C 123 -11.75 63.64 -7.73
N THR C 124 -12.94 63.03 -7.66
CA THR C 124 -13.58 62.81 -6.37
C THR C 124 -13.07 61.54 -5.70
N ASN C 125 -13.26 60.39 -6.33
CA ASN C 125 -12.94 59.12 -5.71
C ASN C 125 -12.74 58.07 -6.80
N VAL C 126 -12.52 56.83 -6.37
CA VAL C 126 -12.33 55.69 -7.26
C VAL C 126 -13.66 54.97 -7.39
N VAL C 127 -14.12 54.80 -8.64
CA VAL C 127 -15.39 54.14 -8.94
C VAL C 127 -15.08 52.89 -9.75
N ILE C 128 -15.57 51.75 -9.29
CA ILE C 128 -15.40 50.46 -9.96
C ILE C 128 -16.78 49.85 -10.13
N LYS C 129 -17.21 49.69 -11.38
CA LYS C 129 -18.55 49.23 -11.68
C LYS C 129 -18.51 48.11 -12.73
N VAL C 130 -19.18 47.01 -12.43
CA VAL C 130 -19.34 45.91 -13.37
C VAL C 130 -20.81 45.92 -13.80
N CYS C 131 -21.03 46.23 -15.08
CA CYS C 131 -22.37 46.37 -15.63
C CYS C 131 -22.31 46.04 -17.11
N GLU C 132 -23.50 45.90 -17.72
CA GLU C 132 -23.59 45.69 -19.17
C GLU C 132 -23.43 47.04 -19.87
N PHE C 133 -22.25 47.62 -19.70
CA PHE C 133 -21.97 48.93 -20.25
C PHE C 133 -21.98 48.90 -21.78
N GLN C 134 -22.34 50.04 -22.36
CA GLN C 134 -22.23 50.27 -23.80
C GLN C 134 -21.17 51.35 -23.97
N PHE C 135 -19.91 50.94 -24.03
CA PHE C 135 -18.81 51.90 -24.06
C PHE C 135 -18.87 52.75 -25.32
N CYS C 136 -18.50 54.02 -25.17
CA CYS C 136 -18.44 54.93 -26.30
C CYS C 136 -17.29 54.56 -27.22
N ASN C 137 -17.38 55.00 -28.48
CA ASN C 137 -16.32 54.75 -29.43
C ASN C 137 -15.01 55.40 -28.97
N ASP C 138 -15.09 56.64 -28.46
CA ASP C 138 -13.93 57.38 -27.97
C ASP C 138 -14.26 57.88 -26.57
N PRO C 139 -14.11 57.05 -25.55
CA PRO C 139 -14.36 57.51 -24.18
C PRO C 139 -13.57 58.77 -23.87
N PHE C 140 -14.25 59.76 -23.29
CA PHE C 140 -13.69 61.09 -23.12
C PHE C 140 -13.81 61.53 -21.67
N LEU C 141 -12.70 62.00 -21.11
CA LEU C 141 -12.68 62.65 -19.80
C LEU C 141 -12.05 64.02 -19.97
N GLY C 142 -12.83 65.06 -19.74
CA GLY C 142 -12.40 66.42 -20.03
C GLY C 142 -12.44 67.33 -18.83
N VAL C 143 -11.35 68.07 -18.62
CA VAL C 143 -11.22 69.03 -17.54
C VAL C 143 -10.91 70.39 -18.14
N TYR C 144 -11.32 71.44 -17.42
CA TYR C 144 -11.08 72.81 -17.84
C TYR C 144 -10.43 73.58 -16.70
N TYR C 145 -9.59 74.55 -17.06
CA TYR C 145 -8.89 75.35 -16.06
C TYR C 145 -9.81 76.48 -15.58
N HIS C 146 -10.04 76.52 -14.28
CA HIS C 146 -10.87 77.56 -13.66
C HIS C 146 -9.94 78.74 -13.35
N LYS C 147 -9.95 79.74 -14.22
CA LYS C 147 -9.05 80.88 -14.07
C LYS C 147 -9.32 81.62 -12.76
N ASN C 148 -10.61 81.81 -12.43
CA ASN C 148 -10.94 82.49 -11.19
C ASN C 148 -10.43 81.72 -9.98
N ASN C 149 -10.60 80.40 -9.99
CA ASN C 149 -10.13 79.55 -8.90
C ASN C 149 -8.69 79.07 -9.10
N LYS C 150 -8.10 79.33 -10.27
CA LYS C 150 -6.72 78.92 -10.55
C LYS C 150 -6.52 77.43 -10.28
N SER C 151 -7.49 76.62 -10.70
CA SER C 151 -7.43 75.19 -10.50
C SER C 151 -8.26 74.48 -11.57
N TRP C 152 -7.72 73.40 -12.11
CA TRP C 152 -8.47 72.60 -13.07
C TRP C 152 -9.61 71.87 -12.37
N MET C 153 -10.73 71.72 -13.08
CA MET C 153 -11.90 71.04 -12.55
C MET C 153 -12.50 70.19 -13.66
N GLU C 154 -12.67 68.89 -13.39
CA GLU C 154 -13.25 68.00 -14.37
C GLU C 154 -14.71 68.36 -14.63
N SER C 155 -15.10 68.41 -15.91
CA SER C 155 -16.46 68.76 -16.26
C SER C 155 -17.04 67.95 -17.40
N GLU C 156 -16.32 66.95 -17.92
CA GLU C 156 -16.84 66.11 -19.00
C GLU C 156 -16.48 64.66 -18.72
N PHE C 157 -17.48 63.78 -18.78
CA PHE C 157 -17.29 62.35 -18.59
C PHE C 157 -18.26 61.63 -19.52
N ARG C 158 -17.77 61.18 -20.68
CA ARG C 158 -18.57 60.50 -21.68
C ARG C 158 -17.85 59.21 -22.05
N VAL C 159 -18.10 58.15 -21.29
CA VAL C 159 -17.43 56.86 -21.46
C VAL C 159 -18.36 55.81 -22.03
N TYR C 160 -19.53 55.64 -21.41
CA TYR C 160 -20.50 54.63 -21.81
C TYR C 160 -21.83 55.31 -22.13
N SER C 161 -22.45 54.88 -23.24
CA SER C 161 -23.76 55.40 -23.59
C SER C 161 -24.84 54.89 -22.65
N SER C 162 -24.72 53.67 -22.17
CA SER C 162 -25.72 53.07 -21.30
C SER C 162 -25.05 52.09 -20.36
N ALA C 163 -25.73 51.81 -19.25
CA ALA C 163 -25.26 50.83 -18.27
C ALA C 163 -26.49 50.18 -17.65
N ASN C 164 -26.71 48.91 -17.95
CA ASN C 164 -27.90 48.19 -17.51
C ASN C 164 -27.50 46.90 -16.81
N ASN C 165 -28.35 46.48 -15.87
CA ASN C 165 -28.15 45.24 -15.12
C ASN C 165 -26.77 45.21 -14.49
N CYS C 166 -26.49 46.23 -13.69
CA CYS C 166 -25.20 46.30 -13.00
C CYS C 166 -25.03 45.11 -12.07
N THR C 167 -23.84 44.51 -12.10
CA THR C 167 -23.52 43.38 -11.24
C THR C 167 -22.62 43.75 -10.07
N PHE C 168 -21.89 44.86 -10.14
CA PHE C 168 -21.05 45.28 -9.03
C PHE C 168 -20.87 46.78 -9.05
N GLU C 169 -20.76 47.37 -7.87
CA GLU C 169 -20.48 48.80 -7.73
C GLU C 169 -19.72 49.03 -6.44
N TYR C 170 -18.65 49.81 -6.52
CA TYR C 170 -17.87 50.17 -5.33
C TYR C 170 -17.22 51.52 -5.57
N VAL C 171 -17.46 52.46 -4.66
CA VAL C 171 -16.91 53.81 -4.73
C VAL C 171 -16.06 54.05 -3.51
N SER C 172 -14.81 54.45 -3.72
CA SER C 172 -13.91 54.77 -2.62
C SER C 172 -14.28 56.12 -2.02
N GLN C 173 -13.65 56.44 -0.90
CA GLN C 173 -13.96 57.68 -0.19
C GLN C 173 -13.55 58.88 -1.03
N PRO C 174 -14.30 59.98 -0.94
CA PRO C 174 -13.93 61.17 -1.72
C PRO C 174 -12.55 61.70 -1.33
N PHE C 175 -11.82 62.19 -2.33
CA PHE C 175 -10.55 62.85 -2.12
C PHE C 175 -10.34 63.84 -3.25
N LEU C 176 -9.27 64.62 -3.15
CA LEU C 176 -8.93 65.64 -4.15
C LEU C 176 -7.64 65.23 -4.84
N MET C 177 -7.69 65.08 -6.16
CA MET C 177 -6.52 64.73 -6.95
C MET C 177 -5.88 66.01 -7.50
N ASP C 178 -4.56 66.06 -7.44
CA ASP C 178 -3.83 67.24 -7.91
C ASP C 178 -3.86 67.27 -9.43
N LEU C 179 -4.46 68.33 -9.99
CA LEU C 179 -4.55 68.49 -11.43
C LEU C 179 -3.57 69.54 -11.92
N PHE C 186 11.28 65.35 -12.64
CA PHE C 186 10.56 64.62 -11.59
C PHE C 186 9.24 64.09 -12.11
N LYS C 187 9.24 62.83 -12.55
CA LYS C 187 8.04 62.16 -13.02
C LYS C 187 7.59 61.12 -12.00
N ASN C 188 6.39 60.60 -12.20
CA ASN C 188 5.79 59.58 -11.36
C ASN C 188 5.58 58.33 -12.20
N LEU C 189 6.00 57.20 -11.65
CA LEU C 189 5.77 55.88 -12.24
C LEU C 189 4.75 55.15 -11.38
N ARG C 190 3.59 54.86 -11.96
CA ARG C 190 2.54 54.11 -11.30
C ARG C 190 2.43 52.76 -12.00
N GLU C 191 2.78 51.70 -11.28
CA GLU C 191 2.71 50.34 -11.80
C GLU C 191 1.50 49.62 -11.20
N PHE C 192 0.83 48.84 -12.03
CA PHE C 192 -0.34 48.08 -11.61
C PHE C 192 -0.28 46.71 -12.23
N VAL C 193 -0.81 45.73 -11.51
CA VAL C 193 -0.92 44.36 -11.99
C VAL C 193 -2.36 43.93 -11.82
N PHE C 194 -2.98 43.52 -12.93
CA PHE C 194 -4.37 43.08 -12.94
C PHE C 194 -4.39 41.60 -13.30
N LYS C 195 -4.98 40.79 -12.42
CA LYS C 195 -5.00 39.34 -12.59
C LYS C 195 -6.40 38.82 -12.33
N ASN C 196 -7.00 38.19 -13.33
CA ASN C 196 -8.35 37.62 -13.21
C ASN C 196 -8.20 36.11 -13.05
N ILE C 197 -8.37 35.63 -11.82
CA ILE C 197 -8.22 34.21 -11.50
C ILE C 197 -9.35 33.79 -10.57
N ASP C 198 -10.02 32.69 -10.90
CA ASP C 198 -11.07 32.12 -10.06
C ASP C 198 -12.18 33.14 -9.80
N GLY C 199 -12.54 33.90 -10.83
CA GLY C 199 -13.57 34.90 -10.68
C GLY C 199 -13.18 36.08 -9.83
N TYR C 200 -11.92 36.18 -9.43
CA TYR C 200 -11.40 37.27 -8.62
C TYR C 200 -10.51 38.14 -9.49
N PHE C 201 -10.84 39.43 -9.56
CA PHE C 201 -10.01 40.43 -10.23
C PHE C 201 -9.14 41.06 -9.15
N LYS C 202 -7.86 40.70 -9.14
CA LYS C 202 -6.92 41.21 -8.16
C LYS C 202 -6.12 42.34 -8.79
N ILE C 203 -6.05 43.45 -8.07
CA ILE C 203 -5.31 44.64 -8.49
C ILE C 203 -4.22 44.88 -7.46
N TYR C 204 -2.97 44.88 -7.91
CA TYR C 204 -1.81 45.23 -7.11
C TYR C 204 -1.24 46.53 -7.64
N SER C 205 -0.76 47.39 -6.75
CA SER C 205 -0.35 48.73 -7.14
C SER C 205 0.97 49.11 -6.50
N LYS C 206 1.69 50.00 -7.18
CA LYS C 206 2.90 50.61 -6.63
C LYS C 206 3.08 51.98 -7.27
N HIS C 207 3.58 52.91 -6.47
CA HIS C 207 3.79 54.30 -6.91
C HIS C 207 5.19 54.72 -6.51
N THR C 208 5.95 55.26 -7.46
CA THR C 208 7.32 55.67 -7.21
C THR C 208 7.62 56.98 -7.90
N PRO C 209 8.54 57.79 -7.35
CA PRO C 209 9.08 58.93 -8.10
C PRO C 209 10.26 58.53 -8.96
N ILE C 210 10.14 58.72 -10.28
CA ILE C 210 11.17 58.33 -11.23
C ILE C 210 11.65 59.59 -11.94
N ASN C 211 12.98 59.75 -12.00
CA ASN C 211 13.60 60.91 -12.62
C ASN C 211 13.89 60.71 -14.11
N LEU C 212 13.70 59.50 -14.63
CA LEU C 212 13.93 59.25 -16.04
C LEU C 212 12.93 60.02 -16.89
N VAL C 213 13.35 60.37 -18.11
CA VAL C 213 12.55 61.21 -18.99
C VAL C 213 11.75 60.34 -19.96
N ARG C 214 12.35 59.26 -20.42
CA ARG C 214 11.71 58.40 -21.40
C ARG C 214 12.17 56.96 -21.21
N GLY C 215 11.30 56.03 -21.56
CA GLY C 215 11.61 54.61 -21.45
C GLY C 215 11.20 54.04 -20.11
N LEU C 216 10.93 52.74 -20.11
CA LEU C 216 10.55 52.05 -18.88
C LEU C 216 11.77 51.96 -17.97
N PRO C 217 11.72 52.48 -16.75
CA PRO C 217 12.92 52.50 -15.92
C PRO C 217 13.38 51.10 -15.55
N GLN C 218 14.70 50.97 -15.38
CA GLN C 218 15.32 49.70 -15.00
C GLN C 218 15.56 49.71 -13.49
N GLY C 219 14.94 48.78 -12.79
CA GLY C 219 15.05 48.73 -11.35
C GLY C 219 14.12 47.67 -10.80
N PHE C 220 14.13 47.57 -9.46
CA PHE C 220 13.32 46.57 -8.77
C PHE C 220 12.46 47.25 -7.72
N SER C 221 11.19 46.84 -7.66
CA SER C 221 10.27 47.34 -6.64
C SER C 221 9.06 46.42 -6.61
N ALA C 222 8.80 45.83 -5.45
CA ALA C 222 7.65 44.94 -5.31
C ALA C 222 6.36 45.73 -5.30
N LEU C 223 5.31 45.13 -5.86
CA LEU C 223 4.00 45.76 -5.94
C LEU C 223 3.10 45.20 -4.84
N GLU C 224 2.65 46.06 -3.94
CA GLU C 224 1.76 45.64 -2.87
C GLU C 224 0.36 45.42 -3.42
N PRO C 225 -0.38 44.44 -2.89
CA PRO C 225 -1.77 44.27 -3.31
C PRO C 225 -2.60 45.50 -2.98
N LEU C 226 -3.53 45.81 -3.89
CA LEU C 226 -4.42 46.96 -3.71
C LEU C 226 -5.83 46.52 -3.30
N VAL C 227 -6.44 45.63 -4.07
CA VAL C 227 -7.78 45.16 -3.74
C VAL C 227 -8.14 43.98 -4.63
N ASP C 228 -8.95 43.07 -4.08
CA ASP C 228 -9.49 41.93 -4.82
C ASP C 228 -11.00 42.10 -4.92
N LEU C 229 -11.54 41.93 -6.13
CA LEU C 229 -12.96 42.08 -6.38
C LEU C 229 -13.53 40.77 -6.92
N PRO C 230 -14.51 40.15 -6.25
CA PRO C 230 -15.11 38.92 -6.81
C PRO C 230 -16.14 39.21 -7.89
N ILE C 231 -15.69 39.84 -8.98
CA ILE C 231 -16.60 40.19 -10.06
C ILE C 231 -17.13 38.94 -10.75
N GLY C 232 -16.27 37.94 -10.92
CA GLY C 232 -16.71 36.67 -11.51
C GLY C 232 -17.18 36.81 -12.95
N ILE C 233 -16.42 37.51 -13.77
CA ILE C 233 -16.75 37.69 -15.18
C ILE C 233 -15.57 37.22 -16.03
N ASN C 234 -15.78 37.19 -17.34
CA ASN C 234 -14.76 36.79 -18.30
C ASN C 234 -14.16 38.04 -18.93
N ILE C 235 -12.83 38.12 -18.94
CA ILE C 235 -12.10 39.26 -19.48
C ILE C 235 -11.09 38.75 -20.49
N THR C 236 -11.09 39.35 -21.68
CA THR C 236 -10.09 39.05 -22.70
C THR C 236 -9.48 40.28 -23.34
N ARG C 237 -10.11 41.45 -23.24
CA ARG C 237 -9.55 42.68 -23.79
C ARG C 237 -9.75 43.81 -22.79
N PHE C 238 -8.91 44.83 -22.91
CA PHE C 238 -9.06 46.02 -22.08
C PHE C 238 -8.49 47.23 -22.82
N GLN C 239 -8.93 48.41 -22.41
CA GLN C 239 -8.48 49.66 -23.01
C GLN C 239 -8.21 50.68 -21.91
N THR C 240 -7.27 51.57 -22.18
CA THR C 240 -6.85 52.58 -21.22
C THR C 240 -7.73 53.82 -21.35
N LEU C 241 -7.85 54.54 -20.24
CA LEU C 241 -8.64 55.77 -20.17
C LEU C 241 -7.73 56.92 -19.74
N HIS C 242 -7.74 58.00 -20.51
CA HIS C 242 -6.89 59.15 -20.26
C HIS C 242 -7.76 60.38 -20.02
N ILE C 243 -7.13 61.44 -19.51
CA ILE C 243 -7.79 62.70 -19.23
C ILE C 243 -7.49 63.68 -20.36
N SER C 244 -8.46 64.51 -20.69
CA SER C 244 -8.33 65.52 -21.74
C SER C 244 -8.35 66.90 -21.11
N TYR C 245 -7.35 67.72 -21.44
CA TYR C 245 -7.24 69.08 -20.91
C TYR C 245 -7.81 70.03 -21.95
N LEU C 246 -9.03 70.52 -21.69
CA LEU C 246 -9.64 71.50 -22.57
C LEU C 246 -8.96 72.85 -22.40
N THR C 247 -8.55 73.45 -23.50
CA THR C 247 -7.86 74.73 -23.49
C THR C 247 -8.49 75.68 -24.49
N PRO C 248 -8.43 76.98 -24.23
CA PRO C 248 -9.01 77.94 -25.19
C PRO C 248 -8.35 77.88 -26.56
N GLY C 249 -7.05 77.62 -26.59
CA GLY C 249 -6.33 77.57 -27.86
C GLY C 249 -6.03 78.94 -28.43
N ALA C 257 2.87 69.24 -24.75
CA ALA C 257 3.74 68.39 -25.56
C ALA C 257 4.26 67.21 -24.73
N GLY C 258 4.41 67.43 -23.43
CA GLY C 258 4.89 66.38 -22.54
C GLY C 258 3.83 65.36 -22.22
N ALA C 259 3.34 64.67 -23.25
CA ALA C 259 2.31 63.67 -23.05
C ALA C 259 2.83 62.49 -22.24
N ALA C 260 1.96 61.95 -21.39
CA ALA C 260 2.31 60.81 -20.57
C ALA C 260 2.52 59.58 -21.45
N ALA C 261 3.30 58.63 -20.93
CA ALA C 261 3.56 57.38 -21.62
C ALA C 261 3.09 56.22 -20.76
N TYR C 262 2.77 55.10 -21.39
CA TYR C 262 2.42 53.91 -20.64
C TYR C 262 2.89 52.67 -21.37
N TYR C 263 3.14 51.62 -20.59
CA TYR C 263 3.69 50.36 -21.06
C TYR C 263 2.79 49.23 -20.57
N VAL C 264 2.73 48.15 -21.35
CA VAL C 264 1.91 47.00 -21.04
C VAL C 264 2.70 45.73 -21.31
N GLY C 265 2.65 44.79 -20.36
CA GLY C 265 3.20 43.48 -20.56
C GLY C 265 2.21 42.42 -20.10
N TYR C 266 2.43 41.20 -20.59
CA TYR C 266 1.55 40.08 -20.30
C TYR C 266 2.25 39.11 -19.36
N LEU C 267 1.59 38.78 -18.26
CA LEU C 267 2.13 37.85 -17.29
C LEU C 267 2.02 36.42 -17.82
N GLN C 268 2.83 35.53 -17.25
CA GLN C 268 2.87 34.14 -17.64
C GLN C 268 3.02 33.28 -16.40
N PRO C 269 2.62 32.00 -16.45
CA PRO C 269 2.86 31.10 -15.33
C PRO C 269 4.35 30.80 -15.16
N ARG C 270 4.92 31.27 -14.05
CA ARG C 270 6.36 31.17 -13.83
C ARG C 270 6.62 30.88 -12.37
N THR C 271 7.82 30.36 -12.11
CA THR C 271 8.31 30.13 -10.76
C THR C 271 9.36 31.19 -10.43
N PHE C 272 9.20 31.83 -9.28
CA PHE C 272 10.06 32.93 -8.85
C PHE C 272 10.61 32.64 -7.47
N LEU C 273 11.88 32.99 -7.26
CA LEU C 273 12.52 32.91 -5.95
C LEU C 273 12.59 34.32 -5.40
N LEU C 274 11.78 34.62 -4.40
CA LEU C 274 11.69 35.95 -3.81
C LEU C 274 12.47 35.99 -2.50
N LYS C 275 13.18 37.09 -2.27
CA LYS C 275 14.05 37.23 -1.11
C LYS C 275 13.43 38.26 -0.15
N TYR C 276 12.76 37.77 0.89
CA TYR C 276 12.20 38.65 1.91
C TYR C 276 13.31 39.03 2.88
N ASN C 277 13.49 40.33 3.09
CA ASN C 277 14.52 40.83 3.99
C ASN C 277 13.99 40.86 5.42
N GLU C 278 14.73 41.51 6.32
CA GLU C 278 14.35 41.52 7.73
C GLU C 278 12.97 42.13 7.93
N ASN C 279 12.71 43.27 7.29
CA ASN C 279 11.42 43.92 7.41
C ASN C 279 10.32 43.18 6.63
N GLY C 280 10.67 42.18 5.84
CA GLY C 280 9.71 41.46 5.04
C GLY C 280 9.50 42.02 3.65
N THR C 281 10.05 43.19 3.35
CA THR C 281 9.95 43.73 2.00
C THR C 281 10.78 42.89 1.05
N ILE C 282 10.19 42.54 -0.10
CA ILE C 282 10.90 41.72 -1.07
C ILE C 282 12.03 42.55 -1.65
N THR C 283 13.26 42.24 -1.26
CA THR C 283 14.40 43.01 -1.73
C THR C 283 14.77 42.64 -3.16
N ASP C 284 14.60 41.38 -3.55
CA ASP C 284 14.97 40.96 -4.89
C ASP C 284 14.19 39.70 -5.25
N ALA C 285 14.19 39.40 -6.55
CA ALA C 285 13.55 38.20 -7.06
C ALA C 285 14.39 37.62 -8.19
N VAL C 286 14.28 36.31 -8.37
CA VAL C 286 15.00 35.58 -9.41
C VAL C 286 13.98 34.78 -10.21
N ASP C 287 14.00 34.94 -11.53
CA ASP C 287 13.10 34.20 -12.41
C ASP C 287 13.79 32.91 -12.81
N CYS C 288 13.25 31.78 -12.32
CA CYS C 288 13.93 30.50 -12.48
C CYS C 288 14.12 30.16 -13.96
N ALA C 289 13.06 30.30 -14.75
CA ALA C 289 13.10 29.89 -16.16
C ALA C 289 13.68 30.94 -17.08
N LEU C 290 14.36 31.95 -16.55
CA LEU C 290 14.95 32.98 -17.40
C LEU C 290 16.19 32.46 -18.12
N ASP C 291 17.05 31.74 -17.41
CA ASP C 291 18.33 31.30 -17.95
C ASP C 291 18.88 30.21 -17.04
N PRO C 292 19.86 29.43 -17.52
CA PRO C 292 20.37 28.33 -16.68
C PRO C 292 20.89 28.80 -15.33
N LEU C 293 21.52 29.98 -15.27
CA LEU C 293 22.02 30.47 -14.00
C LEU C 293 20.88 30.65 -12.99
N SER C 294 19.76 31.24 -13.44
CA SER C 294 18.63 31.39 -12.55
C SER C 294 18.03 30.05 -12.17
N GLU C 295 18.07 29.08 -13.08
CA GLU C 295 17.60 27.74 -12.74
C GLU C 295 18.46 27.13 -11.63
N THR C 296 19.77 27.33 -11.70
CA THR C 296 20.64 26.89 -10.61
C THR C 296 20.28 27.61 -9.31
N LYS C 297 20.09 28.93 -9.39
CA LYS C 297 19.78 29.70 -8.19
C LYS C 297 18.51 29.19 -7.53
N CYS C 298 17.49 28.88 -8.32
CA CYS C 298 16.25 28.34 -7.76
C CYS C 298 16.45 26.92 -7.25
N THR C 299 17.34 26.15 -7.88
CA THR C 299 17.60 24.79 -7.42
C THR C 299 18.16 24.80 -5.99
N LEU C 300 19.08 25.71 -5.72
CA LEU C 300 19.72 25.81 -4.42
C LEU C 300 18.98 26.71 -3.45
N LYS C 301 17.91 27.38 -3.88
CA LYS C 301 17.21 28.34 -3.04
C LYS C 301 18.17 29.41 -2.53
N SER C 302 19.09 29.83 -3.40
CA SER C 302 20.13 30.78 -3.02
C SER C 302 20.31 31.82 -4.13
N PHE C 303 20.52 33.06 -3.72
CA PHE C 303 20.86 34.11 -4.68
C PHE C 303 22.35 34.13 -5.02
N THR C 304 23.16 33.37 -4.29
CA THR C 304 24.58 33.22 -4.59
C THR C 304 24.87 31.76 -4.88
N VAL C 305 25.59 31.50 -5.96
CA VAL C 305 25.94 30.15 -6.38
C VAL C 305 27.46 30.04 -6.42
N GLU C 306 27.99 29.07 -5.70
CA GLU C 306 29.43 28.85 -5.64
C GLU C 306 29.89 28.07 -6.88
N LYS C 307 31.20 28.02 -7.07
CA LYS C 307 31.76 27.27 -8.19
C LYS C 307 31.39 25.80 -8.07
N GLY C 308 31.06 25.20 -9.20
CA GLY C 308 30.71 23.79 -9.23
C GLY C 308 29.73 23.51 -10.34
N ILE C 309 29.31 22.24 -10.42
CA ILE C 309 28.34 21.77 -11.39
C ILE C 309 27.11 21.29 -10.62
N TYR C 310 25.95 21.86 -10.95
CA TYR C 310 24.72 21.58 -10.25
C TYR C 310 23.71 20.96 -11.21
N GLN C 311 23.21 19.78 -10.86
CA GLN C 311 22.17 19.14 -11.66
C GLN C 311 20.90 19.95 -11.50
N THR C 312 20.58 20.77 -12.50
CA THR C 312 19.43 21.66 -12.41
C THR C 312 18.15 20.98 -12.84
N SER C 313 18.10 20.47 -14.06
CA SER C 313 16.83 20.03 -14.63
C SER C 313 17.03 18.69 -15.33
N ASN C 314 16.01 18.26 -16.05
CA ASN C 314 16.09 17.09 -16.90
C ASN C 314 15.60 17.46 -18.29
N PHE C 315 16.42 17.22 -19.30
CA PHE C 315 16.07 17.48 -20.68
C PHE C 315 15.44 16.23 -21.28
N ARG C 316 14.20 16.37 -21.77
CA ARG C 316 13.48 15.31 -22.44
C ARG C 316 12.98 15.84 -23.77
N VAL C 317 13.34 15.16 -24.86
CA VAL C 317 12.91 15.56 -26.19
C VAL C 317 11.49 15.03 -26.39
N GLN C 318 10.52 15.94 -26.35
CA GLN C 318 9.12 15.55 -26.46
C GLN C 318 8.84 15.00 -27.86
N PRO C 319 7.89 14.07 -27.99
CA PRO C 319 7.58 13.53 -29.31
C PRO C 319 7.06 14.62 -30.24
N THR C 320 7.48 14.55 -31.50
CA THR C 320 7.05 15.53 -32.49
C THR C 320 5.62 15.24 -32.97
N GLU C 321 5.27 13.98 -33.11
CA GLU C 321 3.96 13.60 -33.64
C GLU C 321 3.61 12.20 -33.13
N SER C 322 2.41 11.77 -33.46
CA SER C 322 1.90 10.47 -33.07
C SER C 322 1.79 9.56 -34.30
N ILE C 323 2.18 8.31 -34.13
CA ILE C 323 2.11 7.30 -35.18
C ILE C 323 1.20 6.18 -34.71
N VAL C 324 0.22 5.82 -35.54
CA VAL C 324 -0.72 4.76 -35.24
C VAL C 324 -0.73 3.80 -36.43
N ARG C 325 -0.45 2.53 -36.17
CA ARG C 325 -0.44 1.51 -37.21
C ARG C 325 -1.15 0.26 -36.70
N PHE C 326 -2.02 -0.29 -37.52
CA PHE C 326 -2.78 -1.50 -37.22
C PHE C 326 -2.77 -2.40 -38.44
N PRO C 327 -3.00 -3.69 -38.26
CA PRO C 327 -3.21 -4.56 -39.43
C PRO C 327 -4.39 -4.08 -40.26
N ASN C 328 -4.12 -3.63 -41.48
CA ASN C 328 -5.15 -2.94 -42.26
C ASN C 328 -6.33 -3.85 -42.56
N ILE C 329 -6.08 -5.10 -42.94
CA ILE C 329 -7.13 -6.01 -43.37
C ILE C 329 -7.08 -7.26 -42.52
N THR C 330 -8.22 -7.59 -41.90
CA THR C 330 -8.42 -8.87 -41.23
C THR C 330 -9.54 -9.66 -41.87
N ASN C 331 -10.73 -9.07 -41.99
CA ASN C 331 -11.86 -9.68 -42.69
C ASN C 331 -12.88 -8.60 -42.97
N LEU C 332 -13.22 -8.41 -44.24
CA LEU C 332 -14.16 -7.36 -44.62
C LEU C 332 -15.58 -7.81 -44.32
N CYS C 333 -16.32 -6.99 -43.56
CA CYS C 333 -17.70 -7.31 -43.29
C CYS C 333 -18.54 -7.14 -44.54
N PRO C 334 -19.34 -8.15 -44.92
CA PRO C 334 -20.12 -8.04 -46.18
C PRO C 334 -21.42 -7.26 -46.03
N PHE C 335 -21.29 -5.95 -45.84
CA PHE C 335 -22.46 -5.09 -45.81
C PHE C 335 -23.04 -4.85 -47.19
N GLY C 336 -22.21 -4.85 -48.23
CA GLY C 336 -22.71 -4.64 -49.58
C GLY C 336 -23.68 -5.72 -50.02
N GLU C 337 -23.48 -6.95 -49.59
CA GLU C 337 -24.39 -8.03 -49.94
C GLU C 337 -25.80 -7.76 -49.47
N VAL C 338 -25.97 -6.95 -48.42
CA VAL C 338 -27.29 -6.61 -47.91
C VAL C 338 -27.86 -5.38 -48.59
N PHE C 339 -27.10 -4.29 -48.61
CA PHE C 339 -27.59 -3.03 -49.19
C PHE C 339 -27.74 -3.13 -50.70
N ASN C 340 -26.74 -3.69 -51.38
CA ASN C 340 -26.72 -3.74 -52.83
C ASN C 340 -27.39 -4.99 -53.40
N ALA C 341 -28.13 -5.73 -52.56
CA ALA C 341 -28.88 -6.87 -53.06
C ALA C 341 -29.89 -6.41 -54.11
N THR C 342 -29.91 -7.11 -55.25
CA THR C 342 -30.80 -6.71 -56.33
C THR C 342 -32.26 -6.86 -55.95
N ARG C 343 -32.58 -7.82 -55.08
CA ARG C 343 -33.94 -8.08 -54.64
C ARG C 343 -34.00 -8.17 -53.13
N PHE C 344 -35.02 -7.53 -52.55
CA PHE C 344 -35.24 -7.51 -51.12
C PHE C 344 -36.40 -8.41 -50.76
N ALA C 345 -36.42 -8.84 -49.49
CA ALA C 345 -37.48 -9.72 -49.00
C ALA C 345 -38.65 -8.90 -48.47
N SER C 346 -39.81 -9.56 -48.41
CA SER C 346 -41.00 -8.92 -47.88
C SER C 346 -40.83 -8.60 -46.40
N VAL C 347 -41.54 -7.57 -45.94
CA VAL C 347 -41.42 -7.14 -44.56
C VAL C 347 -41.82 -8.26 -43.61
N TYR C 348 -42.88 -9.01 -43.95
CA TYR C 348 -43.28 -10.13 -43.11
C TYR C 348 -42.23 -11.24 -43.13
N ALA C 349 -41.45 -11.32 -44.21
CA ALA C 349 -40.38 -12.30 -44.32
C ALA C 349 -39.04 -11.58 -44.40
N TRP C 350 -38.88 -10.54 -43.58
CA TRP C 350 -37.67 -9.74 -43.60
C TRP C 350 -36.43 -10.62 -43.46
N ASN C 351 -35.46 -10.41 -44.35
CA ASN C 351 -34.23 -11.19 -44.31
C ASN C 351 -33.32 -10.69 -43.19
N ARG C 352 -32.53 -11.60 -42.64
CA ARG C 352 -31.54 -11.27 -41.62
C ARG C 352 -30.21 -11.88 -42.01
N LYS C 353 -29.14 -11.11 -41.89
CA LYS C 353 -27.78 -11.58 -42.10
C LYS C 353 -26.98 -11.36 -40.82
N ARG C 354 -26.30 -12.41 -40.38
CA ARG C 354 -25.45 -12.34 -39.20
C ARG C 354 -24.02 -12.07 -39.63
N ILE C 355 -23.43 -11.01 -39.10
CA ILE C 355 -22.09 -10.58 -39.44
C ILE C 355 -21.22 -10.75 -38.20
N SER C 356 -20.12 -11.49 -38.34
CA SER C 356 -19.21 -11.72 -37.24
C SER C 356 -17.82 -12.02 -37.80
N ASN C 357 -16.79 -11.74 -36.99
CA ASN C 357 -15.41 -12.03 -37.35
C ASN C 357 -15.00 -11.28 -38.63
N CYS C 358 -15.11 -9.97 -38.55
CA CYS C 358 -14.77 -9.10 -39.69
C CYS C 358 -14.65 -7.68 -39.19
N VAL C 359 -14.01 -6.84 -40.01
CA VAL C 359 -13.85 -5.42 -39.73
C VAL C 359 -14.95 -4.66 -40.46
N ALA C 360 -15.78 -3.96 -39.70
CA ALA C 360 -16.93 -3.26 -40.24
C ALA C 360 -16.56 -1.81 -40.52
N ASP C 361 -16.51 -1.46 -41.81
CA ASP C 361 -16.15 -0.12 -42.27
C ASP C 361 -17.44 0.68 -42.42
N TYR C 362 -17.83 1.38 -41.36
CA TYR C 362 -19.08 2.13 -41.37
C TYR C 362 -18.96 3.44 -42.14
N SER C 363 -17.77 4.05 -42.16
CA SER C 363 -17.61 5.34 -42.83
C SER C 363 -17.92 5.22 -44.32
N VAL C 364 -17.31 4.26 -45.00
CA VAL C 364 -17.60 4.05 -46.41
C VAL C 364 -19.05 3.59 -46.59
N LEU C 365 -19.56 2.81 -45.65
CA LEU C 365 -20.92 2.30 -45.76
C LEU C 365 -21.94 3.43 -45.78
N TYR C 366 -21.75 4.45 -44.94
CA TYR C 366 -22.72 5.52 -44.79
C TYR C 366 -22.56 6.62 -45.83
N ASN C 367 -21.49 6.60 -46.64
CA ASN C 367 -21.28 7.59 -47.69
C ASN C 367 -21.37 6.98 -49.08
N SER C 368 -21.95 5.77 -49.19
CA SER C 368 -22.04 5.10 -50.49
C SER C 368 -23.23 5.60 -51.29
N ALA C 369 -24.43 5.45 -50.74
CA ALA C 369 -25.65 5.83 -51.43
C ALA C 369 -26.33 7.00 -50.71
N SER C 370 -27.39 7.51 -51.34
CA SER C 370 -28.20 8.59 -50.78
C SER C 370 -29.37 7.95 -50.03
N PHE C 371 -29.41 8.17 -48.71
CA PHE C 371 -30.41 7.57 -47.85
C PHE C 371 -31.46 8.61 -47.48
N SER C 372 -32.73 8.29 -47.73
CA SER C 372 -33.83 9.18 -47.37
C SER C 372 -34.16 9.14 -45.90
N THR C 373 -33.65 8.16 -45.16
CA THR C 373 -33.87 8.08 -43.72
C THR C 373 -32.66 7.42 -43.09
N PHE C 374 -32.13 8.02 -42.03
CA PHE C 374 -30.95 7.49 -41.35
C PHE C 374 -31.05 7.93 -39.89
N LYS C 375 -31.49 7.01 -39.03
CA LYS C 375 -31.69 7.32 -37.62
C LYS C 375 -31.09 6.24 -36.75
N CYS C 376 -30.24 6.63 -35.81
CA CYS C 376 -29.58 5.71 -34.90
C CYS C 376 -30.05 5.98 -33.48
N TYR C 377 -30.11 4.92 -32.69
CA TYR C 377 -30.57 4.98 -31.31
C TYR C 377 -29.60 4.22 -30.43
N GLY C 378 -29.17 4.85 -29.33
CA GLY C 378 -28.24 4.23 -28.42
C GLY C 378 -26.81 4.22 -28.89
N VAL C 379 -26.51 4.81 -30.04
CA VAL C 379 -25.15 4.84 -30.57
C VAL C 379 -25.11 5.84 -31.72
N SER C 380 -24.00 6.57 -31.83
CA SER C 380 -23.87 7.53 -32.92
C SER C 380 -23.26 6.86 -34.15
N PRO C 381 -23.60 7.31 -35.36
CA PRO C 381 -23.03 6.68 -36.56
C PRO C 381 -21.51 6.75 -36.60
N THR C 382 -20.92 7.85 -36.13
CA THR C 382 -19.48 8.04 -36.23
C THR C 382 -18.69 7.30 -35.17
N LYS C 383 -19.33 6.88 -34.07
CA LYS C 383 -18.64 6.17 -33.00
C LYS C 383 -18.51 4.67 -33.27
N LEU C 384 -19.24 4.14 -34.25
CA LEU C 384 -19.20 2.70 -34.50
C LEU C 384 -17.81 2.24 -34.91
N ASN C 385 -17.03 3.10 -35.57
CA ASN C 385 -15.67 2.74 -35.94
C ASN C 385 -14.80 2.47 -34.72
N ASP C 386 -15.20 2.96 -33.55
CA ASP C 386 -14.43 2.76 -32.32
C ASP C 386 -14.96 1.62 -31.46
N LEU C 387 -16.13 1.09 -31.79
CA LEU C 387 -16.78 0.08 -30.96
C LEU C 387 -16.60 -1.32 -31.53
N CYS C 388 -16.51 -2.29 -30.62
CA CYS C 388 -16.50 -3.70 -30.98
C CYS C 388 -17.74 -4.36 -30.41
N PHE C 389 -18.24 -5.37 -31.13
CA PHE C 389 -19.45 -6.07 -30.73
C PHE C 389 -19.28 -7.57 -30.97
N THR C 390 -20.02 -8.36 -30.19
CA THR C 390 -19.98 -9.81 -30.37
C THR C 390 -20.49 -10.20 -31.74
N ASN C 391 -21.60 -9.59 -32.18
CA ASN C 391 -22.18 -9.89 -33.49
C ASN C 391 -22.92 -8.66 -34.00
N VAL C 392 -23.23 -8.68 -35.29
CA VAL C 392 -24.06 -7.66 -35.90
C VAL C 392 -25.15 -8.35 -36.70
N TYR C 393 -26.33 -7.74 -36.74
CA TYR C 393 -27.46 -8.26 -37.49
C TYR C 393 -27.93 -7.20 -38.48
N ALA C 394 -28.01 -7.57 -39.75
CA ALA C 394 -28.49 -6.69 -40.81
C ALA C 394 -29.84 -7.25 -41.26
N ASP C 395 -30.91 -6.55 -40.90
CA ASP C 395 -32.27 -6.94 -41.28
C ASP C 395 -32.72 -6.09 -42.45
N SER C 396 -33.03 -6.74 -43.57
CA SER C 396 -33.37 -6.06 -44.80
C SER C 396 -34.78 -6.42 -45.22
N PHE C 397 -35.53 -5.42 -45.68
CA PHE C 397 -36.88 -5.65 -46.18
C PHE C 397 -37.33 -4.43 -46.97
N VAL C 398 -38.58 -4.47 -47.43
CA VAL C 398 -39.18 -3.38 -48.19
C VAL C 398 -40.56 -3.08 -47.61
N ILE C 399 -40.89 -1.80 -47.49
CA ILE C 399 -42.16 -1.36 -46.92
C ILE C 399 -42.66 -0.17 -47.72
N ARG C 400 -43.80 0.37 -47.29
CA ARG C 400 -44.29 1.63 -47.83
C ARG C 400 -43.50 2.80 -47.25
N GLY C 401 -43.52 3.92 -47.97
CA GLY C 401 -42.88 5.12 -47.44
C GLY C 401 -43.52 5.59 -46.15
N ASP C 402 -44.85 5.67 -46.14
CA ASP C 402 -45.56 6.09 -44.93
C ASP C 402 -45.36 5.14 -43.76
N GLU C 403 -44.97 3.89 -44.03
CA GLU C 403 -44.68 2.92 -42.99
C GLU C 403 -43.26 3.01 -42.48
N VAL C 404 -42.40 3.80 -43.13
CA VAL C 404 -41.01 3.91 -42.68
C VAL C 404 -40.95 4.45 -41.26
N ARG C 405 -41.90 5.32 -40.89
CA ARG C 405 -41.93 5.85 -39.53
C ARG C 405 -42.14 4.77 -38.48
N GLN C 406 -42.79 3.66 -38.87
CA GLN C 406 -43.04 2.59 -37.90
C GLN C 406 -41.79 1.81 -37.53
N ILE C 407 -40.69 1.98 -38.27
CA ILE C 407 -39.45 1.29 -37.96
C ILE C 407 -38.64 2.15 -36.99
N ALA C 408 -38.91 2.02 -35.70
CA ALA C 408 -38.19 2.76 -34.68
C ALA C 408 -38.64 2.26 -33.31
N PRO C 409 -37.87 2.53 -32.26
CA PRO C 409 -38.27 2.06 -30.92
C PRO C 409 -39.60 2.68 -30.50
N GLY C 410 -40.40 1.87 -29.79
CA GLY C 410 -41.64 2.36 -29.24
C GLY C 410 -42.70 2.70 -30.27
N GLN C 411 -42.62 2.12 -31.47
CA GLN C 411 -43.57 2.38 -32.53
C GLN C 411 -44.61 1.27 -32.58
N THR C 412 -45.80 1.63 -33.09
CA THR C 412 -46.90 0.69 -33.23
C THR C 412 -47.55 0.88 -34.59
N GLY C 413 -48.21 -0.18 -35.06
CA GLY C 413 -48.83 -0.17 -36.36
C GLY C 413 -48.79 -1.55 -37.00
N ASN C 414 -49.32 -1.68 -38.22
CA ASN C 414 -49.34 -2.98 -38.87
C ASN C 414 -47.93 -3.54 -39.05
N ILE C 415 -47.01 -2.73 -39.57
CA ILE C 415 -45.65 -3.19 -39.77
C ILE C 415 -44.97 -3.46 -38.43
N ALA C 416 -45.12 -2.54 -37.48
CA ALA C 416 -44.49 -2.70 -36.18
C ALA C 416 -45.06 -3.90 -35.42
N ASP C 417 -46.37 -4.11 -35.51
CA ASP C 417 -47.01 -5.11 -34.66
C ASP C 417 -46.98 -6.51 -35.27
N TYR C 418 -47.14 -6.62 -36.60
CA TYR C 418 -47.38 -7.91 -37.23
C TYR C 418 -46.30 -8.32 -38.22
N ASN C 419 -45.39 -7.42 -38.60
CA ASN C 419 -44.38 -7.75 -39.61
C ASN C 419 -42.97 -7.70 -39.03
N TYR C 420 -42.62 -6.58 -38.41
CA TYR C 420 -41.25 -6.38 -37.91
C TYR C 420 -41.31 -5.44 -36.72
N LYS C 421 -40.84 -5.90 -35.57
CA LYS C 421 -40.91 -5.15 -34.32
C LYS C 421 -39.52 -4.91 -33.78
N LEU C 422 -39.27 -3.67 -33.33
CA LEU C 422 -38.01 -3.32 -32.68
C LEU C 422 -38.21 -3.15 -31.19
N PRO C 423 -37.21 -3.48 -30.36
CA PRO C 423 -37.36 -3.26 -28.92
C PRO C 423 -37.33 -1.78 -28.56
N ASP C 424 -37.95 -1.46 -27.43
CA ASP C 424 -37.97 -0.07 -26.97
C ASP C 424 -36.55 0.42 -26.65
N ASP C 425 -35.67 -0.48 -26.24
CA ASP C 425 -34.28 -0.15 -25.94
C ASP C 425 -33.35 -0.55 -27.07
N PHE C 426 -33.82 -0.47 -28.31
CA PHE C 426 -33.02 -0.86 -29.46
C PHE C 426 -31.74 -0.03 -29.53
N THR C 427 -30.62 -0.72 -29.73
CA THR C 427 -29.31 -0.09 -29.87
C THR C 427 -28.80 -0.40 -31.27
N GLY C 428 -28.95 0.55 -32.18
CA GLY C 428 -28.54 0.34 -33.55
C GLY C 428 -29.13 1.41 -34.45
N CYS C 429 -29.00 1.19 -35.75
CA CYS C 429 -29.36 2.20 -36.75
C CYS C 429 -30.40 1.64 -37.70
N VAL C 430 -31.19 2.55 -38.26
CA VAL C 430 -32.18 2.23 -39.29
C VAL C 430 -31.90 3.15 -40.47
N ILE C 431 -31.77 2.56 -41.66
CA ILE C 431 -31.54 3.29 -42.90
C ILE C 431 -32.61 2.87 -43.89
N ALA C 432 -33.20 3.84 -44.57
CA ALA C 432 -34.24 3.57 -45.55
C ALA C 432 -34.05 4.48 -46.76
N TRP C 433 -34.29 3.91 -47.93
CA TRP C 433 -34.15 4.67 -49.17
C TRP C 433 -35.22 4.22 -50.15
N ASN C 434 -35.75 5.18 -50.92
CA ASN C 434 -36.77 4.87 -51.90
C ASN C 434 -36.23 3.90 -52.94
N SER C 435 -37.04 2.89 -53.27
CA SER C 435 -36.69 1.89 -54.27
C SER C 435 -37.73 1.85 -55.38
N ASN C 436 -38.31 3.00 -55.71
CA ASN C 436 -39.34 3.04 -56.75
C ASN C 436 -38.79 2.56 -58.08
N ASN C 437 -37.59 3.01 -58.44
CA ASN C 437 -36.97 2.57 -59.69
C ASN C 437 -36.57 1.10 -59.68
N LEU C 438 -36.60 0.45 -58.51
CA LEU C 438 -36.19 -0.95 -58.37
C LEU C 438 -37.35 -1.88 -58.05
N ASP C 439 -38.26 -1.48 -57.15
CA ASP C 439 -39.32 -2.35 -56.67
C ASP C 439 -40.69 -1.97 -57.20
N SER C 440 -40.75 -1.24 -58.31
CA SER C 440 -42.01 -0.82 -58.91
C SER C 440 -42.07 -1.29 -60.36
N LYS C 441 -43.26 -1.72 -60.78
CA LYS C 441 -43.51 -2.17 -62.14
C LYS C 441 -44.65 -1.38 -62.74
N VAL C 442 -44.68 -1.33 -64.07
CA VAL C 442 -45.74 -0.61 -64.77
C VAL C 442 -47.09 -1.21 -64.43
N GLY C 443 -47.20 -2.53 -64.48
CA GLY C 443 -48.41 -3.22 -64.10
C GLY C 443 -48.60 -3.44 -62.62
N GLY C 444 -47.64 -3.01 -61.80
CA GLY C 444 -47.74 -3.20 -60.37
C GLY C 444 -46.89 -4.36 -59.88
N ASN C 445 -46.05 -4.11 -58.87
CA ASN C 445 -45.19 -5.14 -58.30
C ASN C 445 -45.87 -5.68 -57.06
N TYR C 446 -46.50 -6.85 -57.19
CA TYR C 446 -47.22 -7.48 -56.10
C TYR C 446 -46.39 -8.53 -55.37
N ASN C 447 -45.12 -8.68 -55.73
CA ASN C 447 -44.28 -9.67 -55.06
C ASN C 447 -44.09 -9.35 -53.58
N TYR C 448 -43.95 -8.07 -53.24
CA TYR C 448 -43.76 -7.67 -51.85
C TYR C 448 -45.09 -7.73 -51.11
N LEU C 449 -45.10 -8.41 -49.97
CA LEU C 449 -46.30 -8.62 -49.18
C LEU C 449 -46.04 -8.19 -47.74
N TYR C 450 -47.13 -8.03 -46.99
CA TYR C 450 -47.05 -7.67 -45.58
C TYR C 450 -48.20 -8.33 -44.84
N ARG C 451 -47.95 -8.65 -43.58
CA ARG C 451 -48.97 -9.29 -42.75
C ARG C 451 -50.00 -8.24 -42.30
N LEU C 452 -51.28 -8.56 -42.52
CA LEU C 452 -52.37 -7.66 -42.19
C LEU C 452 -53.13 -8.08 -40.93
N PHE C 453 -53.43 -9.37 -40.79
CA PHE C 453 -54.19 -9.89 -39.66
C PHE C 453 -53.30 -10.76 -38.79
N ARG C 454 -53.39 -10.58 -37.48
CA ARG C 454 -52.64 -11.39 -36.53
C ARG C 454 -53.28 -11.25 -35.16
N LYS C 455 -53.37 -12.37 -34.43
CA LYS C 455 -54.03 -12.35 -33.13
C LYS C 455 -53.28 -11.49 -32.12
N SER C 456 -51.95 -11.53 -32.14
CA SER C 456 -51.15 -10.79 -31.17
C SER C 456 -49.97 -10.15 -31.89
N ASN C 457 -49.43 -9.10 -31.27
CA ASN C 457 -48.31 -8.37 -31.84
C ASN C 457 -47.02 -9.19 -31.76
N LEU C 458 -46.11 -8.89 -32.68
CA LEU C 458 -44.83 -9.60 -32.72
C LEU C 458 -43.90 -9.10 -31.60
N LYS C 459 -43.11 -10.03 -31.08
CA LYS C 459 -42.02 -9.66 -30.18
C LYS C 459 -40.86 -9.08 -30.98
N PRO C 460 -39.96 -8.34 -30.33
CA PRO C 460 -38.86 -7.71 -31.07
C PRO C 460 -38.04 -8.73 -31.84
N PHE C 461 -37.70 -8.39 -33.08
CA PHE C 461 -36.89 -9.23 -33.95
C PHE C 461 -37.52 -10.60 -34.20
N GLU C 462 -38.85 -10.67 -34.15
CA GLU C 462 -39.56 -11.91 -34.43
C GLU C 462 -40.05 -11.90 -35.87
N ARG C 463 -39.86 -13.03 -36.56
CA ARG C 463 -40.29 -13.18 -37.95
C ARG C 463 -41.42 -14.21 -38.00
N ASP C 464 -42.52 -13.82 -38.62
CA ASP C 464 -43.69 -14.69 -38.79
C ASP C 464 -43.95 -14.84 -40.28
N ILE C 465 -43.87 -16.08 -40.77
CA ILE C 465 -44.08 -16.39 -42.17
C ILE C 465 -45.32 -17.27 -42.36
N SER C 466 -46.18 -17.35 -41.34
CA SER C 466 -47.36 -18.19 -41.43
C SER C 466 -48.35 -17.62 -42.44
N THR C 467 -48.93 -18.50 -43.25
CA THR C 467 -49.95 -18.14 -44.22
C THR C 467 -51.30 -18.75 -43.86
N GLU C 468 -51.47 -19.17 -42.61
CA GLU C 468 -52.73 -19.80 -42.19
C GLU C 468 -53.87 -18.79 -42.30
N ILE C 469 -55.04 -19.30 -42.69
CA ILE C 469 -56.22 -18.45 -42.79
C ILE C 469 -56.54 -17.88 -41.42
N TYR C 470 -56.71 -16.56 -41.35
CA TYR C 470 -56.97 -15.89 -40.08
C TYR C 470 -58.44 -16.03 -39.72
N GLN C 471 -58.71 -16.49 -38.50
CA GLN C 471 -60.07 -16.71 -38.01
C GLN C 471 -60.54 -15.41 -37.35
N ALA C 472 -61.40 -14.67 -38.04
CA ALA C 472 -61.95 -13.44 -37.53
C ALA C 472 -63.29 -13.62 -36.84
N GLY C 473 -63.81 -14.84 -36.78
CA GLY C 473 -65.09 -15.10 -36.15
C GLY C 473 -65.06 -16.32 -35.24
N SER C 474 -66.23 -16.73 -34.76
CA SER C 474 -66.31 -17.88 -33.86
C SER C 474 -66.11 -19.19 -34.62
N THR C 475 -66.68 -19.30 -35.82
CA THR C 475 -66.59 -20.55 -36.56
C THR C 475 -65.16 -20.78 -37.05
N PRO C 476 -64.67 -22.02 -37.01
CA PRO C 476 -63.34 -22.30 -37.56
C PRO C 476 -63.31 -22.16 -39.07
N CYS C 477 -62.12 -21.82 -39.58
CA CYS C 477 -61.95 -21.64 -41.02
C CYS C 477 -61.52 -22.92 -41.71
N ASN C 478 -60.72 -23.76 -41.05
CA ASN C 478 -60.27 -25.03 -41.61
C ASN C 478 -59.53 -24.81 -42.94
N GLY C 479 -58.75 -23.73 -43.01
CA GLY C 479 -57.97 -23.47 -44.20
C GLY C 479 -58.78 -23.02 -45.41
N VAL C 480 -60.00 -22.55 -45.20
CA VAL C 480 -60.85 -22.05 -46.28
C VAL C 480 -61.10 -20.58 -46.02
N LYS C 481 -60.70 -19.74 -46.96
CA LYS C 481 -60.88 -18.30 -46.82
C LYS C 481 -62.26 -17.89 -47.32
N GLY C 482 -62.96 -17.10 -46.51
CA GLY C 482 -64.30 -16.64 -46.83
C GLY C 482 -64.73 -15.53 -45.90
N PHE C 483 -65.98 -15.56 -45.46
CA PHE C 483 -66.45 -14.59 -44.48
C PHE C 483 -65.82 -14.87 -43.13
N ASN C 484 -65.26 -13.84 -42.50
CA ASN C 484 -64.54 -13.95 -41.24
C ASN C 484 -63.36 -14.92 -41.33
N CYS C 485 -62.88 -15.18 -42.55
CA CYS C 485 -61.72 -16.04 -42.78
C CYS C 485 -60.89 -15.41 -43.89
N TYR C 486 -59.83 -14.69 -43.49
CA TYR C 486 -59.06 -13.85 -44.41
C TYR C 486 -57.64 -14.36 -44.53
N PHE C 487 -57.08 -14.24 -45.74
CA PHE C 487 -55.68 -14.56 -45.93
C PHE C 487 -54.82 -13.55 -45.18
N PRO C 488 -53.86 -13.99 -44.38
CA PRO C 488 -53.17 -13.04 -43.47
C PRO C 488 -52.29 -12.03 -44.18
N LEU C 489 -51.94 -12.24 -45.44
CA LEU C 489 -51.01 -11.37 -46.15
C LEU C 489 -51.73 -10.51 -47.17
N GLN C 490 -51.19 -9.30 -47.39
CA GLN C 490 -51.70 -8.36 -48.38
C GLN C 490 -50.53 -7.85 -49.22
N SER C 491 -50.81 -7.64 -50.50
CA SER C 491 -49.79 -7.22 -51.45
C SER C 491 -49.75 -5.69 -51.57
N TYR C 492 -48.55 -5.17 -51.81
CA TYR C 492 -48.36 -3.74 -51.98
C TYR C 492 -48.72 -3.28 -53.40
N GLY C 493 -48.30 -4.03 -54.41
CA GLY C 493 -48.56 -3.66 -55.79
C GLY C 493 -47.96 -2.31 -56.15
N PHE C 494 -46.65 -2.17 -55.97
CA PHE C 494 -45.98 -0.90 -56.19
C PHE C 494 -46.00 -0.55 -57.68
N GLN C 495 -46.28 0.73 -57.98
CA GLN C 495 -46.19 1.26 -59.33
C GLN C 495 -45.32 2.51 -59.33
N PRO C 496 -44.63 2.81 -60.43
CA PRO C 496 -43.72 3.96 -60.45
C PRO C 496 -44.41 5.31 -60.30
N THR C 497 -45.71 5.39 -60.57
CA THR C 497 -46.43 6.66 -60.56
C THR C 497 -47.16 6.92 -59.25
N TYR C 498 -46.99 6.06 -58.26
CA TYR C 498 -47.61 6.30 -56.96
C TYR C 498 -46.94 7.46 -56.25
N GLY C 499 -47.63 7.98 -55.23
CA GLY C 499 -47.04 8.98 -54.38
C GLY C 499 -45.95 8.41 -53.49
N VAL C 500 -45.09 9.30 -52.99
CA VAL C 500 -43.94 8.86 -52.22
C VAL C 500 -44.38 8.02 -51.02
N GLY C 501 -45.54 8.32 -50.46
CA GLY C 501 -46.06 7.52 -49.37
C GLY C 501 -46.39 6.09 -49.77
N TYR C 502 -46.84 5.87 -50.99
CA TYR C 502 -47.18 4.54 -51.49
C TYR C 502 -46.04 3.92 -52.29
N GLN C 503 -44.91 4.61 -52.45
CA GLN C 503 -43.80 4.04 -53.20
C GLN C 503 -43.00 3.08 -52.32
N PRO C 504 -42.33 2.11 -52.93
CA PRO C 504 -41.54 1.16 -52.13
C PRO C 504 -40.33 1.84 -51.51
N TYR C 505 -39.96 1.38 -50.32
CA TYR C 505 -38.77 1.84 -49.63
C TYR C 505 -38.03 0.65 -49.07
N ARG C 506 -36.75 0.53 -49.43
CA ARG C 506 -35.89 -0.53 -48.91
C ARG C 506 -35.29 -0.07 -47.58
N VAL C 507 -35.43 -0.91 -46.56
CA VAL C 507 -35.02 -0.60 -45.20
C VAL C 507 -34.01 -1.65 -44.74
N VAL C 508 -32.90 -1.17 -44.21
CA VAL C 508 -31.87 -2.00 -43.59
C VAL C 508 -31.70 -1.52 -42.15
N VAL C 509 -31.83 -2.44 -41.20
CA VAL C 509 -31.69 -2.17 -39.78
C VAL C 509 -30.44 -2.90 -39.29
N LEU C 510 -29.50 -2.14 -38.74
CA LEU C 510 -28.26 -2.69 -38.20
C LEU C 510 -28.40 -2.74 -36.67
N SER C 511 -28.37 -3.94 -36.11
CA SER C 511 -28.41 -4.16 -34.68
C SER C 511 -27.06 -4.72 -34.23
N PHE C 512 -26.65 -4.34 -33.02
CA PHE C 512 -25.34 -4.70 -32.49
C PHE C 512 -25.53 -5.57 -31.26
N GLU C 513 -25.25 -6.86 -31.39
CA GLU C 513 -25.35 -7.81 -30.29
C GLU C 513 -24.04 -7.80 -29.50
N LEU C 514 -24.10 -7.30 -28.27
CA LEU C 514 -22.95 -7.19 -27.38
C LEU C 514 -23.19 -8.11 -26.19
N LEU C 515 -22.52 -9.26 -26.19
CA LEU C 515 -22.65 -10.26 -25.14
C LEU C 515 -21.37 -10.32 -24.31
N HIS C 516 -21.40 -11.15 -23.27
CA HIS C 516 -20.23 -11.41 -22.43
C HIS C 516 -19.35 -12.49 -23.07
N ALA C 517 -18.97 -12.23 -24.31
CA ALA C 517 -18.14 -13.13 -25.11
C ALA C 517 -17.13 -12.28 -25.88
N PRO C 518 -16.01 -12.86 -26.28
CA PRO C 518 -15.02 -12.07 -27.03
C PRO C 518 -15.63 -11.46 -28.28
N ALA C 519 -15.33 -10.19 -28.51
CA ALA C 519 -15.88 -9.48 -29.66
C ALA C 519 -15.26 -10.00 -30.95
N THR C 520 -16.08 -10.06 -32.00
CA THR C 520 -15.63 -10.53 -33.31
C THR C 520 -15.71 -9.46 -34.39
N VAL C 521 -16.39 -8.35 -34.14
CA VAL C 521 -16.53 -7.27 -35.11
C VAL C 521 -16.02 -5.98 -34.48
N CYS C 522 -15.15 -5.28 -35.19
CA CYS C 522 -14.63 -4.00 -34.76
C CYS C 522 -14.52 -3.06 -35.96
N GLY C 523 -14.43 -1.76 -35.68
CA GLY C 523 -14.26 -0.77 -36.71
C GLY C 523 -12.83 -0.71 -37.20
N PRO C 524 -12.62 -0.19 -38.41
CA PRO C 524 -11.26 -0.06 -38.94
C PRO C 524 -10.50 1.05 -38.23
N LYS C 525 -9.29 0.73 -37.77
CA LYS C 525 -8.45 1.73 -37.14
C LYS C 525 -7.76 2.59 -38.19
N LYS C 526 -7.70 3.89 -37.93
CA LYS C 526 -7.09 4.85 -38.85
C LYS C 526 -5.58 4.74 -38.69
N SER C 527 -4.94 3.97 -39.58
CA SER C 527 -3.50 3.77 -39.54
C SER C 527 -2.82 4.88 -40.33
N THR C 528 -1.89 5.58 -39.67
CA THR C 528 -1.18 6.68 -40.30
C THR C 528 0.14 6.19 -40.90
N ASN C 529 0.89 7.11 -41.50
CA ASN C 529 2.15 6.78 -42.12
C ASN C 529 3.20 6.45 -41.06
N LEU C 530 4.24 5.73 -41.47
CA LEU C 530 5.34 5.36 -40.59
C LEU C 530 6.42 6.44 -40.64
N VAL C 531 6.98 6.75 -39.46
CA VAL C 531 8.03 7.76 -39.33
C VAL C 531 9.20 7.12 -38.61
N LYS C 532 10.39 7.28 -39.17
CA LYS C 532 11.61 6.67 -38.64
C LYS C 532 12.62 7.75 -38.28
N ASN C 533 13.51 7.41 -37.36
CA ASN C 533 14.61 8.29 -36.96
C ASN C 533 14.09 9.63 -36.45
N LYS C 534 13.00 9.59 -35.68
CA LYS C 534 12.47 10.79 -35.06
C LYS C 534 11.62 10.39 -33.86
N CYS C 535 11.78 11.14 -32.76
CA CYS C 535 11.06 10.84 -31.53
C CYS C 535 9.57 11.01 -31.77
N VAL C 536 8.83 9.90 -31.79
CA VAL C 536 7.41 9.91 -32.07
C VAL C 536 6.68 9.09 -31.00
N ASN C 537 5.40 9.43 -30.81
CA ASN C 537 4.52 8.70 -29.90
C ASN C 537 3.79 7.65 -30.72
N PHE C 538 4.26 6.40 -30.63
CA PHE C 538 3.79 5.33 -31.50
C PHE C 538 2.78 4.45 -30.78
N ASN C 539 1.96 3.78 -31.58
CA ASN C 539 0.97 2.83 -31.07
C ASN C 539 0.80 1.74 -32.12
N PHE C 540 1.38 0.57 -31.86
CA PHE C 540 1.34 -0.56 -32.79
C PHE C 540 0.40 -1.62 -32.23
N ASN C 541 -0.74 -1.80 -32.89
CA ASN C 541 -1.69 -2.84 -32.53
C ASN C 541 -2.09 -2.72 -31.06
N GLY C 542 -2.32 -1.49 -30.61
CA GLY C 542 -2.73 -1.24 -29.25
C GLY C 542 -1.58 -1.11 -28.27
N LEU C 543 -0.37 -1.50 -28.65
CA LEU C 543 0.80 -1.33 -27.80
C LEU C 543 1.30 0.10 -27.96
N THR C 544 1.11 0.91 -26.92
CA THR C 544 1.50 2.31 -26.96
C THR C 544 2.92 2.49 -26.43
N GLY C 545 3.54 3.58 -26.85
CA GLY C 545 4.87 3.91 -26.36
C GLY C 545 5.36 5.18 -27.01
N THR C 546 6.55 5.61 -26.59
CA THR C 546 7.19 6.79 -27.14
C THR C 546 8.65 6.44 -27.42
N GLY C 547 9.13 6.79 -28.61
CA GLY C 547 10.50 6.51 -28.95
C GLY C 547 10.78 6.77 -30.42
N VAL C 548 11.99 6.39 -30.82
CA VAL C 548 12.47 6.53 -32.18
C VAL C 548 12.48 5.16 -32.82
N LEU C 549 11.87 5.06 -34.00
CA LEU C 549 11.79 3.82 -34.76
C LEU C 549 12.89 3.80 -35.81
N THR C 550 13.67 2.73 -35.83
CA THR C 550 14.77 2.60 -36.77
C THR C 550 14.71 1.23 -37.45
N GLU C 551 15.17 1.18 -38.69
CA GLU C 551 15.24 -0.08 -39.40
C GLU C 551 16.16 -1.04 -38.65
N SER C 552 15.72 -2.29 -38.49
CA SER C 552 16.39 -3.26 -37.65
C SER C 552 16.85 -4.45 -38.45
N ASN C 553 17.90 -5.11 -37.97
CA ASN C 553 18.42 -6.34 -38.56
C ASN C 553 18.02 -7.57 -37.78
N LYS C 554 17.19 -7.43 -36.74
CA LYS C 554 16.76 -8.59 -35.96
C LYS C 554 15.94 -9.54 -36.82
N LYS C 555 16.14 -10.83 -36.60
CA LYS C 555 15.47 -11.87 -37.38
C LYS C 555 14.26 -12.38 -36.60
N PHE C 556 13.20 -11.58 -36.60
CA PHE C 556 11.96 -11.99 -35.98
C PHE C 556 11.42 -13.24 -36.65
N LEU C 557 10.84 -14.14 -35.86
CA LEU C 557 10.13 -15.28 -36.41
C LEU C 557 8.80 -14.84 -36.97
N PRO C 558 8.22 -15.62 -37.89
CA PRO C 558 7.00 -15.15 -38.57
C PRO C 558 5.87 -14.77 -37.62
N PHE C 559 5.71 -15.49 -36.52
CA PHE C 559 4.59 -15.27 -35.61
C PHE C 559 4.90 -14.28 -34.50
N GLN C 560 6.17 -13.97 -34.26
CA GLN C 560 6.55 -13.07 -33.17
C GLN C 560 6.36 -11.62 -33.61
N GLN C 561 5.78 -10.81 -32.73
CA GLN C 561 5.48 -9.43 -33.03
C GLN C 561 6.43 -8.46 -32.36
N PHE C 562 6.56 -8.51 -31.04
CA PHE C 562 7.39 -7.58 -30.28
C PHE C 562 8.72 -8.22 -29.92
N GLY C 563 9.68 -7.37 -29.57
CA GLY C 563 10.96 -7.83 -29.06
C GLY C 563 11.26 -7.23 -27.71
N ARG C 564 11.28 -8.06 -26.67
CA ARG C 564 11.54 -7.61 -25.32
C ARG C 564 12.97 -7.95 -24.92
N ASP C 565 13.37 -7.48 -23.74
CA ASP C 565 14.72 -7.67 -23.24
C ASP C 565 14.64 -7.94 -21.73
N ILE C 566 15.79 -7.95 -21.07
CA ILE C 566 15.81 -8.17 -19.62
C ILE C 566 14.97 -7.12 -18.93
N ALA C 567 14.93 -5.90 -19.47
CA ALA C 567 14.08 -4.86 -18.90
C ALA C 567 12.60 -5.15 -19.09
N ASP C 568 12.25 -6.15 -19.90
CA ASP C 568 10.85 -6.46 -20.19
C ASP C 568 10.13 -5.27 -20.81
N THR C 569 10.87 -4.47 -21.58
CA THR C 569 10.34 -3.34 -22.31
C THR C 569 10.47 -3.62 -23.80
N THR C 570 9.48 -3.16 -24.57
CA THR C 570 9.43 -3.47 -26.00
C THR C 570 10.64 -2.83 -26.68
N ASP C 571 11.60 -3.66 -27.06
CA ASP C 571 12.77 -3.15 -27.77
C ASP C 571 12.52 -3.05 -29.28
N ALA C 572 11.77 -4.00 -29.84
CA ALA C 572 11.48 -4.01 -31.26
C ALA C 572 10.03 -4.38 -31.48
N VAL C 573 9.50 -3.99 -32.64
CA VAL C 573 8.14 -4.31 -33.03
C VAL C 573 8.13 -4.74 -34.48
N ARG C 574 7.03 -5.36 -34.88
CA ARG C 574 6.77 -5.70 -36.28
C ARG C 574 5.65 -4.80 -36.76
N ASP C 575 5.92 -4.03 -37.81
CA ASP C 575 4.90 -3.14 -38.34
C ASP C 575 3.74 -3.98 -38.88
N PRO C 576 2.53 -3.84 -38.32
CA PRO C 576 1.45 -4.77 -38.69
C PRO C 576 1.12 -4.76 -40.17
N GLN C 577 1.20 -3.61 -40.85
CA GLN C 577 0.83 -3.57 -42.26
C GLN C 577 1.95 -4.10 -43.14
N THR C 578 3.11 -3.45 -43.11
CA THR C 578 4.29 -3.94 -43.82
C THR C 578 5.09 -4.79 -42.85
N LEU C 579 5.26 -6.07 -43.18
CA LEU C 579 5.89 -7.00 -42.26
C LEU C 579 7.39 -6.73 -42.17
N GLU C 580 7.76 -5.68 -41.44
CA GLU C 580 9.16 -5.33 -41.22
C GLU C 580 9.39 -5.11 -39.74
N ILE C 581 10.64 -5.23 -39.32
CA ILE C 581 11.02 -5.14 -37.91
C ILE C 581 11.64 -3.77 -37.67
N LEU C 582 11.14 -3.08 -36.65
CA LEU C 582 11.61 -1.75 -36.27
C LEU C 582 12.12 -1.77 -34.84
N ASP C 583 13.36 -1.31 -34.65
CA ASP C 583 13.89 -1.12 -33.31
C ASP C 583 13.34 0.15 -32.71
N ILE C 584 12.96 0.06 -31.43
CA ILE C 584 12.42 1.19 -30.67
C ILE C 584 13.49 1.63 -29.69
N THR C 585 13.89 2.90 -29.78
CA THR C 585 14.87 3.47 -28.87
C THR C 585 14.21 4.55 -28.04
N PRO C 586 14.38 4.58 -26.73
CA PRO C 586 13.76 5.64 -25.94
C PRO C 586 14.23 7.01 -26.41
N CYS C 587 13.30 7.96 -26.45
CA CYS C 587 13.66 9.31 -26.89
C CYS C 587 14.76 9.87 -26.01
N SER C 588 15.73 10.51 -26.63
CA SER C 588 16.91 10.96 -25.91
C SER C 588 16.51 11.88 -24.76
N PHE C 589 17.10 11.61 -23.59
CA PHE C 589 16.85 12.43 -22.41
C PHE C 589 18.05 12.29 -21.49
N GLY C 590 18.17 13.23 -20.57
CA GLY C 590 19.25 13.17 -19.60
C GLY C 590 19.27 14.39 -18.71
N GLY C 591 20.08 14.30 -17.66
CA GLY C 591 20.21 15.42 -16.75
C GLY C 591 20.75 16.65 -17.44
N VAL C 592 20.39 17.81 -16.89
CA VAL C 592 20.85 19.10 -17.38
C VAL C 592 21.51 19.79 -16.22
N SER C 593 22.84 19.85 -16.25
CA SER C 593 23.65 20.47 -15.22
C SER C 593 24.21 21.79 -15.72
N VAL C 594 24.65 22.62 -14.79
CA VAL C 594 25.15 23.96 -15.10
C VAL C 594 26.54 24.10 -14.49
N ILE C 595 27.57 24.13 -15.33
CA ILE C 595 28.92 24.45 -14.90
C ILE C 595 29.00 25.96 -14.74
N THR C 596 29.17 26.42 -13.51
CA THR C 596 29.16 27.84 -13.22
C THR C 596 30.34 28.18 -12.31
N PRO C 597 31.18 29.15 -12.67
CA PRO C 597 32.05 29.77 -11.66
C PRO C 597 31.20 30.57 -10.69
N GLY C 598 31.74 30.74 -9.49
CA GLY C 598 30.99 31.40 -8.43
C GLY C 598 30.32 32.67 -8.90
N THR C 599 29.04 32.84 -8.59
CA THR C 599 28.32 34.04 -9.00
C THR C 599 29.04 35.28 -8.51
N ASN C 600 29.71 35.20 -7.36
CA ASN C 600 30.55 36.29 -6.91
C ASN C 600 31.63 36.62 -7.93
N THR C 601 32.04 35.64 -8.73
CA THR C 601 33.05 35.85 -9.76
C THR C 601 32.44 36.28 -11.08
N SER C 602 31.49 35.50 -11.60
CA SER C 602 30.85 35.83 -12.87
C SER C 602 29.50 35.14 -12.95
N ASN C 603 28.63 35.66 -13.82
CA ASN C 603 27.34 35.07 -14.07
C ASN C 603 27.31 34.26 -15.35
N GLN C 604 28.44 34.11 -16.02
CA GLN C 604 28.51 33.30 -17.24
C GLN C 604 28.56 31.83 -16.86
N VAL C 605 27.73 31.02 -17.51
CA VAL C 605 27.61 29.61 -17.20
C VAL C 605 27.63 28.80 -18.49
N ALA C 606 27.96 27.52 -18.34
CA ALA C 606 27.85 26.55 -19.42
C ALA C 606 26.85 25.48 -19.00
N VAL C 607 26.19 24.87 -19.97
CA VAL C 607 25.15 23.89 -19.72
C VAL C 607 25.61 22.55 -20.27
N LEU C 608 25.62 21.54 -19.41
CA LEU C 608 25.98 20.18 -19.79
C LEU C 608 24.71 19.35 -19.83
N TYR C 609 24.30 18.92 -21.02
CA TYR C 609 23.24 17.95 -21.18
C TYR C 609 23.88 16.57 -21.15
N GLN C 610 23.78 15.90 -20.01
CA GLN C 610 24.49 14.65 -19.82
C GLN C 610 23.85 13.53 -20.62
N GLY C 611 24.67 12.79 -21.36
CA GLY C 611 24.21 11.61 -22.05
C GLY C 611 23.30 11.87 -23.22
N VAL C 612 23.36 13.06 -23.82
CA VAL C 612 22.58 13.39 -25.01
C VAL C 612 23.53 13.80 -26.11
N ASN C 613 23.30 13.28 -27.31
CA ASN C 613 24.09 13.68 -28.46
C ASN C 613 23.81 15.14 -28.79
N CYS C 614 24.77 15.79 -29.44
CA CYS C 614 24.60 17.20 -29.80
C CYS C 614 23.78 17.31 -31.07
N THR C 615 22.63 16.65 -31.12
CA THR C 615 21.72 16.75 -32.26
C THR C 615 20.30 16.98 -31.79
N GLU C 616 19.98 16.50 -30.59
CA GLU C 616 18.65 16.68 -30.01
C GLU C 616 18.54 17.92 -29.14
N VAL C 617 19.64 18.65 -28.94
CA VAL C 617 19.62 19.88 -28.17
C VAL C 617 19.19 21.02 -29.09
N PRO C 618 18.13 21.75 -28.77
CA PRO C 618 17.71 22.85 -29.65
C PRO C 618 18.78 23.90 -29.86
N VAL C 619 19.69 24.08 -28.90
CA VAL C 619 20.76 25.07 -28.97
C VAL C 619 20.25 26.39 -29.55
N SER C 637 26.64 29.12 -28.37
CA SER C 637 27.28 29.04 -29.67
C SER C 637 28.21 27.83 -29.74
N ASN C 638 29.23 27.82 -28.88
CA ASN C 638 30.17 26.71 -28.85
C ASN C 638 29.46 25.43 -28.42
N VAL C 639 29.86 24.32 -29.02
CA VAL C 639 29.28 23.01 -28.72
C VAL C 639 30.41 21.98 -28.65
N PHE C 640 30.35 21.11 -27.65
CA PHE C 640 31.34 20.07 -27.44
C PHE C 640 30.59 18.77 -27.20
N GLN C 641 30.92 17.73 -27.97
CA GLN C 641 30.29 16.43 -27.80
C GLN C 641 31.20 15.55 -26.94
N THR C 642 31.23 15.84 -25.65
CA THR C 642 32.06 15.08 -24.73
C THR C 642 31.38 13.74 -24.44
N ARG C 643 32.19 12.78 -23.99
CA ARG C 643 31.62 11.48 -23.63
C ARG C 643 30.60 11.60 -22.51
N ALA C 644 30.67 12.66 -21.70
CA ALA C 644 29.70 12.87 -20.65
C ALA C 644 28.40 13.48 -21.17
N GLY C 645 28.41 14.08 -22.35
CA GLY C 645 27.22 14.65 -22.93
C GLY C 645 27.57 15.83 -23.82
N CYS C 646 26.55 16.62 -24.13
CA CYS C 646 26.70 17.80 -24.96
C CYS C 646 26.93 19.03 -24.07
N LEU C 647 28.08 19.66 -24.21
CA LEU C 647 28.42 20.84 -23.43
C LEU C 647 28.27 22.08 -24.30
N ILE C 648 27.50 23.05 -23.82
CA ILE C 648 27.19 24.26 -24.55
C ILE C 648 27.64 25.46 -23.72
N GLY C 649 28.23 26.44 -24.39
CA GLY C 649 28.78 27.59 -23.72
C GLY C 649 30.19 27.41 -23.19
N ALA C 650 30.83 26.28 -23.50
CA ALA C 650 32.19 26.00 -23.06
C ALA C 650 33.11 25.98 -24.27
N GLU C 651 34.27 26.63 -24.13
CA GLU C 651 35.24 26.72 -25.22
C GLU C 651 36.27 25.61 -25.06
N HIS C 652 36.23 24.63 -25.96
CA HIS C 652 37.17 23.53 -25.90
C HIS C 652 38.60 24.05 -26.06
N VAL C 653 39.48 23.58 -25.18
CA VAL C 653 40.88 24.01 -25.16
C VAL C 653 41.76 22.78 -25.22
N ASN C 654 42.78 22.81 -26.10
CA ASN C 654 43.70 21.69 -26.19
C ASN C 654 44.61 21.61 -24.97
N ASN C 655 45.04 22.76 -24.45
CA ASN C 655 45.90 22.76 -23.28
C ASN C 655 45.17 22.13 -22.10
N SER C 656 45.90 21.35 -21.31
CA SER C 656 45.34 20.65 -20.15
C SER C 656 45.86 21.28 -18.87
N TYR C 657 44.96 21.56 -17.94
CA TYR C 657 45.27 22.13 -16.65
C TYR C 657 44.84 21.15 -15.56
N GLU C 658 44.96 21.59 -14.31
CA GLU C 658 44.40 20.82 -13.20
C GLU C 658 42.89 20.94 -13.19
N CYS C 659 42.22 19.85 -12.86
CA CYS C 659 40.76 19.86 -12.84
C CYS C 659 40.25 20.88 -11.84
N ASP C 660 39.29 21.70 -12.27
CA ASP C 660 38.69 22.73 -11.44
C ASP C 660 37.22 22.47 -11.17
N ILE C 661 36.41 22.30 -12.20
CA ILE C 661 35.03 21.89 -12.09
C ILE C 661 34.87 20.56 -12.81
N PRO C 662 34.84 19.44 -12.10
CA PRO C 662 34.84 18.14 -12.78
C PRO C 662 33.54 17.87 -13.52
N ILE C 663 33.59 17.90 -14.85
CA ILE C 663 32.43 17.54 -15.65
C ILE C 663 32.26 16.03 -15.69
N GLY C 664 33.27 15.33 -16.20
CA GLY C 664 33.21 13.89 -16.25
C GLY C 664 33.91 13.31 -17.47
N ALA C 665 34.14 12.00 -17.45
CA ALA C 665 34.81 11.32 -18.56
C ALA C 665 36.16 11.94 -18.87
N GLY C 666 36.84 12.45 -17.85
CA GLY C 666 38.14 13.06 -18.02
C GLY C 666 38.10 14.52 -18.45
N ILE C 667 36.92 15.11 -18.58
CA ILE C 667 36.79 16.50 -19.00
C ILE C 667 36.45 17.34 -17.76
N CYS C 668 37.18 18.44 -17.58
CA CYS C 668 36.89 19.39 -16.51
C CYS C 668 36.83 20.79 -17.12
N ALA C 669 35.96 21.62 -16.56
CA ALA C 669 35.75 22.97 -17.06
C ALA C 669 36.18 23.98 -16.00
N SER C 670 36.70 25.11 -16.47
CA SER C 670 37.20 26.14 -15.57
C SER C 670 36.98 27.51 -16.21
N TYR C 671 36.86 28.53 -15.36
CA TYR C 671 36.68 29.91 -15.81
C TYR C 671 38.04 30.59 -15.86
N GLN C 672 38.51 30.92 -17.06
CA GLN C 672 39.83 31.49 -17.24
C GLN C 672 39.87 32.31 -18.51
N THR C 673 40.92 33.12 -18.63
CA THR C 673 41.12 33.96 -19.81
C THR C 673 41.23 33.10 -21.06
N SER C 686 37.08 39.22 -21.02
CA SER C 686 37.71 38.33 -22.00
C SER C 686 37.68 36.89 -21.52
N GLN C 687 37.53 36.70 -20.21
CA GLN C 687 37.51 35.37 -19.63
C GLN C 687 36.26 34.61 -20.07
N SER C 688 36.39 33.29 -20.11
CA SER C 688 35.30 32.42 -20.52
C SER C 688 35.48 31.06 -19.86
N ILE C 689 34.51 30.18 -20.08
CA ILE C 689 34.52 28.84 -19.52
C ILE C 689 35.13 27.90 -20.55
N ILE C 690 36.24 27.25 -20.18
CA ILE C 690 36.99 26.37 -21.07
C ILE C 690 36.89 24.96 -20.54
N ALA C 691 36.53 24.02 -21.41
CA ALA C 691 36.47 22.61 -21.08
C ALA C 691 37.69 21.92 -21.67
N TYR C 692 38.43 21.22 -20.82
CA TYR C 692 39.71 20.62 -21.21
C TYR C 692 39.84 19.24 -20.58
N THR C 693 40.61 18.38 -21.23
CA THR C 693 40.94 17.08 -20.65
C THR C 693 41.95 17.29 -19.53
N MET C 694 41.52 17.07 -18.29
CA MET C 694 42.35 17.42 -17.15
C MET C 694 43.66 16.63 -17.19
N SER C 695 44.73 17.29 -16.76
CA SER C 695 46.04 16.67 -16.66
C SER C 695 46.24 16.17 -15.24
N LEU C 696 46.75 14.94 -15.11
CA LEU C 696 46.91 14.30 -13.81
C LEU C 696 48.23 14.67 -13.17
N GLY C 697 48.52 15.96 -13.09
CA GLY C 697 49.79 16.44 -12.57
C GLY C 697 50.83 16.59 -13.65
N VAL C 698 52.02 17.00 -13.23
CA VAL C 698 53.12 17.31 -14.14
C VAL C 698 53.97 16.06 -14.32
N GLU C 699 54.27 15.72 -15.57
CA GLU C 699 55.12 14.58 -15.86
C GLU C 699 56.54 14.86 -15.39
N ASN C 700 57.17 13.86 -14.77
CA ASN C 700 58.49 14.00 -14.18
C ASN C 700 59.26 12.71 -14.37
N SER C 701 60.11 12.65 -15.38
CA SER C 701 60.97 11.49 -15.61
C SER C 701 62.03 11.46 -14.52
N VAL C 702 62.00 10.42 -13.69
CA VAL C 702 63.00 10.30 -12.63
C VAL C 702 64.34 9.95 -13.25
N ALA C 703 65.38 10.67 -12.85
CA ALA C 703 66.71 10.43 -13.40
C ALA C 703 67.28 9.14 -12.82
N TYR C 704 66.68 8.02 -13.20
CA TYR C 704 67.03 6.73 -12.61
C TYR C 704 68.17 6.09 -13.38
N SER C 705 69.12 5.51 -12.63
CA SER C 705 70.17 4.69 -13.19
C SER C 705 70.63 3.74 -12.10
N ASN C 706 71.37 2.71 -12.50
CA ASN C 706 71.76 1.68 -11.55
C ASN C 706 72.84 2.13 -10.58
N ASN C 707 73.41 3.33 -10.75
CA ASN C 707 74.42 3.81 -9.83
C ASN C 707 74.24 5.30 -9.52
N SER C 708 73.01 5.78 -9.49
CA SER C 708 72.71 7.17 -9.17
C SER C 708 71.69 7.23 -8.05
N ILE C 709 72.04 7.86 -6.95
CA ILE C 709 71.16 8.00 -5.79
C ILE C 709 71.06 9.47 -5.45
N ALA C 710 69.84 9.95 -5.23
CA ALA C 710 69.59 11.32 -4.82
C ALA C 710 69.35 11.34 -3.32
N ILE C 711 70.16 12.11 -2.59
CA ILE C 711 69.97 12.24 -1.15
C ILE C 711 69.59 13.68 -0.83
N PRO C 712 68.60 13.92 0.04
CA PRO C 712 68.31 15.29 0.45
C PRO C 712 69.42 15.86 1.30
N THR C 713 69.66 17.16 1.15
CA THR C 713 70.66 17.87 1.94
C THR C 713 70.03 18.80 2.97
N ASN C 714 68.74 19.08 2.85
CA ASN C 714 68.04 19.98 3.75
C ASN C 714 66.69 19.36 4.05
N PHE C 715 65.79 20.12 4.66
CA PHE C 715 64.46 19.61 4.97
C PHE C 715 63.55 20.79 5.27
N THR C 716 62.29 20.47 5.53
CA THR C 716 61.33 21.45 6.00
C THR C 716 60.37 20.76 6.95
N ILE C 717 59.87 21.53 7.91
CA ILE C 717 58.93 21.00 8.90
C ILE C 717 57.55 21.50 8.53
N SER C 718 56.82 20.70 7.76
CA SER C 718 55.52 21.12 7.24
C SER C 718 54.43 20.76 8.24
N VAL C 719 53.62 21.75 8.60
CA VAL C 719 52.49 21.56 9.51
C VAL C 719 51.25 21.52 8.62
N THR C 720 50.82 20.33 8.25
CA THR C 720 49.59 20.16 7.52
C THR C 720 48.43 20.10 8.50
N THR C 721 47.21 20.10 7.98
CA THR C 721 46.02 20.02 8.80
C THR C 721 45.06 18.99 8.23
N GLU C 722 44.48 18.19 9.11
CA GLU C 722 43.46 17.21 8.72
C GLU C 722 42.25 17.40 9.61
N ILE C 723 41.09 17.62 9.02
CA ILE C 723 39.85 17.86 9.74
C ILE C 723 38.97 16.62 9.62
N LEU C 724 38.55 16.09 10.76
CA LEU C 724 37.77 14.86 10.79
C LEU C 724 36.47 15.11 11.56
N PRO C 725 35.31 14.90 10.95
CA PRO C 725 34.06 14.90 11.73
C PRO C 725 34.09 13.78 12.74
N VAL C 726 33.52 14.05 13.92
CA VAL C 726 33.52 13.12 15.04
C VAL C 726 32.09 12.78 15.48
N SER C 727 31.26 13.80 15.65
CA SER C 727 29.89 13.61 16.09
C SER C 727 28.98 14.48 15.25
N MET C 728 27.72 14.06 15.15
CA MET C 728 26.69 14.81 14.45
C MET C 728 25.67 15.31 15.48
N THR C 729 24.71 16.09 14.99
CA THR C 729 23.70 16.64 15.88
C THR C 729 22.84 15.53 16.47
N LYS C 730 22.66 15.57 17.79
CA LYS C 730 21.80 14.60 18.47
C LYS C 730 20.38 15.13 18.42
N THR C 731 19.56 14.52 17.57
CA THR C 731 18.17 14.93 17.40
C THR C 731 17.26 13.78 17.79
N SER C 732 16.26 14.06 18.60
CA SER C 732 15.20 13.12 18.93
C SER C 732 13.89 13.66 18.37
N VAL C 733 13.20 12.81 17.61
CA VAL C 733 11.94 13.18 16.97
C VAL C 733 10.82 12.50 17.72
N ASP C 734 9.92 13.30 18.29
CA ASP C 734 8.77 12.76 19.01
C ASP C 734 7.77 12.23 18.00
N CYS C 735 7.93 10.95 17.64
CA CYS C 735 7.15 10.37 16.55
C CYS C 735 5.66 10.62 16.73
N THR C 736 5.15 10.36 17.94
CA THR C 736 3.73 10.59 18.19
C THR C 736 3.35 12.03 17.91
N MET C 737 4.11 12.98 18.46
CA MET C 737 3.80 14.39 18.25
C MET C 737 3.98 14.78 16.79
N TYR C 738 5.06 14.31 16.16
CA TYR C 738 5.33 14.71 14.78
C TYR C 738 4.21 14.26 13.85
N ILE C 739 3.89 12.96 13.89
CA ILE C 739 2.90 12.43 12.96
C ILE C 739 1.51 12.93 13.30
N CYS C 740 1.19 13.02 14.58
CA CYS C 740 -0.16 13.29 15.08
C CYS C 740 -0.16 14.43 16.08
N GLY C 741 0.47 15.54 15.72
CA GLY C 741 0.61 16.65 16.64
C GLY C 741 -0.70 17.12 17.25
N ASP C 742 -0.87 16.89 18.55
CA ASP C 742 -1.98 17.43 19.32
C ASP C 742 -3.34 16.99 18.76
N SER C 743 -3.45 15.73 18.35
CA SER C 743 -4.71 15.17 17.87
C SER C 743 -4.95 13.83 18.54
N THR C 744 -6.09 13.69 19.22
CA THR C 744 -6.42 12.42 19.86
C THR C 744 -6.81 11.37 18.83
N GLU C 745 -7.65 11.74 17.86
CA GLU C 745 -8.07 10.78 16.85
C GLU C 745 -6.88 10.29 16.04
N CYS C 746 -5.98 11.21 15.67
CA CYS C 746 -4.80 10.80 14.92
C CYS C 746 -3.94 9.84 15.71
N SER C 747 -3.75 10.11 17.01
CA SER C 747 -2.96 9.20 17.83
C SER C 747 -3.63 7.83 17.94
N ASN C 748 -4.95 7.81 18.10
CA ASN C 748 -5.66 6.54 18.17
C ASN C 748 -5.47 5.75 16.87
N LEU C 749 -5.58 6.43 15.72
CA LEU C 749 -5.33 5.76 14.46
C LEU C 749 -3.90 5.26 14.37
N LEU C 750 -2.95 6.05 14.83
CA LEU C 750 -1.54 5.66 14.79
C LEU C 750 -1.30 4.43 15.65
N LEU C 751 -2.07 4.25 16.72
CA LEU C 751 -1.92 3.06 17.56
C LEU C 751 -2.09 1.80 16.74
N GLN C 752 -2.86 1.85 15.65
CA GLN C 752 -3.08 0.66 14.83
C GLN C 752 -1.79 0.19 14.16
N TYR C 753 -0.83 1.10 13.96
CA TYR C 753 0.38 0.79 13.23
C TYR C 753 1.43 0.08 14.08
N GLY C 754 1.05 -0.46 15.24
CA GLY C 754 1.96 -1.26 16.03
C GLY C 754 2.90 -0.44 16.89
N SER C 755 4.20 -0.59 16.67
CA SER C 755 5.23 0.01 17.50
C SER C 755 6.26 0.74 16.65
N PHE C 756 5.81 1.37 15.56
CA PHE C 756 6.74 2.10 14.71
C PHE C 756 7.38 3.26 15.46
N CYS C 757 6.59 4.02 16.21
CA CYS C 757 7.14 5.17 16.93
C CYS C 757 8.20 4.73 17.93
N THR C 758 7.92 3.68 18.70
CA THR C 758 8.88 3.24 19.70
C THR C 758 10.19 2.82 19.07
N GLN C 759 10.13 2.08 17.96
CA GLN C 759 11.37 1.62 17.35
C GLN C 759 12.14 2.78 16.70
N LEU C 760 11.43 3.73 16.09
CA LEU C 760 12.12 4.89 15.55
C LEU C 760 12.79 5.69 16.66
N ASN C 761 12.10 5.90 17.77
CA ASN C 761 12.71 6.60 18.90
C ASN C 761 13.90 5.83 19.44
N ARG C 762 13.81 4.50 19.49
CA ARG C 762 14.93 3.70 19.94
C ARG C 762 16.12 3.87 19.01
N ALA C 763 15.88 3.90 17.71
CA ALA C 763 16.95 4.09 16.75
C ALA C 763 17.63 5.44 16.96
N LEU C 764 16.85 6.50 17.09
CA LEU C 764 17.44 7.82 17.27
C LEU C 764 18.15 7.93 18.61
N THR C 765 17.63 7.28 19.65
CA THR C 765 18.32 7.26 20.93
C THR C 765 19.65 6.55 20.83
N GLY C 766 19.70 5.45 20.10
CA GLY C 766 20.97 4.78 19.85
C GLY C 766 21.94 5.67 19.11
N ILE C 767 21.43 6.42 18.13
CA ILE C 767 22.28 7.36 17.40
C ILE C 767 22.87 8.39 18.35
N ALA C 768 22.04 8.94 19.24
CA ALA C 768 22.51 9.98 20.16
C ALA C 768 23.56 9.44 21.13
N VAL C 769 23.28 8.29 21.73
CA VAL C 769 24.25 7.68 22.62
C VAL C 769 25.54 7.39 21.87
N GLU C 770 25.42 7.01 20.59
CA GLU C 770 26.60 6.75 19.78
C GLU C 770 27.40 8.02 19.54
N GLN C 771 26.72 9.15 19.37
CA GLN C 771 27.44 10.42 19.23
C GLN C 771 28.23 10.73 20.50
N ASP C 772 27.59 10.55 21.66
CA ASP C 772 28.31 10.75 22.91
C ASP C 772 29.51 9.82 23.00
N LYS C 773 29.33 8.56 22.61
CA LYS C 773 30.43 7.61 22.63
C LYS C 773 31.55 8.03 21.69
N ASN C 774 31.21 8.54 20.50
CA ASN C 774 32.22 8.97 19.55
C ASN C 774 33.06 10.09 20.13
N THR C 775 32.40 11.10 20.70
CA THR C 775 33.15 12.20 21.29
C THR C 775 34.04 11.70 22.43
N GLN C 776 33.48 10.83 23.30
CA GLN C 776 34.25 10.31 24.41
C GLN C 776 35.48 9.56 23.91
N GLU C 777 35.31 8.69 22.92
CA GLU C 777 36.42 7.91 22.41
C GLU C 777 37.48 8.81 21.80
N VAL C 778 37.06 9.80 21.01
CA VAL C 778 38.04 10.61 20.28
C VAL C 778 38.85 11.46 21.25
N PHE C 779 38.20 12.08 22.24
CA PHE C 779 38.88 13.07 23.06
C PHE C 779 39.30 12.54 24.43
N ALA C 780 38.52 11.68 25.06
CA ALA C 780 38.86 11.19 26.39
C ALA C 780 39.87 10.06 26.30
N GLN C 781 41.00 10.30 25.64
CA GLN C 781 42.07 9.32 25.54
C GLN C 781 43.15 9.53 26.59
N VAL C 782 42.98 10.49 27.49
CA VAL C 782 43.97 10.83 28.51
C VAL C 782 43.29 10.68 29.87
N LYS C 783 43.90 9.86 30.74
CA LYS C 783 43.31 9.62 32.05
C LYS C 783 43.24 10.90 32.87
N GLN C 784 44.33 11.68 32.88
CA GLN C 784 44.43 12.90 33.68
C GLN C 784 44.32 14.12 32.77
N ILE C 785 44.23 15.28 33.41
CA ILE C 785 44.17 16.54 32.69
C ILE C 785 45.44 17.33 32.99
N TYR C 786 46.45 17.17 32.14
CA TYR C 786 47.70 17.89 32.33
C TYR C 786 47.51 19.35 31.95
N LYS C 787 48.31 20.22 32.58
CA LYS C 787 48.37 21.62 32.22
C LYS C 787 49.82 22.02 32.04
N THR C 788 50.12 22.67 30.92
CA THR C 788 51.49 23.04 30.61
C THR C 788 52.00 24.04 31.65
N PRO C 789 53.29 23.99 31.97
CA PRO C 789 53.83 24.91 32.98
C PRO C 789 53.84 26.35 32.47
N PRO C 790 53.90 27.33 33.37
CA PRO C 790 53.90 28.73 32.91
C PRO C 790 55.08 29.09 32.03
N ILE C 791 56.24 28.51 32.26
CA ILE C 791 57.45 28.86 31.52
C ILE C 791 57.44 28.12 30.19
N LYS C 792 57.32 28.87 29.10
CA LYS C 792 57.21 28.29 27.76
C LYS C 792 58.59 28.21 27.10
N ASP C 793 59.49 27.52 27.78
CA ASP C 793 60.85 27.30 27.28
C ASP C 793 60.95 25.95 26.58
N PHE C 794 60.21 25.82 25.48
CA PHE C 794 60.17 24.59 24.70
C PHE C 794 61.25 24.55 23.61
N GLY C 795 62.30 25.36 23.74
CA GLY C 795 63.39 25.32 22.80
C GLY C 795 63.05 25.90 21.45
N GLY C 796 62.68 27.18 21.41
CA GLY C 796 62.37 27.87 20.18
C GLY C 796 60.97 27.61 19.66
N PHE C 797 60.46 26.39 19.81
CA PHE C 797 59.11 26.08 19.37
C PHE C 797 58.12 26.95 20.14
N ASN C 798 57.14 27.50 19.42
CA ASN C 798 56.19 28.45 19.97
C ASN C 798 54.79 27.90 19.77
N PHE C 799 54.19 27.40 20.86
CA PHE C 799 52.85 26.83 20.83
C PHE C 799 51.80 27.81 21.36
N SER C 800 52.15 29.09 21.48
CA SER C 800 51.19 30.05 22.01
C SER C 800 49.93 30.11 21.16
N GLN C 801 50.03 29.75 19.89
CA GLN C 801 48.89 29.82 18.98
C GLN C 801 48.06 28.55 18.97
N ILE C 802 48.50 27.49 19.65
CA ILE C 802 47.69 26.29 19.82
C ILE C 802 47.39 25.99 21.28
N LEU C 803 48.19 26.46 22.22
CA LEU C 803 47.87 26.30 23.62
C LEU C 803 46.69 27.19 23.99
N PRO C 804 45.94 26.83 25.04
CA PRO C 804 44.74 27.59 25.36
C PRO C 804 45.06 29.02 25.76
N ASP C 805 44.11 29.91 25.50
CA ASP C 805 44.27 31.33 25.81
C ASP C 805 43.62 31.63 27.15
N PRO C 806 44.37 32.02 28.18
CA PRO C 806 43.72 32.37 29.45
C PRO C 806 42.73 33.51 29.34
N SER C 807 42.98 34.47 28.44
CA SER C 807 42.10 35.62 28.32
C SER C 807 40.69 35.19 27.94
N LYS C 808 40.57 34.27 26.99
CA LYS C 808 39.25 33.77 26.60
C LYS C 808 38.57 33.14 27.81
N PRO C 809 37.30 33.46 28.09
CA PRO C 809 36.63 32.80 29.22
C PRO C 809 36.63 31.30 29.09
N SER C 810 36.45 30.78 27.88
CA SER C 810 36.61 29.36 27.62
C SER C 810 38.09 29.04 27.41
N LYS C 811 38.53 27.94 28.01
CA LYS C 811 39.93 27.55 27.90
C LYS C 811 40.19 27.03 26.50
N ARG C 812 40.11 27.92 25.51
CA ARG C 812 40.17 27.56 24.10
C ARG C 812 41.26 28.38 23.42
N SER C 813 42.10 27.70 22.65
CA SER C 813 43.27 28.32 22.04
C SER C 813 42.84 29.21 20.88
N PHE C 814 43.83 29.90 20.29
CA PHE C 814 43.55 30.83 19.21
C PHE C 814 43.02 30.11 17.97
N ILE C 815 43.72 29.05 17.55
CA ILE C 815 43.30 28.31 16.37
C ILE C 815 41.93 27.70 16.60
N GLU C 816 41.67 27.20 17.81
CA GLU C 816 40.34 26.68 18.10
C GLU C 816 39.29 27.77 17.99
N ASP C 817 39.61 28.99 18.44
CA ASP C 817 38.68 30.08 18.28
C ASP C 817 38.40 30.36 16.81
N LEU C 818 39.45 30.36 15.99
CA LEU C 818 39.23 30.54 14.55
C LEU C 818 38.31 29.47 13.99
N LEU C 819 38.58 28.21 14.35
CA LEU C 819 37.78 27.11 13.80
C LEU C 819 36.33 27.22 14.23
N PHE C 820 36.08 27.60 15.49
CA PHE C 820 34.71 27.76 15.94
C PHE C 820 34.03 28.94 15.26
N ASN C 821 34.78 30.02 15.01
CA ASN C 821 34.19 31.16 14.32
C ASN C 821 33.82 30.82 12.88
N LYS C 822 34.66 30.04 12.21
CA LYS C 822 34.43 29.75 10.79
C LYS C 822 33.19 28.90 10.60
N VAL C 823 33.17 27.69 11.16
CA VAL C 823 32.05 26.78 10.98
C VAL C 823 30.81 27.38 11.64
N THR C 824 29.70 27.38 10.90
CA THR C 824 28.45 27.95 11.40
C THR C 824 27.49 26.85 11.84
N PHE C 852 10.30 21.95 17.33
CA PHE C 852 9.02 22.64 17.40
C PHE C 852 7.89 21.72 16.96
N ASN C 853 8.18 20.83 16.01
CA ASN C 853 7.23 19.85 15.51
C ASN C 853 7.57 18.46 16.04
N GLY C 854 8.01 18.40 17.30
CA GLY C 854 8.50 17.17 17.86
C GLY C 854 9.97 16.92 17.63
N LEU C 855 10.69 17.86 17.01
CA LEU C 855 12.11 17.74 16.76
C LEU C 855 12.86 18.47 17.86
N THR C 856 13.54 17.72 18.72
CA THR C 856 14.33 18.27 19.81
C THR C 856 15.80 17.98 19.56
N VAL C 857 16.65 18.94 19.88
CA VAL C 857 18.10 18.81 19.71
C VAL C 857 18.69 18.66 21.10
N LEU C 858 19.21 17.48 21.41
CA LEU C 858 19.79 17.22 22.72
C LEU C 858 21.21 17.79 22.79
N PRO C 859 21.58 18.47 23.86
CA PRO C 859 22.95 18.99 23.95
C PRO C 859 23.93 17.85 24.16
N PRO C 860 25.18 18.02 23.72
CA PRO C 860 26.16 16.96 23.88
C PRO C 860 26.54 16.75 25.35
N LEU C 861 27.00 15.54 25.65
CA LEU C 861 27.41 15.23 27.02
C LEU C 861 28.63 16.04 27.43
N LEU C 862 29.59 16.21 26.53
CA LEU C 862 30.77 17.02 26.78
C LEU C 862 30.57 18.39 26.15
N THR C 863 30.63 19.43 26.96
CA THR C 863 30.52 20.78 26.45
C THR C 863 31.78 21.16 25.69
N ASP C 864 31.66 22.16 24.82
CA ASP C 864 32.82 22.63 24.08
C ASP C 864 33.93 23.08 25.01
N GLU C 865 33.58 23.58 26.20
CA GLU C 865 34.61 23.89 27.19
C GLU C 865 35.33 22.63 27.64
N MET C 866 34.59 21.54 27.87
CA MET C 866 35.21 20.29 28.27
C MET C 866 36.04 19.69 27.15
N ILE C 867 35.58 19.81 25.91
CA ILE C 867 36.37 19.31 24.78
C ILE C 867 37.66 20.12 24.65
N ALA C 868 37.56 21.44 24.86
CA ALA C 868 38.76 22.26 24.86
C ALA C 868 39.72 21.85 25.96
N GLN C 869 39.18 21.54 27.15
CA GLN C 869 40.04 21.07 28.23
C GLN C 869 40.72 19.76 27.87
N TYR C 870 39.99 18.85 27.24
CA TYR C 870 40.57 17.58 26.83
C TYR C 870 41.69 17.78 25.83
N THR C 871 41.48 18.63 24.82
CA THR C 871 42.52 18.87 23.84
C THR C 871 43.70 19.60 24.46
N SER C 872 43.46 20.51 25.41
CA SER C 872 44.56 21.18 26.09
C SER C 872 45.36 20.19 26.93
N ALA C 873 44.68 19.24 27.58
CA ALA C 873 45.40 18.20 28.29
C ALA C 873 46.25 17.36 27.36
N LEU C 874 45.69 16.99 26.21
CA LEU C 874 46.45 16.23 25.23
C LEU C 874 47.67 17.00 24.77
N LEU C 875 47.51 18.29 24.48
CA LEU C 875 48.65 19.10 24.03
C LEU C 875 49.69 19.24 25.13
N ALA C 876 49.27 19.49 26.36
CA ALA C 876 50.23 19.63 27.45
C ALA C 876 51.00 18.33 27.67
N GLY C 877 50.30 17.20 27.65
CA GLY C 877 50.99 15.93 27.79
C GLY C 877 51.96 15.67 26.65
N THR C 878 51.52 15.95 25.42
CA THR C 878 52.40 15.73 24.26
C THR C 878 53.64 16.60 24.35
N ILE C 879 53.47 17.86 24.76
CA ILE C 879 54.59 18.79 24.77
C ILE C 879 55.57 18.43 25.89
N THR C 880 55.05 18.16 27.09
CA THR C 880 55.91 18.00 28.25
C THR C 880 56.41 16.58 28.46
N SER C 881 55.77 15.58 27.85
CA SER C 881 56.12 14.18 28.09
C SER C 881 56.29 13.35 26.83
N GLY C 882 55.79 13.81 25.69
CA GLY C 882 55.96 13.04 24.46
C GLY C 882 54.88 12.02 24.31
N TRP C 883 55.26 10.79 23.97
CA TRP C 883 54.33 9.68 23.86
C TRP C 883 54.24 8.87 25.15
N THR C 884 55.05 9.17 26.16
CA THR C 884 55.03 8.38 27.38
C THR C 884 53.68 8.49 28.07
N PHE C 885 53.07 9.68 28.07
CA PHE C 885 51.78 9.86 28.71
C PHE C 885 50.70 9.00 28.06
N GLY C 886 50.93 8.53 26.84
CA GLY C 886 49.97 7.64 26.20
C GLY C 886 50.07 6.21 26.68
N ALA C 887 51.23 5.81 27.19
CA ALA C 887 51.40 4.46 27.70
C ALA C 887 50.93 4.36 29.15
N GLY C 888 51.60 5.06 30.05
CA GLY C 888 51.25 5.02 31.46
C GLY C 888 51.31 6.38 32.11
N ALA C 889 52.04 6.48 33.23
CA ALA C 889 52.22 7.76 33.90
C ALA C 889 53.06 8.69 33.02
N ALA C 890 52.60 9.92 32.86
CA ALA C 890 53.29 10.88 32.00
C ALA C 890 54.68 11.17 32.56
N LEU C 891 55.70 10.90 31.77
CA LEU C 891 57.08 11.14 32.14
C LEU C 891 57.56 12.41 31.43
N GLN C 892 58.02 13.38 32.20
CA GLN C 892 58.46 14.63 31.60
C GLN C 892 59.74 14.42 30.82
N ILE C 893 59.99 15.32 29.88
CA ILE C 893 61.23 15.30 29.10
C ILE C 893 61.31 16.61 28.33
N PRO C 894 62.48 17.24 28.22
CA PRO C 894 62.57 18.50 27.48
C PRO C 894 62.10 18.32 26.05
N PHE C 895 61.43 19.34 25.52
CA PHE C 895 60.87 19.21 24.17
C PHE C 895 61.96 18.99 23.14
N ALA C 896 63.15 19.56 23.36
CA ALA C 896 64.24 19.33 22.42
C ALA C 896 64.61 17.86 22.34
N MET C 897 64.71 17.19 23.49
CA MET C 897 65.01 15.77 23.47
C MET C 897 63.86 14.96 22.90
N GLN C 898 62.63 15.40 23.10
CA GLN C 898 61.49 14.74 22.48
C GLN C 898 61.59 14.79 20.97
N MET C 899 61.89 15.98 20.42
CA MET C 899 62.03 16.08 18.98
C MET C 899 63.25 15.30 18.48
N ALA C 900 64.31 15.21 19.29
CA ALA C 900 65.43 14.36 18.92
C ALA C 900 64.98 12.90 18.80
N TYR C 901 64.17 12.44 19.75
CA TYR C 901 63.66 11.07 19.68
C TYR C 901 62.79 10.88 18.45
N ARG C 902 61.96 11.87 18.13
CA ARG C 902 61.09 11.74 16.96
C ARG C 902 61.89 11.72 15.67
N PHE C 903 62.95 12.52 15.58
CA PHE C 903 63.85 12.45 14.44
C PHE C 903 64.50 11.07 14.35
N ASN C 904 64.97 10.54 15.48
CA ASN C 904 65.44 9.16 15.49
C ASN C 904 64.37 8.22 14.96
N GLY C 905 63.11 8.49 15.30
CA GLY C 905 62.03 7.62 14.88
C GLY C 905 61.82 7.61 13.38
N ILE C 906 61.90 8.78 12.74
CA ILE C 906 61.71 8.83 11.29
C ILE C 906 62.95 8.40 10.52
N GLY C 907 64.03 8.02 11.19
CA GLY C 907 65.22 7.55 10.54
C GLY C 907 66.31 8.58 10.38
N VAL C 908 66.11 9.80 10.84
CA VAL C 908 67.12 10.86 10.76
C VAL C 908 67.85 10.90 12.09
N THR C 909 69.18 10.85 12.03
CA THR C 909 69.98 10.90 13.25
C THR C 909 69.55 12.06 14.12
N GLN C 910 69.74 11.92 15.43
CA GLN C 910 69.20 12.91 16.36
C GLN C 910 70.02 14.19 16.35
N ASN C 911 71.33 14.11 16.13
CA ASN C 911 72.13 15.32 16.13
C ASN C 911 71.64 16.30 15.07
N VAL C 912 71.13 15.81 13.95
CA VAL C 912 70.58 16.68 12.92
C VAL C 912 69.60 17.67 13.54
N LEU C 913 68.79 17.21 14.49
CA LEU C 913 67.88 18.12 15.17
C LEU C 913 68.64 19.18 15.92
N TYR C 914 69.54 18.77 16.82
CA TYR C 914 70.21 19.74 17.68
C TYR C 914 70.98 20.76 16.85
N GLU C 915 71.82 20.29 15.93
CA GLU C 915 72.60 21.21 15.12
C GLU C 915 71.73 22.11 14.26
N ASN C 916 70.46 21.76 14.06
CA ASN C 916 69.53 22.58 13.29
C ASN C 916 68.38 23.08 14.16
N GLN C 917 68.48 22.86 15.47
CA GLN C 917 67.35 23.15 16.35
C GLN C 917 66.76 24.53 16.07
N LYS C 918 67.58 25.57 16.20
CA LYS C 918 67.06 26.92 15.97
C LYS C 918 66.36 27.00 14.62
N LEU C 919 67.02 26.57 13.55
CA LEU C 919 66.39 26.61 12.24
C LEU C 919 65.05 25.90 12.30
N ILE C 920 65.04 24.66 12.79
CA ILE C 920 63.79 23.91 12.84
C ILE C 920 62.75 24.72 13.58
N ALA C 921 63.11 25.27 14.74
CA ALA C 921 62.14 26.04 15.50
C ALA C 921 61.51 27.12 14.63
N ASN C 922 62.33 27.92 13.96
CA ASN C 922 61.78 28.95 13.10
C ASN C 922 60.80 28.34 12.11
N GLN C 923 61.24 27.31 11.38
CA GLN C 923 60.33 26.67 10.42
C GLN C 923 59.03 26.31 11.10
N PHE C 924 59.11 25.62 12.24
CA PHE C 924 57.88 25.22 12.92
C PHE C 924 56.99 26.44 13.14
N ASN C 925 57.54 27.48 13.76
CA ASN C 925 56.75 28.68 13.99
C ASN C 925 56.14 29.17 12.68
N SER C 926 56.98 29.33 11.64
CA SER C 926 56.45 29.76 10.36
C SER C 926 55.27 28.90 9.95
N ALA C 927 55.46 27.57 9.96
CA ALA C 927 54.38 26.69 9.58
C ALA C 927 53.13 27.00 10.39
N ILE C 928 53.26 27.04 11.72
CA ILE C 928 52.11 27.33 12.56
C ILE C 928 51.48 28.64 12.11
N GLY C 929 52.28 29.67 11.92
CA GLY C 929 51.74 30.94 11.48
C GLY C 929 50.90 30.78 10.24
N LYS C 930 51.45 30.13 9.22
CA LYS C 930 50.72 30.00 7.96
C LYS C 930 49.36 29.35 8.20
N ILE C 931 49.32 28.33 9.07
CA ILE C 931 48.07 27.63 9.30
C ILE C 931 46.99 28.62 9.71
N GLN C 932 47.32 29.52 10.66
CA GLN C 932 46.34 30.50 11.10
C GLN C 932 45.80 31.26 9.90
N ASP C 933 46.68 31.80 9.06
CA ASP C 933 46.22 32.52 7.89
C ASP C 933 45.40 31.61 6.99
N SER C 934 45.88 30.38 6.77
CA SER C 934 45.12 29.45 5.95
C SER C 934 43.71 29.28 6.50
N LEU C 935 43.56 29.27 7.81
CA LEU C 935 42.23 29.19 8.41
C LEU C 935 41.51 30.53 8.33
N SER C 936 42.24 31.62 8.59
CA SER C 936 41.59 32.93 8.68
C SER C 936 41.02 33.37 7.33
N SER C 937 41.78 33.14 6.24
CA SER C 937 41.36 33.65 4.94
C SER C 937 40.32 32.74 4.30
N THR C 938 40.66 31.47 4.07
CA THR C 938 39.80 30.55 3.35
C THR C 938 39.06 29.66 4.33
N ALA C 939 37.75 29.50 4.13
CA ALA C 939 36.91 28.66 4.97
C ALA C 939 36.50 27.37 4.29
N SER C 940 36.89 27.15 3.03
CA SER C 940 36.52 25.91 2.35
C SER C 940 37.14 24.69 3.02
N ALA C 941 38.28 24.86 3.68
CA ALA C 941 38.97 23.73 4.30
C ALA C 941 38.06 23.01 5.29
N LEU C 942 37.26 23.76 6.03
CA LEU C 942 36.35 23.21 7.03
C LEU C 942 35.17 22.49 6.41
N GLY C 943 35.11 22.31 5.10
CA GLY C 943 33.92 21.75 4.48
C GLY C 943 33.52 20.43 5.10
N LYS C 944 34.50 19.53 5.29
CA LYS C 944 34.24 18.22 5.87
C LYS C 944 33.32 18.35 7.08
N LEU C 945 33.58 19.36 7.91
CA LEU C 945 32.68 19.64 9.04
C LEU C 945 31.42 20.32 8.56
N GLN C 946 31.56 21.51 7.94
CA GLN C 946 30.39 22.27 7.53
C GLN C 946 29.46 21.42 6.70
N ASP C 947 30.00 20.74 5.68
CA ASP C 947 29.21 19.81 4.88
C ASP C 947 28.33 18.95 5.77
N VAL C 948 28.96 18.18 6.67
CA VAL C 948 28.20 17.32 7.57
C VAL C 948 27.04 18.10 8.18
N VAL C 949 27.35 19.24 8.80
CA VAL C 949 26.30 20.00 9.48
C VAL C 949 25.15 20.27 8.52
N ASN C 950 25.48 20.80 7.34
CA ASN C 950 24.44 21.11 6.37
C ASN C 950 23.54 19.89 6.16
N GLN C 951 24.14 18.74 5.89
CA GLN C 951 23.35 17.54 5.64
C GLN C 951 22.33 17.34 6.75
N ASN C 952 22.80 17.36 8.00
CA ASN C 952 21.88 17.23 9.12
C ASN C 952 20.73 18.21 8.96
N ALA C 953 21.05 19.51 8.94
CA ALA C 953 20.02 20.52 8.78
C ALA C 953 19.15 20.19 7.58
N GLN C 954 19.80 19.88 6.45
CA GLN C 954 19.04 19.60 5.24
C GLN C 954 17.96 18.56 5.53
N ALA C 955 18.37 17.42 6.11
CA ALA C 955 17.41 16.37 6.39
C ALA C 955 16.25 16.93 7.20
N LEU C 956 16.55 17.62 8.30
CA LEU C 956 15.47 18.17 9.12
C LEU C 956 14.54 19.02 8.28
N ASN C 957 15.10 19.93 7.48
CA ASN C 957 14.25 20.77 6.65
C ASN C 957 13.31 19.90 5.83
N THR C 958 13.87 18.93 5.11
CA THR C 958 13.04 18.03 4.32
C THR C 958 11.97 17.42 5.21
N LEU C 959 12.38 16.83 6.34
CA LEU C 959 11.42 16.24 7.25
C LEU C 959 10.33 17.24 7.60
N VAL C 960 10.73 18.45 8.00
CA VAL C 960 9.73 19.45 8.39
C VAL C 960 8.85 19.78 7.21
N LYS C 961 9.43 19.91 6.02
CA LYS C 961 8.61 20.24 4.85
C LYS C 961 7.63 19.12 4.54
N GLN C 962 7.95 17.89 4.91
CA GLN C 962 7.02 16.80 4.69
C GLN C 962 5.76 16.95 5.52
N LEU C 963 5.75 17.85 6.50
CA LEU C 963 4.51 18.13 7.22
C LEU C 963 3.50 18.85 6.35
N SER C 964 3.93 19.47 5.25
CA SER C 964 3.06 20.29 4.42
C SER C 964 2.64 19.58 3.13
N SER C 965 2.77 18.26 3.07
CA SER C 965 2.42 17.49 1.88
C SER C 965 1.08 16.78 2.10
N ASN C 966 0.26 16.75 1.05
CA ASN C 966 -1.08 16.19 1.18
C ASN C 966 -1.05 14.67 1.24
N PHE C 967 -0.16 14.04 0.48
CA PHE C 967 -0.12 12.59 0.37
C PHE C 967 -1.46 12.03 -0.09
N GLY C 968 -2.21 12.82 -0.86
CA GLY C 968 -3.53 12.43 -1.31
C GLY C 968 -4.66 12.91 -0.44
N ALA C 969 -4.38 13.37 0.78
CA ALA C 969 -5.43 13.87 1.66
C ALA C 969 -5.94 15.22 1.16
N ILE C 970 -7.13 15.58 1.63
CA ILE C 970 -7.74 16.85 1.22
C ILE C 970 -6.86 18.02 1.65
N SER C 971 -6.26 17.93 2.84
CA SER C 971 -5.42 18.98 3.36
C SER C 971 -4.25 18.36 4.10
N SER C 972 -3.18 19.14 4.24
CA SER C 972 -1.96 18.68 4.88
C SER C 972 -1.92 18.98 6.38
N VAL C 973 -3.02 19.50 6.95
CA VAL C 973 -3.09 19.84 8.36
C VAL C 973 -4.23 19.03 8.98
N LEU C 974 -3.91 18.33 10.07
CA LEU C 974 -4.92 17.48 10.71
C LEU C 974 -6.06 18.30 11.29
N ASN C 975 -5.76 19.50 11.81
CA ASN C 975 -6.78 20.29 12.49
C ASN C 975 -7.91 20.65 11.53
N ASP C 976 -7.58 21.02 10.30
CA ASP C 976 -8.61 21.37 9.33
C ASP C 976 -9.53 20.18 9.06
N ILE C 977 -8.95 19.01 8.84
CA ILE C 977 -9.75 17.83 8.56
C ILE C 977 -10.65 17.50 9.74
N LEU C 978 -10.10 17.56 10.96
CA LEU C 978 -10.89 17.24 12.14
C LEU C 978 -12.04 18.24 12.31
N SER C 979 -11.77 19.52 12.09
CA SER C 979 -12.80 20.54 12.26
C SER C 979 -13.86 20.47 11.17
N ARG C 980 -13.50 20.00 9.97
CA ARG C 980 -14.44 19.98 8.85
C ARG C 980 -15.16 18.65 8.68
N LEU C 981 -14.41 17.55 8.65
CA LEU C 981 -14.98 16.24 8.37
C LEU C 981 -15.28 15.48 9.66
N ASP C 982 -16.37 14.72 9.64
CA ASP C 982 -16.71 13.86 10.76
C ASP C 982 -15.74 12.68 10.80
N PRO C 983 -15.63 12.01 11.96
CA PRO C 983 -14.65 10.92 12.09
C PRO C 983 -14.82 9.87 11.02
N PRO C 984 -16.06 9.46 10.70
CA PRO C 984 -16.21 8.44 9.66
C PRO C 984 -15.61 8.84 8.32
N GLU C 985 -15.70 10.12 7.97
CA GLU C 985 -15.11 10.63 6.75
C GLU C 985 -13.66 11.06 6.94
N ALA C 986 -13.36 11.65 8.10
CA ALA C 986 -12.04 12.20 8.34
C ALA C 986 -10.99 11.11 8.46
N GLU C 987 -11.38 9.93 8.96
CA GLU C 987 -10.40 8.91 9.28
C GLU C 987 -9.62 8.43 8.06
N VAL C 988 -10.24 8.40 6.89
CA VAL C 988 -9.53 7.94 5.69
C VAL C 988 -8.41 8.92 5.34
N GLN C 989 -8.73 10.21 5.32
CA GLN C 989 -7.70 11.20 5.03
C GLN C 989 -6.63 11.21 6.10
N ILE C 990 -7.01 11.03 7.36
CA ILE C 990 -6.03 10.99 8.43
C ILE C 990 -5.13 9.77 8.27
N ASP C 991 -5.67 8.64 7.82
CA ASP C 991 -4.85 7.47 7.56
C ASP C 991 -3.87 7.74 6.43
N ARG C 992 -4.32 8.41 5.36
CA ARG C 992 -3.40 8.76 4.29
C ARG C 992 -2.27 9.63 4.80
N LEU C 993 -2.60 10.67 5.57
CA LEU C 993 -1.57 11.57 6.10
C LEU C 993 -0.64 10.83 7.04
N ILE C 994 -1.17 9.94 7.89
CA ILE C 994 -0.35 9.19 8.81
C ILE C 994 0.62 8.29 8.07
N THR C 995 0.13 7.60 7.03
CA THR C 995 1.01 6.76 6.22
C THR C 995 2.12 7.59 5.60
N GLY C 996 1.76 8.74 5.01
CA GLY C 996 2.78 9.56 4.37
C GLY C 996 3.82 10.07 5.36
N ARG C 997 3.36 10.59 6.50
CA ARG C 997 4.29 11.15 7.47
C ARG C 997 5.13 10.06 8.12
N LEU C 998 4.56 8.89 8.37
CA LEU C 998 5.34 7.79 8.92
C LEU C 998 6.40 7.33 7.93
N GLN C 999 6.06 7.25 6.64
CA GLN C 999 7.06 6.88 5.65
C GLN C 999 8.15 7.93 5.57
N SER C 1000 7.78 9.21 5.66
CA SER C 1000 8.78 10.27 5.68
C SER C 1000 9.71 10.15 6.88
N LEU C 1001 9.12 9.87 8.06
CA LEU C 1001 9.94 9.69 9.25
C LEU C 1001 10.86 8.50 9.12
N GLN C 1002 10.37 7.40 8.54
CA GLN C 1002 11.23 6.24 8.34
C GLN C 1002 12.37 6.56 7.38
N THR C 1003 12.08 7.29 6.31
CA THR C 1003 13.15 7.69 5.39
C THR C 1003 14.19 8.52 6.11
N TYR C 1004 13.74 9.50 6.89
CA TYR C 1004 14.68 10.35 7.62
C TYR C 1004 15.52 9.53 8.58
N VAL C 1005 14.87 8.62 9.33
CA VAL C 1005 15.59 7.84 10.32
C VAL C 1005 16.59 6.89 9.66
N THR C 1006 16.22 6.29 8.54
CA THR C 1006 17.12 5.38 7.86
C THR C 1006 18.34 6.12 7.31
N GLN C 1007 18.11 7.26 6.67
CA GLN C 1007 19.25 8.04 6.19
C GLN C 1007 20.10 8.54 7.35
N GLN C 1008 19.47 8.86 8.49
CA GLN C 1008 20.23 9.27 9.66
C GLN C 1008 21.06 8.11 10.20
N LEU C 1009 20.53 6.88 10.16
CA LEU C 1009 21.31 5.73 10.60
C LEU C 1009 22.51 5.52 9.69
N ILE C 1010 22.31 5.65 8.38
CA ILE C 1010 23.44 5.49 7.46
C ILE C 1010 24.48 6.57 7.69
N ARG C 1011 24.03 7.82 7.84
CA ARG C 1011 24.97 8.91 8.08
C ARG C 1011 25.65 8.77 9.44
N ALA C 1012 24.95 8.20 10.42
CA ALA C 1012 25.57 7.96 11.71
C ALA C 1012 26.63 6.88 11.62
N ALA C 1013 26.40 5.85 10.81
CA ALA C 1013 27.44 4.87 10.57
C ALA C 1013 28.66 5.51 9.91
N GLU C 1014 28.41 6.40 8.94
CA GLU C 1014 29.52 7.11 8.30
C GLU C 1014 30.28 7.95 9.32
N ILE C 1015 29.56 8.68 10.17
CA ILE C 1015 30.20 9.51 11.17
C ILE C 1015 30.93 8.66 12.21
N ARG C 1016 30.43 7.45 12.49
CA ARG C 1016 31.13 6.57 13.42
C ARG C 1016 32.41 6.04 12.80
N ALA C 1017 32.39 5.75 11.50
CA ALA C 1017 33.64 5.40 10.84
C ALA C 1017 34.64 6.54 10.91
N SER C 1018 34.17 7.77 10.66
CA SER C 1018 35.06 8.92 10.76
C SER C 1018 35.56 9.12 12.19
N ALA C 1019 34.71 8.87 13.17
CA ALA C 1019 35.10 9.05 14.57
C ALA C 1019 36.09 7.98 15.01
N ASN C 1020 35.93 6.76 14.52
CA ASN C 1020 36.92 5.72 14.78
C ASN C 1020 38.24 6.06 14.15
N LEU C 1021 38.21 6.62 12.94
CA LEU C 1021 39.46 7.08 12.33
C LEU C 1021 40.10 8.19 13.16
N ALA C 1022 39.29 9.12 13.66
CA ALA C 1022 39.81 10.21 14.48
C ALA C 1022 40.39 9.68 15.79
N ALA C 1023 39.74 8.70 16.39
CA ALA C 1023 40.28 8.09 17.60
C ALA C 1023 41.59 7.39 17.31
N THR C 1024 41.68 6.70 16.17
CA THR C 1024 42.93 6.06 15.78
C THR C 1024 44.04 7.09 15.61
N LYS C 1025 43.75 8.20 14.95
CA LYS C 1025 44.76 9.24 14.77
C LYS C 1025 45.16 9.86 16.09
N MET C 1026 44.20 10.10 16.98
CA MET C 1026 44.51 10.66 18.28
C MET C 1026 45.40 9.70 19.07
N SER C 1027 45.14 8.41 18.98
CA SER C 1027 45.94 7.43 19.72
C SER C 1027 47.31 7.23 19.10
N GLU C 1028 47.44 7.36 17.78
CA GLU C 1028 48.66 7.02 17.08
C GLU C 1028 49.42 8.24 16.57
N CYS C 1029 48.73 9.20 15.95
CA CYS C 1029 49.43 10.41 15.49
C CYS C 1029 49.78 11.32 16.66
N VAL C 1030 48.87 11.49 17.61
CA VAL C 1030 49.07 12.42 18.72
C VAL C 1030 49.78 11.72 19.88
N LEU C 1031 49.16 10.68 20.42
CA LEU C 1031 49.72 9.98 21.57
C LEU C 1031 51.01 9.24 21.25
N GLY C 1032 51.35 9.09 19.97
CA GLY C 1032 52.59 8.44 19.59
C GLY C 1032 53.04 8.98 18.25
N GLN C 1033 54.16 8.44 17.77
CA GLN C 1033 54.67 8.78 16.46
C GLN C 1033 54.36 7.62 15.51
N SER C 1034 53.68 7.93 14.41
CA SER C 1034 53.14 6.90 13.54
C SER C 1034 54.13 6.61 12.42
N LYS C 1035 54.42 5.33 12.23
CA LYS C 1035 55.23 4.87 11.09
C LYS C 1035 54.38 4.57 9.87
N ARG C 1036 53.06 4.54 10.01
CA ARG C 1036 52.19 4.37 8.85
C ARG C 1036 52.37 5.55 7.90
N VAL C 1037 52.34 5.27 6.61
CA VAL C 1037 52.64 6.27 5.59
C VAL C 1037 51.35 7.01 5.25
N ASP C 1038 51.46 8.34 5.18
CA ASP C 1038 50.35 9.24 4.83
C ASP C 1038 49.17 9.11 5.78
N PHE C 1039 49.31 8.39 6.89
CA PHE C 1039 48.24 8.33 7.87
C PHE C 1039 48.16 9.62 8.67
N CYS C 1040 49.32 10.18 9.02
CA CYS C 1040 49.42 11.43 9.77
C CYS C 1040 50.03 12.53 8.91
N GLY C 1041 49.56 12.63 7.67
CA GLY C 1041 49.98 13.69 6.78
C GLY C 1041 51.13 13.27 5.87
N LYS C 1042 51.22 13.96 4.74
CA LYS C 1042 52.28 13.67 3.78
C LYS C 1042 53.63 14.04 4.38
N GLY C 1043 54.62 13.17 4.15
CA GLY C 1043 55.93 13.33 4.74
C GLY C 1043 56.11 12.38 5.92
N TYR C 1044 57.31 12.43 6.48
CA TYR C 1044 57.62 11.61 7.64
C TYR C 1044 57.08 12.27 8.89
N HIS C 1045 56.21 11.57 9.59
CA HIS C 1045 55.51 12.15 10.73
C HIS C 1045 56.48 12.45 11.86
N LEU C 1046 56.43 13.67 12.37
CA LEU C 1046 57.12 14.04 13.60
C LEU C 1046 56.18 14.03 14.80
N MET C 1047 55.10 14.79 14.74
CA MET C 1047 54.14 14.84 15.84
C MET C 1047 52.83 15.40 15.32
N SER C 1048 51.86 15.53 16.22
CA SER C 1048 50.57 16.07 15.87
C SER C 1048 49.96 16.74 17.09
N PHE C 1049 49.05 17.68 16.82
CA PHE C 1049 48.38 18.43 17.88
C PHE C 1049 46.90 18.48 17.59
N PRO C 1050 46.04 18.13 18.55
CA PRO C 1050 44.60 18.23 18.31
C PRO C 1050 44.05 19.62 18.60
N GLN C 1051 42.98 19.94 17.89
CA GLN C 1051 42.26 21.20 18.10
C GLN C 1051 40.79 20.94 17.83
N SER C 1052 39.96 21.09 18.86
CA SER C 1052 38.54 20.82 18.70
C SER C 1052 37.90 21.84 17.76
N ALA C 1053 37.04 21.36 16.87
CA ALA C 1053 36.23 22.18 16.00
C ALA C 1053 34.79 21.72 16.16
N PRO C 1054 33.83 22.56 15.82
CA PRO C 1054 32.42 22.19 16.04
C PRO C 1054 32.08 20.84 15.44
N HIS C 1055 31.79 19.86 16.30
CA HIS C 1055 31.39 18.52 15.87
C HIS C 1055 32.52 17.82 15.11
N GLY C 1056 33.75 18.02 15.54
CA GLY C 1056 34.87 17.37 14.90
C GLY C 1056 36.18 17.80 15.52
N VAL C 1057 37.26 17.25 14.96
CA VAL C 1057 38.61 17.53 15.45
C VAL C 1057 39.50 17.93 14.29
N VAL C 1058 40.57 18.63 14.60
CA VAL C 1058 41.53 19.11 13.61
C VAL C 1058 42.92 18.73 14.10
N PHE C 1059 43.60 17.87 13.37
CA PHE C 1059 44.95 17.46 13.70
C PHE C 1059 45.92 18.31 12.90
N LEU C 1060 46.76 19.05 13.61
CA LEU C 1060 47.89 19.73 13.00
C LEU C 1060 49.04 18.73 12.98
N HIS C 1061 49.35 18.22 11.80
CA HIS C 1061 50.37 17.20 11.64
C HIS C 1061 51.69 17.87 11.30
N VAL C 1062 52.64 17.85 12.23
CA VAL C 1062 53.99 18.31 11.99
C VAL C 1062 54.78 17.15 11.41
N THR C 1063 55.23 17.30 10.17
CA THR C 1063 55.91 16.24 9.43
C THR C 1063 57.21 16.78 8.85
N TYR C 1064 58.14 15.86 8.63
CA TYR C 1064 59.48 16.18 8.14
C TYR C 1064 59.55 15.84 6.66
N VAL C 1065 59.67 16.86 5.82
CA VAL C 1065 59.65 16.69 4.37
C VAL C 1065 61.04 17.03 3.85
N PRO C 1066 61.76 16.08 3.23
CA PRO C 1066 63.06 16.43 2.64
C PRO C 1066 62.90 17.49 1.57
N ALA C 1067 63.89 18.38 1.46
CA ALA C 1067 63.74 19.61 0.70
C ALA C 1067 64.64 19.67 -0.54
N GLN C 1068 65.94 19.52 -0.38
CA GLN C 1068 66.90 19.77 -1.46
C GLN C 1068 67.74 18.54 -1.68
N GLU C 1069 67.75 18.04 -2.91
CA GLU C 1069 68.35 16.76 -3.25
C GLU C 1069 69.62 16.96 -4.06
N LYS C 1070 70.58 16.06 -3.86
CA LYS C 1070 71.82 16.04 -4.62
C LYS C 1070 72.06 14.65 -5.18
N ASN C 1071 72.50 14.59 -6.43
CA ASN C 1071 72.91 13.34 -7.04
C ASN C 1071 74.21 12.83 -6.43
N PHE C 1072 74.37 11.52 -6.44
CA PHE C 1072 75.62 10.90 -6.04
C PHE C 1072 75.74 9.55 -6.73
N THR C 1073 76.98 9.07 -6.86
CA THR C 1073 77.24 7.72 -7.32
C THR C 1073 77.23 6.79 -6.12
N THR C 1074 76.39 5.77 -6.18
CA THR C 1074 76.17 4.87 -5.04
C THR C 1074 76.65 3.47 -5.39
N ALA C 1075 77.22 2.79 -4.39
CA ALA C 1075 77.70 1.43 -4.55
C ALA C 1075 77.07 0.57 -3.47
N PRO C 1076 76.50 -0.59 -3.82
CA PRO C 1076 75.86 -1.42 -2.79
C PRO C 1076 76.83 -1.86 -1.69
N ALA C 1077 78.09 -2.08 -2.02
CA ALA C 1077 79.07 -2.50 -1.04
C ALA C 1077 80.42 -1.90 -1.42
N ILE C 1078 81.46 -2.28 -0.70
CA ILE C 1078 82.81 -1.78 -0.95
C ILE C 1078 83.81 -2.87 -0.59
N CYS C 1079 84.87 -2.99 -1.38
CA CYS C 1079 85.92 -3.97 -1.16
C CYS C 1079 87.16 -3.27 -0.63
N HIS C 1080 87.70 -3.76 0.47
CA HIS C 1080 88.92 -3.23 1.05
C HIS C 1080 90.09 -4.21 0.95
N ASP C 1081 89.91 -5.44 1.43
CA ASP C 1081 90.93 -6.48 1.36
C ASP C 1081 90.33 -7.74 0.76
N GLY C 1082 89.49 -7.58 -0.26
CA GLY C 1082 88.77 -8.69 -0.85
C GLY C 1082 87.49 -9.06 -0.15
N LYS C 1083 87.18 -8.41 0.97
CA LYS C 1083 85.94 -8.66 1.70
C LYS C 1083 85.00 -7.48 1.47
N ALA C 1084 83.78 -7.77 1.07
CA ALA C 1084 82.80 -6.73 0.85
C ALA C 1084 82.44 -6.06 2.17
N HIS C 1085 82.08 -4.79 2.11
CA HIS C 1085 81.63 -4.03 3.26
C HIS C 1085 80.29 -3.37 2.93
N PHE C 1086 79.31 -3.57 3.80
CA PHE C 1086 78.00 -2.97 3.63
C PHE C 1086 77.74 -1.99 4.78
N PRO C 1087 76.93 -0.96 4.56
CA PRO C 1087 76.75 0.05 5.60
C PRO C 1087 75.85 -0.47 6.71
N ARG C 1088 76.30 -0.31 7.95
CA ARG C 1088 75.49 -0.76 9.08
C ARG C 1088 74.14 -0.05 9.09
N GLU C 1089 74.15 1.27 9.03
CA GLU C 1089 72.92 2.07 8.98
C GLU C 1089 73.24 3.30 8.13
N GLY C 1090 72.94 3.22 6.85
CA GLY C 1090 73.26 4.28 5.93
C GLY C 1090 73.44 3.74 4.53
N VAL C 1091 74.06 4.55 3.69
CA VAL C 1091 74.25 4.23 2.28
C VAL C 1091 75.56 4.84 1.81
N PHE C 1092 76.22 4.16 0.89
CA PHE C 1092 77.45 4.66 0.31
C PHE C 1092 77.13 5.62 -0.83
N VAL C 1093 77.70 6.82 -0.76
CA VAL C 1093 77.58 7.81 -1.82
C VAL C 1093 78.97 8.32 -2.16
N SER C 1094 79.07 8.98 -3.31
CA SER C 1094 80.33 9.50 -3.79
C SER C 1094 80.10 10.86 -4.43
N ASN C 1095 80.85 11.85 -3.97
CA ASN C 1095 80.79 13.18 -4.58
C ASN C 1095 81.61 13.27 -5.85
N GLY C 1096 82.04 12.13 -6.39
CA GLY C 1096 82.77 12.10 -7.64
C GLY C 1096 84.09 11.38 -7.54
N THR C 1097 84.80 11.58 -6.43
CA THR C 1097 86.13 11.00 -6.28
C THR C 1097 86.27 10.21 -4.99
N HIS C 1098 85.55 10.63 -3.96
CA HIS C 1098 85.64 10.01 -2.64
C HIS C 1098 84.32 9.33 -2.30
N TRP C 1099 84.40 8.38 -1.37
CA TRP C 1099 83.25 7.61 -0.93
C TRP C 1099 82.97 7.91 0.53
N PHE C 1100 81.73 8.28 0.83
CA PHE C 1100 81.26 8.48 2.19
C PHE C 1100 80.08 7.57 2.45
N VAL C 1101 79.79 7.37 3.73
CA VAL C 1101 78.62 6.60 4.17
C VAL C 1101 77.73 7.55 4.95
N THR C 1102 76.55 7.83 4.40
CA THR C 1102 75.66 8.84 4.95
C THR C 1102 74.29 8.24 5.25
N GLN C 1103 73.59 8.84 6.20
CA GLN C 1103 72.23 8.41 6.49
C GLN C 1103 71.33 8.70 5.29
N ARG C 1104 70.27 7.90 5.17
CA ARG C 1104 69.52 7.88 3.93
C ARG C 1104 68.63 9.10 3.76
N ASN C 1105 68.09 9.64 4.85
CA ASN C 1105 67.10 10.71 4.79
C ASN C 1105 67.70 12.10 4.93
N PHE C 1106 69.03 12.20 5.00
CA PHE C 1106 69.67 13.51 5.14
C PHE C 1106 71.14 13.40 4.81
N TYR C 1107 71.61 14.24 3.89
CA TYR C 1107 73.00 14.15 3.44
C TYR C 1107 73.94 14.62 4.54
N GLU C 1108 74.69 13.69 5.12
CA GLU C 1108 75.69 14.01 6.13
C GLU C 1108 76.86 13.05 5.96
N PRO C 1109 77.74 13.31 5.00
CA PRO C 1109 78.78 12.33 4.68
C PRO C 1109 79.73 12.10 5.85
N GLN C 1110 80.23 10.87 5.93
CA GLN C 1110 81.18 10.49 6.97
C GLN C 1110 82.18 9.51 6.38
N ILE C 1111 83.43 9.60 6.85
CA ILE C 1111 84.47 8.71 6.35
C ILE C 1111 84.09 7.27 6.69
N ILE C 1112 84.32 6.37 5.73
CA ILE C 1112 83.99 4.96 5.91
C ILE C 1112 85.05 4.33 6.79
N THR C 1113 84.64 3.85 7.95
CA THR C 1113 85.51 3.13 8.87
C THR C 1113 84.94 1.73 9.10
N THR C 1114 85.67 0.92 9.87
CA THR C 1114 85.16 -0.41 10.21
C THR C 1114 83.91 -0.33 11.05
N ASP C 1115 83.67 0.79 11.74
CA ASP C 1115 82.46 0.93 12.54
C ASP C 1115 81.24 1.14 11.65
N ASN C 1116 81.36 1.97 10.62
CA ASN C 1116 80.22 2.27 9.78
C ASN C 1116 79.76 1.06 8.99
N THR C 1117 80.68 0.17 8.62
CA THR C 1117 80.38 -0.92 7.72
C THR C 1117 80.68 -2.26 8.38
N PHE C 1118 79.95 -3.29 7.94
CA PHE C 1118 80.16 -4.66 8.37
C PHE C 1118 80.46 -5.52 7.15
N VAL C 1119 81.30 -6.52 7.32
CA VAL C 1119 81.77 -7.34 6.21
C VAL C 1119 80.89 -8.57 6.09
N SER C 1120 80.84 -9.13 4.88
CA SER C 1120 80.13 -10.39 4.65
C SER C 1120 80.69 -11.03 3.39
N GLY C 1121 81.46 -12.10 3.56
CA GLY C 1121 81.95 -12.84 2.41
C GLY C 1121 83.00 -12.07 1.61
N ASN C 1122 83.30 -12.61 0.45
CA ASN C 1122 84.28 -12.02 -0.45
C ASN C 1122 83.56 -11.06 -1.41
N CYS C 1123 84.27 -10.60 -2.43
CA CYS C 1123 83.76 -9.58 -3.35
C CYS C 1123 83.47 -10.14 -4.74
N ASP C 1124 83.22 -11.45 -4.85
CA ASP C 1124 82.91 -12.08 -6.11
C ASP C 1124 81.42 -12.35 -6.31
N VAL C 1125 80.56 -11.79 -5.45
CA VAL C 1125 79.14 -12.07 -5.45
C VAL C 1125 78.32 -10.81 -5.70
N VAL C 1126 78.66 -9.72 -5.01
CA VAL C 1126 77.87 -8.50 -5.12
C VAL C 1126 77.95 -7.94 -6.52
N ILE C 1127 76.86 -7.35 -6.98
CA ILE C 1127 76.77 -6.73 -8.29
C ILE C 1127 76.81 -5.22 -8.10
N GLY C 1128 77.77 -4.57 -8.74
CA GLY C 1128 77.96 -3.14 -8.58
C GLY C 1128 78.93 -2.75 -7.49
N ILE C 1129 79.63 -3.72 -6.88
CA ILE C 1129 80.57 -3.39 -5.83
C ILE C 1129 81.72 -2.56 -6.39
N VAL C 1130 82.30 -1.72 -5.54
CA VAL C 1130 83.36 -0.81 -5.95
C VAL C 1130 84.53 -0.95 -5.00
N ASN C 1131 85.72 -0.61 -5.50
CA ASN C 1131 86.94 -0.61 -4.69
C ASN C 1131 87.07 0.71 -3.95
N ASN C 1132 87.49 0.63 -2.70
CA ASN C 1132 87.70 1.83 -1.90
C ASN C 1132 88.37 1.43 -0.59
N THR C 1133 89.11 2.37 -0.03
CA THR C 1133 89.74 2.15 1.27
C THR C 1133 88.72 2.33 2.38
N VAL C 1134 88.71 1.40 3.32
CA VAL C 1134 87.85 1.46 4.49
C VAL C 1134 88.74 1.74 5.70
N TYR C 1135 88.57 2.91 6.30
CA TYR C 1135 89.45 3.35 7.37
C TYR C 1135 89.34 2.42 8.56
N ASP C 1136 90.43 2.33 9.33
CA ASP C 1136 90.48 1.53 10.54
C ASP C 1136 91.03 2.39 11.68
N PRO C 1137 90.22 2.80 12.65
CA PRO C 1137 90.74 3.67 13.71
C PRO C 1137 91.87 3.05 14.51
N LEU C 1138 91.88 1.73 14.66
CA LEU C 1138 92.87 1.10 15.55
C LEU C 1138 94.27 1.17 14.98
N GLN C 1139 94.42 1.25 13.66
CA GLN C 1139 95.74 1.25 13.05
C GLN C 1139 96.58 2.44 13.49
N PRO C 1140 96.12 3.69 13.33
CA PRO C 1140 96.94 4.82 13.80
C PRO C 1140 97.20 4.79 15.29
N GLU C 1141 96.22 4.32 16.08
CA GLU C 1141 96.42 4.25 17.52
C GLU C 1141 97.54 3.28 17.87
N LEU C 1142 97.57 2.13 17.20
CA LEU C 1142 98.66 1.19 17.42
C LEU C 1142 99.98 1.72 16.88
N ASP C 1143 99.93 2.55 15.83
CA ASP C 1143 101.15 3.13 15.30
C ASP C 1143 101.87 3.98 16.34
N SER C 1144 101.13 4.78 17.08
CA SER C 1144 101.71 5.63 18.11
C SER C 1144 101.61 4.96 19.48
N GLU D 1 -76.18 -13.33 -39.98
CA GLU D 1 -76.64 -12.94 -38.62
C GLU D 1 -75.60 -12.07 -37.93
N VAL D 2 -74.87 -11.29 -38.72
CA VAL D 2 -73.83 -10.42 -38.18
C VAL D 2 -74.45 -9.06 -37.87
N GLN D 3 -74.29 -8.61 -36.62
CA GLN D 3 -74.90 -7.36 -36.18
C GLN D 3 -73.94 -6.62 -35.25
N LEU D 4 -74.08 -5.30 -35.25
CA LEU D 4 -73.35 -4.42 -34.33
C LEU D 4 -74.38 -3.48 -33.71
N VAL D 5 -74.72 -3.72 -32.45
CA VAL D 5 -75.75 -2.97 -31.74
C VAL D 5 -75.06 -1.97 -30.83
N GLU D 6 -75.33 -0.69 -31.04
CA GLU D 6 -74.68 0.39 -30.31
C GLU D 6 -75.62 0.93 -29.23
N SER D 7 -75.00 1.46 -28.18
CA SER D 7 -75.74 1.99 -27.03
C SER D 7 -74.83 2.96 -26.29
N GLY D 8 -75.43 3.70 -25.37
CA GLY D 8 -74.70 4.64 -24.54
C GLY D 8 -74.80 6.09 -24.99
N GLY D 9 -75.51 6.38 -26.07
CA GLY D 9 -75.67 7.75 -26.49
C GLY D 9 -76.74 8.48 -25.68
N GLY D 10 -76.77 9.79 -25.85
CA GLY D 10 -77.72 10.61 -25.11
C GLY D 10 -77.13 11.98 -24.85
N LEU D 11 -77.66 12.63 -23.81
CA LEU D 11 -77.27 13.99 -23.47
C LEU D 11 -76.17 13.99 -22.42
N ILE D 12 -75.13 14.80 -22.67
CA ILE D 12 -74.03 14.94 -21.73
C ILE D 12 -73.67 16.41 -21.65
N GLN D 13 -73.46 16.90 -20.44
CA GLN D 13 -73.09 18.31 -20.27
C GLN D 13 -71.67 18.56 -20.76
N PRO D 14 -71.36 19.78 -21.16
CA PRO D 14 -69.98 20.08 -21.60
C PRO D 14 -68.98 19.76 -20.51
N GLY D 15 -67.85 19.19 -20.91
CA GLY D 15 -66.81 18.80 -19.98
C GLY D 15 -67.06 17.47 -19.29
N GLY D 16 -68.21 16.85 -19.50
CA GLY D 16 -68.51 15.58 -18.88
C GLY D 16 -67.92 14.41 -19.65
N SER D 17 -68.15 13.22 -19.12
CA SER D 17 -67.66 11.98 -19.70
C SER D 17 -68.84 11.10 -20.11
N LEU D 18 -68.55 10.14 -20.98
CA LEU D 18 -69.55 9.21 -21.48
C LEU D 18 -68.83 7.97 -21.99
N ARG D 19 -69.57 6.88 -22.15
CA ARG D 19 -69.02 5.65 -22.71
C ARG D 19 -70.02 5.07 -23.70
N LEU D 20 -69.58 4.90 -24.94
CA LEU D 20 -70.38 4.23 -25.96
C LEU D 20 -69.98 2.76 -26.04
N SER D 21 -71.00 1.89 -26.10
CA SER D 21 -70.80 0.45 -26.17
C SER D 21 -71.33 -0.07 -27.49
N CYS D 22 -70.70 -1.15 -27.98
CA CYS D 22 -71.01 -1.72 -29.29
C CYS D 22 -70.91 -3.24 -29.16
N ALA D 23 -72.05 -3.89 -28.96
CA ALA D 23 -72.08 -5.34 -28.89
C ALA D 23 -72.07 -5.94 -30.29
N ALA D 24 -71.20 -6.91 -30.50
CA ALA D 24 -71.01 -7.53 -31.81
C ALA D 24 -71.46 -8.98 -31.79
N SER D 25 -72.13 -9.37 -32.88
CA SER D 25 -72.56 -10.75 -33.07
C SER D 25 -72.18 -11.18 -34.48
N GLY D 26 -71.70 -12.41 -34.62
CA GLY D 26 -71.22 -12.92 -35.88
C GLY D 26 -69.74 -12.71 -36.12
N LEU D 27 -69.06 -11.96 -35.26
CA LEU D 27 -67.64 -11.71 -35.41
C LEU D 27 -67.03 -11.53 -34.02
N THR D 28 -65.71 -11.71 -33.94
CA THR D 28 -64.98 -11.60 -32.68
C THR D 28 -64.34 -10.21 -32.61
N VAL D 29 -64.75 -9.44 -31.59
CA VAL D 29 -64.22 -8.08 -31.43
C VAL D 29 -62.71 -8.13 -31.20
N SER D 30 -62.26 -9.03 -30.34
CA SER D 30 -60.84 -9.11 -29.99
C SER D 30 -59.97 -9.57 -31.15
N SER D 31 -60.55 -10.16 -32.19
CA SER D 31 -59.78 -10.68 -33.32
C SER D 31 -59.93 -9.85 -34.58
N ASN D 32 -60.53 -8.67 -34.51
CA ASN D 32 -60.78 -7.83 -35.68
C ASN D 32 -60.41 -6.39 -35.39
N TYR D 33 -60.07 -5.67 -36.46
CA TYR D 33 -59.94 -4.22 -36.38
C TYR D 33 -61.31 -3.62 -36.12
N MET D 34 -61.43 -2.82 -35.07
CA MET D 34 -62.70 -2.20 -34.69
C MET D 34 -62.52 -0.70 -34.63
N SER D 35 -63.30 0.02 -35.43
CA SER D 35 -63.16 1.45 -35.58
C SER D 35 -64.44 2.17 -35.15
N TRP D 36 -64.25 3.37 -34.61
CA TRP D 36 -65.33 4.30 -34.30
C TRP D 36 -65.24 5.48 -35.25
N VAL D 37 -66.36 5.77 -35.92
CA VAL D 37 -66.45 6.85 -36.90
C VAL D 37 -67.66 7.69 -36.55
N ARG D 38 -67.47 9.02 -36.48
CA ARG D 38 -68.53 9.92 -36.07
C ARG D 38 -68.93 10.82 -37.23
N GLN D 39 -70.20 11.21 -37.23
CA GLN D 39 -70.77 12.07 -38.25
C GLN D 39 -71.57 13.17 -37.55
N ALA D 40 -71.14 14.42 -37.72
CA ALA D 40 -71.85 15.52 -37.09
C ALA D 40 -73.18 15.75 -37.80
N PRO D 41 -74.16 16.36 -37.11
CA PRO D 41 -75.46 16.59 -37.76
C PRO D 41 -75.32 17.40 -39.03
N GLY D 42 -75.69 16.79 -40.15
CA GLY D 42 -75.67 17.47 -41.43
C GLY D 42 -74.30 17.56 -42.09
N LYS D 43 -73.29 16.90 -41.55
CA LYS D 43 -71.94 16.94 -42.11
C LYS D 43 -71.51 15.53 -42.50
N GLY D 44 -70.26 15.40 -42.94
CA GLY D 44 -69.74 14.16 -43.47
C GLY D 44 -69.22 13.22 -42.39
N LEU D 45 -68.62 12.13 -42.85
CA LEU D 45 -68.11 11.08 -41.97
C LEU D 45 -66.69 11.43 -41.54
N GLU D 46 -66.42 11.27 -40.24
CA GLU D 46 -65.09 11.50 -39.69
C GLU D 46 -64.69 10.29 -38.87
N TRP D 47 -63.56 9.68 -39.23
CA TRP D 47 -63.03 8.56 -38.45
C TRP D 47 -62.51 9.07 -37.12
N VAL D 48 -62.94 8.41 -36.04
CA VAL D 48 -62.62 8.82 -34.68
C VAL D 48 -61.43 8.02 -34.13
N SER D 49 -61.53 6.70 -34.15
CA SER D 49 -60.50 5.87 -33.53
C SER D 49 -60.55 4.47 -34.09
N VAL D 50 -59.54 3.67 -33.75
CA VAL D 50 -59.47 2.28 -34.14
C VAL D 50 -58.67 1.50 -33.12
N ILE D 51 -59.01 0.22 -32.96
CA ILE D 51 -58.27 -0.72 -32.13
C ILE D 51 -57.97 -1.95 -32.98
N TYR D 52 -56.71 -2.37 -32.97
CA TYR D 52 -56.30 -3.54 -33.72
C TYR D 52 -56.60 -4.81 -32.94
N SER D 53 -56.54 -5.95 -33.64
CA SER D 53 -56.73 -7.23 -32.96
C SER D 53 -55.64 -7.49 -31.93
N GLY D 54 -54.44 -6.97 -32.16
CA GLY D 54 -53.34 -7.15 -31.24
C GLY D 54 -53.38 -6.29 -30.00
N GLY D 55 -54.29 -5.32 -29.94
CA GLY D 55 -54.44 -4.46 -28.79
C GLY D 55 -54.01 -3.02 -29.03
N SER D 56 -53.23 -2.76 -30.08
CA SER D 56 -52.80 -1.39 -30.36
C SER D 56 -54.01 -0.52 -30.69
N THR D 57 -53.96 0.73 -30.26
CA THR D 57 -55.04 1.69 -30.47
C THR D 57 -54.50 2.94 -31.13
N PHE D 58 -55.34 3.55 -31.97
CA PHE D 58 -55.01 4.80 -32.64
C PHE D 58 -56.23 5.71 -32.60
N TYR D 59 -55.98 7.01 -32.55
CA TYR D 59 -57.05 8.00 -32.44
C TYR D 59 -56.78 9.15 -33.39
N ALA D 60 -57.86 9.76 -33.89
CA ALA D 60 -57.73 10.95 -34.71
C ALA D 60 -57.26 12.14 -33.88
N ASP D 61 -56.57 13.06 -34.53
CA ASP D 61 -56.02 14.21 -33.82
C ASP D 61 -57.11 15.02 -33.12
N SER D 62 -58.32 15.04 -33.69
CA SER D 62 -59.40 15.79 -33.08
C SER D 62 -59.85 15.21 -31.75
N VAL D 63 -59.46 13.97 -31.44
CA VAL D 63 -59.89 13.30 -30.22
C VAL D 63 -58.72 12.77 -29.40
N LYS D 64 -57.48 12.97 -29.83
CA LYS D 64 -56.34 12.49 -29.06
C LYS D 64 -56.30 13.16 -27.69
N GLY D 65 -56.07 12.35 -26.66
CA GLY D 65 -56.02 12.84 -25.30
C GLY D 65 -57.36 12.92 -24.61
N ARG D 66 -58.47 12.69 -25.32
CA ARG D 66 -59.80 12.75 -24.73
C ARG D 66 -60.60 11.46 -24.92
N PHE D 67 -60.36 10.73 -26.00
CA PHE D 67 -61.06 9.48 -26.28
C PHE D 67 -60.15 8.30 -26.00
N THR D 68 -60.76 7.18 -25.61
CA THR D 68 -60.02 5.95 -25.32
C THR D 68 -60.84 4.77 -25.82
N ILE D 69 -60.26 3.98 -26.72
CA ILE D 69 -60.95 2.80 -27.25
C ILE D 69 -60.49 1.56 -26.50
N SER D 70 -61.42 0.64 -26.28
CA SER D 70 -61.14 -0.58 -25.54
C SER D 70 -62.12 -1.65 -25.96
N ARG D 71 -61.96 -2.85 -25.41
CA ARG D 71 -62.83 -3.96 -25.75
C ARG D 71 -62.92 -4.92 -24.58
N ASP D 72 -63.97 -5.73 -24.59
CA ASP D 72 -64.18 -6.80 -23.62
C ASP D 72 -64.45 -8.07 -24.41
N ASN D 73 -63.48 -8.98 -24.43
CA ASN D 73 -63.62 -10.22 -25.18
C ASN D 73 -64.73 -11.10 -24.61
N SER D 74 -64.84 -11.17 -23.28
CA SER D 74 -65.87 -12.00 -22.66
C SER D 74 -67.26 -11.55 -23.09
N LYS D 75 -67.51 -10.24 -23.09
CA LYS D 75 -68.75 -9.69 -23.60
C LYS D 75 -68.71 -9.49 -25.11
N ASN D 76 -67.54 -9.62 -25.74
CA ASN D 76 -67.40 -9.39 -27.17
C ASN D 76 -67.92 -8.00 -27.55
N THR D 77 -67.60 -7.01 -26.74
CA THR D 77 -68.14 -5.66 -26.88
C THR D 77 -67.02 -4.64 -27.02
N LEU D 78 -67.18 -3.72 -27.97
CA LEU D 78 -66.27 -2.61 -28.14
C LEU D 78 -66.76 -1.42 -27.31
N TYR D 79 -65.80 -0.63 -26.80
CA TYR D 79 -66.11 0.49 -25.93
C TYR D 79 -65.31 1.71 -26.35
N LEU D 80 -65.94 2.87 -26.24
CA LEU D 80 -65.31 4.16 -26.52
C LEU D 80 -65.63 5.10 -25.37
N GLN D 81 -64.62 5.41 -24.56
CA GLN D 81 -64.78 6.34 -23.45
C GLN D 81 -64.39 7.74 -23.92
N MET D 82 -65.33 8.68 -23.84
CA MET D 82 -65.14 10.05 -24.28
C MET D 82 -65.12 10.95 -23.05
N ASN D 83 -64.11 11.80 -22.96
CA ASN D 83 -63.94 12.72 -21.84
C ASN D 83 -63.78 14.14 -22.34
N SER D 84 -64.11 15.10 -21.48
CA SER D 84 -64.03 16.52 -21.81
C SER D 84 -64.79 16.82 -23.10
N LEU D 85 -66.00 16.27 -23.19
CA LEU D 85 -66.80 16.44 -24.39
C LEU D 85 -67.21 17.90 -24.57
N GLY D 86 -67.14 18.38 -25.81
CA GLY D 86 -67.52 19.73 -26.14
C GLY D 86 -68.65 19.79 -27.15
N ALA D 87 -68.93 20.99 -27.67
CA ALA D 87 -70.01 21.14 -28.63
C ALA D 87 -69.72 20.37 -29.92
N GLU D 88 -68.48 20.41 -30.40
CA GLU D 88 -68.12 19.75 -31.64
C GLU D 88 -68.22 18.23 -31.55
N ASP D 89 -68.31 17.66 -30.35
CA ASP D 89 -68.42 16.23 -30.19
C ASP D 89 -69.85 15.71 -30.35
N THR D 90 -70.83 16.62 -30.46
CA THR D 90 -72.20 16.21 -30.71
C THR D 90 -72.30 15.60 -32.11
N ALA D 91 -72.66 14.33 -32.19
CA ALA D 91 -72.65 13.63 -33.47
C ALA D 91 -73.20 12.22 -33.29
N VAL D 92 -73.43 11.55 -34.41
CA VAL D 92 -73.81 10.14 -34.41
C VAL D 92 -72.54 9.31 -34.59
N TYR D 93 -72.31 8.39 -33.65
CA TYR D 93 -71.11 7.55 -33.64
C TYR D 93 -71.50 6.15 -34.08
N TYR D 94 -70.74 5.59 -35.02
CA TYR D 94 -70.92 4.24 -35.52
C TYR D 94 -69.68 3.41 -35.22
N CYS D 95 -69.89 2.14 -34.87
CA CYS D 95 -68.81 1.18 -34.75
C CYS D 95 -68.82 0.25 -35.95
N ALA D 96 -67.62 -0.04 -36.47
CA ALA D 96 -67.49 -0.83 -37.67
C ALA D 96 -66.28 -1.75 -37.54
N ARG D 97 -66.29 -2.82 -38.31
CA ARG D 97 -65.17 -3.75 -38.35
C ARG D 97 -64.27 -3.43 -39.54
N GLY D 98 -63.00 -3.14 -39.27
CA GLY D 98 -62.04 -2.75 -40.28
C GLY D 98 -61.54 -1.34 -40.07
N GLU D 99 -60.57 -0.97 -40.92
CA GLU D 99 -59.92 0.33 -40.83
C GLU D 99 -59.94 1.10 -42.14
N GLY D 100 -60.71 0.68 -43.13
CA GLY D 100 -60.77 1.40 -44.39
C GLY D 100 -59.52 1.28 -45.24
N SER D 101 -58.73 0.23 -45.04
CA SER D 101 -57.53 0.01 -45.82
C SER D 101 -57.72 -1.23 -46.69
N PRO D 102 -56.85 -1.48 -47.66
CA PRO D 102 -57.06 -2.64 -48.55
C PRO D 102 -57.21 -3.92 -47.76
N GLY D 103 -58.31 -4.64 -48.01
CA GLY D 103 -58.61 -5.85 -47.30
C GLY D 103 -59.06 -5.66 -45.87
N ASN D 104 -59.20 -4.41 -45.42
CA ASN D 104 -59.60 -4.13 -44.05
C ASN D 104 -60.62 -2.98 -44.02
N TRP D 105 -61.59 -3.03 -44.93
CA TRP D 105 -62.55 -1.94 -45.07
C TRP D 105 -63.60 -1.98 -43.97
N PHE D 106 -64.28 -0.85 -43.78
CA PHE D 106 -65.31 -0.73 -42.76
C PHE D 106 -66.53 -1.55 -43.19
N ASP D 107 -66.66 -2.75 -42.62
CA ASP D 107 -67.79 -3.62 -42.91
C ASP D 107 -67.91 -4.68 -41.82
N PRO D 108 -69.08 -4.84 -41.18
CA PRO D 108 -70.31 -4.07 -41.30
C PRO D 108 -70.33 -2.78 -40.47
N TRP D 109 -71.47 -2.10 -40.46
CA TRP D 109 -71.65 -0.88 -39.69
C TRP D 109 -72.83 -1.04 -38.75
N GLY D 110 -72.70 -0.47 -37.54
CA GLY D 110 -73.80 -0.43 -36.62
C GLY D 110 -74.77 0.68 -36.96
N GLN D 111 -75.97 0.60 -36.38
CA GLN D 111 -76.99 1.61 -36.66
C GLN D 111 -76.60 2.99 -36.16
N GLY D 112 -75.61 3.09 -35.28
CA GLY D 112 -75.16 4.36 -34.77
C GLY D 112 -75.92 4.79 -33.53
N THR D 113 -75.30 5.70 -32.78
CA THR D 113 -75.91 6.25 -31.58
C THR D 113 -75.58 7.74 -31.49
N LEU D 114 -76.59 8.54 -31.16
CA LEU D 114 -76.43 9.99 -31.14
C LEU D 114 -75.97 10.45 -29.76
N VAL D 115 -74.98 11.34 -29.74
CA VAL D 115 -74.48 11.97 -28.53
C VAL D 115 -74.64 13.47 -28.70
N THR D 116 -75.31 14.11 -27.75
CA THR D 116 -75.58 15.54 -27.77
C THR D 116 -74.91 16.17 -26.56
N VAL D 117 -74.05 17.17 -26.81
CA VAL D 117 -73.31 17.86 -25.77
C VAL D 117 -73.94 19.24 -25.61
N SER D 118 -74.75 19.41 -24.57
CA SER D 118 -75.39 20.69 -24.30
C SER D 118 -75.67 20.80 -22.81
N SER D 119 -75.87 22.03 -22.35
CA SER D 119 -76.15 22.30 -20.95
C SER D 119 -77.61 21.99 -20.61
N ASP E 1 -51.39 11.60 -46.12
CA ASP E 1 -51.42 13.07 -46.32
C ASP E 1 -51.90 13.43 -47.73
N VAL E 2 -52.92 12.71 -48.19
CA VAL E 2 -53.52 12.93 -49.51
C VAL E 2 -54.97 13.32 -49.29
N VAL E 3 -55.38 14.45 -49.88
CA VAL E 3 -56.71 14.99 -49.69
C VAL E 3 -57.59 14.55 -50.86
N MET E 4 -58.79 14.05 -50.55
CA MET E 4 -59.77 13.64 -51.53
C MET E 4 -60.89 14.65 -51.60
N THR E 5 -61.31 14.99 -52.82
CA THR E 5 -62.40 15.94 -53.05
C THR E 5 -63.44 15.28 -53.93
N GLN E 6 -64.70 15.35 -53.51
CA GLN E 6 -65.81 14.74 -54.24
C GLN E 6 -66.57 15.79 -55.02
N SER E 7 -67.11 15.38 -56.18
CA SER E 7 -67.88 16.27 -57.03
C SER E 7 -68.92 15.46 -57.78
N PRO E 8 -70.08 16.07 -58.12
CA PRO E 8 -70.50 17.40 -57.68
C PRO E 8 -71.06 17.37 -56.26
N GLY E 9 -71.32 18.55 -55.68
CA GLY E 9 -71.89 18.57 -54.34
C GLY E 9 -73.25 17.91 -54.29
N THR E 10 -74.11 18.22 -55.26
CA THR E 10 -75.41 17.58 -55.40
C THR E 10 -75.62 17.19 -56.85
N LEU E 11 -76.40 16.13 -57.07
CA LEU E 11 -76.69 15.63 -58.41
C LEU E 11 -78.17 15.34 -58.52
N SER E 12 -78.78 15.85 -59.59
CA SER E 12 -80.21 15.66 -59.86
C SER E 12 -80.36 15.00 -61.23
N LEU E 13 -80.76 13.74 -61.23
CA LEU E 13 -80.94 12.98 -62.46
C LEU E 13 -82.24 12.19 -62.38
N SER E 14 -82.94 12.09 -63.50
CA SER E 14 -84.19 11.35 -63.55
C SER E 14 -83.93 9.85 -63.44
N PRO E 15 -84.92 9.08 -63.01
CA PRO E 15 -84.73 7.62 -62.94
C PRO E 15 -84.38 7.04 -64.29
N GLY E 16 -83.51 6.03 -64.28
CA GLY E 16 -83.06 5.38 -65.49
C GLY E 16 -81.87 6.01 -66.15
N GLU E 17 -81.43 7.18 -65.69
CA GLU E 17 -80.27 7.86 -66.27
C GLU E 17 -78.98 7.31 -65.65
N ARG E 18 -77.86 7.79 -66.19
CA ARG E 18 -76.53 7.39 -65.75
C ARG E 18 -75.96 8.46 -64.84
N ALA E 19 -75.62 8.09 -63.62
CA ALA E 19 -75.11 9.02 -62.62
C ALA E 19 -73.61 8.81 -62.44
N THR E 20 -72.84 9.90 -62.50
CA THR E 20 -71.39 9.87 -62.39
C THR E 20 -70.96 10.72 -61.20
N LEU E 21 -70.19 10.14 -60.30
CA LEU E 21 -69.62 10.84 -59.16
C LEU E 21 -68.10 10.73 -59.23
N SER E 22 -67.41 11.86 -59.05
CA SER E 22 -65.97 11.92 -59.20
C SER E 22 -65.31 12.16 -57.85
N CYS E 23 -64.16 11.52 -57.66
CA CYS E 23 -63.35 11.64 -56.44
C CYS E 23 -61.92 11.89 -56.89
N ARG E 24 -61.43 13.11 -56.69
CA ARG E 24 -60.11 13.52 -57.16
C ARG E 24 -59.14 13.58 -55.99
N ALA E 25 -57.91 13.14 -56.24
CA ALA E 25 -56.86 13.13 -55.24
C ALA E 25 -55.73 14.08 -55.66
N SER E 26 -55.23 14.84 -54.70
CA SER E 26 -54.13 15.75 -54.98
C SER E 26 -52.88 14.99 -55.42
N GLN E 27 -52.73 13.74 -54.96
CA GLN E 27 -51.60 12.90 -55.30
C GLN E 27 -52.10 11.57 -55.86
N SER E 28 -51.24 10.90 -56.62
CA SER E 28 -51.59 9.62 -57.20
C SER E 28 -51.77 8.58 -56.09
N VAL E 29 -53.00 8.07 -55.95
CA VAL E 29 -53.31 7.09 -54.92
C VAL E 29 -53.55 5.74 -55.59
N PRO E 30 -53.02 4.64 -55.06
CA PRO E 30 -53.30 3.34 -55.67
C PRO E 30 -54.79 3.02 -55.66
N SER E 31 -55.23 2.31 -56.71
CA SER E 31 -56.65 2.00 -56.82
C SER E 31 -57.13 1.12 -55.68
N SER E 32 -56.26 0.22 -55.20
CA SER E 32 -56.64 -0.70 -54.13
C SER E 32 -56.94 0.01 -52.81
N TYR E 33 -56.53 1.26 -52.66
CA TYR E 33 -56.71 1.99 -51.42
C TYR E 33 -57.97 2.86 -51.38
N LEU E 34 -58.78 2.83 -52.44
CA LEU E 34 -59.98 3.65 -52.51
C LEU E 34 -61.23 2.78 -52.42
N ALA E 35 -62.26 3.32 -51.78
CA ALA E 35 -63.54 2.62 -51.62
C ALA E 35 -64.67 3.64 -51.68
N TRP E 36 -65.86 3.15 -52.01
CA TRP E 36 -67.06 3.95 -52.09
C TRP E 36 -68.11 3.39 -51.15
N TYR E 37 -68.68 4.26 -50.32
CA TYR E 37 -69.71 3.92 -49.34
C TYR E 37 -70.99 4.70 -49.65
N GLN E 38 -72.13 4.07 -49.38
CA GLN E 38 -73.44 4.68 -49.55
C GLN E 38 -74.11 4.85 -48.21
N GLN E 39 -74.78 5.98 -48.02
CA GLN E 39 -75.51 6.25 -46.77
C GLN E 39 -76.86 6.87 -47.14
N LYS E 40 -77.92 6.09 -46.98
CA LYS E 40 -79.26 6.60 -47.19
C LYS E 40 -79.71 7.38 -45.96
N PRO E 41 -80.70 8.26 -46.09
CA PRO E 41 -81.14 9.06 -44.94
C PRO E 41 -81.57 8.17 -43.78
N GLY E 42 -81.16 8.57 -42.57
CA GLY E 42 -81.53 7.83 -41.38
C GLY E 42 -80.95 6.43 -41.32
N GLN E 43 -79.87 6.17 -42.03
CA GLN E 43 -79.24 4.86 -42.06
C GLN E 43 -77.73 5.02 -41.95
N ALA E 44 -77.06 3.93 -41.50
CA ALA E 44 -75.61 3.95 -41.41
C ALA E 44 -74.98 3.74 -42.77
N PRO E 45 -73.76 4.22 -42.99
CA PRO E 45 -73.12 4.03 -44.29
C PRO E 45 -72.97 2.55 -44.63
N ARG E 46 -73.14 2.23 -45.90
CA ARG E 46 -73.00 0.87 -46.41
C ARG E 46 -71.89 0.83 -47.45
N LEU E 47 -71.01 -0.16 -47.33
CA LEU E 47 -69.93 -0.33 -48.29
C LEU E 47 -70.51 -0.70 -49.65
N LEU E 48 -70.21 0.12 -50.66
CA LEU E 48 -70.65 -0.15 -52.02
C LEU E 48 -69.55 -0.85 -52.81
N ILE E 49 -68.39 -0.21 -52.90
CA ILE E 49 -67.28 -0.71 -53.70
C ILE E 49 -66.00 -0.64 -52.86
N TYR E 50 -65.11 -1.60 -53.07
CA TYR E 50 -63.79 -1.57 -52.46
C TYR E 50 -62.75 -1.88 -53.53
N GLY E 51 -61.54 -1.34 -53.33
CA GLY E 51 -60.50 -1.46 -54.35
C GLY E 51 -60.76 -0.59 -55.56
N ALA E 52 -61.78 0.28 -55.47
CA ALA E 52 -62.12 1.24 -56.53
C ALA E 52 -62.77 0.57 -57.73
N SER E 53 -62.82 -0.77 -57.75
CA SER E 53 -63.51 -1.47 -58.82
C SER E 53 -64.31 -2.68 -58.35
N THR E 54 -64.10 -3.19 -57.14
CA THR E 54 -64.74 -4.43 -56.72
C THR E 54 -66.07 -4.11 -56.05
N ARG E 55 -67.13 -4.76 -56.52
CA ARG E 55 -68.46 -4.55 -55.98
C ARG E 55 -68.64 -5.34 -54.68
N ALA E 56 -69.12 -4.67 -53.65
CA ALA E 56 -69.32 -5.33 -52.36
C ALA E 56 -70.44 -6.36 -52.45
N THR E 57 -70.41 -7.31 -51.52
CA THR E 57 -71.40 -8.38 -51.51
C THR E 57 -72.80 -7.80 -51.32
N GLY E 58 -73.74 -8.30 -52.11
CA GLY E 58 -75.13 -7.88 -52.00
C GLY E 58 -75.44 -6.54 -52.64
N ILE E 59 -74.52 -5.98 -53.40
CA ILE E 59 -74.73 -4.68 -54.05
C ILE E 59 -75.25 -4.92 -55.46
N PRO E 60 -76.24 -4.16 -55.93
CA PRO E 60 -76.73 -4.35 -57.30
C PRO E 60 -75.63 -4.11 -58.33
N ASP E 61 -75.73 -4.83 -59.44
CA ASP E 61 -74.73 -4.74 -60.49
C ASP E 61 -74.67 -3.36 -61.14
N ARG E 62 -75.75 -2.57 -61.01
CA ARG E 62 -75.78 -1.26 -61.66
C ARG E 62 -74.75 -0.30 -61.07
N PHE E 63 -74.25 -0.58 -59.87
CA PHE E 63 -73.21 0.24 -59.25
C PHE E 63 -71.84 -0.28 -59.67
N SER E 64 -71.00 0.62 -60.18
CA SER E 64 -69.67 0.24 -60.64
C SER E 64 -68.68 1.32 -60.25
N GLY E 65 -67.42 0.92 -60.14
CA GLY E 65 -66.35 1.86 -59.83
C GLY E 65 -65.18 1.65 -60.76
N SER E 66 -64.50 2.75 -61.06
CA SER E 66 -63.35 2.70 -61.96
C SER E 66 -62.44 3.89 -61.65
N GLY E 67 -61.36 4.01 -62.41
CA GLY E 67 -60.43 5.10 -62.24
C GLY E 67 -59.18 4.70 -61.47
N SER E 68 -58.23 5.62 -61.41
CA SER E 68 -56.96 5.37 -60.75
C SER E 68 -56.25 6.71 -60.55
N GLY E 69 -55.03 6.63 -60.02
CA GLY E 69 -54.20 7.81 -59.87
C GLY E 69 -54.87 8.92 -59.08
N THR E 70 -55.20 10.02 -59.77
CA THR E 70 -55.79 11.19 -59.14
C THR E 70 -57.26 11.36 -59.47
N ASP E 71 -57.91 10.36 -60.07
CA ASP E 71 -59.31 10.50 -60.47
C ASP E 71 -59.97 9.13 -60.38
N PHE E 72 -61.05 9.05 -59.59
CA PHE E 72 -61.84 7.84 -59.47
C PHE E 72 -63.31 8.17 -59.73
N THR E 73 -64.04 7.22 -60.31
CA THR E 73 -65.41 7.44 -60.74
C THR E 73 -66.32 6.35 -60.21
N LEU E 74 -67.45 6.76 -59.64
CA LEU E 74 -68.53 5.87 -59.25
C LEU E 74 -69.69 6.09 -60.21
N THR E 75 -70.11 5.02 -60.87
CA THR E 75 -71.17 5.09 -61.88
C THR E 75 -72.38 4.29 -61.41
N ILE E 76 -73.54 4.92 -61.45
CA ILE E 76 -74.82 4.30 -61.15
C ILE E 76 -75.61 4.30 -62.45
N SER E 77 -75.64 3.14 -63.12
CA SER E 77 -76.45 3.00 -64.33
C SER E 77 -77.89 2.69 -63.96
N ARG E 78 -78.80 3.10 -64.84
CA ARG E 78 -80.24 2.87 -64.64
C ARG E 78 -80.65 3.30 -63.23
N LEU E 79 -80.48 4.60 -62.99
CA LEU E 79 -80.73 5.17 -61.68
C LEU E 79 -82.16 4.92 -61.25
N GLU E 80 -82.33 4.56 -59.97
CA GLU E 80 -83.64 4.24 -59.42
C GLU E 80 -83.96 5.17 -58.25
N PRO E 81 -85.24 5.35 -57.92
CA PRO E 81 -85.58 6.24 -56.79
C PRO E 81 -84.94 5.82 -55.48
N GLU E 82 -84.79 4.51 -55.25
CA GLU E 82 -84.20 4.03 -54.01
C GLU E 82 -82.72 4.37 -53.90
N ASP E 83 -82.08 4.82 -54.98
CA ASP E 83 -80.68 5.19 -54.95
C ASP E 83 -80.43 6.54 -54.30
N PHE E 84 -81.49 7.24 -53.88
CA PHE E 84 -81.35 8.52 -53.19
C PHE E 84 -80.54 8.33 -51.91
N ALA E 85 -79.33 8.88 -51.87
CA ALA E 85 -78.43 8.69 -50.74
C ALA E 85 -77.21 9.58 -50.95
N VAL E 86 -76.31 9.54 -49.97
CA VAL E 86 -75.04 10.26 -50.02
C VAL E 86 -73.91 9.26 -50.23
N TYR E 87 -73.06 9.53 -51.21
CA TYR E 87 -71.97 8.63 -51.57
C TYR E 87 -70.64 9.26 -51.20
N TYR E 88 -69.83 8.52 -50.45
CA TYR E 88 -68.54 8.99 -49.98
C TYR E 88 -67.41 8.13 -50.54
N CYS E 89 -66.32 8.78 -50.92
CA CYS E 89 -65.10 8.05 -51.27
C CYS E 89 -64.10 8.15 -50.11
N GLN E 90 -63.50 7.01 -49.79
CA GLN E 90 -62.65 6.89 -48.62
C GLN E 90 -61.36 6.18 -49.01
N HIS E 91 -60.27 6.56 -48.35
CA HIS E 91 -58.98 5.93 -48.62
C HIS E 91 -58.15 5.94 -47.35
N TYR E 92 -56.96 5.36 -47.45
CA TYR E 92 -56.06 5.22 -46.31
C TYR E 92 -54.63 5.47 -46.77
N ASP E 93 -54.00 6.50 -46.19
CA ASP E 93 -52.59 6.77 -46.44
C ASP E 93 -51.81 6.57 -45.14
N THR E 94 -52.24 7.27 -44.08
CA THR E 94 -51.76 7.04 -42.72
C THR E 94 -52.91 6.87 -41.74
N SER E 95 -54.11 7.30 -42.09
CA SER E 95 -55.31 7.10 -41.31
C SER E 95 -56.51 7.22 -42.25
N PRO E 96 -57.66 6.67 -41.88
CA PRO E 96 -58.82 6.73 -42.77
C PRO E 96 -59.18 8.17 -43.10
N ARG E 97 -59.38 8.44 -44.38
CA ARG E 97 -59.79 9.75 -44.87
C ARG E 97 -61.06 9.59 -45.69
N PHE E 98 -62.10 10.33 -45.33
CA PHE E 98 -63.37 10.31 -46.02
C PHE E 98 -63.54 11.58 -46.85
N GLY E 99 -64.24 11.45 -47.98
CA GLY E 99 -64.54 12.58 -48.81
C GLY E 99 -65.67 13.42 -48.26
N GLY E 100 -65.94 14.52 -48.96
CA GLY E 100 -67.00 15.43 -48.55
C GLY E 100 -68.40 14.94 -48.82
N GLY E 101 -68.54 13.84 -49.57
CA GLY E 101 -69.84 13.29 -49.88
C GLY E 101 -70.45 13.93 -51.12
N THR E 102 -71.41 13.21 -51.70
CA THR E 102 -72.12 13.67 -52.89
C THR E 102 -73.58 13.30 -52.76
N LYS E 103 -74.45 14.31 -52.77
CA LYS E 103 -75.89 14.09 -52.71
C LYS E 103 -76.41 13.74 -54.10
N VAL E 104 -77.21 12.69 -54.18
CA VAL E 104 -77.79 12.23 -55.44
C VAL E 104 -79.30 12.38 -55.33
N ASP E 105 -79.82 13.46 -55.89
CA ASP E 105 -81.26 13.70 -55.94
C ASP E 105 -81.84 13.08 -57.21
N ILE E 106 -83.14 12.77 -57.16
CA ILE E 106 -83.85 12.16 -58.27
C ILE E 106 -84.96 13.12 -58.68
N LYS E 107 -85.00 13.47 -59.97
CA LYS E 107 -86.00 14.38 -60.50
C LYS E 107 -87.31 13.65 -60.76
N GLU F 1 -86.21 -8.10 16.71
CA GLU F 1 -86.18 -7.09 15.62
C GLU F 1 -84.90 -7.21 14.80
N VAL F 2 -84.39 -8.44 14.69
CA VAL F 2 -83.16 -8.69 13.94
C VAL F 2 -83.52 -8.99 12.49
N GLN F 3 -82.92 -8.24 11.56
CA GLN F 3 -83.23 -8.38 10.15
C GLN F 3 -81.98 -8.23 9.32
N LEU F 4 -81.98 -8.88 8.16
CA LEU F 4 -80.93 -8.74 7.16
C LEU F 4 -81.61 -8.49 5.81
N VAL F 5 -81.54 -7.24 5.35
CA VAL F 5 -82.22 -6.82 4.13
C VAL F 5 -81.18 -6.75 3.02
N GLU F 6 -81.39 -7.54 1.97
CA GLU F 6 -80.45 -7.64 0.86
C GLU F 6 -80.93 -6.83 -0.33
N SER F 7 -79.96 -6.37 -1.13
CA SER F 7 -80.25 -5.54 -2.29
C SER F 7 -79.07 -5.63 -3.25
N GLY F 8 -79.28 -5.13 -4.46
CA GLY F 8 -78.25 -5.11 -5.48
C GLY F 8 -78.34 -6.20 -6.52
N GLY F 9 -79.35 -7.07 -6.43
CA GLY F 9 -79.52 -8.10 -7.43
C GLY F 9 -80.19 -7.57 -8.69
N GLY F 10 -80.15 -8.39 -9.72
CA GLY F 10 -80.75 -8.01 -10.99
C GLY F 10 -79.99 -8.65 -12.14
N LEU F 11 -80.07 -8.01 -13.30
CA LEU F 11 -79.47 -8.52 -14.52
C LEU F 11 -78.09 -7.91 -14.74
N ILE F 12 -77.13 -8.77 -15.06
CA ILE F 12 -75.76 -8.33 -15.35
C ILE F 12 -75.26 -9.11 -16.56
N GLN F 13 -74.59 -8.41 -17.47
CA GLN F 13 -74.07 -9.07 -18.66
C GLN F 13 -72.87 -9.95 -18.29
N PRO F 14 -72.58 -10.97 -19.10
CA PRO F 14 -71.40 -11.79 -18.83
C PRO F 14 -70.13 -10.95 -18.85
N GLY F 15 -69.23 -11.24 -17.91
CA GLY F 15 -67.99 -10.50 -17.77
C GLY F 15 -68.12 -9.19 -17.03
N GLY F 16 -69.34 -8.79 -16.65
CA GLY F 16 -69.53 -7.56 -15.93
C GLY F 16 -69.30 -7.71 -14.44
N SER F 17 -69.52 -6.61 -13.73
CA SER F 17 -69.35 -6.55 -12.28
C SER F 17 -70.67 -6.17 -11.62
N LEU F 18 -70.75 -6.43 -10.32
CA LEU F 18 -71.93 -6.13 -9.54
C LEU F 18 -71.54 -6.09 -8.07
N ARG F 19 -72.39 -5.47 -7.25
CA ARG F 19 -72.18 -5.42 -5.81
C ARG F 19 -73.49 -5.72 -5.10
N LEU F 20 -73.50 -6.75 -4.27
CA LEU F 20 -74.63 -7.05 -3.42
C LEU F 20 -74.42 -6.44 -2.03
N SER F 21 -75.48 -5.83 -1.52
CA SER F 21 -75.45 -5.17 -0.22
C SER F 21 -76.41 -5.86 0.73
N CYS F 22 -76.07 -5.85 2.02
CA CYS F 22 -76.83 -6.54 3.06
C CYS F 22 -76.83 -5.67 4.31
N ALA F 23 -77.91 -4.92 4.50
CA ALA F 23 -78.04 -4.10 5.69
C ALA F 23 -78.54 -4.94 6.86
N ALA F 24 -77.88 -4.80 8.01
CA ALA F 24 -78.18 -5.60 9.18
C ALA F 24 -78.74 -4.72 10.29
N SER F 25 -79.76 -5.26 10.98
CA SER F 25 -80.35 -4.59 12.13
C SER F 25 -80.48 -5.61 13.25
N GLY F 26 -80.17 -5.20 14.47
CA GLY F 26 -80.17 -6.09 15.62
C GLY F 26 -78.83 -6.74 15.90
N LEU F 27 -77.85 -6.58 15.02
CA LEU F 27 -76.53 -7.15 15.22
C LEU F 27 -75.51 -6.24 14.57
N THR F 28 -74.25 -6.39 15.00
CA THR F 28 -73.14 -5.58 14.49
C THR F 28 -72.40 -6.39 13.42
N VAL F 29 -72.38 -5.87 12.20
CA VAL F 29 -71.70 -6.56 11.10
C VAL F 29 -70.22 -6.70 11.40
N SER F 30 -69.59 -5.62 11.87
CA SER F 30 -68.15 -5.63 12.11
C SER F 30 -67.74 -6.54 13.26
N SER F 31 -68.68 -6.96 14.10
CA SER F 31 -68.37 -7.79 15.27
C SER F 31 -68.83 -9.22 15.13
N ASN F 32 -69.27 -9.64 13.94
CA ASN F 32 -69.79 -10.99 13.72
C ASN F 32 -69.21 -11.58 12.45
N TYR F 33 -69.16 -12.91 12.41
CA TYR F 33 -68.88 -13.63 11.19
C TYR F 33 -70.03 -13.42 10.22
N MET F 34 -69.73 -12.95 9.00
CA MET F 34 -70.75 -12.66 8.01
C MET F 34 -70.44 -13.45 6.75
N SER F 35 -71.36 -14.30 6.32
CA SER F 35 -71.14 -15.20 5.21
C SER F 35 -72.15 -14.92 4.10
N TRP F 36 -71.69 -15.14 2.86
CA TRP F 36 -72.53 -15.11 1.67
C TRP F 36 -72.64 -16.52 1.13
N VAL F 37 -73.88 -16.97 0.92
CA VAL F 37 -74.19 -18.31 0.44
C VAL F 37 -75.13 -18.19 -0.74
N ARG F 38 -74.81 -18.86 -1.85
CA ARG F 38 -75.60 -18.75 -3.07
C ARG F 38 -76.27 -20.08 -3.38
N GLN F 39 -77.42 -19.99 -4.03
CA GLN F 39 -78.21 -21.16 -4.41
C GLN F 39 -78.64 -20.97 -5.86
N ALA F 40 -78.18 -21.85 -6.75
CA ALA F 40 -78.54 -21.75 -8.14
C ALA F 40 -80.01 -22.13 -8.33
N PRO F 41 -80.65 -21.66 -9.41
CA PRO F 41 -82.07 -22.00 -9.62
C PRO F 41 -82.26 -23.52 -9.69
N GLY F 42 -83.03 -24.03 -8.73
CA GLY F 42 -83.36 -25.44 -8.70
C GLY F 42 -82.28 -26.34 -8.14
N LYS F 43 -81.20 -25.79 -7.60
CA LYS F 43 -80.10 -26.58 -7.04
C LYS F 43 -79.96 -26.27 -5.55
N GLY F 44 -78.93 -26.85 -4.93
CA GLY F 44 -78.73 -26.76 -3.51
C GLY F 44 -77.98 -25.51 -3.10
N LEU F 45 -77.67 -25.45 -1.80
CA LEU F 45 -76.99 -24.30 -1.21
C LEU F 45 -75.48 -24.47 -1.36
N GLU F 46 -74.82 -23.38 -1.73
CA GLU F 46 -73.36 -23.35 -1.88
C GLU F 46 -72.82 -22.14 -1.13
N TRP F 47 -71.95 -22.38 -0.16
CA TRP F 47 -71.32 -21.28 0.55
C TRP F 47 -70.34 -20.56 -0.37
N VAL F 48 -70.47 -19.23 -0.44
CA VAL F 48 -69.68 -18.41 -1.33
C VAL F 48 -68.46 -17.82 -0.62
N SER F 49 -68.68 -17.13 0.49
CA SER F 49 -67.57 -16.43 1.14
C SER F 49 -67.94 -16.15 2.59
N VAL F 50 -66.94 -15.69 3.35
CA VAL F 50 -67.14 -15.31 4.75
C VAL F 50 -66.11 -14.25 5.11
N ILE F 51 -66.50 -13.37 6.03
CA ILE F 51 -65.62 -12.37 6.62
C ILE F 51 -65.72 -12.50 8.14
N TYR F 52 -64.56 -12.58 8.79
CA TYR F 52 -64.52 -12.68 10.24
C TYR F 52 -64.69 -11.30 10.88
N SER F 53 -64.95 -11.31 12.19
CA SER F 53 -65.04 -10.05 12.93
C SER F 53 -63.71 -9.31 12.92
N GLY F 54 -62.59 -10.04 12.90
CA GLY F 54 -61.28 -9.43 12.89
C GLY F 54 -60.84 -8.87 11.55
N GLY F 55 -61.59 -9.13 10.49
CA GLY F 55 -61.29 -8.62 9.16
C GLY F 55 -60.84 -9.68 8.18
N SER F 56 -60.41 -10.85 8.65
CA SER F 56 -59.97 -11.90 7.75
C SER F 56 -61.13 -12.36 6.87
N THR F 57 -60.83 -12.61 5.59
CA THR F 57 -61.82 -13.03 4.62
C THR F 57 -61.42 -14.35 3.98
N PHE F 58 -62.42 -15.15 3.64
CA PHE F 58 -62.20 -16.42 2.96
C PHE F 58 -63.27 -16.59 1.88
N TYR F 59 -62.90 -17.28 0.81
CA TYR F 59 -63.78 -17.46 -0.34
C TYR F 59 -63.73 -18.91 -0.80
N ALA F 60 -64.85 -19.37 -1.36
CA ALA F 60 -64.89 -20.71 -1.95
C ALA F 60 -64.08 -20.74 -3.23
N ASP F 61 -63.54 -21.92 -3.55
CA ASP F 61 -62.70 -22.05 -4.73
C ASP F 61 -63.43 -21.65 -6.01
N SER F 62 -64.75 -21.86 -6.05
CA SER F 62 -65.52 -21.50 -7.23
C SER F 62 -65.57 -20.00 -7.47
N VAL F 63 -65.21 -19.18 -6.48
CA VAL F 63 -65.28 -17.73 -6.59
C VAL F 63 -63.97 -17.05 -6.23
N LYS F 64 -62.92 -17.79 -5.91
CA LYS F 64 -61.64 -17.17 -5.58
C LYS F 64 -61.11 -16.40 -6.79
N GLY F 65 -60.63 -15.18 -6.55
CA GLY F 65 -60.10 -14.34 -7.59
C GLY F 65 -61.14 -13.49 -8.30
N ARG F 66 -62.43 -13.69 -8.02
CA ARG F 66 -63.49 -12.93 -8.66
C ARG F 66 -64.42 -12.25 -7.68
N PHE F 67 -64.59 -12.79 -6.48
CA PHE F 67 -65.46 -12.21 -5.46
C PHE F 67 -64.62 -11.58 -4.36
N THR F 68 -65.18 -10.53 -3.74
CA THR F 68 -64.51 -9.81 -2.67
C THR F 68 -65.55 -9.42 -1.62
N ILE F 69 -65.36 -9.87 -0.39
CA ILE F 69 -66.28 -9.54 0.69
C ILE F 69 -65.73 -8.37 1.49
N SER F 70 -66.62 -7.49 1.95
CA SER F 70 -66.22 -6.31 2.70
C SER F 70 -67.39 -5.88 3.57
N ARG F 71 -67.16 -4.86 4.38
CA ARG F 71 -68.20 -4.36 5.27
C ARG F 71 -67.98 -2.87 5.53
N ASP F 72 -69.06 -2.23 5.97
CA ASP F 72 -69.04 -0.81 6.36
C ASP F 72 -69.67 -0.73 7.74
N ASN F 73 -68.84 -0.48 8.76
CA ASN F 73 -69.33 -0.41 10.13
C ASN F 73 -70.27 0.76 10.33
N SER F 74 -69.96 1.91 9.73
CA SER F 74 -70.80 3.09 9.91
C SER F 74 -72.22 2.83 9.39
N LYS F 75 -72.35 2.21 8.23
CA LYS F 75 -73.64 1.78 7.71
C LYS F 75 -74.04 0.41 8.20
N ASN F 76 -73.15 -0.30 8.90
CA ASN F 76 -73.45 -1.63 9.42
C ASN F 76 -73.93 -2.55 8.29
N THR F 77 -73.27 -2.46 7.14
CA THR F 77 -73.71 -3.14 5.93
C THR F 77 -72.61 -4.04 5.40
N LEU F 78 -72.97 -5.28 5.08
CA LEU F 78 -72.07 -6.21 4.42
C LEU F 78 -72.17 -6.03 2.91
N TYR F 79 -71.05 -6.26 2.21
CA TYR F 79 -70.97 -6.06 0.78
C TYR F 79 -70.22 -7.20 0.13
N LEU F 80 -70.67 -7.58 -1.06
CA LEU F 80 -70.03 -8.63 -1.86
C LEU F 80 -69.88 -8.11 -3.28
N GLN F 81 -68.64 -7.84 -3.68
CA GLN F 81 -68.34 -7.39 -5.04
C GLN F 81 -68.01 -8.60 -5.90
N MET F 82 -68.77 -8.79 -6.97
CA MET F 82 -68.60 -9.91 -7.89
C MET F 82 -68.11 -9.38 -9.23
N ASN F 83 -67.05 -9.98 -9.75
CA ASN F 83 -66.45 -9.56 -11.01
C ASN F 83 -66.33 -10.76 -11.95
N SER F 84 -66.28 -10.46 -13.24
CA SER F 84 -66.16 -11.49 -14.28
C SER F 84 -67.26 -12.55 -14.12
N LEU F 85 -68.48 -12.07 -13.90
CA LEU F 85 -69.60 -12.98 -13.67
C LEU F 85 -69.91 -13.78 -14.92
N GLY F 86 -70.20 -15.07 -14.73
CA GLY F 86 -70.54 -15.96 -15.82
C GLY F 86 -71.92 -16.55 -15.68
N ALA F 87 -72.24 -17.54 -16.52
CA ALA F 87 -73.56 -18.16 -16.46
C ALA F 87 -73.77 -18.89 -15.13
N GLU F 88 -72.73 -19.57 -14.63
CA GLU F 88 -72.86 -20.34 -13.41
C GLU F 88 -73.09 -19.47 -12.18
N ASP F 89 -72.85 -18.16 -12.28
CA ASP F 89 -73.04 -17.26 -11.15
C ASP F 89 -74.48 -16.80 -10.98
N THR F 90 -75.36 -17.13 -11.94
CA THR F 90 -76.78 -16.81 -11.80
C THR F 90 -77.37 -17.61 -10.65
N ALA F 91 -77.86 -16.93 -9.62
CA ALA F 91 -78.32 -17.62 -8.43
C ALA F 91 -78.91 -16.60 -7.45
N VAL F 92 -79.54 -17.12 -6.40
CA VAL F 92 -80.03 -16.29 -5.30
C VAL F 92 -78.97 -16.29 -4.20
N TYR F 93 -78.52 -15.10 -3.81
CA TYR F 93 -77.49 -14.93 -2.81
C TYR F 93 -78.12 -14.48 -1.50
N TYR F 94 -77.73 -15.12 -0.41
CA TYR F 94 -78.19 -14.78 0.93
C TYR F 94 -76.99 -14.40 1.80
N CYS F 95 -77.19 -13.41 2.66
CA CYS F 95 -76.23 -13.05 3.69
C CYS F 95 -76.71 -13.57 5.04
N ALA F 96 -75.77 -14.10 5.81
CA ALA F 96 -76.11 -14.72 7.08
C ALA F 96 -75.01 -14.41 8.09
N ARG F 97 -75.37 -14.49 9.36
CA ARG F 97 -74.40 -14.30 10.43
C ARG F 97 -73.91 -15.65 10.94
N GLY F 98 -72.61 -15.86 10.90
CA GLY F 98 -72.00 -17.12 11.28
C GLY F 98 -71.32 -17.79 10.10
N GLU F 99 -70.65 -18.92 10.41
CA GLU F 99 -69.90 -19.67 9.42
C GLU F 99 -70.27 -21.15 9.38
N GLY F 100 -71.36 -21.56 10.02
CA GLY F 100 -71.76 -22.94 10.00
C GLY F 100 -70.88 -23.86 10.81
N SER F 101 -70.17 -23.33 11.81
CA SER F 101 -69.31 -24.13 12.66
C SER F 101 -69.88 -24.15 14.07
N PRO F 102 -69.39 -25.04 14.95
CA PRO F 102 -69.98 -25.12 16.29
C PRO F 102 -69.98 -23.76 16.98
N GLY F 103 -71.18 -23.35 17.42
CA GLY F 103 -71.35 -22.06 18.05
C GLY F 103 -71.28 -20.88 17.12
N ASN F 104 -71.13 -21.12 15.82
CA ASN F 104 -71.05 -20.04 14.84
C ASN F 104 -71.88 -20.38 13.60
N TRP F 105 -73.09 -20.90 13.82
CA TRP F 105 -73.93 -21.37 12.73
C TRP F 105 -74.56 -20.19 11.99
N PHE F 106 -75.02 -20.46 10.77
CA PHE F 106 -75.66 -19.44 9.95
C PHE F 106 -77.01 -19.09 10.55
N ASP F 107 -77.07 -17.97 11.25
CA ASP F 107 -78.32 -17.49 11.84
C ASP F 107 -78.18 -16.02 12.20
N PRO F 108 -79.08 -15.14 11.74
CA PRO F 108 -80.23 -15.36 10.85
C PRO F 108 -79.87 -15.32 9.37
N TRP F 109 -80.87 -15.42 8.51
CA TRP F 109 -80.70 -15.38 7.07
C TRP F 109 -81.53 -14.25 6.47
N GLY F 110 -80.95 -13.56 5.48
CA GLY F 110 -81.70 -12.57 4.74
C GLY F 110 -82.63 -13.21 3.72
N GLN F 111 -83.57 -12.42 3.22
CA GLN F 111 -84.53 -12.93 2.26
C GLN F 111 -83.89 -13.34 0.94
N GLY F 112 -82.67 -12.90 0.67
CA GLY F 112 -81.96 -13.25 -0.54
C GLY F 112 -82.23 -12.29 -1.67
N THR F 113 -81.34 -12.30 -2.66
CA THR F 113 -81.49 -11.47 -3.85
C THR F 113 -81.01 -12.25 -5.06
N LEU F 114 -81.77 -12.16 -6.14
CA LEU F 114 -81.49 -12.94 -7.35
C LEU F 114 -80.57 -12.15 -8.27
N VAL F 115 -79.54 -12.83 -8.79
CA VAL F 115 -78.63 -12.27 -9.78
C VAL F 115 -78.70 -13.16 -11.02
N THR F 116 -78.99 -12.55 -12.17
CA THR F 116 -79.11 -13.25 -13.43
C THR F 116 -78.04 -12.75 -14.38
N VAL F 117 -77.22 -13.67 -14.89
CA VAL F 117 -76.12 -13.33 -15.78
C VAL F 117 -76.54 -13.78 -17.18
N SER F 118 -76.91 -12.81 -18.02
CA SER F 118 -77.30 -13.10 -19.40
C SER F 118 -77.05 -11.87 -20.24
N SER F 119 -76.97 -12.08 -21.56
CA SER F 119 -76.73 -10.99 -22.50
C SER F 119 -78.01 -10.21 -22.76
N ASP G 1 -62.47 -31.86 4.37
CA ASP G 1 -62.47 -32.77 3.19
C ASP G 1 -63.33 -34.00 3.44
N VAL G 2 -64.51 -33.78 4.03
CA VAL G 2 -65.47 -34.84 4.31
C VAL G 2 -66.74 -34.53 3.53
N VAL G 3 -67.19 -35.51 2.75
CA VAL G 3 -68.35 -35.34 1.88
C VAL G 3 -69.59 -35.88 2.59
N MET G 4 -70.65 -35.08 2.58
CA MET G 4 -71.94 -35.47 3.17
C MET G 4 -72.92 -35.80 2.06
N THR G 5 -73.69 -36.87 2.26
CA THR G 5 -74.71 -37.30 1.31
C THR G 5 -76.03 -37.44 2.02
N GLN G 6 -77.08 -36.85 1.46
CA GLN G 6 -78.41 -36.88 2.05
C GLN G 6 -79.29 -37.91 1.35
N SER G 7 -80.22 -38.48 2.11
CA SER G 7 -81.13 -39.48 1.57
C SER G 7 -82.44 -39.44 2.35
N PRO G 8 -83.58 -39.77 1.71
CA PRO G 8 -83.71 -40.00 0.27
C PRO G 8 -83.78 -38.68 -0.50
N GLY G 9 -83.73 -38.75 -1.84
CA GLY G 9 -83.84 -37.53 -2.62
C GLY G 9 -85.17 -36.84 -2.41
N THR G 10 -86.26 -37.60 -2.43
CA THR G 10 -87.59 -37.09 -2.15
C THR G 10 -88.30 -38.04 -1.19
N LEU G 11 -89.18 -37.48 -0.37
CA LEU G 11 -89.92 -38.26 0.62
C LEU G 11 -91.39 -37.86 0.56
N SER G 12 -92.27 -38.86 0.48
CA SER G 12 -93.71 -38.66 0.42
C SER G 12 -94.35 -39.40 1.58
N LEU G 13 -94.84 -38.65 2.57
CA LEU G 13 -95.48 -39.22 3.75
C LEU G 13 -96.75 -38.44 4.06
N SER G 14 -97.79 -39.16 4.50
CA SER G 14 -99.04 -38.52 4.85
C SER G 14 -98.88 -37.72 6.14
N PRO G 15 -99.76 -36.72 6.35
CA PRO G 15 -99.68 -35.95 7.60
C PRO G 15 -99.84 -36.84 8.82
N GLY G 16 -99.11 -36.51 9.88
CA GLY G 16 -99.14 -37.27 11.10
C GLY G 16 -98.16 -38.42 11.16
N GLU G 17 -97.50 -38.75 10.06
CA GLU G 17 -96.54 -39.84 10.05
C GLU G 17 -95.17 -39.36 10.53
N ARG G 18 -94.24 -40.30 10.65
CA ARG G 18 -92.88 -40.03 11.11
C ARG G 18 -91.96 -39.98 9.90
N ALA G 19 -91.27 -38.86 9.73
CA ALA G 19 -90.38 -38.64 8.59
C ALA G 19 -88.93 -38.72 9.04
N THR G 20 -88.14 -39.52 8.33
CA THR G 20 -86.73 -39.75 8.66
C THR G 20 -85.88 -39.32 7.48
N LEU G 21 -84.92 -38.44 7.74
CA LEU G 21 -83.94 -38.01 6.75
C LEU G 21 -82.55 -38.36 7.24
N SER G 22 -81.74 -38.96 6.36
CA SER G 22 -80.42 -39.45 6.74
C SER G 22 -79.34 -38.61 6.05
N CYS G 23 -78.25 -38.38 6.79
CA CYS G 23 -77.09 -37.63 6.31
C CYS G 23 -75.86 -38.46 6.66
N ARG G 24 -75.23 -39.04 5.65
CA ARG G 24 -74.10 -39.95 5.82
C ARG G 24 -72.81 -39.25 5.46
N ALA G 25 -71.77 -39.52 6.25
CA ALA G 25 -70.45 -38.93 6.05
C ALA G 25 -69.44 -40.03 5.71
N SER G 26 -68.58 -39.76 4.73
CA SER G 26 -67.55 -40.72 4.37
C SER G 26 -66.59 -40.97 5.52
N GLN G 27 -66.41 -39.98 6.39
CA GLN G 27 -65.53 -40.08 7.54
C GLN G 27 -66.31 -39.73 8.81
N SER G 28 -65.81 -40.20 9.94
CA SER G 28 -66.45 -39.92 11.23
C SER G 28 -66.36 -38.44 11.53
N VAL G 29 -67.52 -37.79 11.64
CA VAL G 29 -67.58 -36.36 11.92
C VAL G 29 -68.14 -36.15 13.32
N PRO G 30 -67.57 -35.24 14.12
CA PRO G 30 -68.15 -35.00 15.45
C PRO G 30 -69.58 -34.50 15.35
N SER G 31 -70.39 -34.87 16.33
CA SER G 31 -71.80 -34.48 16.32
C SER G 31 -71.95 -32.96 16.42
N SER G 32 -71.07 -32.31 17.17
CA SER G 32 -71.17 -30.86 17.36
C SER G 32 -70.96 -30.08 16.07
N TYR G 33 -70.41 -30.69 15.03
CA TYR G 33 -70.10 -30.00 13.78
C TYR G 33 -71.18 -30.14 12.73
N LEU G 34 -72.29 -30.79 13.04
CA LEU G 34 -73.37 -31.01 12.08
C LEU G 34 -74.61 -30.19 12.47
N ALA G 35 -75.32 -29.71 11.46
CA ALA G 35 -76.53 -28.93 11.67
C ALA G 35 -77.52 -29.24 10.55
N TRP G 36 -78.80 -28.99 10.84
CA TRP G 36 -79.88 -29.19 9.90
C TRP G 36 -80.63 -27.88 9.69
N TYR G 37 -80.83 -27.53 8.42
CA TYR G 37 -81.51 -26.30 8.01
C TYR G 37 -82.74 -26.66 7.18
N GLN G 38 -83.79 -25.85 7.30
CA GLN G 38 -85.02 -26.01 6.54
C GLN G 38 -85.20 -24.83 5.60
N GLN G 39 -85.67 -25.11 4.38
CA GLN G 39 -85.92 -24.07 3.40
C GLN G 39 -87.26 -24.36 2.72
N LYS G 40 -88.28 -23.59 3.05
CA LYS G 40 -89.56 -23.71 2.39
C LYS G 40 -89.52 -22.99 1.04
N PRO G 41 -90.42 -23.33 0.12
CA PRO G 41 -90.39 -22.70 -1.20
C PRO G 41 -90.50 -21.17 -1.10
N GLY G 42 -89.71 -20.49 -1.91
CA GLY G 42 -89.75 -19.03 -1.91
C GLY G 42 -89.32 -18.38 -0.62
N GLN G 43 -88.54 -19.08 0.20
CA GLN G 43 -88.08 -18.56 1.47
C GLN G 43 -86.60 -18.91 1.66
N ALA G 44 -85.93 -18.13 2.53
CA ALA G 44 -84.54 -18.39 2.83
C ALA G 44 -84.40 -19.55 3.80
N PRO G 45 -83.28 -20.28 3.78
CA PRO G 45 -83.12 -21.40 4.71
C PRO G 45 -83.20 -20.93 6.16
N ARG G 46 -83.81 -21.78 6.99
CA ARG G 46 -83.96 -21.52 8.41
C ARG G 46 -83.25 -22.61 9.20
N LEU G 47 -82.49 -22.20 10.21
CA LEU G 47 -81.79 -23.16 11.06
C LEU G 47 -82.80 -23.96 11.86
N LEU G 48 -82.76 -25.29 11.73
CA LEU G 48 -83.63 -26.16 12.50
C LEU G 48 -82.90 -26.70 13.72
N ILE G 49 -81.78 -27.38 13.51
CA ILE G 49 -81.03 -28.03 14.57
C ILE G 49 -79.56 -27.69 14.42
N TYR G 50 -78.87 -27.55 15.56
CA TYR G 50 -77.43 -27.37 15.57
C TYR G 50 -76.82 -28.33 16.59
N GLY G 51 -75.58 -28.73 16.34
CA GLY G 51 -74.93 -29.74 17.15
C GLY G 51 -75.48 -31.13 16.92
N ALA G 52 -76.35 -31.28 15.91
CA ALA G 52 -76.91 -32.56 15.50
C ALA G 52 -77.96 -33.06 16.49
N SER G 53 -78.14 -32.38 17.61
CA SER G 53 -79.20 -32.73 18.56
C SER G 53 -79.91 -31.53 19.18
N THR G 54 -79.37 -30.32 19.10
CA THR G 54 -79.95 -29.18 19.78
C THR G 54 -80.95 -28.47 18.88
N ARG G 55 -82.17 -28.31 19.39
CA ARG G 55 -83.23 -27.66 18.63
C ARG G 55 -83.03 -26.15 18.66
N ALA G 56 -83.11 -25.53 17.49
CA ALA G 56 -82.94 -24.09 17.39
C ALA G 56 -84.12 -23.36 18.03
N THR G 57 -83.88 -22.10 18.41
CA THR G 57 -84.90 -21.30 19.08
C THR G 57 -86.11 -21.12 18.17
N GLY G 58 -87.30 -21.30 18.74
CA GLY G 58 -88.53 -21.10 17.99
C GLY G 58 -88.91 -22.23 17.07
N ILE G 59 -88.25 -23.37 17.17
CA ILE G 59 -88.54 -24.53 16.32
C ILE G 59 -89.50 -25.45 17.06
N PRO G 60 -90.51 -26.01 16.40
CA PRO G 60 -91.42 -26.93 17.09
C PRO G 60 -90.70 -28.15 17.64
N ASP G 61 -91.22 -28.67 18.75
CA ASP G 61 -90.60 -29.82 19.40
C ASP G 61 -90.64 -31.07 18.54
N ARG G 62 -91.54 -31.14 17.55
CA ARG G 62 -91.66 -32.34 16.74
C ARG G 62 -90.41 -32.60 15.91
N PHE G 63 -89.57 -31.59 15.68
CA PHE G 63 -88.33 -31.75 14.94
C PHE G 63 -87.22 -32.15 15.92
N SER G 64 -86.51 -33.22 15.59
CA SER G 64 -85.44 -33.71 16.45
C SER G 64 -84.28 -34.18 15.59
N GLY G 65 -83.09 -34.17 16.18
CA GLY G 65 -81.90 -34.65 15.49
C GLY G 65 -81.10 -35.57 16.38
N SER G 66 -80.47 -36.56 15.76
CA SER G 66 -79.68 -37.54 16.49
C SER G 66 -78.62 -38.10 15.55
N GLY G 67 -77.83 -39.04 16.07
CA GLY G 67 -76.80 -39.68 15.28
C GLY G 67 -75.41 -39.12 15.58
N SER G 68 -74.42 -39.77 15.00
CA SER G 68 -73.03 -39.39 15.21
C SER G 68 -72.17 -40.08 14.14
N GLY G 69 -70.86 -39.89 14.24
CA GLY G 69 -69.93 -40.57 13.38
C GLY G 69 -70.20 -40.35 11.91
N THR G 70 -70.63 -41.41 11.22
CA THR G 70 -70.88 -41.36 9.79
C THR G 70 -72.36 -41.40 9.44
N ASP G 71 -73.25 -41.20 10.41
CA ASP G 71 -74.68 -41.28 10.15
C ASP G 71 -75.41 -40.34 11.11
N PHE G 72 -76.18 -39.41 10.55
CA PHE G 72 -77.00 -38.49 11.33
C PHE G 72 -78.43 -38.55 10.82
N THR G 73 -79.39 -38.37 11.71
CA THR G 73 -80.80 -38.52 11.39
C THR G 73 -81.58 -37.31 11.85
N LEU G 74 -82.41 -36.78 10.96
CA LEU G 74 -83.39 -35.75 11.28
C LEU G 74 -84.77 -36.38 11.26
N THR G 75 -85.49 -36.27 12.37
CA THR G 75 -86.79 -36.89 12.55
C THR G 75 -87.86 -35.81 12.71
N ILE G 76 -88.91 -35.92 11.90
CA ILE G 76 -90.08 -35.04 11.99
C ILE G 76 -91.24 -35.92 12.41
N SER G 77 -91.59 -35.86 13.69
CA SER G 77 -92.75 -36.60 14.18
C SER G 77 -94.03 -35.80 13.93
N ARG G 78 -95.13 -36.53 13.78
CA ARG G 78 -96.44 -35.91 13.53
C ARG G 78 -96.35 -34.89 12.40
N LEU G 79 -95.98 -35.40 11.23
CA LEU G 79 -95.76 -34.57 10.06
C LEU G 79 -96.99 -33.75 9.73
N GLU G 80 -96.79 -32.48 9.40
CA GLU G 80 -97.87 -31.56 9.09
C GLU G 80 -97.71 -31.01 7.68
N PRO G 81 -98.80 -30.54 7.06
CA PRO G 81 -98.67 -29.98 5.70
C PRO G 81 -97.69 -28.84 5.60
N GLU G 82 -97.58 -28.01 6.64
CA GLU G 82 -96.66 -26.88 6.61
C GLU G 82 -95.20 -27.30 6.63
N ASP G 83 -94.92 -28.57 6.90
CA ASP G 83 -93.54 -29.06 6.93
C ASP G 83 -92.97 -29.27 5.52
N PHE G 84 -93.76 -29.06 4.48
CA PHE G 84 -93.28 -29.18 3.11
C PHE G 84 -92.13 -28.22 2.86
N ALA G 85 -90.93 -28.75 2.67
CA ALA G 85 -89.74 -27.93 2.51
C ALA G 85 -88.57 -28.84 2.14
N VAL G 86 -87.41 -28.21 1.93
CA VAL G 86 -86.18 -28.93 1.65
C VAL G 86 -85.27 -28.84 2.86
N TYR G 87 -84.75 -29.98 3.30
CA TYR G 87 -83.93 -30.06 4.51
C TYR G 87 -82.49 -30.39 4.12
N TYR G 88 -81.55 -29.58 4.59
CA TYR G 88 -80.14 -29.72 4.27
C TYR G 88 -79.34 -30.00 5.54
N CYS G 89 -78.38 -30.91 5.44
CA CYS G 89 -77.41 -31.09 6.51
C CYS G 89 -76.08 -30.43 6.13
N GLN G 90 -75.53 -29.70 7.09
CA GLN G 90 -74.36 -28.87 6.85
C GLN G 90 -73.33 -29.13 7.94
N HIS G 91 -72.05 -29.03 7.58
CA HIS G 91 -70.98 -29.22 8.54
C HIS G 91 -69.79 -28.36 8.13
N TYR G 92 -68.74 -28.44 8.95
CA TYR G 92 -67.55 -27.63 8.76
C TYR G 92 -66.31 -28.46 9.11
N ASP G 93 -65.45 -28.66 8.12
CA ASP G 93 -64.16 -29.32 8.35
C ASP G 93 -63.03 -28.33 8.09
N THR G 94 -63.03 -27.73 6.90
CA THR G 94 -62.17 -26.60 6.58
C THR G 94 -62.95 -25.43 5.98
N SER G 95 -64.16 -25.68 5.50
CA SER G 95 -65.06 -24.65 5.00
C SER G 95 -66.48 -25.21 5.06
N PRO G 96 -67.49 -24.34 5.07
CA PRO G 96 -68.88 -24.84 5.16
C PRO G 96 -69.18 -25.79 4.00
N ARG G 97 -69.77 -26.93 4.34
CA ARG G 97 -70.20 -27.92 3.36
C ARG G 97 -71.67 -28.23 3.57
N PHE G 98 -72.46 -28.07 2.51
CA PHE G 98 -73.89 -28.34 2.54
C PHE G 98 -74.20 -29.63 1.81
N GLY G 99 -75.23 -30.33 2.27
CA GLY G 99 -75.68 -31.54 1.63
C GLY G 99 -76.49 -31.26 0.38
N GLY G 100 -76.88 -32.35 -0.29
CA GLY G 100 -77.67 -32.24 -1.51
C GLY G 100 -79.13 -31.88 -1.29
N GLY G 101 -79.59 -31.90 -0.05
CA GLY G 101 -80.96 -31.59 0.26
C GLY G 101 -81.87 -32.80 0.16
N THR G 102 -83.03 -32.69 0.81
CA THR G 102 -84.03 -33.75 0.81
C THR G 102 -85.41 -33.12 0.72
N LYS G 103 -86.13 -33.45 -0.36
CA LYS G 103 -87.48 -32.94 -0.54
C LYS G 103 -88.46 -33.79 0.27
N VAL G 104 -89.34 -33.13 1.02
CA VAL G 104 -90.32 -33.80 1.86
C VAL G 104 -91.70 -33.44 1.32
N ASP G 105 -92.27 -34.34 0.53
CA ASP G 105 -93.61 -34.18 0.01
C ASP G 105 -94.64 -34.76 0.98
N ILE G 106 -95.87 -34.25 0.90
CA ILE G 106 -96.96 -34.69 1.76
C ILE G 106 -98.05 -35.26 0.87
N LYS G 107 -98.47 -36.49 1.17
CA LYS G 107 -99.49 -37.17 0.39
C LYS G 107 -100.88 -36.70 0.82
C1 NAG H . 67.29 -21.65 -1.50
C2 NAG H . 68.51 -22.45 -1.92
C3 NAG H . 68.76 -22.30 -3.43
C4 NAG H . 67.50 -22.64 -4.20
C5 NAG H . 66.31 -21.83 -3.68
C6 NAG H . 65.01 -22.21 -4.33
C7 NAG H . 70.07 -22.66 -0.04
C8 NAG H . 71.30 -22.11 0.60
N2 NAG H . 69.68 -22.05 -1.17
O3 NAG H . 69.82 -23.14 -3.82
O4 NAG H . 67.69 -22.37 -5.59
O5 NAG H . 66.16 -22.04 -2.28
O6 NAG H . 63.91 -21.53 -3.72
O7 NAG H . 69.44 -23.59 0.43
C1 NAG H . 67.45 -23.57 -6.33
C2 NAG H . 67.15 -23.19 -7.79
C3 NAG H . 66.95 -24.44 -8.63
C4 NAG H . 68.14 -25.40 -8.48
C5 NAG H . 68.40 -25.67 -7.00
C6 NAG H . 69.64 -26.50 -6.77
C7 NAG H . 66.05 -21.08 -8.35
C8 NAG H . 64.75 -20.32 -8.35
N2 NAG H . 65.99 -22.32 -7.86
O3 NAG H . 66.79 -24.08 -9.99
O4 NAG H . 67.87 -26.61 -9.15
O5 NAG H . 68.59 -24.45 -6.29
O6 NAG H . 70.81 -25.70 -6.79
O7 NAG H . 67.09 -20.59 -8.76
C1 NAG I . 60.49 -10.02 -18.92
C2 NAG I . 61.68 -10.17 -19.89
C3 NAG I . 61.17 -10.14 -21.33
C4 NAG I . 60.09 -11.20 -21.53
C5 NAG I . 58.98 -11.01 -20.51
C6 NAG I . 57.93 -12.10 -20.57
C7 NAG I . 63.97 -9.33 -19.78
C8 NAG I . 64.84 -8.13 -19.53
N2 NAG I . 62.65 -9.12 -19.67
O3 NAG I . 62.27 -10.38 -22.21
O4 NAG I . 59.56 -11.11 -22.85
O5 NAG I . 59.53 -11.05 -19.18
O6 NAG I . 57.74 -12.71 -19.30
O7 NAG I . 64.44 -10.43 -20.07
C1 NAG I . 59.88 -12.32 -23.55
C2 NAG I . 58.82 -12.54 -24.64
C3 NAG I . 59.15 -13.80 -25.44
C4 NAG I . 60.59 -13.71 -25.98
C5 NAG I . 61.56 -13.43 -24.84
C6 NAG I . 62.98 -13.22 -25.32
C7 NAG I . 56.76 -11.59 -23.69
C8 NAG I . 55.41 -11.88 -23.12
N2 NAG I . 57.49 -12.65 -24.07
O3 NAG I . 58.24 -13.92 -26.53
O4 NAG I . 60.93 -14.93 -26.61
O5 NAG I . 61.18 -12.24 -24.14
O6 NAG I . 63.87 -13.05 -24.23
O7 NAG I . 57.19 -10.45 -23.81
C1 NAG J . 79.45 -26.85 13.74
C2 NAG J . 80.02 -28.20 13.32
C3 NAG J . 81.53 -28.21 13.44
C4 NAG J . 82.12 -27.04 12.66
C5 NAG J . 81.47 -25.73 13.08
C6 NAG J . 81.92 -24.55 12.25
C7 NAG J . 78.33 -29.93 13.78
C8 NAG J . 77.88 -31.01 14.71
N2 NAG J . 79.45 -29.28 14.12
O3 NAG J . 82.05 -29.43 12.94
O4 NAG J . 83.52 -26.95 12.89
O5 NAG J . 80.05 -25.82 12.94
O6 NAG J . 81.50 -24.69 10.90
O7 NAG J . 77.72 -29.67 12.74
C1 NAG J . 84.21 -26.98 11.62
C2 NAG J . 85.71 -26.97 11.88
C3 NAG J . 86.48 -27.06 10.57
C4 NAG J . 86.02 -28.26 9.76
C5 NAG J . 84.51 -28.24 9.58
C6 NAG J . 83.97 -29.47 8.90
C7 NAG J . 86.05 -25.70 13.95
C8 NAG J . 86.49 -24.39 14.54
N2 NAG J . 86.10 -25.77 12.62
O3 NAG J . 87.87 -27.15 10.83
O4 NAG J . 86.64 -28.26 8.48
O5 NAG J . 83.87 -28.16 10.87
O6 NAG J . 82.55 -29.45 8.83
O7 NAG J . 85.67 -26.64 14.65
C1 NAG K . 80.28 -22.32 33.71
C2 NAG K . 79.65 -23.51 34.44
C3 NAG K . 79.62 -23.25 35.94
C4 NAG K . 81.03 -22.91 36.44
C5 NAG K . 81.61 -21.75 35.63
C6 NAG K . 83.04 -21.44 35.99
C7 NAG K . 78.03 -24.71 33.03
C8 NAG K . 76.59 -24.85 32.64
N2 NAG K . 78.30 -23.77 33.94
O3 NAG K . 79.14 -24.41 36.61
O4 NAG K . 80.98 -22.54 37.81
O5 NAG K . 81.59 -22.08 34.22
O6 NAG K . 83.86 -21.38 34.83
O7 NAG K . 78.91 -25.43 32.56
C1 NAG K . 81.42 -23.66 38.59
C2 NAG K . 82.32 -23.14 39.72
C3 NAG K . 82.76 -24.29 40.63
C4 NAG K . 81.55 -25.08 41.12
C5 NAG K . 80.69 -25.52 39.93
C6 NAG K . 79.41 -26.21 40.36
C7 NAG K . 83.74 -21.16 39.48
C8 NAG K . 84.97 -20.59 38.85
N2 NAG K . 83.47 -22.44 39.19
O3 NAG K . 83.49 -23.78 41.73
O4 NAG K . 81.98 -26.23 41.84
O5 NAG K . 80.31 -24.37 39.16
O6 NAG K . 78.39 -25.26 40.63
O7 NAG K . 83.02 -20.50 40.22
C1 NAG L . 59.17 -3.57 40.76
C2 NAG L . 60.09 -3.88 41.93
C3 NAG L . 59.79 -5.28 42.47
C4 NAG L . 58.31 -5.42 42.79
C5 NAG L . 57.46 -5.01 41.60
C6 NAG L . 55.97 -4.99 41.90
C7 NAG L . 62.16 -2.64 41.57
C8 NAG L . 63.59 -2.72 41.11
N2 NAG L . 61.49 -3.78 41.53
O3 NAG L . 60.57 -5.51 43.64
O4 NAG L . 58.02 -6.78 43.12
O5 NAG L . 57.81 -3.68 41.18
O6 NAG L . 55.20 -4.79 40.73
O7 NAG L . 61.66 -1.58 41.93
C1 NAG L . 57.47 -6.84 44.45
C2 NAG L . 56.85 -8.23 44.65
C3 NAG L . 56.31 -8.37 46.05
C4 NAG L . 57.39 -8.03 47.08
C5 NAG L . 57.98 -6.66 46.79
C6 NAG L . 59.15 -6.32 47.68
C7 NAG L . 55.99 -9.31 42.62
C8 NAG L . 54.80 -9.46 41.71
N2 NAG L . 55.82 -8.49 43.66
O3 NAG L . 55.85 -9.70 46.25
O4 NAG L . 56.83 -8.02 48.40
O5 NAG L . 58.47 -6.62 45.43
O6 NAG L . 60.29 -5.94 46.92
O7 NAG L . 57.05 -9.89 42.42
C1 NAG M . 48.77 -22.22 36.90
C2 NAG M . 49.58 -23.18 37.77
C3 NAG M . 48.68 -24.28 38.31
C4 NAG M . 47.49 -23.68 39.05
C5 NAG M . 46.76 -22.69 38.13
C6 NAG M . 45.64 -21.96 38.84
C7 NAG M . 51.96 -23.44 37.22
C8 NAG M . 52.97 -24.12 36.35
N2 NAG M . 50.67 -23.75 37.00
O3 NAG M . 49.42 -25.10 39.20
O4 NAG M . 46.58 -24.70 39.44
O5 NAG M . 47.68 -21.69 37.68
O6 NAG M . 45.61 -20.59 38.48
O7 NAG M . 52.29 -22.65 38.10
C1 NAG M . 46.65 -24.86 40.86
C2 NAG M . 45.29 -25.32 41.37
C3 NAG M . 45.33 -25.55 42.88
C4 NAG M . 46.47 -26.50 43.24
C5 NAG M . 47.78 -25.99 42.65
C6 NAG M . 48.92 -26.95 42.87
C7 NAG M . 43.38 -24.53 40.03
C8 NAG M . 42.38 -23.44 39.83
N2 NAG M . 44.25 -24.35 41.04
O3 NAG M . 44.08 -26.09 43.32
O4 NAG M . 46.59 -26.61 44.65
O5 NAG M . 47.65 -25.81 41.24
O6 NAG M . 49.32 -26.99 44.24
O7 NAG M . 43.41 -25.53 39.33
C1 NAG N . 75.56 8.71 41.66
C2 NAG N . 75.70 8.69 43.17
C3 NAG N . 77.15 8.49 43.56
C4 NAG N . 77.73 7.25 42.88
C5 NAG N . 77.48 7.30 41.38
C6 NAG N . 77.90 6.04 40.67
C7 NAG N . 73.87 10.18 43.86
C8 NAG N . 73.51 11.49 44.50
N2 NAG N . 75.18 9.91 43.75
O3 NAG N . 77.25 8.35 44.98
O4 NAG N . 79.12 7.16 43.13
O5 NAG N . 76.09 7.50 41.11
O6 NAG N . 76.83 5.10 40.63
O7 NAG N . 73.02 9.39 43.46
C1 NAG N . 79.36 6.12 44.10
C2 NAG N . 80.82 5.68 44.00
C3 NAG N . 81.12 4.62 45.04
C4 NAG N . 80.73 5.11 46.44
C5 NAG N . 79.29 5.58 46.44
C6 NAG N . 78.87 6.20 47.76
C7 NAG N . 81.85 5.89 41.79
C8 NAG N . 82.08 5.24 40.46
N2 NAG N . 81.12 5.20 42.66
O3 NAG N . 82.52 4.31 45.00
O4 NAG N . 80.90 4.07 47.39
O5 NAG N . 79.09 6.58 45.44
O6 NAG N . 78.65 5.20 48.75
O7 NAG N . 82.31 7.00 42.05
C1 NAG O . 83.45 23.04 29.01
C2 NAG O . 82.81 24.34 29.52
C3 NAG O . 83.27 25.52 28.68
C4 NAG O . 84.79 25.58 28.61
C5 NAG O . 85.34 24.24 28.12
C6 NAG O . 86.84 24.18 28.14
C7 NAG O . 80.64 24.29 30.65
C8 NAG O . 79.15 24.17 30.48
N2 NAG O . 81.36 24.23 29.54
O3 NAG O . 82.76 26.72 29.25
O4 NAG O . 85.20 26.61 27.73
O5 NAG O . 84.87 23.18 28.98
O6 NAG O . 87.32 23.24 29.09
O7 NAG O . 81.15 24.43 31.76
C1 NAG O . 85.92 27.61 28.49
C2 NAG O . 86.92 28.29 27.55
C3 NAG O . 87.66 29.39 28.31
C4 NAG O . 86.67 30.35 28.97
C5 NAG O . 85.68 29.58 29.83
C6 NAG O . 84.61 30.46 30.42
C7 NAG O . 87.55 26.55 25.95
C8 NAG O . 88.64 25.62 25.50
N2 NAG O . 87.85 27.34 26.99
O3 NAG O . 88.50 30.11 27.40
O4 NAG O . 87.37 31.30 29.77
O5 NAG O . 85.03 28.58 29.05
O6 NAG O . 83.53 30.62 29.52
O7 NAG O . 86.45 26.58 25.41
C1 NAG P . 68.01 24.82 4.61
C2 NAG P . 69.26 25.69 4.55
C3 NAG P . 69.08 26.94 5.40
C4 NAG P . 67.80 27.67 5.00
C5 NAG P . 66.62 26.71 5.09
C6 NAG P . 65.32 27.32 4.62
C7 NAG P . 71.19 24.24 4.13
C8 NAG P . 72.37 23.54 4.74
N2 NAG P . 70.44 24.96 4.97
O3 NAG P . 70.19 27.81 5.23
O4 NAG P . 67.57 28.77 5.88
O5 NAG P . 66.87 25.58 4.24
O6 NAG P . 64.29 26.35 4.53
O7 NAG P . 70.93 24.15 2.93
C1 NAG P . 67.54 29.97 5.08
C2 NAG P . 66.74 31.03 5.84
C3 NAG P . 66.71 32.34 5.06
C4 NAG P . 68.13 32.77 4.73
C5 NAG P . 68.88 31.65 4.02
C6 NAG P . 70.34 31.98 3.77
C7 NAG P . 64.97 30.16 7.31
C8 NAG P . 63.55 29.71 7.41
N2 NAG P . 65.38 30.57 6.11
O3 NAG P . 66.06 33.34 5.82
O4 NAG P . 68.11 33.92 3.88
O5 NAG P . 68.86 30.46 4.83
O6 NAG P . 71.15 31.56 4.86
O7 NAG P . 65.73 30.15 8.29
C1 NAG Q . 54.63 33.12 19.78
C2 NAG Q . 55.52 34.12 20.51
C3 NAG Q . 54.70 35.31 21.00
C4 NAG Q . 53.91 35.93 19.85
C5 NAG Q . 53.08 34.85 19.16
C6 NAG Q . 52.36 35.36 17.93
C7 NAG Q . 57.52 33.70 21.88
C8 NAG Q . 58.07 32.97 23.06
N2 NAG Q . 56.22 33.50 21.62
O3 NAG Q . 55.55 36.28 21.57
O4 NAG Q . 53.06 36.95 20.33
O5 NAG Q . 53.93 33.78 18.72
O6 NAG Q . 52.91 34.81 16.74
O7 NAG Q . 58.20 34.45 21.19
C1 NAG Q . 53.49 38.19 19.73
C2 NAG Q . 52.29 39.13 19.61
C3 NAG Q . 52.72 40.48 19.03
C4 NAG Q . 53.87 41.06 19.86
C5 NAG Q . 55.00 40.05 19.99
C6 NAG Q . 56.11 40.51 20.90
C7 NAG Q . 50.33 37.69 19.26
C8 NAG Q . 49.34 37.17 18.27
N2 NAG Q . 51.25 38.54 18.78
O3 NAG Q . 51.62 41.37 19.03
O4 NAG Q . 54.36 42.24 19.24
O5 NAG Q . 54.50 38.82 20.54
O6 NAG Q . 56.87 39.42 21.39
O7 NAG Q . 50.30 37.35 20.44
C1 NAG R . 84.71 15.39 -2.57
C2 NAG R . 85.30 16.65 -3.21
C3 NAG R . 86.78 16.80 -2.83
C4 NAG R . 86.94 16.75 -1.31
C5 NAG R . 86.29 15.47 -0.76
C6 NAG R . 86.32 15.41 0.74
C7 NAG R . 84.02 16.97 -5.26
C8 NAG R . 84.04 16.90 -6.76
N2 NAG R . 85.15 16.64 -4.65
O3 NAG R . 87.28 18.03 -3.32
O4 NAG R . 88.32 16.76 -0.96
O5 NAG R . 84.92 15.42 -1.15
O6 NAG R . 85.39 16.31 1.31
O7 NAG R . 83.02 17.33 -4.65
C1 NAG R . 88.58 17.94 -0.18
C2 NAG R . 90.07 17.95 0.19
C3 NAG R . 90.41 19.21 0.97
C4 NAG R . 89.96 20.45 0.20
C5 NAG R . 88.49 20.34 -0.16
C6 NAG R . 88.01 21.49 -1.02
C7 NAG R . 90.87 15.64 0.38
C8 NAG R . 91.20 14.52 1.31
N2 NAG R . 90.43 16.77 0.94
O3 NAG R . 91.81 19.27 1.21
O4 NAG R . 90.16 21.61 1.00
O5 NAG R . 88.25 19.13 -0.90
O6 NAG R . 86.70 21.24 -1.53
O7 NAG R . 91.00 15.54 -0.84
C1 NAG S . 89.39 -3.91 -7.38
C2 NAG S . 89.13 -4.13 -8.86
C3 NAG S . 89.47 -5.55 -9.27
C4 NAG S . 90.90 -5.89 -8.85
C5 NAG S . 91.09 -5.61 -7.37
C6 NAG S . 92.52 -5.80 -6.90
C7 NAG S . 87.40 -2.83 -10.02
C8 NAG S . 85.93 -2.66 -10.25
N2 NAG S . 87.74 -3.82 -9.20
O3 NAG S . 89.33 -5.69 -10.67
O4 NAG S . 91.18 -7.26 -9.11
O5 NAG S . 90.76 -4.24 -7.08
O6 NAG S . 93.05 -4.62 -6.33
O7 NAG S . 88.23 -2.11 -10.57
C1 NAG S . 92.05 -7.34 -10.25
C2 NAG S . 93.02 -8.51 -10.04
C3 NAG S . 93.92 -8.66 -11.26
C4 NAG S . 93.10 -8.78 -12.54
C5 NAG S . 92.13 -7.60 -12.64
C6 NAG S . 91.18 -7.72 -13.82
C7 NAG S . 93.69 -9.10 -7.76
C8 NAG S . 94.59 -8.77 -6.61
N2 NAG S . 93.81 -8.31 -8.84
O3 NAG S . 94.74 -9.81 -11.11
O4 NAG S . 93.94 -8.78 -13.67
O5 NAG S . 91.31 -7.53 -11.46
O6 NAG S . 89.98 -8.38 -13.45
O7 NAG S . 92.90 -10.04 -7.72
C1 NAG T . 2.42 -44.75 -16.08
C2 NAG T . 3.78 -45.15 -15.52
C3 NAG T . 3.89 -46.66 -15.45
C4 NAG T . 2.71 -47.25 -14.66
C5 NAG T . 1.40 -46.76 -15.26
C6 NAG T . 0.19 -47.21 -14.47
C7 NAG T . 5.97 -44.07 -15.78
C8 NAG T . 6.98 -43.55 -16.75
N2 NAG T . 4.86 -44.59 -16.32
O3 NAG T . 5.12 -47.02 -14.82
O4 NAG T . 2.76 -48.67 -14.71
O5 NAG T . 1.38 -45.33 -15.29
O6 NAG T . -0.71 -46.14 -14.26
O7 NAG T . 6.14 -44.03 -14.57
C1 NAG U . 19.63 -17.49 -37.82
C2 NAG U . 20.60 -18.66 -37.79
C3 NAG U . 21.65 -18.51 -38.89
C4 NAG U . 20.98 -18.32 -40.25
C5 NAG U . 19.99 -17.16 -40.18
C6 NAG U . 19.20 -16.98 -41.46
C7 NAG U . 20.71 -19.43 -35.46
C8 NAG U . 21.51 -19.44 -34.20
N2 NAG U . 21.25 -18.76 -36.49
O3 NAG U . 22.47 -19.67 -38.92
O4 NAG U . 21.95 -18.06 -41.24
O5 NAG U . 19.04 -17.38 -39.13
O6 NAG U . 17.86 -17.43 -41.31
O7 NAG U . 19.63 -20.00 -35.56
C1 NAG V . -19.02 -33.99 28.61
C2 NAG V . -19.68 -35.32 28.96
C3 NAG V . -19.35 -35.72 30.39
C4 NAG V . -17.84 -35.72 30.61
C5 NAG V . -17.26 -34.38 30.21
C6 NAG V . -15.76 -34.34 30.28
C7 NAG V . -21.73 -35.66 27.64
C8 NAG V . -23.22 -35.52 27.61
N2 NAG V . -21.12 -35.25 28.77
O3 NAG V . -19.89 -37.02 30.65
O4 NAG V . -17.55 -35.97 31.98
O5 NAG V . -17.61 -34.08 28.84
O6 NAG V . -15.24 -35.51 30.90
O7 NAG V . -21.10 -36.12 26.69
C1 NAG W . 34.28 -27.98 -16.32
C2 NAG W . 34.64 -27.16 -17.56
C3 NAG W . 36.07 -27.47 -18.00
C4 NAG W . 37.04 -27.28 -16.84
C5 NAG W . 36.58 -28.09 -15.63
C6 NAG W . 37.41 -27.83 -14.39
C7 NAG W . 32.90 -26.47 -19.14
C8 NAG W . 32.00 -26.90 -20.25
N2 NAG W . 33.71 -27.41 -18.64
O3 NAG W . 36.43 -26.62 -19.07
O4 NAG W . 38.34 -27.70 -17.21
O5 NAG W . 35.23 -27.73 -15.29
O6 NAG W . 36.62 -27.78 -13.22
O7 NAG W . 32.89 -25.33 -18.70
C1 NAG X . 14.05 -36.37 15.86
C2 NAG X . 15.03 -35.87 16.94
C3 NAG X . 15.52 -37.05 17.78
C4 NAG X . 14.34 -37.82 18.36
C5 NAG X . 13.39 -38.23 17.23
C6 NAG X . 12.13 -38.89 17.74
C7 NAG X . 16.69 -34.07 16.84
C8 NAG X . 17.84 -33.48 16.09
N2 NAG X . 16.15 -35.18 16.33
O3 NAG X . 16.34 -36.56 18.83
O4 NAG X . 14.80 -38.98 19.04
O5 NAG X . 12.97 -37.08 16.49
O6 NAG X . 11.04 -37.98 17.78
O7 NAG X . 16.25 -33.56 17.88
C1 NAG Y . 31.98 -43.71 11.97
C2 NAG Y . 31.13 -44.89 11.52
C3 NAG Y . 30.15 -45.29 12.62
C4 NAG Y . 30.89 -45.53 13.93
C5 NAG Y . 31.77 -44.33 14.27
C6 NAG Y . 32.63 -44.56 15.49
C7 NAG Y . 30.67 -45.18 9.12
C8 NAG Y . 29.84 -44.74 7.95
N2 NAG Y . 30.41 -44.58 10.29
O3 NAG Y . 29.44 -46.45 12.24
O4 NAG Y . 29.97 -45.75 14.98
O5 NAG Y . 32.65 -44.04 13.19
O6 NAG Y . 33.94 -44.05 15.30
O7 NAG Y . 31.53 -46.05 9.02
C1 NAG Z . 64.52 -27.19 30.14
C2 NAG Z . 65.64 -26.74 31.09
C3 NAG Z . 66.32 -27.94 31.72
C4 NAG Z . 65.29 -28.85 32.39
C5 NAG Z . 64.21 -29.22 31.40
C6 NAG Z . 63.09 -30.03 32.02
C7 NAG Z . 66.40 -24.65 30.04
C8 NAG Z . 67.51 -23.96 29.31
N2 NAG Z . 66.62 -25.92 30.38
O3 NAG Z . 67.27 -27.49 32.69
O4 NAG Z . 65.92 -30.03 32.88
O5 NAG Z . 63.60 -28.03 30.86
O6 NAG Z . 61.88 -29.89 31.27
O7 NAG Z . 65.36 -24.07 30.32
C1 NAG AA . 63.37 -30.49 15.41
C2 NAG AA . 62.83 -30.81 14.02
C3 NAG AA . 61.48 -31.52 14.12
C4 NAG AA . 61.58 -32.74 15.03
C5 NAG AA . 62.16 -32.33 16.38
C6 NAG AA . 62.40 -33.51 17.30
C7 NAG AA . 62.71 -29.63 11.87
C8 NAG AA . 62.57 -28.30 11.20
N2 NAG AA . 62.70 -29.61 13.21
O3 NAG AA . 61.05 -31.91 12.82
O4 NAG AA . 60.30 -33.33 15.22
O5 NAG AA . 63.42 -31.68 16.20
O6 NAG AA . 61.23 -34.30 17.45
O7 NAG AA . 62.84 -30.67 11.24
C1 NAG BA . -31.20 -23.91 -32.62
C2 NAG BA . -31.79 -24.98 -31.71
C3 NAG BA . -33.30 -24.80 -31.60
C4 NAG BA . -33.65 -23.38 -31.17
C5 NAG BA . -32.97 -22.38 -32.11
C6 NAG BA . -33.16 -20.95 -31.68
C7 NAG BA . -31.58 -27.42 -31.44
C8 NAG BA . -31.20 -28.70 -32.10
N2 NAG BA . -31.46 -26.32 -32.19
O3 NAG BA . -33.83 -25.73 -30.66
O4 NAG BA . -35.06 -23.19 -31.22
O5 NAG BA . -31.55 -22.61 -32.13
O6 NAG BA . -31.98 -20.41 -31.08
O7 NAG BA . -31.98 -27.37 -30.28
C1 NAG CA . -39.61 -38.65 25.46
C2 NAG CA . -38.30 -38.48 24.69
C3 NAG CA . -37.97 -39.75 23.91
C4 NAG CA . -37.98 -40.95 24.84
C5 NAG CA . -39.29 -41.03 25.61
C6 NAG CA . -39.31 -42.14 26.65
C7 NAG CA . -37.63 -36.24 23.98
C8 NAG CA . -37.82 -35.14 22.97
N2 NAG CA . -38.37 -37.34 23.81
O3 NAG CA . -36.70 -39.60 23.30
O4 NAG CA . -37.80 -42.15 24.09
O5 NAG CA . -39.52 -39.80 26.32
O6 NAG CA . -40.08 -41.78 27.78
O7 NAG CA . -36.83 -36.13 24.90
C1 NAG DA . -8.31 11.15 50.76
C2 NAG DA . -6.94 11.80 50.83
C3 NAG DA . -6.83 12.65 52.10
C4 NAG DA . -7.98 13.65 52.18
C5 NAG DA . -9.32 12.92 52.05
C6 NAG DA . -10.49 13.85 52.00
C7 NAG DA . -4.69 11.03 50.25
C8 NAG DA . -3.71 9.89 50.29
N2 NAG DA . -5.89 10.81 50.80
O3 NAG DA . -5.58 13.35 52.10
O4 NAG DA . -7.94 14.34 53.42
O5 NAG DA . -9.34 12.15 50.83
O6 NAG DA . -11.30 13.61 50.85
O7 NAG DA . -4.40 12.11 49.74
C1 NAG EA . 4.60 -24.46 41.36
C2 NAG EA . 5.54 -24.27 42.55
C3 NAG EA . 6.10 -25.63 42.99
C4 NAG EA . 4.97 -26.60 43.26
C5 NAG EA . 4.04 -26.69 42.06
C6 NAG EA . 2.83 -27.55 42.30
C7 NAG EA . 7.08 -22.44 43.05
C8 NAG EA . 8.20 -21.58 42.54
N2 NAG EA . 6.63 -23.36 42.21
O3 NAG EA . 6.89 -25.45 44.17
O4 NAG EA . 5.50 -27.90 43.53
O5 NAG EA . 3.56 -25.38 41.72
O6 NAG EA . 3.13 -28.62 43.19
O7 NAG EA . 6.62 -22.29 44.18
C1 NAG FA . 22.88 -4.83 44.90
C2 NAG FA . 23.01 -6.35 44.76
C3 NAG FA . 23.98 -6.89 45.80
C4 NAG FA . 25.32 -6.15 45.70
C5 NAG FA . 25.10 -4.65 45.79
C6 NAG FA . 26.37 -3.85 45.57
C7 NAG FA . 21.19 -7.79 43.96
C8 NAG FA . 19.85 -8.38 44.26
N2 NAG FA . 21.71 -6.99 44.90
O3 NAG FA . 24.18 -8.28 45.57
O4 NAG FA . 26.17 -6.57 46.76
O5 NAG FA . 24.18 -4.23 44.78
O6 NAG FA . 26.25 -2.99 44.44
O7 NAG FA . 21.80 -8.05 42.91
C1 NAG GA . 13.58 30.91 32.13
C2 NAG GA . 14.89 31.29 31.45
C3 NAG GA . 15.54 32.46 32.18
C4 NAG GA . 14.57 33.63 32.30
C5 NAG GA . 13.26 33.15 32.95
C6 NAG GA . 12.20 34.22 32.99
C7 NAG GA . 16.83 30.09 30.55
C8 NAG GA . 17.66 28.85 30.61
N2 NAG GA . 15.79 30.16 31.39
O3 NAG GA . 16.70 32.88 31.47
O4 NAG GA . 15.13 34.66 33.10
O5 NAG GA . 12.72 32.05 32.20
O6 NAG GA . 11.27 34.06 31.94
O7 NAG GA . 17.08 31.00 29.75
C1 NAG HA . 28.47 27.18 45.56
C2 NAG HA . 27.20 27.11 46.39
C3 NAG HA . 26.45 28.43 46.29
C4 NAG HA . 27.36 29.60 46.68
C5 NAG HA . 28.64 29.56 45.85
C6 NAG HA . 29.64 30.60 46.26
C7 NAG HA . 26.41 24.79 46.48
C8 NAG HA . 25.46 23.78 45.91
N2 NAG HA . 26.35 26.01 45.94
O3 NAG HA . 25.31 28.38 47.17
O4 NAG HA . 26.69 30.82 46.46
O5 NAG HA . 29.28 28.29 45.99
O6 NAG HA . 30.51 30.94 45.19
O7 NAG HA . 27.18 24.51 47.39
C1 NAG IA . 66.49 26.40 31.04
C2 NAG IA . 67.68 26.98 30.28
C3 NAG IA . 68.51 27.84 31.22
C4 NAG IA . 67.65 28.89 31.90
C5 NAG IA . 66.45 28.23 32.58
C6 NAG IA . 65.48 29.23 33.16
C7 NAG IA . 68.67 25.80 28.38
C8 NAG IA . 69.53 24.65 27.95
N2 NAG IA . 68.49 25.93 29.70
O3 NAG IA . 69.55 28.48 30.47
O4 NAG IA . 68.40 29.61 32.87
O5 NAG IA . 65.72 27.45 31.63
O6 NAG IA . 65.37 29.09 34.57
O7 NAG IA . 68.17 26.58 27.58
C1 NAG JA . 60.24 15.35 40.15
C2 NAG JA . 59.63 14.53 41.29
C3 NAG JA . 58.21 15.00 41.57
C4 NAG JA . 58.18 16.50 41.83
C5 NAG JA . 58.85 17.25 40.67
C6 NAG JA . 58.96 18.73 40.91
C7 NAG JA . 59.55 12.16 41.91
C8 NAG JA . 59.58 10.75 41.43
N2 NAG JA . 59.65 13.12 40.98
O3 NAG JA . 57.70 14.31 42.71
O4 NAG JA . 56.85 16.95 41.98
O5 NAG JA . 60.17 16.74 40.47
O6 NAG JA . 58.03 19.17 41.88
O7 NAG JA . 59.45 12.44 43.10
C1 NAG KA . -38.25 29.69 4.16
C2 NAG KA . -37.81 30.33 5.48
C3 NAG KA . -38.24 29.46 6.66
C4 NAG KA . -39.73 29.18 6.60
C5 NAG KA . -40.10 28.59 5.24
C6 NAG KA . -41.59 28.40 5.06
C7 NAG KA . -35.79 31.74 5.54
C8 NAG KA . -34.30 31.76 5.56
N2 NAG KA . -36.37 30.53 5.49
O3 NAG KA . -37.91 30.13 7.88
O4 NAG KA . -40.11 28.28 7.63
O5 NAG KA . -39.67 29.47 4.20
O6 NAG KA . -41.90 27.92 3.77
O7 NAG KA . -36.46 32.77 5.58
C1 NAG LA . 10.05 42.70 -29.36
C2 NAG LA . 11.54 42.42 -29.47
C3 NAG LA . 12.13 43.10 -30.69
C4 NAG LA . 11.36 42.72 -31.94
C5 NAG LA . 9.87 43.00 -31.74
C6 NAG LA . 9.02 42.54 -32.90
C7 NAG LA . 13.35 42.25 -27.81
C8 NAG LA . 13.93 42.81 -26.55
N2 NAG LA . 12.23 42.83 -28.26
O3 NAG LA . 13.50 42.73 -30.83
O4 NAG LA . 11.83 43.47 -33.05
O5 NAG LA . 9.39 42.30 -30.58
O6 NAG LA . 7.84 41.89 -32.46
O7 NAG LA . 13.87 41.31 -28.42
C1 NAG MA . 12.44 48.52 8.78
C2 NAG MA . 13.74 49.13 8.25
C3 NAG MA . 14.30 50.14 9.25
C4 NAG MA . 13.23 51.17 9.61
C5 NAG MA . 11.96 50.47 10.08
C6 NAG MA . 10.82 51.43 10.34
C7 NAG MA . 14.86 47.53 6.76
C8 NAG MA . 15.93 46.48 6.65
N2 NAG MA . 14.73 48.10 7.96
O3 NAG MA . 15.43 50.79 8.68
O4 NAG MA . 13.71 52.02 10.64
O5 NAG MA . 11.51 49.55 9.07
O6 NAG MA . 9.98 51.55 9.20
O7 NAG MA . 14.16 47.84 5.81
C1 NAG NA . -3.01 -4.22 -46.50
C2 NAG NA . -3.24 -3.88 -47.97
C3 NAG NA . -2.48 -4.86 -48.86
C4 NAG NA . -1.01 -4.91 -48.48
C5 NAG NA . -0.87 -5.20 -46.99
C6 NAG NA . 0.56 -5.13 -46.52
C7 NAG NA . -5.34 -2.79 -48.62
C8 NAG NA . -6.81 -2.99 -48.91
N2 NAG NA . -4.66 -3.89 -48.28
O3 NAG NA . -2.62 -4.46 -50.22
O4 NAG NA . -0.34 -5.91 -49.23
O5 NAG NA . -1.60 -4.23 -46.23
O6 NAG NA . 1.46 -4.98 -47.61
O7 NAG NA . -4.81 -1.69 -48.68
C1 NAG OA . 34.58 36.86 -4.25
C2 NAG OA . 34.42 37.53 -2.89
C3 NAG OA . 35.72 38.25 -2.50
C4 NAG OA . 36.89 37.29 -2.58
C5 NAG OA . 36.95 36.63 -3.94
C6 NAG OA . 38.02 35.56 -4.05
C7 NAG OA . 32.30 38.40 -2.02
C8 NAG OA . 31.22 39.43 -2.16
N2 NAG OA . 33.31 38.47 -2.89
O3 NAG OA . 35.59 38.77 -1.18
O4 NAG OA . 38.11 38.00 -2.35
O5 NAG OA . 35.70 35.97 -4.22
O6 NAG OA . 37.70 34.60 -5.03
O7 NAG OA . 32.25 37.52 -1.14
C1 NAG PA . 25.79 11.76 -32.67
C2 NAG PA . 26.88 10.76 -32.33
C3 NAG PA . 27.91 10.68 -33.46
C4 NAG PA . 27.21 10.38 -34.77
C5 NAG PA . 26.09 11.39 -35.02
C6 NAG PA . 25.27 11.08 -36.26
C7 NAG PA . 28.17 10.22 -30.31
C8 NAG PA . 28.79 10.75 -29.05
N2 NAG PA . 27.55 11.11 -31.07
O3 NAG PA . 28.86 9.66 -33.17
O4 NAG PA . 28.14 10.44 -35.85
O5 NAG PA . 25.18 11.40 -33.92
O6 NAG PA . 24.07 10.40 -35.92
O7 NAG PA . 28.24 9.03 -30.61
C1 NAG QA . 43.57 20.71 -30.95
C2 NAG QA . 42.86 21.60 -31.96
C3 NAG QA . 42.35 20.77 -33.13
C4 NAG QA . 43.48 19.95 -33.73
C5 NAG QA . 44.17 19.12 -32.64
C6 NAG QA . 45.39 18.38 -33.15
C7 NAG QA . 41.78 23.66 -31.16
C8 NAG QA . 40.57 24.24 -30.50
N2 NAG QA . 41.77 22.34 -31.34
O3 NAG QA . 41.79 21.63 -34.12
O4 NAG QA . 42.97 19.07 -34.73
O5 NAG QA . 44.63 20.00 -31.60
O6 NAG QA . 46.42 18.36 -32.18
O7 NAG QA . 42.73 24.36 -31.54
C1 NAG RA . 74.86 -0.09 -14.95
C2 NAG RA . 76.07 -1.00 -14.79
C3 NAG RA . 77.05 -0.80 -15.93
C4 NAG RA . 76.34 -0.98 -17.27
C5 NAG RA . 75.11 -0.08 -17.34
C6 NAG RA . 74.28 -0.30 -18.59
C7 NAG RA . 76.31 -1.27 -12.35
C8 NAG RA . 77.10 -0.90 -11.15
N2 NAG RA . 76.73 -0.74 -13.51
O3 NAG RA . 78.12 -1.73 -15.81
O4 NAG RA . 77.22 -0.66 -18.34
O5 NAG RA . 74.25 -0.34 -16.23
O6 NAG RA . 73.07 0.43 -18.55
O7 NAG RA . 75.33 -2.00 -12.30
C1 NAG SA . 70.80 13.99 -11.52
C2 NAG SA . 70.10 15.34 -11.30
C3 NAG SA . 69.01 15.55 -12.35
C4 NAG SA . 69.59 15.38 -13.75
C5 NAG SA . 70.28 14.04 -13.87
C6 NAG SA . 70.98 13.85 -15.21
C7 NAG SA . 69.21 16.58 -9.38
C8 NAG SA . 68.62 16.48 -8.01
N2 NAG SA . 69.53 15.42 -9.96
O3 NAG SA . 68.45 16.85 -12.20
O4 NAG SA . 68.55 15.47 -14.72
O5 NAG SA . 71.29 13.92 -12.86
O6 NAG SA . 70.25 14.46 -16.26
O7 NAG SA . 69.37 17.66 -9.94
C1 NAG TA . -31.58 42.45 -17.28
C2 NAG TA . -31.64 42.10 -18.77
C3 NAG TA . -33.08 41.83 -19.18
C4 NAG TA . -33.72 40.78 -18.28
C5 NAG TA . -33.57 41.20 -16.82
C6 NAG TA . -34.07 40.14 -15.85
C7 NAG TA . -30.66 42.97 -20.84
C8 NAG TA . -30.08 44.17 -21.53
N2 NAG TA . -31.06 43.16 -19.57
O3 NAG TA . -33.12 41.39 -20.53
O4 NAG TA . -35.10 40.64 -18.58
O5 NAG TA . -32.18 41.41 -16.51
O6 NAG TA . -33.00 39.47 -15.21
O7 NAG TA . -30.75 41.88 -21.40
C1 NAG UA . -23.11 -0.59 -53.81
C2 NAG UA . -22.22 -0.06 -52.70
C3 NAG UA . -21.64 1.31 -53.08
C4 NAG UA . -20.97 1.25 -54.44
C5 NAG UA . -21.94 0.68 -55.48
C6 NAG UA . -21.31 0.51 -56.84
C7 NAG UA . -22.51 -0.52 -50.30
C8 NAG UA . -23.40 -0.33 -49.12
N2 NAG UA . -22.95 0.03 -51.45
O3 NAG UA . -20.71 1.71 -52.09
O4 NAG UA . -20.57 2.56 -54.84
O5 NAG UA . -22.39 -0.61 -55.05
O6 NAG UA . -21.79 -0.67 -57.49
O7 NAG UA . -21.45 -1.13 -50.25
#